data_5CYL
#
_entry.id   5CYL
#
_cell.length_a   358.813
_cell.length_b   88.930
_cell.length_c   172.974
_cell.angle_alpha   90.00
_cell.angle_beta   112.94
_cell.angle_gamma   90.00
#
_symmetry.space_group_name_H-M   'C 1 2 1'
#
loop_
_entity.id
_entity.type
_entity.pdbx_description
1 polymer 'Fimbrial subunit CupB6'
2 water water
#
_entity_poly.entity_id   1
_entity_poly.type   'polypeptide(L)'
_entity_poly.pdbx_seq_one_letter_code
;MALNEVALNCSFDNGKGLPWRVVNELTSGTAKGTVLFARPVSLFLNYKPQASQEAHELVIGGNWSGVGYPGPYGTVASDV
KGIGYRISVDAQDGVKRVIPVDNQPHALDKRVTSFSGSTTSDYLQELVLTVDPGELPAGDLKVTSVSGSATLNLWAVDRL
KGEASIGSVLAVPADNYPTGVCRKPYSLIGPASIAIGGGPPPPPIPKKCKVEVGREINVKLGSVALKNFPRVNDTSTERS
FDISLSECAALAKPEIAFRDKYVSAQQADPTILSLKSGGAAGFGIVVKNGLDQQRIRFDGTPYPMRRVGDSADLPLSAAY
IRIGAEGELKAGVADGAAEFTFTFPSDNKVDGIVNFSGNITELEHHHHHH
;
_entity_poly.pdbx_strand_id   A,B,C,D,E,F,G,H
#
# COMPACT_ATOMS: atom_id res chain seq x y z
N ASN A 4 -54.67 -51.75 -68.67
CA ASN A 4 -54.14 -50.55 -69.39
C ASN A 4 -55.26 -49.75 -70.05
N GLU A 5 -56.24 -49.33 -69.26
CA GLU A 5 -57.38 -48.56 -69.79
C GLU A 5 -57.18 -47.05 -69.62
N VAL A 6 -58.09 -46.28 -70.22
CA VAL A 6 -58.07 -44.81 -70.09
C VAL A 6 -58.65 -44.37 -68.77
N ALA A 7 -57.99 -43.45 -68.09
CA ALA A 7 -58.40 -42.93 -66.81
C ALA A 7 -59.16 -41.65 -66.99
N LEU A 8 -60.25 -41.54 -66.23
CA LEU A 8 -61.15 -40.40 -66.29
C LEU A 8 -61.53 -39.94 -64.88
N ASN A 9 -61.83 -38.66 -64.73
CA ASN A 9 -62.36 -38.13 -63.47
C ASN A 9 -61.54 -38.44 -62.23
N CYS A 10 -60.23 -38.21 -62.32
CA CYS A 10 -59.33 -38.52 -61.22
C CYS A 10 -59.65 -37.77 -59.96
N SER A 11 -59.45 -38.41 -58.83
CA SER A 11 -59.56 -37.71 -57.55
C SER A 11 -58.60 -38.36 -56.55
N PHE A 12 -58.13 -37.56 -55.60
CA PHE A 12 -57.19 -38.05 -54.61
C PHE A 12 -57.92 -38.11 -53.28
N ASP A 13 -57.81 -39.19 -52.52
CA ASP A 13 -58.52 -39.26 -51.23
C ASP A 13 -57.67 -39.85 -50.12
N ASN A 14 -57.91 -39.39 -48.90
CA ASN A 14 -57.10 -39.75 -47.73
C ASN A 14 -57.22 -41.20 -47.34
N GLY A 15 -56.10 -41.80 -46.96
CA GLY A 15 -56.07 -43.18 -46.47
C GLY A 15 -56.10 -43.17 -44.96
N LYS A 16 -55.61 -44.26 -44.35
CA LYS A 16 -55.38 -44.30 -42.89
C LYS A 16 -54.18 -43.37 -42.64
N GLY A 17 -54.33 -42.39 -41.74
CA GLY A 17 -53.29 -41.39 -41.44
C GLY A 17 -52.33 -41.81 -40.30
N LEU A 18 -51.04 -41.78 -40.56
CA LEU A 18 -50.09 -42.26 -39.55
C LEU A 18 -49.63 -41.13 -38.64
N PRO A 19 -49.11 -41.48 -37.44
CA PRO A 19 -48.60 -40.36 -36.63
C PRO A 19 -47.17 -40.07 -37.03
N TRP A 20 -46.72 -38.83 -36.80
CA TRP A 20 -45.34 -38.47 -37.13
C TRP A 20 -44.38 -39.23 -36.22
N ARG A 21 -43.23 -39.61 -36.76
CA ARG A 21 -42.25 -40.38 -35.98
C ARG A 21 -40.91 -39.64 -35.91
N VAL A 22 -40.17 -39.89 -34.84
CA VAL A 22 -38.89 -39.21 -34.63
C VAL A 22 -37.75 -40.00 -35.24
N VAL A 23 -37.26 -39.58 -36.38
CA VAL A 23 -36.13 -40.20 -37.03
C VAL A 23 -34.87 -39.95 -36.17
N ASN A 24 -34.73 -38.74 -35.72
CA ASN A 24 -33.58 -38.28 -34.93
C ASN A 24 -34.04 -37.38 -33.80
N GLU A 25 -33.29 -37.37 -32.70
CA GLU A 25 -33.63 -36.52 -31.55
C GLU A 25 -32.96 -35.17 -31.64
N LEU A 26 -33.71 -34.10 -31.48
CA LEU A 26 -33.10 -32.78 -31.49
C LEU A 26 -32.18 -32.61 -30.26
N THR A 27 -30.99 -32.07 -30.50
CA THR A 27 -29.97 -31.94 -29.48
C THR A 27 -29.07 -30.81 -29.86
N SER A 28 -28.26 -30.32 -28.93
CA SER A 28 -27.32 -29.24 -29.28
C SER A 28 -26.31 -29.77 -30.26
N GLY A 29 -26.07 -31.08 -30.16
CA GLY A 29 -25.23 -31.85 -31.07
C GLY A 29 -25.79 -32.21 -32.45
N THR A 30 -27.07 -31.94 -32.67
CA THR A 30 -27.68 -32.24 -33.96
C THR A 30 -27.07 -31.41 -35.11
N ALA A 31 -26.75 -32.08 -36.21
CA ALA A 31 -26.11 -31.41 -37.35
C ALA A 31 -27.15 -30.78 -38.28
N LYS A 32 -26.75 -29.74 -39.00
CA LYS A 32 -27.60 -29.19 -40.04
C LYS A 32 -27.91 -30.21 -41.11
N GLY A 33 -29.17 -30.27 -41.58
CA GLY A 33 -29.56 -31.22 -42.60
C GLY A 33 -30.16 -32.46 -42.02
N THR A 34 -30.22 -32.55 -40.71
CA THR A 34 -30.74 -33.76 -40.06
C THR A 34 -32.26 -33.83 -40.17
N VAL A 35 -32.79 -35.02 -40.26
CA VAL A 35 -34.22 -35.21 -40.35
C VAL A 35 -34.79 -35.43 -38.97
N LEU A 36 -35.48 -34.44 -38.45
CA LEU A 36 -36.10 -34.54 -37.12
C LEU A 36 -37.32 -35.46 -37.07
N PHE A 37 -38.20 -35.31 -38.04
CA PHE A 37 -39.45 -36.10 -38.08
C PHE A 37 -39.76 -36.53 -39.48
N ALA A 38 -40.40 -37.70 -39.58
CA ALA A 38 -40.81 -38.21 -40.89
C ALA A 38 -42.12 -38.90 -40.78
N ARG A 39 -42.90 -38.82 -41.84
CA ARG A 39 -44.20 -39.51 -41.83
C ARG A 39 -44.45 -40.18 -43.19
N PRO A 40 -45.04 -41.36 -43.18
CA PRO A 40 -45.36 -42.04 -44.45
C PRO A 40 -46.81 -41.76 -44.79
N VAL A 41 -47.08 -41.20 -45.96
CA VAL A 41 -48.46 -40.88 -46.33
C VAL A 41 -48.94 -41.69 -47.54
N SER A 42 -50.13 -42.28 -47.42
CA SER A 42 -50.73 -43.00 -48.54
C SER A 42 -52.05 -42.38 -48.97
N LEU A 43 -52.16 -42.03 -50.23
CA LEU A 43 -53.40 -41.47 -50.80
C LEU A 43 -54.09 -42.48 -51.74
N PHE A 44 -55.42 -42.56 -51.72
CA PHE A 44 -56.14 -43.33 -52.73
C PHE A 44 -56.31 -42.50 -54.00
N LEU A 45 -55.92 -43.07 -55.12
CA LEU A 45 -56.21 -42.44 -56.40
C LEU A 45 -57.38 -43.14 -57.11
N ASN A 46 -58.47 -42.42 -57.32
CA ASN A 46 -59.67 -42.98 -57.94
C ASN A 46 -60.00 -42.33 -59.28
N TYR A 47 -60.37 -43.20 -60.20
CA TYR A 47 -60.68 -42.79 -61.56
C TYR A 47 -61.64 -43.79 -62.10
N LYS A 48 -62.38 -43.42 -63.13
CA LYS A 48 -63.31 -44.37 -63.74
C LYS A 48 -62.68 -44.89 -65.00
N PRO A 49 -62.62 -46.24 -65.16
CA PRO A 49 -62.00 -46.64 -66.40
C PRO A 49 -63.00 -46.56 -67.56
N GLN A 50 -62.44 -46.43 -68.74
CA GLN A 50 -63.20 -46.54 -69.94
C GLN A 50 -62.28 -47.31 -70.84
N ALA A 51 -62.83 -48.30 -71.52
CA ALA A 51 -62.05 -49.16 -72.42
C ALA A 51 -61.38 -48.37 -73.58
N SER A 52 -60.15 -48.75 -73.92
CA SER A 52 -59.46 -48.17 -75.08
C SER A 52 -58.72 -49.23 -75.90
N GLN A 53 -58.60 -48.98 -77.21
CA GLN A 53 -57.77 -49.81 -78.10
C GLN A 53 -56.28 -49.77 -77.66
N GLU A 54 -55.76 -48.58 -77.42
CA GLU A 54 -54.37 -48.41 -77.04
C GLU A 54 -54.15 -48.48 -75.53
N ALA A 55 -53.02 -49.06 -75.09
CA ALA A 55 -52.61 -49.08 -73.68
C ALA A 55 -52.46 -47.66 -73.07
N HIS A 56 -52.89 -47.50 -71.83
CA HIS A 56 -52.81 -46.22 -71.13
C HIS A 56 -52.06 -46.35 -69.79
N GLU A 57 -51.53 -45.22 -69.34
CA GLU A 57 -50.86 -45.14 -68.05
C GLU A 57 -51.35 -43.95 -67.25
N LEU A 58 -51.33 -44.12 -65.93
CA LEU A 58 -51.61 -43.03 -65.01
C LEU A 58 -50.27 -42.52 -64.49
N VAL A 59 -49.88 -41.33 -64.91
CA VAL A 59 -48.61 -40.74 -64.49
C VAL A 59 -48.84 -39.82 -63.31
N ILE A 60 -48.17 -40.08 -62.21
CA ILE A 60 -48.29 -39.23 -61.03
C ILE A 60 -47.12 -38.24 -60.99
N GLY A 61 -47.46 -36.96 -61.04
CA GLY A 61 -46.49 -35.87 -61.01
C GLY A 61 -46.62 -35.00 -59.78
N GLY A 62 -45.55 -34.28 -59.44
CA GLY A 62 -45.60 -33.30 -58.36
C GLY A 62 -44.73 -32.10 -58.65
N ASN A 63 -45.09 -30.97 -58.10
CA ASN A 63 -44.15 -29.85 -58.02
C ASN A 63 -44.64 -28.85 -56.99
N TRP A 64 -43.72 -28.02 -56.50
CA TRP A 64 -44.04 -26.96 -55.55
C TRP A 64 -44.09 -25.69 -56.36
N SER A 65 -45.17 -24.94 -56.24
CA SER A 65 -45.23 -23.62 -56.88
C SER A 65 -45.43 -22.55 -55.83
N GLY A 66 -45.25 -21.29 -56.24
CA GLY A 66 -45.45 -20.16 -55.33
C GLY A 66 -44.18 -19.75 -54.62
N VAL A 67 -43.10 -20.43 -54.99
CA VAL A 67 -41.74 -20.06 -54.63
C VAL A 67 -40.84 -20.46 -55.81
N GLY A 68 -39.96 -19.57 -56.22
CA GLY A 68 -39.09 -19.82 -57.37
C GLY A 68 -38.06 -20.92 -57.18
N TYR A 69 -37.49 -21.06 -55.99
CA TYR A 69 -36.33 -21.95 -55.81
C TYR A 69 -36.37 -22.72 -54.51
N PRO A 70 -35.71 -23.90 -54.43
CA PRO A 70 -35.82 -24.58 -53.16
C PRO A 70 -34.89 -24.08 -52.06
N GLY A 71 -35.21 -24.45 -50.83
CA GLY A 71 -34.50 -23.99 -49.64
C GLY A 71 -33.37 -24.93 -49.33
N PRO A 72 -32.64 -24.68 -48.22
CA PRO A 72 -31.66 -25.65 -47.78
C PRO A 72 -32.17 -27.07 -47.76
N TYR A 73 -31.34 -27.98 -48.26
CA TYR A 73 -31.63 -29.45 -48.25
C TYR A 73 -32.92 -29.83 -48.96
N GLY A 74 -33.21 -29.10 -50.02
CA GLY A 74 -34.36 -29.38 -50.87
C GLY A 74 -35.65 -29.18 -50.11
N THR A 75 -35.64 -28.22 -49.21
CA THR A 75 -36.84 -27.94 -48.40
C THR A 75 -37.54 -26.66 -48.79
N VAL A 76 -38.80 -26.57 -48.43
CA VAL A 76 -39.55 -25.32 -48.51
C VAL A 76 -39.68 -24.88 -47.06
N ALA A 77 -39.52 -23.60 -46.80
CA ALA A 77 -39.60 -23.10 -45.44
C ALA A 77 -40.93 -23.37 -44.72
N SER A 78 -40.81 -23.86 -43.51
CA SER A 78 -41.93 -24.13 -42.62
C SER A 78 -42.37 -22.87 -41.88
N ASP A 79 -43.58 -22.88 -41.34
CA ASP A 79 -44.05 -21.76 -40.57
C ASP A 79 -43.05 -21.51 -39.38
N VAL A 80 -42.52 -22.57 -38.83
CA VAL A 80 -41.48 -22.51 -37.80
C VAL A 80 -40.13 -22.30 -38.47
N LYS A 81 -39.42 -21.26 -38.06
CA LYS A 81 -38.11 -20.93 -38.64
C LYS A 81 -37.02 -21.94 -38.25
N GLY A 82 -36.12 -22.21 -39.19
CA GLY A 82 -35.06 -23.18 -38.98
C GLY A 82 -35.47 -24.62 -39.20
N ILE A 83 -36.73 -24.84 -39.51
CA ILE A 83 -37.24 -26.17 -39.82
C ILE A 83 -37.85 -26.17 -41.22
N GLY A 84 -37.46 -27.12 -42.05
CA GLY A 84 -37.89 -27.16 -43.46
C GLY A 84 -38.71 -28.40 -43.79
N TYR A 85 -39.62 -28.25 -44.74
CA TYR A 85 -40.52 -29.34 -45.14
C TYR A 85 -40.14 -29.86 -46.51
N ARG A 86 -39.97 -31.17 -46.58
CA ARG A 86 -39.61 -31.85 -47.81
C ARG A 86 -40.56 -33.02 -47.99
N ILE A 87 -41.16 -33.17 -49.16
CA ILE A 87 -42.04 -34.32 -49.43
C ILE A 87 -41.59 -35.09 -50.67
N SER A 88 -41.51 -36.40 -50.51
CA SER A 88 -41.07 -37.29 -51.61
C SER A 88 -42.03 -38.47 -51.80
N VAL A 89 -42.03 -39.02 -53.01
CA VAL A 89 -42.89 -40.18 -53.33
C VAL A 89 -42.07 -41.46 -53.37
N ASP A 90 -42.60 -42.51 -52.76
CA ASP A 90 -41.96 -43.82 -52.83
C ASP A 90 -42.44 -44.46 -54.10
N ALA A 91 -41.61 -44.35 -55.12
CA ALA A 91 -41.96 -44.85 -56.47
C ALA A 91 -41.94 -46.38 -56.57
N GLN A 92 -42.82 -46.90 -57.41
CA GLN A 92 -42.90 -48.32 -57.70
C GLN A 92 -41.57 -48.88 -58.24
N ASP A 93 -40.86 -48.11 -59.04
CA ASP A 93 -39.56 -48.57 -59.57
C ASP A 93 -38.51 -48.67 -58.44
N GLY A 94 -38.93 -48.31 -57.22
CA GLY A 94 -38.11 -48.49 -56.02
C GLY A 94 -37.16 -47.34 -55.80
N VAL A 95 -37.55 -46.17 -56.29
CA VAL A 95 -36.73 -44.97 -56.17
C VAL A 95 -37.46 -43.92 -55.35
N LYS A 96 -36.78 -43.34 -54.37
CA LYS A 96 -37.34 -42.24 -53.58
C LYS A 96 -37.11 -40.97 -54.37
N ARG A 97 -38.18 -40.30 -54.73
CA ARG A 97 -38.08 -39.05 -55.48
C ARG A 97 -38.75 -37.92 -54.71
N VAL A 98 -38.00 -36.83 -54.54
CA VAL A 98 -38.51 -35.67 -53.83
C VAL A 98 -39.28 -34.79 -54.82
N ILE A 99 -40.45 -34.33 -54.43
CA ILE A 99 -41.21 -33.42 -55.27
C ILE A 99 -40.37 -32.18 -55.38
N PRO A 100 -40.11 -31.70 -56.60
CA PRO A 100 -39.21 -30.56 -56.72
C PRO A 100 -39.90 -29.23 -56.65
N VAL A 101 -39.14 -28.17 -56.44
CA VAL A 101 -39.67 -26.83 -56.61
C VAL A 101 -39.31 -26.41 -58.03
N ASP A 102 -40.30 -26.41 -58.92
CA ASP A 102 -40.10 -26.04 -60.33
C ASP A 102 -41.41 -25.47 -60.87
N ASN A 103 -41.37 -24.78 -62.01
CA ASN A 103 -42.60 -24.19 -62.52
C ASN A 103 -43.50 -25.25 -63.10
N GLN A 104 -42.94 -26.40 -63.44
CA GLN A 104 -43.66 -27.45 -64.12
C GLN A 104 -43.67 -28.69 -63.29
N PRO A 105 -44.77 -29.45 -63.31
CA PRO A 105 -44.70 -30.72 -62.59
C PRO A 105 -43.70 -31.72 -63.20
N HIS A 106 -43.28 -32.66 -62.39
CA HIS A 106 -42.31 -33.70 -62.79
C HIS A 106 -42.90 -35.07 -62.64
N ALA A 107 -42.50 -35.99 -63.51
CA ALA A 107 -43.08 -37.31 -63.48
C ALA A 107 -42.33 -38.18 -62.48
N LEU A 108 -43.03 -38.58 -61.42
CA LEU A 108 -42.37 -39.26 -60.30
C LEU A 108 -42.72 -40.71 -60.15
N ASP A 109 -43.87 -41.09 -60.71
CA ASP A 109 -44.35 -42.46 -60.66
C ASP A 109 -45.34 -42.67 -61.79
N LYS A 110 -45.56 -43.93 -62.14
CA LYS A 110 -46.65 -44.31 -63.04
C LYS A 110 -47.40 -45.47 -62.44
N ARG A 111 -48.64 -45.63 -62.85
CA ARG A 111 -49.50 -46.72 -62.37
C ARG A 111 -50.14 -47.38 -63.57
N VAL A 112 -50.07 -48.69 -63.64
CA VAL A 112 -50.70 -49.40 -64.74
C VAL A 112 -52.20 -49.17 -64.63
N THR A 113 -52.85 -48.76 -65.71
CA THR A 113 -54.29 -48.50 -65.70
C THR A 113 -55.09 -49.81 -65.58
N SER A 114 -56.20 -49.76 -64.87
CA SER A 114 -57.05 -50.94 -64.68
C SER A 114 -58.51 -50.55 -64.51
N PHE A 115 -59.38 -51.45 -64.91
CA PHE A 115 -60.84 -51.22 -64.82
C PHE A 115 -61.21 -50.96 -63.37
N SER A 116 -60.54 -51.66 -62.45
CA SER A 116 -60.78 -51.49 -60.97
C SER A 116 -61.00 -50.04 -60.57
N GLY A 117 -60.28 -49.13 -61.24
CA GLY A 117 -60.43 -47.66 -61.10
C GLY A 117 -59.94 -47.18 -59.74
N SER A 118 -59.05 -47.99 -59.17
CA SER A 118 -58.49 -47.70 -57.88
C SER A 118 -57.02 -48.04 -57.81
N THR A 119 -56.26 -47.10 -57.27
CA THR A 119 -54.85 -47.31 -56.99
C THR A 119 -54.39 -46.41 -55.83
N THR A 120 -53.15 -46.59 -55.38
CA THR A 120 -52.63 -45.73 -54.31
C THR A 120 -51.44 -44.87 -54.79
N SER A 121 -51.28 -43.69 -54.19
CA SER A 121 -50.06 -42.89 -54.30
C SER A 121 -49.37 -42.84 -52.92
N ASP A 122 -48.05 -43.11 -52.91
CA ASP A 122 -47.30 -43.27 -51.67
C ASP A 122 -46.18 -42.24 -51.51
N TYR A 123 -46.15 -41.59 -50.35
CA TYR A 123 -45.26 -40.45 -50.09
C TYR A 123 -44.57 -40.55 -48.75
N LEU A 124 -43.43 -39.88 -48.69
CA LEU A 124 -42.73 -39.71 -47.45
C LEU A 124 -42.65 -38.24 -47.06
N GLN A 125 -43.12 -37.94 -45.86
CA GLN A 125 -43.05 -36.59 -45.31
C GLN A 125 -41.87 -36.42 -44.36
N GLU A 126 -41.06 -35.38 -44.56
CA GLU A 126 -39.88 -35.14 -43.73
C GLU A 126 -39.72 -33.70 -43.24
N LEU A 127 -39.47 -33.55 -41.94
CA LEU A 127 -39.13 -32.24 -41.33
C LEU A 127 -37.64 -32.21 -41.03
N VAL A 128 -36.97 -31.22 -41.63
CA VAL A 128 -35.48 -31.16 -41.64
C VAL A 128 -34.93 -29.94 -40.93
N LEU A 129 -33.84 -30.09 -40.20
CA LEU A 129 -33.22 -28.95 -39.54
C LEU A 129 -32.28 -28.22 -40.50
N THR A 130 -32.65 -26.99 -40.83
CA THR A 130 -31.85 -26.17 -41.75
C THR A 130 -30.88 -25.20 -41.05
N VAL A 131 -30.90 -25.20 -39.73
CA VAL A 131 -30.02 -24.32 -38.93
C VAL A 131 -29.50 -25.06 -37.70
N ASP A 132 -28.44 -24.51 -37.09
CA ASP A 132 -27.87 -25.06 -35.86
C ASP A 132 -28.90 -24.98 -34.74
N PRO A 133 -28.92 -25.99 -33.83
CA PRO A 133 -30.02 -25.96 -32.84
C PRO A 133 -30.13 -24.69 -32.00
N GLY A 134 -29.00 -24.10 -31.66
CA GLY A 134 -28.98 -22.88 -30.87
C GLY A 134 -29.71 -21.77 -31.60
N GLU A 135 -29.59 -21.80 -32.92
CA GLU A 135 -30.22 -20.84 -33.82
C GLU A 135 -31.76 -20.90 -33.83
N LEU A 136 -32.29 -22.03 -33.38
CA LEU A 136 -33.72 -22.27 -33.40
C LEU A 136 -34.53 -21.29 -32.52
N PRO A 137 -35.81 -20.95 -32.97
CA PRO A 137 -36.47 -19.94 -32.12
C PRO A 137 -36.97 -20.46 -30.76
N ALA A 138 -37.23 -19.54 -29.85
CA ALA A 138 -37.80 -19.86 -28.54
C ALA A 138 -39.26 -20.30 -28.65
N GLY A 139 -39.70 -21.16 -27.74
CA GLY A 139 -41.05 -21.68 -27.76
C GLY A 139 -41.09 -23.15 -28.17
N ASP A 140 -42.29 -23.70 -28.33
CA ASP A 140 -42.46 -25.12 -28.69
C ASP A 140 -41.97 -25.59 -30.06
N LEU A 141 -42.10 -24.74 -31.07
CA LEU A 141 -41.62 -25.06 -32.42
C LEU A 141 -42.55 -25.94 -33.28
N LYS A 142 -43.79 -26.14 -32.84
CA LYS A 142 -44.74 -26.97 -33.59
C LYS A 142 -44.84 -26.47 -35.02
N VAL A 143 -44.85 -27.39 -35.96
CA VAL A 143 -44.95 -27.04 -37.38
C VAL A 143 -46.39 -27.28 -37.80
N THR A 144 -47.01 -26.24 -38.32
CA THR A 144 -48.40 -26.35 -38.78
C THR A 144 -48.58 -26.09 -40.27
N SER A 145 -47.64 -25.36 -40.86
CA SER A 145 -47.82 -24.91 -42.24
C SER A 145 -46.49 -24.60 -42.89
N VAL A 146 -46.52 -24.54 -44.22
CA VAL A 146 -45.42 -24.01 -44.99
C VAL A 146 -45.48 -22.50 -44.87
N SER A 147 -44.33 -21.85 -44.86
CA SER A 147 -44.27 -20.40 -44.87
C SER A 147 -44.61 -19.87 -46.25
N GLY A 148 -45.22 -18.71 -46.30
CA GLY A 148 -45.45 -18.03 -47.58
C GLY A 148 -46.59 -18.55 -48.41
N SER A 149 -46.54 -18.27 -49.70
CA SER A 149 -47.59 -18.68 -50.61
C SER A 149 -47.29 -19.97 -51.36
N ALA A 150 -46.24 -20.67 -50.95
CA ALA A 150 -45.86 -21.90 -51.63
C ALA A 150 -46.98 -22.95 -51.57
N THR A 151 -47.25 -23.57 -52.73
CA THR A 151 -48.32 -24.54 -52.85
C THR A 151 -47.82 -25.87 -53.41
N LEU A 152 -48.30 -26.96 -52.82
CA LEU A 152 -47.96 -28.32 -53.25
C LEU A 152 -48.97 -28.88 -54.28
N ASN A 153 -48.51 -29.17 -55.49
CA ASN A 153 -49.39 -29.71 -56.54
C ASN A 153 -49.11 -31.15 -56.88
N LEU A 154 -50.13 -31.97 -56.72
CA LEU A 154 -50.06 -33.37 -57.15
C LEU A 154 -50.85 -33.51 -58.44
N TRP A 155 -50.23 -34.10 -59.44
CA TRP A 155 -50.92 -34.31 -60.73
C TRP A 155 -51.13 -35.78 -61.03
N ALA A 156 -52.38 -36.22 -61.15
CA ALA A 156 -52.65 -37.53 -61.81
C ALA A 156 -53.00 -37.31 -63.26
N VAL A 157 -52.17 -37.77 -64.18
CA VAL A 157 -52.36 -37.48 -65.62
C VAL A 157 -52.37 -38.75 -66.48
N ASP A 158 -53.43 -38.93 -67.25
CA ASP A 158 -53.55 -40.07 -68.15
C ASP A 158 -52.67 -39.83 -69.38
N ARG A 159 -51.89 -40.84 -69.74
CA ARG A 159 -51.01 -40.78 -70.94
C ARG A 159 -50.84 -42.14 -71.63
N LEU A 160 -50.46 -42.14 -72.90
CA LEU A 160 -50.17 -43.42 -73.60
C LEU A 160 -48.99 -44.10 -72.91
N LYS A 161 -49.08 -45.42 -72.72
CA LYS A 161 -48.14 -46.20 -71.90
C LYS A 161 -46.71 -46.01 -72.38
N GLY A 162 -45.82 -45.61 -71.47
CA GLY A 162 -44.42 -45.36 -71.81
C GLY A 162 -44.08 -44.09 -72.59
N GLU A 163 -45.08 -43.30 -73.01
CA GLU A 163 -44.80 -42.06 -73.75
C GLU A 163 -44.00 -41.01 -72.91
N ALA A 164 -44.30 -40.93 -71.60
CA ALA A 164 -43.65 -39.96 -70.67
C ALA A 164 -42.57 -40.59 -69.82
N SER A 165 -41.40 -39.98 -69.74
CA SER A 165 -40.32 -40.57 -68.94
C SER A 165 -40.42 -40.17 -67.47
N ILE A 166 -40.15 -41.14 -66.58
CA ILE A 166 -39.98 -40.86 -65.14
C ILE A 166 -38.75 -40.01 -64.89
N GLY A 167 -38.87 -39.00 -64.03
CA GLY A 167 -37.77 -38.12 -63.73
C GLY A 167 -37.70 -36.91 -64.63
N SER A 168 -38.56 -36.89 -65.62
CA SER A 168 -38.60 -35.80 -66.56
C SER A 168 -39.76 -34.83 -66.20
N VAL A 169 -39.71 -33.63 -66.76
CA VAL A 169 -40.92 -32.80 -66.79
C VAL A 169 -42.13 -33.57 -67.34
N LEU A 170 -43.27 -33.46 -66.67
CA LEU A 170 -44.47 -34.21 -67.04
C LEU A 170 -45.30 -33.33 -67.92
N ALA A 171 -45.39 -33.68 -69.20
CA ALA A 171 -46.18 -32.90 -70.18
C ALA A 171 -47.66 -33.18 -69.92
N VAL A 172 -48.47 -32.13 -69.84
CA VAL A 172 -49.91 -32.33 -69.63
C VAL A 172 -50.57 -31.97 -70.93
N PRO A 173 -51.26 -32.94 -71.58
CA PRO A 173 -51.85 -32.63 -72.88
C PRO A 173 -52.89 -31.52 -72.85
N ALA A 174 -52.88 -30.73 -73.92
CA ALA A 174 -53.85 -29.65 -74.17
C ALA A 174 -55.30 -30.15 -74.31
N ASP A 175 -55.46 -31.35 -74.90
CA ASP A 175 -56.76 -31.96 -75.20
C ASP A 175 -57.60 -32.43 -73.99
N ASN A 176 -58.92 -32.43 -74.18
CA ASN A 176 -59.87 -32.88 -73.17
C ASN A 176 -60.60 -34.18 -73.52
N TYR A 177 -60.13 -34.94 -74.50
CA TYR A 177 -60.81 -36.20 -74.88
C TYR A 177 -59.97 -37.43 -74.51
N PRO A 178 -60.63 -38.52 -74.09
CA PRO A 178 -62.10 -38.58 -74.00
C PRO A 178 -62.63 -37.65 -72.91
N THR A 179 -63.86 -37.14 -73.04
CA THR A 179 -64.25 -36.06 -72.13
C THR A 179 -64.14 -36.42 -70.67
N GLY A 180 -63.35 -35.65 -69.93
CA GLY A 180 -62.99 -36.05 -68.56
C GLY A 180 -61.65 -36.77 -68.35
N VAL A 181 -60.79 -36.77 -69.37
CA VAL A 181 -59.45 -37.35 -69.21
C VAL A 181 -58.80 -36.71 -68.01
N CYS A 182 -58.03 -37.50 -67.27
CA CYS A 182 -57.26 -37.02 -66.12
C CYS A 182 -56.19 -35.97 -66.50
N ARG A 183 -56.44 -34.68 -66.23
CA ARG A 183 -55.41 -33.64 -66.51
C ARG A 183 -55.25 -32.54 -65.46
N LYS A 184 -56.20 -32.36 -64.55
CA LYS A 184 -56.22 -31.19 -63.66
C LYS A 184 -55.42 -31.50 -62.38
N PRO A 185 -54.76 -30.48 -61.80
CA PRO A 185 -53.96 -30.77 -60.61
C PRO A 185 -54.75 -30.78 -59.31
N TYR A 186 -54.16 -31.39 -58.27
CA TYR A 186 -54.62 -31.29 -56.89
C TYR A 186 -53.65 -30.41 -56.14
N SER A 187 -54.11 -29.22 -55.76
CA SER A 187 -53.22 -28.23 -55.14
C SER A 187 -53.48 -28.06 -53.65
N LEU A 188 -52.42 -28.13 -52.88
CA LEU A 188 -52.51 -27.96 -51.43
C LEU A 188 -51.73 -26.72 -51.01
N ILE A 189 -52.39 -25.88 -50.21
CA ILE A 189 -51.80 -24.63 -49.76
C ILE A 189 -51.71 -24.56 -48.24
N GLY A 190 -50.59 -24.05 -47.75
CA GLY A 190 -50.39 -23.82 -46.32
C GLY A 190 -50.50 -25.07 -45.47
N PRO A 191 -51.41 -25.02 -44.41
CA PRO A 191 -51.39 -26.24 -43.57
C PRO A 191 -51.79 -27.51 -44.30
N ALA A 192 -52.56 -27.35 -45.38
CA ALA A 192 -53.03 -28.50 -46.15
C ALA A 192 -51.88 -29.33 -46.73
N SER A 193 -50.83 -28.66 -47.20
CA SER A 193 -49.65 -29.35 -47.73
C SER A 193 -49.00 -30.16 -46.62
N ILE A 194 -48.90 -29.55 -45.44
CA ILE A 194 -48.39 -30.21 -44.23
C ILE A 194 -49.33 -31.32 -43.74
N ALA A 195 -50.63 -31.08 -43.87
CA ALA A 195 -51.64 -31.97 -43.30
C ALA A 195 -52.11 -33.06 -44.27
N ILE A 196 -51.43 -33.15 -45.40
CA ILE A 196 -51.83 -34.04 -46.48
C ILE A 196 -51.87 -35.49 -46.04
N GLY A 197 -52.91 -36.19 -46.48
CA GLY A 197 -53.08 -37.60 -46.19
C GLY A 197 -53.76 -37.86 -44.86
N GLY A 198 -54.11 -36.79 -44.16
CA GLY A 198 -54.76 -36.90 -42.86
C GLY A 198 -53.75 -37.22 -41.76
N GLY A 199 -54.29 -37.54 -40.59
CA GLY A 199 -53.46 -37.88 -39.45
C GLY A 199 -53.05 -36.71 -38.58
N PRO A 200 -52.33 -37.01 -37.42
CA PRO A 200 -52.10 -35.83 -36.56
C PRO A 200 -50.99 -34.89 -37.05
N PRO A 201 -51.03 -33.65 -36.56
CA PRO A 201 -50.02 -32.64 -36.86
C PRO A 201 -48.70 -32.97 -36.18
N PRO A 202 -47.57 -32.48 -36.72
CA PRO A 202 -46.29 -32.81 -36.08
C PRO A 202 -46.18 -32.49 -34.59
N PRO A 203 -45.40 -33.34 -33.83
CA PRO A 203 -45.40 -33.00 -32.40
C PRO A 203 -44.55 -31.78 -32.00
N PRO A 204 -44.89 -31.14 -30.84
CA PRO A 204 -44.01 -30.01 -30.49
C PRO A 204 -42.71 -30.48 -29.86
N ILE A 205 -41.73 -29.59 -29.81
CA ILE A 205 -40.43 -29.90 -29.21
C ILE A 205 -40.36 -29.39 -27.76
N PRO A 206 -40.04 -30.30 -26.79
CA PRO A 206 -40.06 -29.75 -25.41
C PRO A 206 -38.87 -28.82 -25.06
N LYS A 207 -39.19 -27.76 -24.33
CA LYS A 207 -38.19 -26.78 -23.92
C LYS A 207 -38.11 -26.52 -22.41
N LYS A 208 -38.55 -27.46 -21.59
CA LYS A 208 -38.63 -27.18 -20.15
C LYS A 208 -37.94 -28.23 -19.27
N CYS A 209 -37.53 -27.83 -18.09
CA CYS A 209 -36.94 -28.73 -17.14
C CYS A 209 -38.02 -29.02 -16.12
N LYS A 210 -37.76 -29.98 -15.25
CA LYS A 210 -38.66 -30.35 -14.19
C LYS A 210 -38.39 -29.49 -12.97
N VAL A 211 -39.43 -28.83 -12.51
CA VAL A 211 -39.34 -27.96 -11.34
C VAL A 211 -40.23 -28.43 -10.18
N GLU A 212 -39.60 -28.72 -9.05
CA GLU A 212 -40.36 -29.09 -7.86
C GLU A 212 -40.64 -27.80 -7.13
N VAL A 213 -41.89 -27.37 -7.11
CA VAL A 213 -42.23 -26.09 -6.49
C VAL A 213 -42.15 -26.17 -4.96
N GLY A 214 -41.80 -25.04 -4.34
CA GLY A 214 -41.58 -24.97 -2.91
C GLY A 214 -40.27 -25.55 -2.43
N ARG A 215 -39.35 -25.85 -3.35
CA ARG A 215 -38.05 -26.38 -2.94
C ARG A 215 -37.28 -25.39 -2.07
N GLU A 216 -36.84 -25.82 -0.89
CA GLU A 216 -36.03 -24.97 -0.02
C GLU A 216 -34.57 -25.38 -0.01
N ILE A 217 -33.66 -24.42 0.02
CA ILE A 217 -32.23 -24.72 0.14
C ILE A 217 -31.67 -23.99 1.36
N ASN A 218 -30.99 -24.67 2.27
CA ASN A 218 -30.42 -23.95 3.44
C ASN A 218 -28.94 -23.81 3.37
N VAL A 219 -28.44 -22.59 3.48
CA VAL A 219 -27.02 -22.39 3.46
C VAL A 219 -26.60 -21.87 4.82
N LYS A 220 -25.60 -22.51 5.39
CA LYS A 220 -25.11 -22.11 6.71
C LYS A 220 -23.88 -21.26 6.54
N LEU A 221 -23.98 -20.02 6.96
CA LEU A 221 -22.87 -19.12 6.76
C LEU A 221 -21.95 -19.23 7.96
N GLY A 222 -22.46 -19.81 9.05
CA GLY A 222 -21.66 -19.98 10.27
C GLY A 222 -21.55 -18.74 11.15
N SER A 223 -20.62 -18.74 12.08
CA SER A 223 -20.52 -17.63 13.04
C SER A 223 -19.25 -16.89 12.79
N VAL A 224 -19.33 -15.56 12.82
CA VAL A 224 -18.15 -14.71 12.62
C VAL A 224 -18.15 -13.57 13.62
N ALA A 225 -16.98 -13.28 14.14
CA ALA A 225 -16.84 -12.22 15.12
C ALA A 225 -16.76 -10.88 14.44
N LEU A 226 -17.29 -9.84 15.10
CA LEU A 226 -17.23 -8.46 14.56
C LEU A 226 -15.81 -8.02 14.25
N LYS A 227 -14.84 -8.48 15.05
CA LYS A 227 -13.41 -8.09 14.92
C LYS A 227 -12.90 -8.50 13.53
N ASN A 228 -13.51 -9.54 12.96
CA ASN A 228 -13.19 -10.02 11.60
C ASN A 228 -13.56 -9.09 10.44
N PHE A 229 -14.33 -8.04 10.70
CA PHE A 229 -14.71 -7.08 9.67
C PHE A 229 -14.20 -5.69 10.01
N PRO A 230 -12.89 -5.48 9.94
CA PRO A 230 -12.37 -4.20 10.41
C PRO A 230 -12.86 -3.07 9.56
N ARG A 231 -12.99 -3.26 8.25
CA ARG A 231 -13.37 -2.17 7.35
C ARG A 231 -14.71 -2.45 6.70
N VAL A 232 -15.46 -1.43 6.31
CA VAL A 232 -16.69 -1.66 5.59
C VAL A 232 -16.32 -2.39 4.31
N ASN A 233 -17.23 -3.22 3.80
CA ASN A 233 -17.04 -3.95 2.55
C ASN A 233 -16.26 -5.24 2.72
N ASP A 234 -16.00 -5.59 3.96
CA ASP A 234 -15.25 -6.78 4.30
C ASP A 234 -16.21 -7.93 4.40
N THR A 235 -15.75 -9.13 4.12
CA THR A 235 -16.68 -10.23 4.04
C THR A 235 -16.18 -11.47 4.75
N SER A 236 -17.13 -12.34 5.12
CA SER A 236 -16.82 -13.57 5.82
C SER A 236 -16.28 -14.61 4.84
N THR A 237 -15.88 -15.79 5.30
CA THR A 237 -15.45 -16.83 4.36
C THR A 237 -16.66 -17.35 3.56
N GLU A 238 -16.46 -17.52 2.24
CA GLU A 238 -17.51 -17.91 1.26
C GLU A 238 -18.03 -19.28 1.48
N ARG A 239 -19.33 -19.48 1.30
CA ARG A 239 -19.95 -20.79 1.38
C ARG A 239 -20.47 -21.10 0.00
N SER A 240 -20.16 -22.28 -0.52
CA SER A 240 -20.60 -22.69 -1.88
C SER A 240 -21.84 -23.56 -1.93
N PHE A 241 -22.75 -23.19 -2.83
CA PHE A 241 -23.97 -23.96 -3.09
C PHE A 241 -24.36 -23.88 -4.54
N ASP A 242 -25.20 -24.80 -4.99
CA ASP A 242 -25.67 -24.84 -6.37
C ASP A 242 -27.19 -24.91 -6.41
N ILE A 243 -27.80 -24.14 -7.31
CA ILE A 243 -29.24 -24.25 -7.54
C ILE A 243 -29.34 -24.98 -8.87
N SER A 244 -29.99 -26.15 -8.86
CA SER A 244 -30.05 -26.97 -10.04
C SER A 244 -31.45 -27.46 -10.48
N LEU A 245 -31.57 -27.75 -11.76
CA LEU A 245 -32.79 -28.30 -12.35
C LEU A 245 -32.41 -29.56 -13.07
N SER A 246 -33.29 -30.56 -13.09
CA SER A 246 -32.93 -31.82 -13.80
C SER A 246 -34.06 -32.29 -14.68
N GLU A 247 -33.72 -33.25 -15.52
CA GLU A 247 -34.66 -33.75 -16.53
C GLU A 247 -35.01 -32.68 -17.55
N CYS A 248 -34.03 -31.86 -17.89
CA CYS A 248 -34.19 -30.79 -18.85
C CYS A 248 -34.29 -31.32 -20.26
N ALA A 249 -35.17 -30.73 -21.05
CA ALA A 249 -35.24 -31.01 -22.50
C ALA A 249 -33.96 -30.57 -23.19
N ALA A 250 -33.55 -31.23 -24.26
CA ALA A 250 -32.21 -30.94 -24.83
C ALA A 250 -31.96 -29.45 -25.09
N LEU A 251 -32.98 -28.76 -25.58
CA LEU A 251 -32.89 -27.36 -26.01
C LEU A 251 -33.40 -26.36 -24.99
N ALA A 252 -33.75 -26.84 -23.80
CA ALA A 252 -34.13 -25.96 -22.68
C ALA A 252 -32.95 -25.03 -22.33
N LYS A 253 -33.26 -23.76 -22.09
CA LYS A 253 -32.26 -22.79 -21.70
C LYS A 253 -32.89 -21.97 -20.61
N PRO A 254 -32.96 -22.50 -19.35
CA PRO A 254 -33.72 -21.72 -18.38
C PRO A 254 -32.95 -20.59 -17.73
N GLU A 255 -33.69 -19.69 -17.12
CA GLU A 255 -33.11 -18.54 -16.42
C GLU A 255 -33.66 -18.46 -15.02
N ILE A 256 -32.88 -17.87 -14.12
CA ILE A 256 -33.29 -17.77 -12.73
C ILE A 256 -33.21 -16.34 -12.22
N ALA A 257 -34.21 -15.92 -11.44
CA ALA A 257 -34.24 -14.58 -10.90
C ALA A 257 -34.42 -14.62 -9.40
N PHE A 258 -33.86 -13.65 -8.69
CA PHE A 258 -33.96 -13.64 -7.23
C PHE A 258 -34.61 -12.37 -6.71
N ARG A 259 -35.32 -12.50 -5.59
CA ARG A 259 -35.86 -11.34 -4.83
C ARG A 259 -35.50 -11.50 -3.37
N ASP A 260 -35.41 -10.40 -2.64
CA ASP A 260 -35.17 -10.46 -1.20
C ASP A 260 -36.51 -10.81 -0.55
N LYS A 261 -36.57 -11.80 0.32
CA LYS A 261 -37.86 -12.17 0.89
C LYS A 261 -38.41 -11.07 1.75
N TYR A 262 -37.53 -10.29 2.36
CA TYR A 262 -37.95 -9.23 3.27
C TYR A 262 -38.07 -7.82 2.69
N VAL A 263 -37.57 -7.60 1.48
CA VAL A 263 -37.65 -6.27 0.86
C VAL A 263 -38.39 -6.32 -0.47
N SER A 264 -39.44 -5.52 -0.61
CA SER A 264 -40.20 -5.44 -1.88
C SER A 264 -39.76 -4.31 -2.84
N ALA A 265 -39.51 -3.12 -2.30
CA ALA A 265 -39.01 -1.96 -3.08
C ALA A 265 -37.60 -2.13 -3.70
N GLN A 266 -37.34 -1.46 -4.83
CA GLN A 266 -36.02 -1.52 -5.47
C GLN A 266 -35.00 -0.97 -4.48
N GLN A 267 -33.91 -1.70 -4.25
CA GLN A 267 -32.89 -1.37 -3.23
C GLN A 267 -31.93 -0.34 -3.79
N ALA A 268 -31.41 0.51 -2.93
CA ALA A 268 -30.35 1.40 -3.36
C ALA A 268 -29.19 0.57 -3.94
N ASP A 269 -28.80 -0.51 -3.26
CA ASP A 269 -27.82 -1.47 -3.76
C ASP A 269 -28.38 -2.92 -3.69
N PRO A 270 -28.80 -3.51 -4.84
CA PRO A 270 -29.45 -4.82 -4.71
C PRO A 270 -28.49 -6.02 -4.66
N THR A 271 -27.21 -5.79 -4.83
CA THR A 271 -26.26 -6.83 -4.48
C THR A 271 -26.25 -7.24 -3.00
N ILE A 272 -26.73 -6.40 -2.11
CA ILE A 272 -26.72 -6.71 -0.68
C ILE A 272 -28.06 -7.31 -0.32
N LEU A 273 -28.07 -8.58 0.04
CA LEU A 273 -29.25 -9.19 0.63
C LEU A 273 -29.41 -8.79 2.10
N SER A 274 -30.64 -8.50 2.50
CA SER A 274 -30.90 -7.96 3.83
C SER A 274 -30.89 -9.07 4.87
N LEU A 275 -30.58 -8.74 6.12
CA LEU A 275 -30.75 -9.70 7.23
C LEU A 275 -32.17 -9.55 7.81
N LYS A 276 -32.78 -10.65 8.27
CA LYS A 276 -34.06 -10.59 8.98
C LYS A 276 -33.85 -9.71 10.21
N SER A 277 -34.81 -8.83 10.53
CA SER A 277 -34.54 -7.83 11.57
C SER A 277 -34.69 -8.37 13.00
N GLY A 278 -34.11 -7.66 13.96
CA GLY A 278 -34.08 -8.11 15.34
C GLY A 278 -32.91 -9.00 15.67
N GLY A 279 -31.82 -8.88 14.91
CA GLY A 279 -30.64 -9.67 15.13
C GLY A 279 -29.40 -8.81 15.02
N ALA A 280 -28.49 -9.19 14.12
CA ALA A 280 -27.28 -8.42 13.88
C ALA A 280 -27.59 -7.18 13.11
N ALA A 281 -26.79 -6.16 13.31
CA ALA A 281 -26.97 -4.91 12.56
C ALA A 281 -25.71 -4.48 11.80
N GLY A 282 -25.95 -3.82 10.66
CA GLY A 282 -24.87 -3.26 9.81
C GLY A 282 -24.18 -4.29 8.92
N PHE A 283 -24.88 -5.38 8.66
CA PHE A 283 -24.35 -6.44 7.85
C PHE A 283 -25.36 -6.86 6.84
N GLY A 284 -24.86 -7.47 5.79
CA GLY A 284 -25.72 -8.05 4.79
C GLY A 284 -25.11 -9.30 4.27
N ILE A 285 -25.79 -9.91 3.30
CA ILE A 285 -25.26 -11.09 2.62
C ILE A 285 -24.98 -10.79 1.13
N VAL A 286 -23.82 -11.22 0.63
CA VAL A 286 -23.57 -11.13 -0.82
C VAL A 286 -23.46 -12.51 -1.47
N VAL A 287 -24.05 -12.70 -2.65
CA VAL A 287 -23.96 -13.97 -3.35
C VAL A 287 -23.30 -13.79 -4.72
N LYS A 288 -22.27 -14.57 -4.95
CA LYS A 288 -21.51 -14.44 -6.18
C LYS A 288 -21.83 -15.53 -7.23
N ASN A 289 -22.17 -15.10 -8.45
CA ASN A 289 -22.49 -15.98 -9.58
C ASN A 289 -21.18 -16.54 -10.12
N GLY A 290 -21.06 -17.87 -10.09
CA GLY A 290 -19.85 -18.57 -10.48
C GLY A 290 -19.52 -18.40 -11.95
N LEU A 291 -20.56 -18.36 -12.78
CA LEU A 291 -20.37 -18.25 -14.23
C LEU A 291 -19.91 -16.85 -14.63
N ASP A 292 -20.68 -15.84 -14.25
CA ASP A 292 -20.33 -14.50 -14.71
C ASP A 292 -19.40 -13.82 -13.74
N GLN A 293 -19.24 -14.38 -12.55
CA GLN A 293 -18.30 -13.86 -11.56
C GLN A 293 -18.76 -12.55 -10.94
N GLN A 294 -20.04 -12.24 -11.02
CA GLN A 294 -20.55 -10.98 -10.51
C GLN A 294 -21.51 -11.30 -9.42
N ARG A 295 -21.67 -10.39 -8.48
CA ARG A 295 -22.61 -10.60 -7.41
C ARG A 295 -24.02 -10.50 -7.94
N ILE A 296 -24.87 -11.44 -7.55
CA ILE A 296 -26.28 -11.42 -7.89
C ILE A 296 -26.98 -10.15 -7.41
N ARG A 297 -27.92 -9.66 -8.20
CA ARG A 297 -28.80 -8.56 -7.76
C ARG A 297 -30.12 -9.13 -7.35
N PHE A 298 -30.65 -8.72 -6.22
CA PHE A 298 -31.85 -9.34 -5.70
C PHE A 298 -33.07 -8.52 -5.99
N ASP A 299 -33.07 -7.93 -7.16
CA ASP A 299 -34.14 -7.11 -7.64
C ASP A 299 -35.04 -7.85 -8.61
N GLY A 300 -34.61 -8.98 -9.13
CA GLY A 300 -35.45 -9.74 -10.10
C GLY A 300 -34.86 -9.86 -11.50
N THR A 301 -33.59 -9.44 -11.64
CA THR A 301 -32.83 -9.56 -12.86
C THR A 301 -32.75 -11.04 -13.17
N PRO A 302 -33.04 -11.45 -14.42
CA PRO A 302 -32.94 -12.89 -14.69
C PRO A 302 -31.54 -13.29 -15.13
N TYR A 303 -31.09 -14.47 -14.69
CA TYR A 303 -29.75 -14.93 -14.99
C TYR A 303 -29.77 -16.23 -15.82
N PRO A 304 -28.92 -16.31 -16.85
CA PRO A 304 -28.90 -17.57 -17.55
C PRO A 304 -28.20 -18.69 -16.76
N MET A 305 -28.66 -19.92 -16.98
CA MET A 305 -28.09 -21.07 -16.29
C MET A 305 -27.22 -21.91 -17.21
N ARG A 306 -26.24 -22.57 -16.60
CA ARG A 306 -25.35 -23.44 -17.34
C ARG A 306 -26.08 -24.77 -17.65
N ARG A 307 -25.83 -25.32 -18.84
CA ARG A 307 -26.42 -26.60 -19.22
C ARG A 307 -25.38 -27.68 -19.22
N VAL A 308 -25.56 -28.72 -18.43
CA VAL A 308 -24.66 -29.87 -18.42
C VAL A 308 -25.47 -31.16 -18.40
N GLY A 309 -25.28 -32.03 -19.40
CA GLY A 309 -26.13 -33.22 -19.56
C GLY A 309 -27.61 -32.86 -19.57
N ASP A 310 -28.39 -33.53 -18.75
CA ASP A 310 -29.82 -33.31 -18.64
C ASP A 310 -30.23 -32.28 -17.60
N SER A 311 -29.26 -31.66 -16.95
CA SER A 311 -29.56 -30.69 -15.89
C SER A 311 -28.97 -29.30 -16.14
N ALA A 312 -29.63 -28.29 -15.59
CA ALA A 312 -29.20 -26.92 -15.64
C ALA A 312 -28.95 -26.42 -14.22
N ASP A 313 -27.82 -25.76 -14.01
CA ASP A 313 -27.49 -25.27 -12.67
C ASP A 313 -26.89 -23.86 -12.67
N LEU A 314 -27.04 -23.17 -11.55
CA LEU A 314 -26.28 -21.95 -11.32
C LEU A 314 -25.35 -22.15 -10.13
N PRO A 315 -24.05 -22.07 -10.36
CA PRO A 315 -23.11 -22.18 -9.25
C PRO A 315 -23.07 -20.88 -8.43
N LEU A 316 -23.11 -21.01 -7.11
CA LEU A 316 -23.19 -19.83 -6.24
C LEU A 316 -22.31 -19.96 -5.00
N SER A 317 -21.87 -18.82 -4.49
CA SER A 317 -21.17 -18.74 -3.21
C SER A 317 -21.72 -17.55 -2.42
N ALA A 318 -21.77 -17.69 -1.11
CA ALA A 318 -22.35 -16.65 -0.26
C ALA A 318 -21.48 -16.30 0.95
N ALA A 319 -21.57 -15.05 1.39
CA ALA A 319 -20.82 -14.59 2.55
C ALA A 319 -21.50 -13.41 3.19
N TYR A 320 -21.17 -13.16 4.45
CA TYR A 320 -21.56 -11.92 5.13
C TYR A 320 -20.73 -10.74 4.61
N ILE A 321 -21.37 -9.59 4.49
CA ILE A 321 -20.64 -8.38 4.14
C ILE A 321 -20.93 -7.30 5.16
N ARG A 322 -19.93 -6.51 5.50
CA ARG A 322 -20.17 -5.43 6.45
C ARG A 322 -20.63 -4.14 5.78
N ILE A 323 -21.83 -3.70 6.11
CA ILE A 323 -22.27 -2.44 5.50
C ILE A 323 -22.27 -1.23 6.44
N GLY A 324 -22.31 -1.41 7.76
CA GLY A 324 -22.37 -0.27 8.69
C GLY A 324 -21.05 0.46 8.98
N ALA A 325 -21.14 1.74 9.32
CA ALA A 325 -19.97 2.44 9.88
C ALA A 325 -19.75 2.06 11.37
N GLU A 326 -18.71 2.59 11.98
CA GLU A 326 -18.36 2.17 13.34
C GLU A 326 -19.47 2.19 14.40
N GLY A 327 -20.25 3.24 14.45
CA GLY A 327 -21.36 3.30 15.40
C GLY A 327 -22.41 2.22 15.16
N GLU A 328 -22.68 1.97 13.88
CA GLU A 328 -23.77 1.10 13.39
C GLU A 328 -23.71 -0.42 13.69
N LEU A 329 -22.55 -1.01 13.79
CA LEU A 329 -22.47 -2.42 13.99
C LEU A 329 -23.05 -2.95 15.24
N LYS A 330 -23.81 -4.04 15.14
CA LYS A 330 -24.37 -4.70 16.31
C LYS A 330 -24.25 -6.20 16.10
N ALA A 331 -24.12 -6.96 17.18
CA ALA A 331 -24.03 -8.40 17.02
C ALA A 331 -25.34 -9.11 17.16
N GLY A 332 -25.44 -10.28 16.60
CA GLY A 332 -26.68 -11.03 16.69
C GLY A 332 -26.93 -12.13 15.68
N VAL A 333 -28.16 -12.57 15.60
CA VAL A 333 -28.55 -13.65 14.68
C VAL A 333 -28.56 -13.06 13.29
N ALA A 334 -27.87 -13.67 12.32
CA ALA A 334 -27.81 -13.11 10.98
C ALA A 334 -28.50 -14.05 9.99
N ASP A 335 -29.76 -13.79 9.72
CA ASP A 335 -30.51 -14.65 8.80
C ASP A 335 -31.09 -13.90 7.62
N GLY A 336 -31.02 -14.51 6.43
CA GLY A 336 -31.58 -13.89 5.25
C GLY A 336 -32.24 -14.89 4.36
N ALA A 337 -33.12 -14.42 3.49
CA ALA A 337 -33.79 -15.36 2.59
C ALA A 337 -33.91 -14.81 1.19
N ALA A 338 -33.67 -15.63 0.19
CA ALA A 338 -33.86 -15.21 -1.21
C ALA A 338 -34.86 -16.13 -1.88
N GLU A 339 -35.90 -15.53 -2.44
CA GLU A 339 -36.84 -16.26 -3.27
C GLU A 339 -36.34 -16.26 -4.69
N PHE A 340 -36.30 -17.43 -5.31
CA PHE A 340 -35.90 -17.52 -6.71
C PHE A 340 -37.00 -18.07 -7.62
N THR A 341 -37.05 -17.57 -8.84
CA THR A 341 -38.01 -18.02 -9.85
C THR A 341 -37.32 -18.45 -11.13
N PHE A 342 -37.84 -19.49 -11.78
CA PHE A 342 -37.28 -20.00 -13.03
C PHE A 342 -38.09 -19.53 -14.22
N THR A 343 -37.49 -18.99 -15.25
CA THR A 343 -38.29 -18.73 -16.44
C THR A 343 -37.73 -19.47 -17.62
N PHE A 344 -38.62 -20.18 -18.32
CA PHE A 344 -38.21 -21.00 -19.48
C PHE A 344 -38.31 -20.32 -20.84
N PRO A 345 -39.01 -19.20 -20.93
CA PRO A 345 -39.68 -18.61 -19.78
C PRO A 345 -41.07 -19.16 -19.57
N SER A 346 -41.41 -19.63 -18.36
CA SER A 346 -42.72 -20.16 -18.18
C SER A 346 -43.21 -20.10 -16.77
N ASP A 347 -42.52 -19.34 -15.95
CA ASP A 347 -42.81 -19.34 -14.53
C ASP A 347 -43.16 -17.96 -14.09
N ASN A 348 -44.23 -17.82 -13.33
CA ASN A 348 -44.36 -16.50 -12.70
C ASN A 348 -44.36 -16.58 -11.16
N LYS A 349 -44.84 -17.68 -10.64
CA LYS A 349 -44.85 -17.93 -9.20
C LYS A 349 -43.47 -18.22 -8.62
N VAL A 350 -43.25 -17.89 -7.35
CA VAL A 350 -41.97 -18.18 -6.72
C VAL A 350 -41.80 -19.67 -6.69
N ASP A 351 -40.62 -20.17 -7.08
CA ASP A 351 -40.42 -21.59 -7.24
C ASP A 351 -39.56 -22.19 -6.15
N GLY A 352 -39.09 -21.35 -5.24
CA GLY A 352 -38.23 -21.79 -4.18
C GLY A 352 -37.58 -20.67 -3.43
N ILE A 353 -36.94 -21.03 -2.33
CA ILE A 353 -36.31 -20.11 -1.38
C ILE A 353 -34.92 -20.63 -1.11
N VAL A 354 -33.95 -19.73 -0.94
CA VAL A 354 -32.67 -20.04 -0.30
C VAL A 354 -32.65 -19.36 1.05
N ASN A 355 -32.40 -20.15 2.10
CA ASN A 355 -32.29 -19.61 3.45
C ASN A 355 -30.87 -19.57 3.91
N PHE A 356 -30.48 -18.40 4.37
CA PHE A 356 -29.14 -18.20 4.89
C PHE A 356 -29.28 -18.05 6.37
N SER A 357 -28.48 -18.81 7.10
CA SER A 357 -28.47 -18.72 8.57
C SER A 357 -27.04 -18.62 9.07
N GLY A 358 -26.84 -17.80 10.07
CA GLY A 358 -25.52 -17.72 10.69
C GLY A 358 -25.53 -16.73 11.83
N ASN A 359 -24.35 -16.39 12.33
CA ASN A 359 -24.29 -15.49 13.49
C ASN A 359 -23.15 -14.51 13.42
N ILE A 360 -23.44 -13.30 13.85
CA ILE A 360 -22.39 -12.33 14.08
C ILE A 360 -22.18 -12.31 15.58
N THR A 361 -20.96 -12.59 16.01
CA THR A 361 -20.69 -12.80 17.42
C THR A 361 -19.76 -11.72 17.88
N GLU A 362 -19.73 -11.47 19.18
CA GLU A 362 -18.83 -10.47 19.72
C GLU A 362 -17.47 -11.07 19.86
N LEU A 363 -17.37 -12.02 20.77
CA LEU A 363 -16.12 -12.71 21.03
C LEU A 363 -15.86 -13.63 19.83
N GLU A 364 -14.58 -13.75 19.49
CA GLU A 364 -14.12 -14.72 18.54
C GLU A 364 -14.85 -16.03 18.73
N ALA B 2 2.61 11.55 9.11
CA ALA B 2 3.87 12.09 8.63
C ALA B 2 4.28 11.27 7.45
N LEU B 3 3.27 10.97 6.66
CA LEU B 3 3.35 10.33 5.39
C LEU B 3 2.77 11.35 4.44
N ASN B 4 2.18 10.90 3.33
CA ASN B 4 1.43 11.75 2.40
C ASN B 4 2.23 12.83 1.70
N GLU B 5 3.45 12.51 1.32
CA GLU B 5 4.29 13.39 0.51
C GLU B 5 3.82 13.44 -0.94
N VAL B 6 4.25 14.47 -1.65
CA VAL B 6 3.90 14.66 -3.07
C VAL B 6 4.69 13.71 -3.97
N ALA B 7 4.06 13.27 -5.06
CA ALA B 7 4.68 12.28 -5.94
C ALA B 7 5.08 12.86 -7.30
N LEU B 8 6.26 12.47 -7.79
CA LEU B 8 6.75 12.94 -9.08
C LEU B 8 7.37 11.79 -9.87
N ASN B 9 7.41 11.94 -11.18
CA ASN B 9 7.98 10.91 -12.06
C ASN B 9 7.34 9.53 -11.90
N CYS B 10 6.01 9.51 -11.78
CA CYS B 10 5.29 8.25 -11.62
C CYS B 10 5.44 7.36 -12.85
N SER B 11 5.57 6.06 -12.63
CA SER B 11 5.71 5.10 -13.72
C SER B 11 5.08 3.76 -13.33
N PHE B 12 4.99 2.85 -14.29
CA PHE B 12 4.41 1.54 -14.04
C PHE B 12 5.41 0.49 -14.51
N ASP B 13 5.66 -0.51 -13.69
CA ASP B 13 6.61 -1.58 -14.07
C ASP B 13 6.04 -2.97 -13.78
N ASN B 14 6.37 -3.95 -14.62
CA ASN B 14 5.84 -5.31 -14.42
C ASN B 14 6.32 -6.02 -13.16
N GLY B 15 5.44 -6.81 -12.53
CA GLY B 15 5.80 -7.57 -11.32
C GLY B 15 5.99 -9.04 -11.67
N LYS B 16 5.60 -9.94 -10.78
CA LYS B 16 5.50 -11.37 -11.13
C LYS B 16 4.30 -11.51 -12.06
N GLY B 17 4.50 -12.11 -13.23
CA GLY B 17 3.40 -12.31 -14.18
C GLY B 17 2.82 -13.70 -13.93
N LEU B 18 1.54 -13.79 -13.61
CA LEU B 18 0.96 -15.13 -13.35
C LEU B 18 0.36 -15.80 -14.62
N PRO B 19 0.03 -17.11 -14.56
CA PRO B 19 -0.53 -17.65 -15.78
C PRO B 19 -2.04 -17.50 -15.80
N TRP B 20 -2.63 -17.54 -17.00
CA TRP B 20 -4.09 -17.48 -17.15
C TRP B 20 -4.66 -18.76 -16.57
N ARG B 21 -5.79 -18.69 -15.90
CA ARG B 21 -6.39 -19.89 -15.34
C ARG B 21 -7.82 -20.06 -15.89
N VAL B 22 -8.34 -21.27 -15.88
CA VAL B 22 -9.63 -21.53 -16.48
C VAL B 22 -10.62 -21.33 -15.37
N VAL B 23 -11.55 -20.41 -15.55
CA VAL B 23 -12.54 -20.14 -14.53
C VAL B 23 -13.74 -21.03 -14.78
N ASN B 24 -14.17 -21.13 -16.03
CA ASN B 24 -15.27 -21.99 -16.42
C ASN B 24 -14.91 -22.65 -17.76
N GLU B 25 -15.27 -23.92 -17.90
CA GLU B 25 -14.97 -24.67 -19.11
C GLU B 25 -15.92 -24.29 -20.20
N LEU B 26 -15.42 -24.07 -21.39
CA LEU B 26 -16.30 -23.69 -22.50
C LEU B 26 -16.90 -24.97 -23.09
N THR B 27 -18.22 -25.01 -23.27
CA THR B 27 -18.90 -26.19 -23.81
C THR B 27 -20.13 -25.66 -24.51
N SER B 28 -20.95 -26.51 -25.10
CA SER B 28 -22.12 -25.95 -25.82
C SER B 28 -23.15 -25.49 -24.85
N GLY B 29 -23.07 -25.93 -23.60
CA GLY B 29 -24.01 -25.51 -22.56
C GLY B 29 -23.59 -24.26 -21.77
N THR B 30 -22.45 -23.68 -22.13
CA THR B 30 -21.92 -22.50 -21.50
C THR B 30 -22.88 -21.34 -21.78
N ALA B 31 -23.20 -20.58 -20.74
CA ALA B 31 -24.11 -19.46 -20.87
C ALA B 31 -23.34 -18.20 -21.27
N LYS B 32 -24.05 -17.26 -21.89
CA LYS B 32 -23.47 -15.96 -22.26
C LYS B 32 -23.05 -15.19 -21.01
N GLY B 33 -21.96 -14.46 -21.09
CA GLY B 33 -21.49 -13.66 -19.95
C GLY B 33 -20.60 -14.45 -18.99
N THR B 34 -20.42 -15.74 -19.24
CA THR B 34 -19.56 -16.63 -18.45
C THR B 34 -18.12 -16.26 -18.67
N VAL B 35 -17.37 -16.27 -17.59
CA VAL B 35 -15.98 -15.92 -17.62
C VAL B 35 -15.25 -17.23 -17.94
N LEU B 36 -14.54 -17.23 -19.05
CA LEU B 36 -13.75 -18.36 -19.50
C LEU B 36 -12.37 -18.43 -18.85
N PHE B 37 -11.60 -17.38 -19.05
CA PHE B 37 -10.24 -17.27 -18.50
C PHE B 37 -10.11 -16.00 -17.65
N ALA B 38 -9.47 -16.15 -16.50
CA ALA B 38 -9.20 -15.00 -15.62
C ALA B 38 -7.75 -15.00 -15.14
N ARG B 39 -7.18 -13.82 -14.96
CA ARG B 39 -5.82 -13.72 -14.46
C ARG B 39 -5.60 -12.53 -13.51
N PRO B 40 -4.83 -12.72 -12.44
CA PRO B 40 -4.47 -11.62 -11.54
C PRO B 40 -3.23 -10.92 -12.01
N VAL B 41 -3.24 -9.60 -12.06
CA VAL B 41 -2.02 -8.86 -12.41
C VAL B 41 -1.61 -7.81 -11.38
N SER B 42 -0.34 -7.83 -11.01
CA SER B 42 0.21 -6.77 -10.12
C SER B 42 1.27 -5.92 -10.81
N LEU B 43 1.10 -4.62 -10.80
CA LEU B 43 2.10 -3.73 -11.36
C LEU B 43 2.80 -3.01 -10.22
N PHE B 44 4.09 -2.75 -10.40
CA PHE B 44 4.84 -1.83 -9.50
C PHE B 44 4.62 -0.38 -9.91
N LEU B 45 4.20 0.44 -8.99
CA LEU B 45 4.05 1.85 -9.26
C LEU B 45 5.18 2.62 -8.54
N ASN B 46 6.13 3.13 -9.31
CA ASN B 46 7.26 3.84 -8.72
C ASN B 46 7.28 5.34 -8.94
N TYR B 47 7.64 6.08 -7.89
CA TYR B 47 7.71 7.52 -7.98
C TYR B 47 8.87 8.08 -7.16
N LYS B 48 9.15 9.36 -7.35
CA LYS B 48 10.12 10.08 -6.54
C LYS B 48 9.33 10.90 -5.54
N PRO B 49 9.49 10.65 -4.21
CA PRO B 49 8.69 11.49 -3.34
C PRO B 49 9.42 12.75 -2.95
N GLN B 50 8.65 13.78 -2.71
CA GLN B 50 9.18 15.06 -2.33
C GLN B 50 8.37 15.53 -1.14
N ALA B 51 9.03 15.84 -0.01
CA ALA B 51 8.32 16.35 1.20
C ALA B 51 7.68 17.69 0.88
N SER B 52 6.49 17.90 1.41
CA SER B 52 5.82 19.20 1.29
C SER B 52 4.97 19.44 2.53
N GLN B 53 4.50 20.66 2.70
CA GLN B 53 3.70 20.99 3.89
C GLN B 53 2.29 20.29 3.84
N GLU B 54 1.67 20.23 2.66
CA GLU B 54 0.33 19.67 2.49
C GLU B 54 0.40 18.20 2.20
N ALA B 55 -0.63 17.50 2.68
CA ALA B 55 -0.87 16.08 2.43
C ALA B 55 -1.24 15.75 0.95
N HIS B 56 -0.55 14.78 0.37
CA HIS B 56 -0.87 14.26 -0.94
C HIS B 56 -1.24 12.78 -0.95
N GLU B 57 -1.96 12.39 -2.00
CA GLU B 57 -2.31 10.99 -2.28
C GLU B 57 -1.92 10.69 -3.70
N LEU B 58 -1.72 9.42 -3.96
CA LEU B 58 -1.57 8.94 -5.35
C LEU B 58 -2.93 8.33 -5.71
N VAL B 59 -3.61 8.89 -6.69
CA VAL B 59 -4.91 8.37 -7.10
C VAL B 59 -4.70 7.52 -8.37
N ILE B 60 -5.17 6.27 -8.33
CA ILE B 60 -5.03 5.39 -9.50
C ILE B 60 -6.32 5.32 -10.28
N GLY B 61 -6.27 5.73 -11.54
CA GLY B 61 -7.47 5.79 -12.39
C GLY B 61 -7.28 4.94 -13.63
N GLY B 62 -8.36 4.55 -14.26
CA GLY B 62 -8.30 3.88 -15.57
C GLY B 62 -9.46 4.26 -16.46
N ASN B 63 -9.26 4.21 -17.76
CA ASN B 63 -10.41 4.15 -18.66
C ASN B 63 -9.97 3.51 -19.99
N TRP B 64 -10.93 3.09 -20.79
CA TRP B 64 -10.71 2.60 -22.15
C TRP B 64 -11.05 3.71 -23.12
N SER B 65 -10.11 4.01 -24.03
CA SER B 65 -10.33 5.02 -25.06
C SER B 65 -10.21 4.37 -26.45
N GLY B 66 -10.75 5.07 -27.44
CA GLY B 66 -10.71 4.58 -28.82
C GLY B 66 -11.92 3.77 -29.18
N VAL B 67 -12.75 3.52 -28.18
CA VAL B 67 -14.06 2.89 -28.36
C VAL B 67 -15.08 3.74 -27.59
N GLY B 68 -16.18 4.06 -28.24
CA GLY B 68 -17.21 4.94 -27.62
C GLY B 68 -17.96 4.39 -26.43
N TYR B 69 -18.37 3.13 -26.49
CA TYR B 69 -19.20 2.50 -25.45
C TYR B 69 -18.73 1.08 -25.19
N PRO B 70 -19.07 0.52 -24.02
CA PRO B 70 -18.63 -0.85 -23.76
C PRO B 70 -19.47 -1.86 -24.49
N GLY B 71 -18.91 -3.06 -24.65
CA GLY B 71 -19.58 -4.16 -25.34
C GLY B 71 -20.37 -4.97 -24.34
N PRO B 72 -20.94 -6.11 -24.74
CA PRO B 72 -21.62 -6.93 -23.75
C PRO B 72 -20.81 -7.30 -22.48
N TYR B 73 -21.47 -7.27 -21.34
CA TYR B 73 -20.89 -7.59 -20.01
C TYR B 73 -19.68 -6.71 -19.73
N GLY B 74 -19.76 -5.50 -20.26
CA GLY B 74 -18.84 -4.45 -19.89
C GLY B 74 -17.49 -4.72 -20.47
N THR B 75 -17.49 -5.35 -21.63
CA THR B 75 -16.26 -5.80 -22.26
C THR B 75 -15.85 -4.88 -23.38
N VAL B 76 -14.65 -5.12 -23.84
CA VAL B 76 -14.02 -4.52 -24.98
C VAL B 76 -13.78 -5.73 -25.90
N ALA B 77 -14.11 -5.64 -27.17
CA ALA B 77 -13.93 -6.74 -28.11
C ALA B 77 -12.50 -7.18 -28.37
N SER B 78 -12.28 -8.48 -28.44
CA SER B 78 -10.97 -9.03 -28.71
C SER B 78 -10.79 -9.31 -30.17
N ASP B 79 -9.67 -9.91 -30.50
CA ASP B 79 -9.37 -10.26 -31.86
C ASP B 79 -10.09 -11.53 -32.31
N VAL B 80 -10.80 -12.14 -31.39
CA VAL B 80 -11.60 -13.32 -31.60
C VAL B 80 -13.00 -12.85 -31.36
N LYS B 81 -13.89 -13.05 -32.31
CA LYS B 81 -15.28 -12.66 -32.26
C LYS B 81 -16.01 -13.44 -31.23
N GLY B 82 -16.85 -12.80 -30.44
CA GLY B 82 -17.55 -13.57 -29.40
C GLY B 82 -16.80 -13.73 -28.07
N ILE B 83 -15.56 -13.29 -27.99
CA ILE B 83 -14.89 -13.32 -26.69
C ILE B 83 -14.44 -11.90 -26.32
N GLY B 84 -14.88 -11.44 -25.18
CA GLY B 84 -14.56 -10.11 -24.78
C GLY B 84 -13.63 -9.98 -23.64
N TYR B 85 -12.96 -8.87 -23.64
CA TYR B 85 -12.02 -8.57 -22.59
C TYR B 85 -12.42 -7.50 -21.61
N ARG B 86 -12.29 -7.84 -20.33
CA ARG B 86 -12.58 -6.92 -19.25
C ARG B 86 -11.48 -6.94 -18.18
N ILE B 87 -10.96 -5.76 -17.83
CA ILE B 87 -9.96 -5.65 -16.78
C ILE B 87 -10.53 -4.84 -15.61
N SER B 88 -10.33 -5.29 -14.40
CA SER B 88 -10.75 -4.62 -13.15
C SER B 88 -9.61 -4.39 -12.18
N VAL B 89 -9.78 -3.41 -11.29
CA VAL B 89 -8.84 -3.25 -10.15
C VAL B 89 -9.42 -3.80 -8.83
N ASP B 90 -8.60 -4.59 -8.14
CA ASP B 90 -8.94 -5.07 -6.83
C ASP B 90 -8.42 -4.01 -5.87
N ALA B 91 -9.33 -3.16 -5.41
CA ALA B 91 -9.00 -1.96 -4.62
C ALA B 91 -8.74 -2.23 -3.11
N GLN B 92 -8.13 -1.27 -2.43
CA GLN B 92 -7.84 -1.32 -1.00
C GLN B 92 -9.13 -1.31 -0.18
N ASP B 93 -10.10 -0.55 -0.63
CA ASP B 93 -11.35 -0.44 0.11
C ASP B 93 -12.15 -1.75 0.01
N GLY B 94 -11.57 -2.77 -0.60
CA GLY B 94 -12.18 -4.09 -0.74
C GLY B 94 -13.28 -4.17 -1.79
N VAL B 95 -13.24 -3.25 -2.74
CA VAL B 95 -14.18 -3.27 -3.84
C VAL B 95 -13.48 -3.58 -5.17
N LYS B 96 -14.10 -4.42 -5.99
CA LYS B 96 -13.58 -4.72 -7.31
C LYS B 96 -14.23 -3.73 -8.23
N ARG B 97 -13.45 -2.84 -8.82
CA ARG B 97 -14.00 -1.89 -9.78
C ARG B 97 -13.50 -2.19 -11.17
N VAL B 98 -14.42 -2.32 -12.10
CA VAL B 98 -14.06 -2.56 -13.50
C VAL B 98 -13.51 -1.25 -14.14
N ILE B 99 -12.53 -1.39 -15.02
CA ILE B 99 -12.00 -0.22 -15.69
C ILE B 99 -13.08 0.14 -16.71
N PRO B 100 -13.72 1.34 -16.55
CA PRO B 100 -14.77 1.59 -17.53
C PRO B 100 -14.31 2.03 -18.91
N VAL B 101 -15.18 1.84 -19.88
CA VAL B 101 -14.97 2.40 -21.20
C VAL B 101 -15.67 3.74 -21.06
N ASP B 102 -14.91 4.80 -20.98
CA ASP B 102 -15.46 6.13 -20.86
C ASP B 102 -14.45 7.15 -21.39
N ASN B 103 -14.92 8.34 -21.68
CA ASN B 103 -14.06 9.39 -22.21
C ASN B 103 -13.04 9.89 -21.19
N GLN B 104 -13.47 9.92 -19.92
CA GLN B 104 -12.63 10.38 -18.84
C GLN B 104 -12.16 9.29 -17.89
N PRO B 105 -10.89 9.41 -17.38
CA PRO B 105 -10.53 8.35 -16.43
C PRO B 105 -11.33 8.42 -15.13
N HIS B 106 -11.52 7.26 -14.54
CA HIS B 106 -12.22 7.11 -13.29
C HIS B 106 -11.25 6.74 -12.18
N ALA B 107 -11.49 7.25 -10.99
CA ALA B 107 -10.62 6.92 -9.85
C ALA B 107 -11.08 5.62 -9.23
N LEU B 108 -10.24 4.59 -9.34
CA LEU B 108 -10.59 3.27 -8.85
C LEU B 108 -9.88 2.88 -7.54
N ASP B 109 -8.78 3.55 -7.25
CA ASP B 109 -8.02 3.30 -6.05
C ASP B 109 -7.16 4.51 -5.64
N LYS B 110 -6.73 4.51 -4.38
CA LYS B 110 -5.89 5.52 -3.81
C LYS B 110 -4.76 4.84 -3.12
N ARG B 111 -3.64 5.52 -3.00
CA ARG B 111 -2.47 4.99 -2.31
C ARG B 111 -1.90 6.05 -1.41
N VAL B 112 -1.35 5.61 -0.29
CA VAL B 112 -0.74 6.51 0.66
C VAL B 112 0.64 6.94 0.16
N THR B 113 0.89 8.25 0.09
CA THR B 113 2.21 8.73 -0.33
C THR B 113 3.24 8.41 0.75
N SER B 114 4.43 8.01 0.32
CA SER B 114 5.51 7.67 1.25
C SER B 114 6.87 7.92 0.64
N PHE B 115 7.88 8.08 1.48
CA PHE B 115 9.25 8.27 1.01
C PHE B 115 9.70 6.99 0.31
N SER B 116 8.98 5.89 0.50
CA SER B 116 9.38 4.64 -0.11
C SER B 116 9.48 4.77 -1.63
N GLY B 117 8.56 5.51 -2.22
CA GLY B 117 8.58 5.74 -3.66
C GLY B 117 8.13 4.50 -4.41
N SER B 118 7.55 3.57 -3.68
CA SER B 118 7.09 2.34 -4.25
C SER B 118 5.73 1.95 -3.74
N THR B 119 4.92 1.40 -4.62
CA THR B 119 3.58 0.93 -4.31
C THR B 119 3.18 -0.07 -5.37
N THR B 120 2.09 -0.77 -5.12
CA THR B 120 1.61 -1.76 -6.06
C THR B 120 0.18 -1.51 -6.48
N SER B 121 -0.10 -1.73 -7.76
CA SER B 121 -1.45 -1.59 -8.32
C SER B 121 -1.89 -2.98 -8.74
N ASP B 122 -3.02 -3.45 -8.22
CA ASP B 122 -3.45 -4.83 -8.43
C ASP B 122 -4.67 -4.93 -9.32
N TYR B 123 -4.63 -5.86 -10.27
CA TYR B 123 -5.70 -5.99 -11.26
C TYR B 123 -6.17 -7.41 -11.44
N LEU B 124 -7.39 -7.56 -11.96
CA LEU B 124 -7.84 -8.83 -12.49
C LEU B 124 -8.28 -8.80 -13.96
N GLN B 125 -7.66 -9.63 -14.79
CA GLN B 125 -8.06 -9.75 -16.18
C GLN B 125 -9.04 -10.90 -16.38
N GLU B 126 -10.06 -10.66 -17.18
CA GLU B 126 -11.04 -11.70 -17.46
C GLU B 126 -11.39 -11.77 -18.93
N LEU B 127 -11.39 -12.96 -19.50
CA LEU B 127 -11.91 -13.20 -20.86
C LEU B 127 -13.33 -13.80 -20.78
N VAL B 128 -14.27 -13.17 -21.47
CA VAL B 128 -15.70 -13.41 -21.24
C VAL B 128 -16.40 -13.87 -22.52
N LEU B 129 -17.34 -14.80 -22.40
CA LEU B 129 -18.11 -15.22 -23.58
C LEU B 129 -19.32 -14.32 -23.79
N THR B 130 -19.27 -13.53 -24.86
CA THR B 130 -20.34 -12.57 -25.18
C THR B 130 -21.38 -13.10 -26.17
N VAL B 131 -21.11 -14.26 -26.72
CA VAL B 131 -21.99 -14.87 -27.72
C VAL B 131 -22.22 -16.33 -27.36
N ASP B 132 -23.18 -16.93 -28.00
CA ASP B 132 -23.49 -18.34 -27.78
C ASP B 132 -22.36 -19.23 -28.25
N PRO B 133 -22.15 -20.42 -27.55
CA PRO B 133 -20.95 -21.15 -28.00
C PRO B 133 -20.95 -21.57 -29.47
N GLY B 134 -22.12 -21.92 -30.01
CA GLY B 134 -22.24 -22.30 -31.41
C GLY B 134 -21.79 -21.20 -32.37
N GLU B 135 -22.11 -19.97 -31.99
CA GLU B 135 -21.83 -18.78 -32.81
C GLU B 135 -20.34 -18.40 -32.88
N LEU B 136 -19.53 -19.00 -32.03
CA LEU B 136 -18.09 -18.74 -32.00
C LEU B 136 -17.39 -19.12 -33.31
N PRO B 137 -16.29 -18.37 -33.69
CA PRO B 137 -15.75 -18.75 -35.01
C PRO B 137 -14.97 -20.06 -35.02
N ALA B 138 -14.78 -20.62 -36.20
CA ALA B 138 -13.94 -21.80 -36.34
C ALA B 138 -12.47 -21.45 -36.23
N GLY B 139 -11.71 -22.25 -35.50
CA GLY B 139 -10.32 -21.95 -35.26
C GLY B 139 -9.89 -22.18 -33.83
N ASP B 140 -8.62 -21.85 -33.56
CA ASP B 140 -8.04 -22.04 -32.25
C ASP B 140 -8.75 -21.21 -31.20
N LEU B 141 -9.12 -19.99 -31.58
CA LEU B 141 -9.76 -19.11 -30.64
C LEU B 141 -8.78 -18.63 -29.58
N LYS B 142 -7.57 -18.33 -30.02
CA LYS B 142 -6.54 -17.76 -29.19
C LYS B 142 -6.64 -16.25 -29.18
N VAL B 143 -6.89 -15.67 -28.03
CA VAL B 143 -6.94 -14.23 -27.88
C VAL B 143 -5.52 -13.68 -27.77
N THR B 144 -5.21 -12.66 -28.55
CA THR B 144 -3.91 -11.98 -28.44
C THR B 144 -4.03 -10.49 -28.30
N SER B 145 -5.17 -9.96 -28.66
CA SER B 145 -5.28 -8.53 -28.72
C SER B 145 -6.71 -8.02 -28.58
N VAL B 146 -6.90 -6.70 -28.52
CA VAL B 146 -8.22 -6.12 -28.60
C VAL B 146 -8.44 -5.65 -30.00
N SER B 147 -9.66 -5.76 -30.46
CA SER B 147 -10.02 -5.31 -31.77
C SER B 147 -10.15 -3.80 -31.84
N GLY B 148 -9.91 -3.24 -33.01
CA GLY B 148 -10.20 -1.82 -33.26
C GLY B 148 -9.08 -0.98 -32.73
N SER B 149 -9.35 0.29 -32.48
CA SER B 149 -8.36 1.16 -31.90
C SER B 149 -8.54 1.41 -30.41
N ALA B 150 -9.13 0.44 -29.72
CA ALA B 150 -9.31 0.55 -28.28
C ALA B 150 -7.98 0.56 -27.53
N THR B 151 -7.83 1.52 -26.65
CA THR B 151 -6.60 1.60 -25.87
C THR B 151 -6.94 1.66 -24.38
N LEU B 152 -6.11 1.02 -23.57
CA LEU B 152 -6.32 1.00 -22.13
C LEU B 152 -5.40 2.00 -21.48
N ASN B 153 -5.98 2.91 -20.71
CA ASN B 153 -5.21 3.96 -20.04
C ASN B 153 -5.21 3.78 -18.53
N LEU B 154 -4.01 3.75 -17.96
CA LEU B 154 -3.84 3.69 -16.53
C LEU B 154 -3.25 5.02 -16.08
N TRP B 155 -3.89 5.64 -15.11
CA TRP B 155 -3.45 6.95 -14.66
C TRP B 155 -2.94 6.93 -13.24
N ALA B 156 -1.72 7.41 -13.04
CA ALA B 156 -1.20 7.59 -11.71
C ALA B 156 -1.17 9.08 -11.53
N VAL B 157 -2.03 9.60 -10.66
CA VAL B 157 -2.15 11.04 -10.48
C VAL B 157 -2.01 11.48 -9.02
N ASP B 158 -1.21 12.51 -8.81
CA ASP B 158 -0.97 13.04 -7.49
C ASP B 158 -2.06 14.06 -7.22
N ARG B 159 -2.68 13.95 -6.04
CA ARG B 159 -3.76 14.89 -5.69
C ARG B 159 -3.67 15.23 -4.26
N LEU B 160 -4.23 16.38 -3.91
CA LEU B 160 -4.34 16.72 -2.52
C LEU B 160 -5.18 15.67 -1.81
N LYS B 161 -4.75 15.25 -0.63
CA LYS B 161 -5.43 14.17 0.14
C LYS B 161 -6.94 14.38 0.34
N GLY B 162 -7.75 13.42 -0.13
CA GLY B 162 -9.18 13.42 0.10
C GLY B 162 -9.95 14.25 -0.91
N GLU B 163 -9.26 15.07 -1.68
CA GLU B 163 -9.92 15.83 -2.73
C GLU B 163 -10.65 15.00 -3.84
N ALA B 164 -10.07 13.89 -4.25
CA ALA B 164 -10.64 13.09 -5.34
C ALA B 164 -11.44 11.97 -4.76
N SER B 165 -12.67 11.78 -5.17
CA SER B 165 -13.43 10.68 -4.57
C SER B 165 -13.39 9.46 -5.45
N ILE B 166 -13.39 8.30 -4.83
CA ILE B 166 -13.37 7.05 -5.53
C ILE B 166 -14.69 6.81 -6.22
N GLY B 167 -14.59 6.26 -7.43
CA GLY B 167 -15.73 5.90 -8.23
C GLY B 167 -16.20 7.05 -9.10
N SER B 168 -15.46 8.12 -9.12
CA SER B 168 -15.88 9.29 -9.84
C SER B 168 -14.95 9.55 -10.98
N VAL B 169 -15.31 10.50 -11.81
CA VAL B 169 -14.39 10.89 -12.87
C VAL B 169 -13.14 11.38 -12.14
N LEU B 170 -11.96 11.01 -12.62
CA LEU B 170 -10.75 11.46 -11.98
C LEU B 170 -10.30 12.71 -12.67
N ALA B 171 -10.25 13.81 -11.94
CA ALA B 171 -9.81 15.10 -12.50
C ALA B 171 -8.29 15.17 -12.53
N VAL B 172 -7.74 15.53 -13.69
CA VAL B 172 -6.30 15.65 -13.78
C VAL B 172 -5.99 17.14 -13.79
N PRO B 173 -5.25 17.65 -12.76
CA PRO B 173 -4.99 19.11 -12.83
C PRO B 173 -4.17 19.56 -14.04
N ALA B 174 -4.45 20.74 -14.50
CA ALA B 174 -3.75 21.38 -15.60
C ALA B 174 -2.30 21.65 -15.34
N ASP B 175 -1.96 21.91 -14.08
CA ASP B 175 -0.61 22.26 -13.63
C ASP B 175 0.49 21.18 -13.54
N ASN B 176 1.74 21.65 -13.57
CA ASN B 176 2.90 20.83 -13.49
C ASN B 176 3.70 21.29 -12.28
N TYR B 177 3.05 21.67 -11.19
CA TYR B 177 3.81 22.08 -10.01
C TYR B 177 3.43 21.12 -8.91
N PRO B 178 4.40 20.50 -8.25
CA PRO B 178 5.85 20.62 -8.48
C PRO B 178 6.26 19.99 -9.79
N THR B 179 7.45 20.29 -10.28
CA THR B 179 7.86 19.80 -11.56
C THR B 179 8.10 18.31 -11.60
N GLY B 180 7.21 17.60 -12.29
CA GLY B 180 7.30 16.17 -12.47
C GLY B 180 6.19 15.46 -11.71
N VAL B 181 5.37 16.27 -11.11
CA VAL B 181 4.25 15.87 -10.33
C VAL B 181 3.47 15.05 -11.29
N CYS B 182 3.04 13.88 -10.85
CA CYS B 182 2.34 12.91 -11.68
C CYS B 182 1.01 13.33 -12.29
N ARG B 183 0.99 13.53 -13.61
CA ARG B 183 -0.24 13.87 -14.32
C ARG B 183 -0.47 12.96 -15.50
N LYS B 184 0.54 12.17 -15.85
CA LYS B 184 0.58 11.49 -17.18
C LYS B 184 0.00 10.08 -17.28
N PRO B 185 -0.73 9.79 -18.40
CA PRO B 185 -1.27 8.42 -18.52
C PRO B 185 -0.27 7.38 -19.00
N TYR B 186 -0.53 6.12 -18.68
CA TYR B 186 0.20 4.99 -19.21
C TYR B 186 -0.79 4.29 -20.15
N SER B 187 -0.52 4.38 -21.44
CA SER B 187 -1.51 3.94 -22.46
C SER B 187 -1.12 2.64 -23.16
N LEU B 188 -1.94 1.60 -23.06
CA LEU B 188 -1.67 0.30 -23.69
C LEU B 188 -2.59 0.08 -24.90
N ILE B 189 -1.96 -0.05 -26.05
CA ILE B 189 -2.61 -0.16 -27.33
C ILE B 189 -2.51 -1.58 -27.84
N GLY B 190 -3.58 -2.09 -28.42
CA GLY B 190 -3.55 -3.35 -29.13
C GLY B 190 -3.25 -4.55 -28.30
N PRO B 191 -2.20 -5.27 -28.61
CA PRO B 191 -1.86 -6.45 -27.84
C PRO B 191 -1.25 -6.16 -26.49
N ALA B 192 -0.72 -4.96 -26.31
CA ALA B 192 -0.11 -4.55 -25.06
C ALA B 192 -1.07 -4.62 -23.87
N SER B 193 -2.32 -4.23 -24.10
CA SER B 193 -3.35 -4.25 -23.05
C SER B 193 -3.57 -5.66 -22.53
N ILE B 194 -3.65 -6.61 -23.46
CA ILE B 194 -3.81 -8.04 -23.15
C ILE B 194 -2.60 -8.61 -22.41
N ALA B 195 -1.42 -8.15 -22.80
CA ALA B 195 -0.14 -8.63 -22.26
C ALA B 195 0.32 -7.86 -21.05
N ILE B 196 -0.52 -6.95 -20.57
CA ILE B 196 -0.17 -6.12 -19.41
C ILE B 196 0.22 -6.97 -18.22
N GLY B 197 1.28 -6.56 -17.53
CA GLY B 197 1.74 -7.27 -16.35
C GLY B 197 2.69 -8.40 -16.69
N GLY B 198 2.94 -8.58 -17.98
CA GLY B 198 3.82 -9.66 -18.45
C GLY B 198 3.10 -11.00 -18.38
N GLY B 199 3.87 -12.06 -18.51
CA GLY B 199 3.34 -13.43 -18.43
C GLY B 199 2.88 -14.03 -19.77
N PRO B 200 2.40 -15.32 -19.74
CA PRO B 200 2.05 -15.89 -21.05
C PRO B 200 0.75 -15.38 -21.69
N PRO B 201 0.62 -15.55 -23.05
CA PRO B 201 -0.64 -15.08 -23.61
C PRO B 201 -1.79 -16.02 -23.26
N PRO B 202 -3.04 -15.56 -23.38
CA PRO B 202 -4.14 -16.43 -23.06
C PRO B 202 -4.09 -17.81 -23.76
N PRO B 203 -4.57 -18.89 -23.06
CA PRO B 203 -4.46 -20.17 -23.76
C PRO B 203 -5.46 -20.37 -24.90
N PRO B 204 -5.07 -21.19 -25.92
CA PRO B 204 -6.10 -21.41 -26.96
C PRO B 204 -7.18 -22.41 -26.56
N ILE B 205 -8.31 -22.35 -27.24
CA ILE B 205 -9.41 -23.29 -27.02
C ILE B 205 -9.27 -24.38 -28.08
N PRO B 206 -9.20 -25.66 -27.65
CA PRO B 206 -9.06 -26.72 -28.66
C PRO B 206 -10.34 -27.02 -29.45
N LYS B 207 -10.20 -27.38 -30.71
CA LYS B 207 -11.36 -27.76 -31.49
C LYS B 207 -11.13 -28.97 -32.40
N LYS B 208 -10.78 -30.09 -31.79
CA LYS B 208 -10.42 -31.31 -32.52
C LYS B 208 -10.64 -32.56 -31.71
N CYS B 209 -10.86 -33.67 -32.42
CA CYS B 209 -11.06 -34.98 -31.80
C CYS B 209 -9.81 -35.82 -32.02
N LYS B 210 -9.65 -36.89 -31.26
CA LYS B 210 -8.51 -37.77 -31.51
C LYS B 210 -8.76 -38.67 -32.76
N VAL B 211 -7.86 -38.63 -33.72
CA VAL B 211 -8.04 -39.47 -34.91
C VAL B 211 -6.87 -40.47 -35.05
N GLU B 212 -7.18 -41.76 -34.84
CA GLU B 212 -6.15 -42.82 -34.86
C GLU B 212 -5.74 -43.12 -36.31
N VAL B 213 -4.45 -43.11 -36.60
CA VAL B 213 -4.01 -43.24 -38.00
C VAL B 213 -4.23 -44.68 -38.54
N GLY B 214 -4.62 -44.80 -39.80
CA GLY B 214 -4.81 -46.09 -40.50
C GLY B 214 -5.92 -47.06 -40.07
N ARG B 215 -6.93 -46.57 -39.36
CA ARG B 215 -7.99 -47.44 -38.84
C ARG B 215 -8.78 -48.01 -40.01
N GLU B 216 -9.34 -49.18 -39.79
CA GLU B 216 -10.14 -49.81 -40.80
C GLU B 216 -11.34 -50.47 -40.14
N ILE B 217 -12.50 -50.29 -40.76
CA ILE B 217 -13.76 -50.82 -40.24
C ILE B 217 -14.19 -51.94 -41.17
N ASN B 218 -14.62 -53.07 -40.60
CA ASN B 218 -15.18 -54.15 -41.45
C ASN B 218 -16.64 -54.25 -41.31
N VAL B 219 -17.34 -54.17 -42.43
CA VAL B 219 -18.76 -54.36 -42.42
C VAL B 219 -19.08 -55.62 -43.18
N LYS B 220 -19.83 -56.53 -42.56
CA LYS B 220 -20.23 -57.79 -43.20
C LYS B 220 -21.63 -57.65 -43.76
N LEU B 221 -21.74 -57.58 -45.09
CA LEU B 221 -23.08 -57.45 -45.73
C LEU B 221 -23.88 -58.76 -45.72
N GLY B 222 -23.13 -59.88 -45.76
CA GLY B 222 -23.68 -61.25 -45.68
C GLY B 222 -23.80 -61.93 -47.02
N SER B 223 -24.58 -62.99 -47.06
CA SER B 223 -24.74 -63.75 -48.31
C SER B 223 -26.18 -63.74 -48.79
N VAL B 224 -26.37 -63.32 -50.05
CA VAL B 224 -27.73 -63.11 -50.60
C VAL B 224 -27.93 -63.77 -51.95
N ALA B 225 -29.21 -64.00 -52.27
CA ALA B 225 -29.60 -64.65 -53.52
C ALA B 225 -30.10 -63.70 -54.60
N LEU B 226 -29.69 -63.96 -55.83
CA LEU B 226 -30.18 -63.17 -56.97
C LEU B 226 -31.71 -63.19 -57.09
N LYS B 227 -32.32 -64.28 -56.62
CA LYS B 227 -33.77 -64.46 -56.51
C LYS B 227 -34.39 -63.30 -55.76
N ASN B 228 -33.65 -62.82 -54.77
CA ASN B 228 -34.07 -61.71 -53.91
C ASN B 228 -34.25 -60.38 -54.64
N PHE B 229 -33.33 -60.07 -55.53
CA PHE B 229 -33.42 -58.83 -56.29
C PHE B 229 -34.21 -59.08 -57.58
N PRO B 230 -35.53 -59.01 -57.51
CA PRO B 230 -36.37 -59.21 -58.69
C PRO B 230 -36.20 -58.14 -59.78
N ARG B 231 -36.04 -56.88 -59.36
CA ARG B 231 -35.97 -55.74 -60.26
C ARG B 231 -34.71 -54.97 -59.98
N VAL B 232 -34.22 -54.25 -60.99
CA VAL B 232 -33.07 -53.34 -60.86
C VAL B 232 -33.37 -52.34 -59.73
N ASN B 233 -32.36 -51.98 -58.95
CA ASN B 233 -32.56 -51.04 -57.87
C ASN B 233 -33.04 -51.68 -56.59
N ASP B 234 -33.25 -52.99 -56.58
CA ASP B 234 -33.64 -53.66 -55.33
C ASP B 234 -32.40 -53.80 -54.49
N THR B 235 -32.59 -53.80 -53.18
CA THR B 235 -31.44 -53.87 -52.27
C THR B 235 -31.63 -54.93 -51.19
N SER B 236 -30.48 -55.45 -50.73
CA SER B 236 -30.40 -56.51 -49.69
C SER B 236 -30.80 -55.95 -48.34
N THR B 237 -30.93 -56.76 -47.29
CA THR B 237 -31.19 -56.23 -45.96
C THR B 237 -30.01 -55.38 -45.48
N GLU B 238 -30.30 -54.16 -45.01
CA GLU B 238 -29.27 -53.21 -44.51
C GLU B 238 -28.58 -53.63 -43.24
N ARG B 239 -27.28 -53.42 -43.17
CA ARG B 239 -26.50 -53.71 -41.97
C ARG B 239 -26.00 -52.37 -41.36
N SER B 240 -26.31 -52.18 -40.09
CA SER B 240 -25.94 -50.96 -39.34
C SER B 240 -24.49 -50.85 -38.91
N PHE B 241 -23.95 -49.65 -39.00
CA PHE B 241 -22.64 -49.32 -38.46
C PHE B 241 -22.41 -47.83 -38.22
N ASP B 242 -21.50 -47.51 -37.32
CA ASP B 242 -21.15 -46.16 -36.98
C ASP B 242 -19.69 -45.88 -37.34
N ILE B 243 -19.39 -44.75 -37.97
CA ILE B 243 -18.03 -44.26 -37.96
C ILE B 243 -17.92 -43.13 -36.92
N SER B 244 -17.02 -43.29 -35.95
CA SER B 244 -17.05 -42.38 -34.80
C SER B 244 -15.68 -41.84 -34.39
N LEU B 245 -15.68 -40.67 -33.76
CA LEU B 245 -14.48 -40.02 -33.24
C LEU B 245 -14.69 -39.88 -31.76
N SER B 246 -13.66 -40.09 -30.97
CA SER B 246 -13.82 -39.87 -29.53
C SER B 246 -12.72 -38.94 -29.02
N GLU B 247 -12.87 -38.58 -27.75
CA GLU B 247 -11.98 -37.64 -27.12
C GLU B 247 -12.06 -36.35 -27.87
N CYS B 248 -13.28 -35.96 -28.20
CA CYS B 248 -13.52 -34.69 -28.89
C CYS B 248 -13.45 -33.46 -27.98
N ALA B 249 -12.94 -32.39 -28.55
CA ALA B 249 -12.95 -31.10 -27.90
C ALA B 249 -14.42 -30.73 -27.77
N ALA B 250 -14.79 -29.95 -26.75
CA ALA B 250 -16.20 -29.57 -26.60
C ALA B 250 -16.82 -28.78 -27.77
N LEU B 251 -16.07 -27.85 -28.37
CA LEU B 251 -16.60 -27.07 -29.49
C LEU B 251 -16.25 -27.61 -30.87
N ALA B 252 -15.61 -28.76 -30.93
CA ALA B 252 -15.23 -29.39 -32.23
C ALA B 252 -16.42 -29.82 -33.10
N LYS B 253 -16.31 -29.53 -34.38
CA LYS B 253 -17.36 -29.82 -35.34
C LYS B 253 -16.73 -30.48 -36.56
N PRO B 254 -16.29 -31.79 -36.42
CA PRO B 254 -15.62 -32.32 -37.62
C PRO B 254 -16.56 -32.78 -38.72
N GLU B 255 -16.06 -32.76 -39.93
CA GLU B 255 -16.79 -33.29 -41.08
C GLU B 255 -16.13 -34.56 -41.62
N ILE B 256 -16.92 -35.43 -42.23
CA ILE B 256 -16.40 -36.62 -42.92
C ILE B 256 -16.75 -36.65 -44.44
N ALA B 257 -15.77 -37.00 -45.26
CA ALA B 257 -15.99 -37.18 -46.70
C ALA B 257 -15.55 -38.58 -47.18
N PHE B 258 -16.20 -39.09 -48.21
CA PHE B 258 -15.84 -40.43 -48.72
C PHE B 258 -15.46 -40.45 -50.20
N ARG B 259 -14.61 -41.40 -50.54
CA ARG B 259 -14.28 -41.73 -51.92
C ARG B 259 -14.26 -43.26 -52.11
N ASP B 260 -14.60 -43.70 -53.32
CA ASP B 260 -14.51 -45.11 -53.72
C ASP B 260 -13.00 -45.43 -53.90
N LYS B 261 -12.49 -46.47 -53.22
CA LYS B 261 -11.06 -46.76 -53.34
C LYS B 261 -10.67 -47.13 -54.78
N TYR B 262 -11.51 -47.97 -55.37
CA TYR B 262 -11.31 -48.49 -56.72
C TYR B 262 -11.50 -47.48 -57.86
N VAL B 263 -12.42 -46.55 -57.70
CA VAL B 263 -12.70 -45.55 -58.75
C VAL B 263 -12.02 -44.21 -58.45
N SER B 264 -11.23 -43.73 -59.40
CA SER B 264 -10.45 -42.51 -59.24
C SER B 264 -11.06 -41.30 -59.94
N ALA B 265 -12.21 -41.47 -60.59
CA ALA B 265 -12.84 -40.37 -61.34
C ALA B 265 -14.29 -40.17 -60.94
N GLN B 266 -14.84 -39.00 -61.29
CA GLN B 266 -16.22 -38.69 -60.95
C GLN B 266 -17.13 -39.75 -61.54
N GLN B 267 -18.08 -40.22 -60.75
CA GLN B 267 -18.97 -41.29 -61.18
C GLN B 267 -20.33 -40.80 -61.64
N ALA B 268 -20.75 -41.33 -62.79
CA ALA B 268 -22.05 -40.99 -63.33
C ALA B 268 -23.07 -41.04 -62.16
N ASP B 269 -22.94 -42.00 -61.24
CA ASP B 269 -23.76 -42.06 -60.04
C ASP B 269 -22.88 -42.32 -58.84
N PRO B 270 -22.52 -41.26 -58.08
CA PRO B 270 -21.63 -41.58 -56.97
C PRO B 270 -22.31 -42.22 -55.75
N THR B 271 -23.62 -42.36 -55.77
CA THR B 271 -24.28 -43.10 -54.67
C THR B 271 -23.90 -44.56 -54.67
N ILE B 272 -23.53 -45.10 -55.84
CA ILE B 272 -23.20 -46.53 -55.91
C ILE B 272 -21.71 -46.73 -55.66
N LEU B 273 -21.40 -47.48 -54.61
CA LEU B 273 -20.02 -47.88 -54.36
C LEU B 273 -19.71 -49.18 -55.12
N SER B 274 -18.64 -49.14 -55.90
CA SER B 274 -18.30 -50.29 -56.74
C SER B 274 -17.74 -51.49 -55.93
N LEU B 275 -18.01 -52.71 -56.44
CA LEU B 275 -17.37 -53.97 -56.00
C LEU B 275 -15.96 -54.13 -56.61
N LYS B 276 -15.05 -54.77 -55.88
CA LYS B 276 -13.76 -55.16 -56.42
C LYS B 276 -14.00 -56.15 -57.57
N SER B 277 -13.22 -56.01 -58.63
CA SER B 277 -13.43 -56.81 -59.86
C SER B 277 -12.99 -58.26 -59.66
N GLY B 278 -13.52 -59.14 -60.49
CA GLY B 278 -13.24 -60.56 -60.42
C GLY B 278 -14.16 -61.37 -59.52
N GLY B 279 -15.22 -60.73 -59.04
CA GLY B 279 -16.20 -61.42 -58.20
C GLY B 279 -17.59 -61.41 -58.83
N ALA B 280 -18.55 -60.88 -58.08
CA ALA B 280 -19.92 -60.76 -58.57
C ALA B 280 -20.02 -59.68 -59.63
N ALA B 281 -21.13 -59.68 -60.37
CA ALA B 281 -21.32 -58.70 -61.43
C ALA B 281 -22.73 -58.14 -61.46
N GLY B 282 -22.86 -56.90 -61.89
CA GLY B 282 -24.16 -56.20 -61.92
C GLY B 282 -24.69 -55.79 -60.54
N PHE B 283 -23.78 -55.66 -59.59
CA PHE B 283 -24.13 -55.18 -58.27
C PHE B 283 -23.23 -54.05 -57.76
N GLY B 284 -23.72 -53.40 -56.71
CA GLY B 284 -22.99 -52.38 -55.97
C GLY B 284 -23.47 -52.32 -54.53
N ILE B 285 -22.91 -51.35 -53.82
CA ILE B 285 -23.21 -51.08 -52.41
C ILE B 285 -23.75 -49.64 -52.24
N VAL B 286 -24.74 -49.51 -51.37
CA VAL B 286 -25.30 -48.21 -51.04
C VAL B 286 -25.25 -48.00 -49.52
N VAL B 287 -24.84 -46.81 -49.10
CA VAL B 287 -24.76 -46.47 -47.68
C VAL B 287 -25.63 -45.28 -47.44
N LYS B 288 -26.48 -45.44 -46.43
CA LYS B 288 -27.45 -44.42 -46.09
C LYS B 288 -27.06 -43.71 -44.80
N ASN B 289 -26.96 -42.36 -44.90
CA ASN B 289 -26.66 -41.46 -43.78
C ASN B 289 -27.86 -41.39 -42.86
N GLY B 290 -27.65 -41.69 -41.58
CA GLY B 290 -28.75 -41.84 -40.59
C GLY B 290 -29.44 -40.52 -40.25
N LEU B 291 -28.64 -39.48 -40.13
CA LEU B 291 -29.11 -38.16 -39.83
C LEU B 291 -29.83 -37.57 -41.03
N ASP B 292 -29.12 -37.55 -42.13
CA ASP B 292 -29.51 -37.06 -43.45
C ASP B 292 -30.69 -37.84 -44.06
N GLN B 293 -30.70 -39.14 -43.82
CA GLN B 293 -31.59 -40.06 -44.53
C GLN B 293 -31.28 -40.10 -46.04
N GLN B 294 -30.08 -39.78 -46.41
CA GLN B 294 -29.73 -39.80 -47.80
C GLN B 294 -28.54 -40.69 -48.02
N ARG B 295 -28.44 -41.21 -49.23
CA ARG B 295 -27.35 -42.10 -49.57
C ARG B 295 -26.09 -41.29 -49.75
N ILE B 296 -25.03 -41.76 -49.14
CA ILE B 296 -23.72 -41.12 -49.21
C ILE B 296 -23.25 -41.04 -50.64
N ARG B 297 -22.67 -39.92 -51.03
CA ARG B 297 -22.03 -39.84 -52.35
C ARG B 297 -20.55 -40.04 -52.14
N PHE B 298 -19.95 -40.91 -52.94
CA PHE B 298 -18.54 -41.20 -52.78
C PHE B 298 -17.72 -40.38 -53.73
N ASP B 299 -18.19 -39.16 -53.96
CA ASP B 299 -17.49 -38.20 -54.79
C ASP B 299 -16.75 -37.23 -53.91
N GLY B 300 -16.75 -37.51 -52.63
CA GLY B 300 -15.98 -36.73 -51.67
C GLY B 300 -16.66 -35.55 -50.99
N THR B 301 -17.97 -35.41 -51.16
CA THR B 301 -18.71 -34.34 -50.51
C THR B 301 -18.58 -34.43 -48.99
N PRO B 302 -18.27 -33.26 -48.31
CA PRO B 302 -18.17 -33.45 -46.85
C PRO B 302 -19.52 -33.59 -46.16
N TYR B 303 -19.56 -34.37 -45.09
CA TYR B 303 -20.78 -34.58 -44.34
C TYR B 303 -20.65 -34.13 -42.88
N PRO B 304 -21.64 -33.29 -42.39
CA PRO B 304 -21.49 -32.99 -40.96
C PRO B 304 -21.73 -34.20 -40.06
N MET B 305 -21.08 -34.20 -38.92
CA MET B 305 -21.13 -35.31 -37.97
C MET B 305 -21.88 -34.93 -36.70
N ARG B 306 -22.72 -35.83 -36.24
CA ARG B 306 -23.47 -35.63 -35.01
C ARG B 306 -22.53 -35.58 -33.80
N ARG B 307 -22.85 -34.76 -32.81
CA ARG B 307 -22.06 -34.70 -31.58
C ARG B 307 -22.82 -35.20 -30.37
N VAL B 308 -22.31 -36.23 -29.73
CA VAL B 308 -22.93 -36.76 -28.52
C VAL B 308 -21.83 -36.84 -27.49
N GLY B 309 -22.10 -36.44 -26.26
CA GLY B 309 -21.05 -36.42 -25.26
C GLY B 309 -19.70 -36.03 -25.84
N ASP B 310 -18.69 -36.85 -25.57
CA ASP B 310 -17.30 -36.59 -25.90
C ASP B 310 -16.86 -37.02 -27.29
N SER B 311 -17.81 -37.42 -28.10
CA SER B 311 -17.53 -37.98 -29.42
C SER B 311 -18.42 -37.42 -30.55
N ALA B 312 -17.98 -37.72 -31.75
CA ALA B 312 -18.65 -37.32 -32.94
C ALA B 312 -18.85 -38.57 -33.79
N ASP B 313 -20.02 -38.73 -34.40
CA ASP B 313 -20.23 -39.93 -35.20
C ASP B 313 -21.18 -39.72 -36.35
N LEU B 314 -21.05 -40.54 -37.38
CA LEU B 314 -21.97 -40.54 -38.48
C LEU B 314 -22.57 -41.91 -38.54
N PRO B 315 -23.84 -42.09 -38.07
CA PRO B 315 -24.40 -43.44 -38.21
C PRO B 315 -24.83 -43.83 -39.65
N LEU B 316 -24.49 -45.05 -40.05
CA LEU B 316 -24.69 -45.52 -41.40
C LEU B 316 -25.26 -46.95 -41.44
N SER B 317 -25.93 -47.25 -42.55
CA SER B 317 -26.40 -48.62 -42.82
C SER B 317 -26.05 -48.92 -44.26
N ALA B 318 -25.54 -50.12 -44.49
CA ALA B 318 -25.09 -50.53 -45.82
C ALA B 318 -25.89 -51.72 -46.33
N ALA B 319 -26.03 -51.77 -47.64
CA ALA B 319 -26.74 -52.85 -48.33
C ALA B 319 -26.30 -52.99 -49.80
N TYR B 320 -26.55 -54.18 -50.34
CA TYR B 320 -26.24 -54.50 -51.74
C TYR B 320 -27.35 -53.94 -52.61
N ILE B 321 -26.98 -53.40 -53.76
CA ILE B 321 -27.95 -52.85 -54.69
C ILE B 321 -27.78 -53.49 -56.06
N ARG B 322 -28.88 -53.87 -56.68
CA ARG B 322 -28.80 -54.49 -57.99
C ARG B 322 -28.78 -53.40 -59.06
N ILE B 323 -27.65 -53.26 -59.72
CA ILE B 323 -27.47 -52.27 -60.76
C ILE B 323 -27.61 -52.83 -62.16
N GLY B 324 -27.85 -54.14 -62.28
CA GLY B 324 -27.73 -54.77 -63.57
C GLY B 324 -28.93 -55.51 -64.16
N ALA B 325 -28.90 -55.60 -65.49
CA ALA B 325 -29.89 -56.37 -66.26
C ALA B 325 -29.64 -57.86 -66.08
N GLU B 326 -30.64 -58.67 -66.43
CA GLU B 326 -30.60 -60.10 -66.15
C GLU B 326 -29.39 -60.79 -66.79
N GLY B 327 -29.10 -60.41 -68.02
CA GLY B 327 -27.93 -60.94 -68.71
C GLY B 327 -26.65 -60.56 -67.97
N GLU B 328 -26.62 -59.33 -67.49
CA GLU B 328 -25.46 -58.78 -66.78
C GLU B 328 -25.13 -59.48 -65.48
N LEU B 329 -26.16 -59.86 -64.73
CA LEU B 329 -25.97 -60.38 -63.37
C LEU B 329 -25.15 -61.65 -63.32
N LYS B 330 -24.30 -61.73 -62.29
CA LYS B 330 -23.47 -62.89 -62.02
C LYS B 330 -23.28 -63.09 -60.50
N ALA B 331 -23.26 -64.33 -60.04
CA ALA B 331 -23.01 -64.64 -58.63
C ALA B 331 -21.51 -64.57 -58.31
N GLY B 332 -21.15 -64.48 -57.04
CA GLY B 332 -19.73 -64.35 -56.64
C GLY B 332 -19.44 -63.50 -55.40
N VAL B 333 -18.15 -63.27 -55.18
CA VAL B 333 -17.65 -62.43 -54.07
C VAL B 333 -18.05 -60.96 -54.29
N ALA B 334 -18.53 -60.30 -53.23
CA ALA B 334 -18.99 -58.94 -53.38
C ALA B 334 -18.35 -58.05 -52.32
N ASP B 335 -17.13 -57.63 -52.61
CA ASP B 335 -16.35 -56.84 -51.64
C ASP B 335 -16.06 -55.46 -52.19
N GLY B 336 -16.24 -54.44 -51.34
CA GLY B 336 -16.00 -53.02 -51.71
C GLY B 336 -15.26 -52.28 -50.62
N ALA B 337 -14.51 -51.28 -51.06
CA ALA B 337 -13.74 -50.44 -50.13
C ALA B 337 -14.03 -48.94 -50.30
N ALA B 338 -14.34 -48.27 -49.18
CA ALA B 338 -14.50 -46.81 -49.15
C ALA B 338 -13.51 -46.13 -48.19
N GLU B 339 -12.81 -45.13 -48.71
CA GLU B 339 -11.89 -44.35 -47.89
C GLU B 339 -12.50 -43.01 -47.45
N PHE B 340 -12.46 -42.79 -46.14
CA PHE B 340 -13.02 -41.58 -45.57
C PHE B 340 -11.99 -40.63 -44.96
N THR B 341 -12.21 -39.33 -45.19
CA THR B 341 -11.35 -38.26 -44.67
C THR B 341 -12.09 -37.32 -43.73
N PHE B 342 -11.49 -37.09 -42.56
CA PHE B 342 -12.00 -36.16 -41.54
C PHE B 342 -11.37 -34.77 -41.70
N THR B 343 -12.17 -33.71 -41.60
CA THR B 343 -11.65 -32.31 -41.57
C THR B 343 -12.37 -31.42 -40.53
N PHE B 344 -11.66 -30.42 -40.03
CA PHE B 344 -12.21 -29.51 -39.03
C PHE B 344 -12.41 -28.12 -39.61
N ASP B 351 -7.17 -39.84 -42.71
CA ASP B 351 -7.73 -40.94 -43.51
C ASP B 351 -8.03 -42.21 -42.72
N GLY B 352 -9.02 -42.91 -43.18
CA GLY B 352 -9.47 -44.22 -42.62
C GLY B 352 -10.10 -44.98 -43.76
N ILE B 353 -10.37 -46.27 -43.56
CA ILE B 353 -10.97 -47.13 -44.60
C ILE B 353 -12.01 -48.08 -44.01
N VAL B 354 -13.12 -48.18 -44.73
CA VAL B 354 -14.21 -49.11 -44.41
C VAL B 354 -14.26 -50.23 -45.47
N ASN B 355 -14.27 -51.47 -45.01
CA ASN B 355 -14.29 -52.62 -45.91
C ASN B 355 -15.60 -53.32 -45.85
N PHE B 356 -16.21 -53.46 -47.03
CA PHE B 356 -17.43 -54.22 -47.13
C PHE B 356 -17.15 -55.57 -47.76
N SER B 357 -17.67 -56.61 -47.13
CA SER B 357 -17.46 -57.97 -47.58
C SER B 357 -18.79 -58.72 -47.56
N GLY B 358 -19.00 -59.51 -48.60
CA GLY B 358 -20.19 -60.40 -48.66
C GLY B 358 -20.29 -61.16 -49.96
N ASN B 359 -21.39 -61.87 -50.10
CA ASN B 359 -21.56 -62.76 -51.25
C ASN B 359 -22.90 -62.71 -51.92
N ILE B 360 -22.84 -62.81 -53.24
CA ILE B 360 -24.02 -62.96 -54.06
C ILE B 360 -24.12 -64.47 -54.47
N THR B 361 -24.93 -65.19 -53.72
CA THR B 361 -25.20 -66.61 -53.86
C THR B 361 -26.44 -66.90 -54.69
N GLU B 362 -26.62 -68.13 -55.17
CA GLU B 362 -27.78 -68.51 -55.97
C GLU B 362 -28.84 -69.28 -55.20
N GLU C 5 -23.66 -40.69 -86.38
CA GLU C 5 -22.80 -41.91 -86.27
C GLU C 5 -22.14 -42.07 -84.88
N VAL C 6 -20.82 -42.24 -84.83
CA VAL C 6 -20.10 -42.50 -83.58
C VAL C 6 -18.95 -41.52 -83.37
N ALA C 7 -18.82 -41.07 -82.12
CA ALA C 7 -17.77 -40.12 -81.78
C ALA C 7 -16.95 -40.58 -80.57
N LEU C 8 -15.64 -40.74 -80.78
CA LEU C 8 -14.74 -41.15 -79.72
C LEU C 8 -13.70 -40.06 -79.49
N ASN C 9 -12.98 -40.13 -78.37
CA ASN C 9 -11.98 -39.12 -78.07
C ASN C 9 -12.62 -37.76 -77.83
N CYS C 10 -13.72 -37.77 -77.09
CA CYS C 10 -14.47 -36.54 -76.77
C CYS C 10 -13.59 -35.56 -75.97
N SER C 11 -13.65 -34.27 -76.33
CA SER C 11 -12.84 -33.24 -75.66
C SER C 11 -13.48 -31.83 -75.66
N PHE C 12 -13.14 -31.02 -74.67
CA PHE C 12 -13.69 -29.66 -74.49
C PHE C 12 -12.56 -28.64 -74.52
N ASP C 13 -12.68 -27.63 -75.36
CA ASP C 13 -11.56 -26.68 -75.53
C ASP C 13 -12.01 -25.23 -75.64
N ASN C 14 -11.18 -24.32 -75.14
CA ASN C 14 -11.49 -22.88 -75.12
C ASN C 14 -11.69 -22.20 -76.48
N GLY C 15 -12.61 -21.28 -76.57
CA GLY C 15 -12.68 -20.37 -77.69
C GLY C 15 -11.97 -19.14 -77.22
N LYS C 16 -12.58 -18.00 -77.47
CA LYS C 16 -12.08 -16.75 -76.93
C LYS C 16 -13.00 -16.26 -75.82
N LEU C 18 -14.65 -14.13 -73.76
CA LEU C 18 -15.44 -12.91 -73.60
C LEU C 18 -15.25 -12.23 -72.21
N PRO C 19 -15.60 -10.93 -72.09
CA PRO C 19 -15.47 -10.39 -70.74
C PRO C 19 -16.82 -10.49 -70.02
N TRP C 20 -16.80 -10.42 -68.69
CA TRP C 20 -18.01 -10.40 -67.90
C TRP C 20 -18.70 -9.06 -68.17
N ARG C 21 -20.02 -9.05 -67.99
CA ARG C 21 -20.83 -7.86 -68.22
C ARG C 21 -21.74 -7.62 -67.02
N VAL C 22 -22.10 -6.37 -66.77
CA VAL C 22 -22.95 -6.05 -65.65
C VAL C 22 -24.41 -6.11 -66.07
N VAL C 23 -25.08 -7.19 -65.71
CA VAL C 23 -26.51 -7.34 -65.97
C VAL C 23 -27.30 -6.32 -65.14
N ASN C 24 -26.88 -6.14 -63.89
CA ASN C 24 -27.52 -5.20 -62.98
C ASN C 24 -26.50 -4.48 -62.11
N GLU C 25 -26.78 -3.21 -61.83
CA GLU C 25 -25.95 -2.42 -60.92
C GLU C 25 -26.20 -2.81 -59.48
N LEU C 26 -25.15 -2.76 -58.65
CA LEU C 26 -25.27 -3.10 -57.25
C LEU C 26 -25.41 -1.81 -56.42
N THR C 27 -26.54 -1.69 -55.75
CA THR C 27 -26.90 -0.51 -54.97
C THR C 27 -27.63 -1.01 -53.74
N SER C 28 -27.78 -0.18 -52.71
CA SER C 28 -28.38 -0.71 -51.46
C SER C 28 -29.81 -1.09 -51.76
N GLY C 29 -30.28 -0.61 -52.89
CA GLY C 29 -31.63 -0.92 -53.34
C GLY C 29 -31.76 -2.21 -54.10
N THR C 30 -30.66 -2.87 -54.40
CA THR C 30 -30.72 -4.13 -55.11
C THR C 30 -31.40 -5.23 -54.32
N ALA C 31 -32.32 -5.90 -54.98
CA ALA C 31 -33.08 -6.96 -54.36
C ALA C 31 -32.35 -8.30 -54.43
N LYS C 32 -32.75 -9.21 -53.56
CA LYS C 32 -32.10 -10.52 -53.52
C LYS C 32 -32.52 -11.31 -54.76
N GLY C 33 -31.59 -12.11 -55.23
CA GLY C 33 -31.82 -12.89 -56.45
C GLY C 33 -31.51 -12.12 -57.71
N THR C 34 -31.04 -10.89 -57.60
CA THR C 34 -30.70 -10.08 -58.76
C THR C 34 -29.39 -10.58 -59.38
N VAL C 35 -29.32 -10.58 -60.71
CA VAL C 35 -28.11 -11.02 -61.39
C VAL C 35 -27.19 -9.83 -61.58
N LEU C 36 -26.01 -9.89 -60.98
CA LEU C 36 -25.10 -8.75 -61.02
C LEU C 36 -24.26 -8.80 -62.28
N PHE C 37 -23.69 -9.98 -62.55
CA PHE C 37 -22.82 -10.21 -63.70
C PHE C 37 -23.19 -11.49 -64.43
N ALA C 38 -23.17 -11.43 -65.76
CA ALA C 38 -23.45 -12.60 -66.56
C ALA C 38 -22.47 -12.70 -67.68
N ARG C 39 -22.13 -13.93 -68.05
CA ARG C 39 -21.24 -14.10 -69.19
C ARG C 39 -21.66 -15.24 -70.11
N PRO C 40 -21.62 -15.00 -71.45
CA PRO C 40 -21.85 -16.16 -72.30
C PRO C 40 -20.53 -16.84 -72.61
N VAL C 41 -20.56 -18.17 -72.64
CA VAL C 41 -19.35 -18.94 -72.92
C VAL C 41 -19.61 -19.96 -74.00
N SER C 42 -18.86 -19.89 -75.10
CA SER C 42 -18.88 -21.00 -76.06
C SER C 42 -17.62 -21.87 -75.96
N LEU C 43 -17.87 -23.15 -75.78
CA LEU C 43 -16.82 -24.14 -75.76
C LEU C 43 -16.77 -24.96 -77.07
N PHE C 44 -15.56 -25.21 -77.56
CA PHE C 44 -15.36 -26.12 -78.70
C PHE C 44 -15.38 -27.58 -78.24
N LEU C 45 -16.25 -28.35 -78.87
CA LEU C 45 -16.32 -29.77 -78.58
C LEU C 45 -15.69 -30.59 -79.73
N ASN C 46 -14.70 -31.42 -79.43
CA ASN C 46 -14.05 -32.22 -80.47
C ASN C 46 -13.96 -33.72 -80.15
N TYR C 47 -14.22 -34.52 -81.17
CA TYR C 47 -14.16 -35.98 -81.08
C TYR C 47 -13.72 -36.60 -82.39
N LYS C 48 -13.47 -37.91 -82.39
CA LYS C 48 -13.08 -38.63 -83.61
C LYS C 48 -14.27 -39.39 -84.08
N PRO C 49 -14.70 -39.05 -85.35
CA PRO C 49 -15.91 -39.76 -85.78
C PRO C 49 -15.71 -41.22 -86.20
N ALA C 51 -17.95 -44.10 -87.44
CA ALA C 51 -18.02 -45.10 -88.51
C ALA C 51 -18.71 -46.31 -87.99
N SER C 52 -20.04 -46.34 -88.08
CA SER C 52 -20.77 -47.48 -87.56
C SER C 52 -22.09 -47.71 -88.24
N GLN C 53 -22.57 -48.93 -88.13
CA GLN C 53 -23.82 -49.33 -88.72
C GLN C 53 -25.05 -48.64 -88.17
N ALA C 55 -27.14 -45.70 -85.98
CA ALA C 55 -27.17 -44.21 -85.76
C ALA C 55 -26.70 -43.80 -84.34
N HIS C 56 -25.92 -42.71 -84.23
CA HIS C 56 -25.43 -42.25 -82.92
C HIS C 56 -25.55 -40.77 -82.67
N GLU C 57 -25.57 -40.43 -81.38
CA GLU C 57 -25.70 -39.06 -80.94
C GLU C 57 -24.72 -38.69 -79.83
N LEU C 58 -24.28 -37.43 -79.87
CA LEU C 58 -23.48 -36.87 -78.81
C LEU C 58 -24.40 -36.04 -77.87
N VAL C 59 -24.54 -36.51 -76.64
CA VAL C 59 -25.41 -35.86 -75.65
C VAL C 59 -24.56 -35.09 -74.65
N ILE C 60 -24.89 -33.81 -74.43
CA ILE C 60 -24.16 -32.92 -73.51
C ILE C 60 -24.91 -32.84 -72.18
N GLY C 61 -24.27 -33.35 -71.14
CA GLY C 61 -24.87 -33.41 -69.82
C GLY C 61 -24.09 -32.61 -68.82
N GLY C 62 -24.74 -32.31 -67.71
CA GLY C 62 -24.06 -31.54 -66.64
C GLY C 62 -24.63 -31.77 -65.27
N ASN C 63 -23.78 -31.62 -64.27
CA ASN C 63 -24.22 -31.66 -62.88
C ASN C 63 -23.16 -31.06 -61.95
N TRP C 64 -23.57 -30.65 -60.76
CA TRP C 64 -22.63 -30.15 -59.76
C TRP C 64 -22.51 -31.25 -58.77
N SER C 65 -21.27 -31.57 -58.42
CA SER C 65 -21.00 -32.53 -57.36
C SER C 65 -20.16 -31.86 -56.29
N GLY C 66 -20.08 -32.50 -55.12
CA GLY C 66 -19.31 -31.93 -54.02
C GLY C 66 -20.15 -31.14 -53.05
N VAL C 67 -21.42 -30.92 -53.39
CA VAL C 67 -22.45 -30.30 -52.56
C VAL C 67 -23.72 -31.11 -52.67
N GLY C 68 -24.38 -31.40 -51.56
CA GLY C 68 -25.64 -32.16 -51.61
C GLY C 68 -26.81 -31.43 -52.27
N TYR C 69 -26.95 -30.13 -52.01
CA TYR C 69 -28.09 -29.34 -52.53
C TYR C 69 -27.71 -27.97 -53.03
N PRO C 70 -28.53 -27.36 -53.92
CA PRO C 70 -28.16 -26.01 -54.31
C PRO C 70 -28.39 -24.96 -53.23
N GLY C 71 -27.74 -23.82 -53.41
CA GLY C 71 -27.92 -22.66 -52.55
C GLY C 71 -29.13 -21.84 -53.00
N PRO C 72 -29.37 -20.67 -52.38
CA PRO C 72 -30.44 -19.80 -52.86
C PRO C 72 -30.39 -19.43 -54.34
N TYR C 73 -31.56 -19.36 -54.96
CA TYR C 73 -31.69 -19.03 -56.38
C TYR C 73 -30.92 -20.01 -57.29
N GLY C 74 -30.88 -21.26 -56.88
CA GLY C 74 -30.26 -22.31 -57.66
C GLY C 74 -28.76 -22.12 -57.91
N THR C 75 -28.07 -21.63 -56.89
CA THR C 75 -26.66 -21.33 -57.05
C THR C 75 -25.79 -22.18 -56.15
N VAL C 76 -24.51 -22.18 -56.49
CA VAL C 76 -23.49 -22.72 -55.62
C VAL C 76 -22.72 -21.52 -55.07
N ALA C 77 -22.41 -21.59 -53.78
CA ALA C 77 -21.64 -20.51 -53.15
C ALA C 77 -20.32 -20.18 -53.86
N SER C 78 -20.07 -18.88 -54.10
CA SER C 78 -18.72 -18.35 -54.46
C SER C 78 -17.86 -18.18 -53.23
N ASP C 79 -16.64 -17.74 -53.46
CA ASP C 79 -15.71 -17.45 -52.35
C ASP C 79 -16.02 -16.10 -51.66
N VAL C 80 -16.83 -15.28 -52.32
CA VAL C 80 -17.37 -14.07 -51.74
C VAL C 80 -18.73 -14.44 -51.13
N LYS C 81 -18.87 -14.35 -49.82
CA LYS C 81 -20.14 -14.65 -49.16
C LYS C 81 -21.26 -13.70 -49.60
N GLY C 82 -22.47 -14.21 -49.75
CA GLY C 82 -23.57 -13.46 -50.37
C GLY C 82 -23.59 -13.31 -51.91
N ILE C 83 -22.54 -13.72 -52.61
CA ILE C 83 -22.63 -13.83 -54.08
C ILE C 83 -22.61 -15.30 -54.58
N GLY C 84 -23.54 -15.69 -55.42
CA GLY C 84 -23.73 -17.12 -55.78
C GLY C 84 -23.46 -17.37 -57.23
N TYR C 85 -23.03 -18.58 -57.56
CA TYR C 85 -22.67 -18.90 -58.94
C TYR C 85 -23.68 -19.83 -59.59
N ARG C 86 -24.11 -19.50 -60.79
CA ARG C 86 -25.07 -20.28 -61.53
C ARG C 86 -24.61 -20.39 -62.97
N ILE C 87 -24.55 -21.61 -63.50
CA ILE C 87 -24.20 -21.79 -64.91
C ILE C 87 -25.32 -22.54 -65.63
N SER C 88 -25.69 -22.03 -66.78
CA SER C 88 -26.75 -22.64 -67.60
C SER C 88 -26.28 -23.04 -69.00
N VAL C 89 -26.91 -24.07 -69.59
CA VAL C 89 -26.58 -24.46 -70.97
C VAL C 89 -27.54 -23.82 -71.98
N ASP C 90 -26.96 -23.23 -73.02
CA ASP C 90 -27.67 -22.78 -74.23
C ASP C 90 -27.84 -23.92 -75.22
N ALA C 91 -29.00 -24.55 -75.18
CA ALA C 91 -29.34 -25.69 -76.08
C ALA C 91 -29.53 -25.23 -77.52
N GLN C 92 -29.19 -26.09 -78.49
CA GLN C 92 -29.48 -25.83 -79.89
C GLN C 92 -30.99 -25.85 -80.01
N ASP C 93 -31.59 -26.65 -79.13
CA ASP C 93 -33.02 -26.71 -78.97
C ASP C 93 -33.50 -25.25 -78.88
N VAL C 95 -33.47 -22.59 -75.95
CA VAL C 95 -33.83 -23.02 -74.60
C VAL C 95 -32.65 -23.17 -73.66
N LYS C 96 -32.62 -22.35 -72.61
CA LYS C 96 -31.56 -22.39 -71.62
C LYS C 96 -31.93 -23.26 -70.45
N ARG C 97 -31.02 -24.15 -70.09
CA ARG C 97 -31.26 -25.05 -68.98
C ARG C 97 -30.21 -24.87 -67.94
N VAL C 98 -30.61 -24.78 -66.70
CA VAL C 98 -29.64 -24.63 -65.60
C VAL C 98 -28.89 -25.94 -65.36
N ILE C 99 -27.60 -25.91 -65.14
CA ILE C 99 -26.91 -27.13 -64.73
C ILE C 99 -27.24 -27.38 -63.26
N PRO C 100 -27.84 -28.55 -62.93
CA PRO C 100 -28.28 -28.70 -61.55
C PRO C 100 -27.23 -29.21 -60.59
N VAL C 101 -27.57 -29.10 -59.32
CA VAL C 101 -26.83 -29.76 -58.28
C VAL C 101 -27.54 -31.08 -58.06
N ASP C 102 -26.98 -32.15 -58.59
CA ASP C 102 -27.60 -33.48 -58.53
C ASP C 102 -26.50 -34.52 -58.53
N ASN C 103 -26.83 -35.71 -58.03
CA ASN C 103 -25.85 -36.77 -57.95
C ASN C 103 -25.54 -37.34 -59.34
N GLN C 104 -26.49 -37.26 -60.26
CA GLN C 104 -26.28 -37.73 -61.65
C GLN C 104 -26.26 -36.62 -62.63
N PRO C 105 -25.54 -36.77 -63.73
CA PRO C 105 -25.70 -35.71 -64.71
C PRO C 105 -27.07 -35.72 -65.35
N HIS C 106 -27.47 -34.55 -65.84
CA HIS C 106 -28.71 -34.41 -66.61
C HIS C 106 -28.41 -34.13 -68.08
N ALA C 107 -29.27 -34.66 -68.94
CA ALA C 107 -29.14 -34.43 -70.39
C ALA C 107 -29.69 -33.05 -70.73
N LEU C 108 -28.80 -32.15 -71.10
CA LEU C 108 -29.24 -30.76 -71.31
C LEU C 108 -29.26 -30.29 -72.75
N ASP C 109 -28.59 -31.03 -73.59
CA ASP C 109 -28.47 -30.73 -75.00
C ASP C 109 -28.09 -32.01 -75.74
N LYS C 110 -28.34 -32.06 -77.04
CA LYS C 110 -27.95 -33.22 -77.86
C LYS C 110 -27.33 -32.82 -79.19
N ARG C 111 -26.31 -33.55 -79.60
CA ARG C 111 -25.71 -33.34 -80.93
C ARG C 111 -25.73 -34.61 -81.76
N VAL C 112 -25.98 -34.42 -83.05
CA VAL C 112 -25.92 -35.53 -83.99
C VAL C 112 -24.53 -35.56 -84.64
N THR C 113 -23.93 -36.75 -84.61
CA THR C 113 -22.54 -36.93 -85.05
C THR C 113 -22.34 -36.56 -86.53
N SER C 114 -21.21 -35.89 -86.78
CA SER C 114 -20.80 -35.49 -88.13
C SER C 114 -19.35 -35.92 -88.37
N PHE C 115 -18.96 -35.94 -89.64
CA PHE C 115 -17.60 -36.33 -90.01
C PHE C 115 -16.61 -35.26 -89.54
N SER C 116 -17.14 -34.05 -89.33
CA SER C 116 -16.35 -32.86 -88.98
C SER C 116 -15.52 -33.08 -87.71
N GLY C 117 -16.10 -33.78 -86.75
CA GLY C 117 -15.47 -34.07 -85.47
C GLY C 117 -15.38 -32.83 -84.60
N SER C 118 -16.23 -31.86 -84.94
CA SER C 118 -16.21 -30.53 -84.37
C SER C 118 -17.64 -30.01 -84.22
N THR C 119 -17.92 -29.45 -83.05
CA THR C 119 -19.22 -28.87 -82.68
C THR C 119 -19.00 -27.85 -81.55
N THR C 120 -20.05 -27.15 -81.15
CA THR C 120 -19.94 -26.18 -80.04
C THR C 120 -20.92 -26.44 -78.90
N SER C 121 -20.49 -26.09 -77.69
CA SER C 121 -21.28 -26.19 -76.48
C SER C 121 -21.44 -24.80 -75.93
N ASP C 122 -22.67 -24.39 -75.64
CA ASP C 122 -22.94 -23.02 -75.22
C ASP C 122 -23.56 -22.90 -73.82
N TYR C 123 -22.98 -22.02 -73.02
CA TYR C 123 -23.41 -21.80 -71.65
C TYR C 123 -23.54 -20.33 -71.34
N LEU C 124 -24.38 -20.04 -70.36
CA LEU C 124 -24.45 -18.71 -69.76
C LEU C 124 -23.97 -18.77 -68.30
N GLN C 125 -23.07 -17.88 -67.92
CA GLN C 125 -22.58 -17.82 -66.54
C GLN C 125 -23.23 -16.64 -65.84
N GLU C 126 -23.69 -16.86 -64.62
CA GLU C 126 -24.34 -15.80 -63.83
C GLU C 126 -23.83 -15.69 -62.39
N LEU C 127 -23.54 -14.47 -61.97
CA LEU C 127 -23.24 -14.14 -60.57
C LEU C 127 -24.49 -13.50 -59.95
N VAL C 128 -25.00 -14.09 -58.88
CA VAL C 128 -26.30 -13.66 -58.31
C VAL C 128 -26.17 -13.22 -56.87
N LEU C 129 -26.92 -12.20 -56.47
CA LEU C 129 -26.89 -11.73 -55.08
C LEU C 129 -27.85 -12.56 -54.24
N THR C 130 -27.29 -13.35 -53.33
CA THR C 130 -28.08 -14.23 -52.48
C THR C 130 -28.37 -13.62 -51.11
N VAL C 131 -27.79 -12.46 -50.84
CA VAL C 131 -27.97 -11.77 -49.56
C VAL C 131 -28.24 -10.30 -49.82
N ASP C 132 -28.77 -9.63 -48.79
CA ASP C 132 -29.03 -8.19 -48.87
C ASP C 132 -27.73 -7.41 -49.02
N PRO C 133 -27.77 -6.23 -49.75
CA PRO C 133 -26.44 -5.61 -49.94
C PRO C 133 -25.72 -5.23 -48.66
N GLY C 134 -26.46 -4.80 -47.64
CA GLY C 134 -25.87 -4.45 -46.36
C GLY C 134 -25.16 -5.63 -45.73
N GLU C 135 -25.75 -6.80 -45.92
CA GLU C 135 -25.21 -8.05 -45.39
C GLU C 135 -23.86 -8.45 -46.02
N LEU C 136 -23.56 -7.92 -47.18
CA LEU C 136 -22.37 -8.27 -47.95
C LEU C 136 -21.04 -7.97 -47.25
N PRO C 137 -19.97 -8.80 -47.56
CA PRO C 137 -18.75 -8.50 -46.77
C PRO C 137 -17.98 -7.26 -47.22
N ALA C 138 -17.13 -6.77 -46.33
CA ALA C 138 -16.25 -5.62 -46.61
C ALA C 138 -15.17 -5.98 -47.62
N GLY C 139 -14.66 -4.97 -48.32
CA GLY C 139 -13.64 -5.19 -49.35
C GLY C 139 -14.20 -5.27 -50.75
N ASP C 140 -13.36 -5.69 -51.70
CA ASP C 140 -13.71 -5.65 -53.12
C ASP C 140 -14.80 -6.59 -53.56
N LEU C 141 -14.92 -7.72 -52.90
CA LEU C 141 -15.98 -8.66 -53.24
C LEU C 141 -15.72 -9.36 -54.58
N LYS C 142 -14.47 -9.36 -55.01
CA LYS C 142 -14.09 -10.03 -56.25
C LYS C 142 -14.33 -11.52 -56.12
N VAL C 143 -14.83 -12.14 -57.17
CA VAL C 143 -15.14 -13.56 -57.16
C VAL C 143 -14.07 -14.35 -57.91
N THR C 144 -13.50 -15.33 -57.25
CA THR C 144 -12.44 -16.16 -57.84
C THR C 144 -12.74 -17.64 -57.86
N SER C 145 -13.82 -18.11 -57.26
CA SER C 145 -13.96 -19.53 -57.12
C SER C 145 -15.27 -19.91 -56.48
N VAL C 146 -15.51 -21.19 -56.51
CA VAL C 146 -16.61 -21.81 -55.87
C VAL C 146 -16.12 -22.16 -54.48
N SER C 147 -16.99 -22.04 -53.51
CA SER C 147 -16.50 -22.01 -52.17
C SER C 147 -16.09 -23.33 -51.59
N GLY C 148 -16.77 -24.42 -51.85
CA GLY C 148 -16.43 -25.63 -51.12
C GLY C 148 -15.60 -26.64 -51.86
N SER C 149 -16.02 -27.89 -51.75
CA SER C 149 -15.44 -28.95 -52.55
C SER C 149 -16.30 -29.19 -53.76
N ALA C 150 -17.17 -28.22 -54.04
CA ALA C 150 -18.08 -28.31 -55.17
C ALA C 150 -17.37 -28.31 -56.51
N THR C 151 -17.81 -29.18 -57.40
CA THR C 151 -17.18 -29.32 -58.69
C THR C 151 -18.23 -29.34 -59.83
N LEU C 152 -17.89 -28.66 -60.92
CA LEU C 152 -18.76 -28.61 -62.09
C LEU C 152 -18.36 -29.71 -63.11
N ASN C 153 -19.29 -30.61 -63.40
CA ASN C 153 -19.06 -31.73 -64.30
C ASN C 153 -19.78 -31.59 -65.63
N LEU C 154 -19.02 -31.52 -66.71
CA LEU C 154 -19.56 -31.51 -68.05
C LEU C 154 -19.39 -32.88 -68.69
N TRP C 155 -20.49 -33.47 -69.19
CA TRP C 155 -20.43 -34.80 -69.81
C TRP C 155 -20.77 -34.74 -71.30
N ALA C 156 -19.81 -35.12 -72.14
CA ALA C 156 -20.10 -35.37 -73.58
C ALA C 156 -20.11 -36.88 -73.76
N VAL C 157 -21.31 -37.46 -73.81
CA VAL C 157 -21.48 -38.93 -73.90
C VAL C 157 -22.16 -39.37 -75.20
N ASP C 158 -21.46 -40.25 -75.93
CA ASP C 158 -22.00 -40.87 -77.13
C ASP C 158 -23.16 -41.80 -76.77
N ARG C 159 -24.21 -41.74 -77.56
CA ARG C 159 -25.40 -42.59 -77.31
C ARG C 159 -26.11 -42.98 -78.61
N LEU C 160 -26.92 -44.05 -78.59
CA LEU C 160 -27.74 -44.38 -79.78
C LEU C 160 -28.66 -43.20 -79.98
N LYS C 161 -28.77 -42.75 -81.22
CA LYS C 161 -29.63 -41.60 -81.51
C LYS C 161 -31.10 -41.80 -81.04
N GLY C 162 -31.60 -40.83 -80.30
CA GLY C 162 -33.00 -40.83 -79.84
C GLY C 162 -33.21 -41.56 -78.53
N GLU C 163 -32.24 -42.36 -78.13
CA GLU C 163 -32.37 -43.18 -76.92
C GLU C 163 -32.46 -42.35 -75.62
N ALA C 164 -31.72 -41.25 -75.51
CA ALA C 164 -31.78 -40.38 -74.31
C ALA C 164 -32.55 -39.07 -74.55
N SER C 165 -33.56 -38.81 -73.72
CA SER C 165 -34.37 -37.58 -73.81
C SER C 165 -33.79 -36.42 -72.99
N ILE C 166 -34.02 -35.23 -73.50
CA ILE C 166 -33.57 -34.01 -72.86
C ILE C 166 -34.41 -33.77 -71.60
N GLY C 167 -33.76 -33.26 -70.55
CA GLY C 167 -34.39 -32.99 -69.26
C GLY C 167 -34.38 -34.16 -68.31
N SER C 168 -33.76 -35.24 -68.72
CA SER C 168 -33.75 -36.44 -67.90
C SER C 168 -32.39 -36.71 -67.36
N VAL C 169 -32.32 -37.61 -66.38
CA VAL C 169 -31.02 -38.18 -65.98
C VAL C 169 -30.32 -38.69 -67.24
N LEU C 170 -29.02 -38.41 -67.37
CA LEU C 170 -28.28 -38.92 -68.51
C LEU C 170 -27.56 -40.16 -68.08
N ALA C 171 -27.99 -41.28 -68.64
CA ALA C 171 -27.35 -42.56 -68.39
C ALA C 171 -26.04 -42.63 -69.14
N VAL C 172 -25.02 -43.16 -68.46
CA VAL C 172 -23.75 -43.41 -69.10
C VAL C 172 -23.56 -44.93 -69.20
N PRO C 173 -23.49 -45.49 -70.38
CA PRO C 173 -23.23 -46.92 -70.53
C PRO C 173 -21.84 -47.33 -70.04
N ALA C 174 -21.69 -48.52 -69.49
CA ALA C 174 -20.40 -48.97 -68.97
C ALA C 174 -19.43 -49.55 -70.01
N ASP C 175 -19.93 -49.76 -71.20
CA ASP C 175 -19.13 -50.27 -72.25
C ASP C 175 -18.08 -49.27 -72.69
N ASN C 176 -16.94 -49.76 -73.14
CA ASN C 176 -15.88 -48.97 -73.75
C ASN C 176 -15.88 -49.23 -75.24
N TYR C 177 -16.97 -49.79 -75.71
CA TYR C 177 -17.05 -50.23 -77.06
C TYR C 177 -17.92 -49.25 -77.81
N PRO C 178 -17.36 -48.51 -78.71
CA PRO C 178 -16.07 -48.80 -79.27
C PRO C 178 -15.05 -48.45 -78.23
N THR C 179 -13.78 -48.42 -78.58
CA THR C 179 -12.76 -48.20 -77.59
C THR C 179 -12.22 -46.85 -77.90
N GLY C 180 -12.56 -45.89 -77.04
CA GLY C 180 -12.21 -44.49 -77.20
C GLY C 180 -13.56 -43.76 -77.20
N VAL C 181 -14.65 -44.54 -77.24
CA VAL C 181 -15.99 -43.99 -77.23
C VAL C 181 -16.06 -43.26 -75.94
N CYS C 182 -16.82 -42.17 -75.93
CA CYS C 182 -16.75 -41.25 -74.84
C CYS C 182 -17.82 -41.36 -73.80
N ARG C 183 -17.40 -41.66 -72.58
CA ARG C 183 -18.24 -41.79 -71.44
C ARG C 183 -17.84 -41.03 -70.22
N LYS C 184 -16.63 -40.54 -70.20
CA LYS C 184 -16.04 -39.94 -69.00
C LYS C 184 -16.27 -38.43 -68.90
N PRO C 185 -16.61 -37.98 -67.71
CA PRO C 185 -16.91 -36.55 -67.46
C PRO C 185 -15.72 -35.61 -67.27
N TYR C 186 -15.91 -34.39 -67.74
CA TYR C 186 -14.94 -33.32 -67.61
C TYR C 186 -15.28 -32.59 -66.31
N SER C 187 -14.37 -32.62 -65.35
CA SER C 187 -14.68 -32.09 -64.02
C SER C 187 -13.85 -30.85 -63.72
N LEU C 188 -14.52 -29.77 -63.29
CA LEU C 188 -13.84 -28.52 -62.96
C LEU C 188 -14.03 -28.22 -61.48
N ILE C 189 -12.93 -27.97 -60.78
CA ILE C 189 -12.99 -27.68 -59.36
C ILE C 189 -12.44 -26.31 -59.01
N GLY C 190 -13.06 -25.68 -58.01
CA GLY C 190 -12.64 -24.38 -57.54
C GLY C 190 -12.69 -23.27 -58.57
N PRO C 191 -11.53 -22.64 -58.77
CA PRO C 191 -11.39 -21.49 -59.67
C PRO C 191 -11.76 -21.84 -61.09
N ALA C 192 -11.45 -23.06 -61.50
CA ALA C 192 -11.66 -23.48 -62.89
C ALA C 192 -13.12 -23.38 -63.29
N SER C 193 -14.03 -23.77 -62.39
CA SER C 193 -15.46 -23.63 -62.72
C SER C 193 -15.86 -22.19 -63.01
N ILE C 194 -15.20 -21.22 -62.41
CA ILE C 194 -15.49 -19.84 -62.70
C ILE C 194 -14.77 -19.43 -63.96
N ALA C 195 -13.56 -19.96 -64.12
CA ALA C 195 -12.70 -19.59 -65.21
C ALA C 195 -12.95 -20.62 -66.27
N ILE C 196 -13.81 -20.34 -67.23
CA ILE C 196 -14.23 -21.35 -68.15
C ILE C 196 -14.36 -20.71 -69.51
N GLY C 197 -13.69 -21.29 -70.49
CA GLY C 197 -13.64 -20.70 -71.81
C GLY C 197 -12.65 -19.55 -71.87
N GLY C 198 -11.89 -19.39 -70.78
CA GLY C 198 -10.83 -18.37 -70.64
C GLY C 198 -11.43 -16.99 -70.46
N GLY C 199 -10.62 -15.96 -70.71
CA GLY C 199 -11.09 -14.56 -70.62
C GLY C 199 -10.89 -13.98 -69.23
N PRO C 200 -11.28 -12.68 -69.03
CA PRO C 200 -10.94 -12.12 -67.70
C PRO C 200 -11.76 -12.65 -66.54
N PRO C 201 -11.22 -12.53 -65.30
CA PRO C 201 -12.02 -12.94 -64.14
C PRO C 201 -13.16 -11.94 -63.88
N PRO C 202 -14.12 -12.29 -62.97
CA PRO C 202 -15.21 -11.30 -62.82
C PRO C 202 -14.69 -9.98 -62.18
N PRO C 203 -15.37 -8.84 -62.48
CA PRO C 203 -14.76 -7.58 -61.97
C PRO C 203 -14.95 -7.30 -60.45
N PRO C 204 -14.11 -6.41 -59.87
CA PRO C 204 -14.37 -6.10 -58.47
C PRO C 204 -15.45 -5.05 -58.35
N ILE C 205 -15.99 -4.92 -57.15
CA ILE C 205 -17.06 -4.02 -56.82
C ILE C 205 -16.49 -2.94 -55.98
N PRO C 206 -16.66 -1.69 -56.40
CA PRO C 206 -16.09 -0.53 -55.67
C PRO C 206 -16.66 -0.21 -54.29
N LYS C 207 -15.77 0.08 -53.35
CA LYS C 207 -16.14 0.42 -51.97
C LYS C 207 -15.55 1.73 -51.44
N LYS C 208 -15.13 2.63 -52.32
CA LYS C 208 -14.49 3.88 -51.88
C LYS C 208 -15.08 5.15 -52.47
N CYS C 209 -14.81 6.29 -51.82
CA CYS C 209 -15.29 7.57 -52.29
C CYS C 209 -14.13 8.29 -52.84
N LYS C 210 -14.42 9.39 -53.52
CA LYS C 210 -13.38 10.23 -54.07
C LYS C 210 -12.89 11.11 -52.93
N VAL C 211 -11.58 11.11 -52.70
CA VAL C 211 -10.98 11.89 -51.64
C VAL C 211 -9.92 12.88 -52.11
N GLU C 212 -10.07 14.13 -51.67
CA GLU C 212 -9.17 15.21 -52.02
C GLU C 212 -7.88 15.07 -51.24
N VAL C 213 -6.83 15.73 -51.71
CA VAL C 213 -5.57 15.64 -51.00
C VAL C 213 -5.56 16.68 -49.89
N GLY C 214 -5.61 16.15 -48.67
CA GLY C 214 -5.59 16.98 -47.51
C GLY C 214 -6.60 18.11 -47.45
N ARG C 215 -7.90 17.85 -47.57
CA ARG C 215 -8.85 18.97 -47.50
C ARG C 215 -8.71 19.78 -46.23
N GLU C 216 -8.88 21.08 -46.32
CA GLU C 216 -8.75 21.97 -45.20
C GLU C 216 -10.05 22.64 -45.02
N ILE C 217 -10.59 22.65 -43.81
CA ILE C 217 -11.89 23.26 -43.55
C ILE C 217 -11.67 24.31 -42.49
N ASN C 218 -12.07 25.54 -42.77
CA ASN C 218 -11.91 26.60 -41.76
C ASN C 218 -13.20 27.02 -41.12
N VAL C 219 -13.23 26.97 -39.81
CA VAL C 219 -14.40 27.22 -39.03
C VAL C 219 -14.10 28.43 -38.21
N LYS C 220 -14.93 29.44 -38.35
CA LYS C 220 -14.77 30.67 -37.58
C LYS C 220 -15.72 30.64 -36.41
N LEU C 221 -15.15 30.54 -35.23
CA LEU C 221 -15.96 30.52 -34.02
C LEU C 221 -16.32 31.93 -33.63
N GLY C 222 -15.58 32.92 -34.12
CA GLY C 222 -15.88 34.34 -33.88
C GLY C 222 -15.29 34.84 -32.57
N SER C 223 -15.81 35.96 -32.09
CA SER C 223 -15.27 36.58 -30.87
C SER C 223 -16.30 36.56 -29.75
N VAL C 224 -15.88 36.18 -28.55
CA VAL C 224 -16.80 36.10 -27.40
C VAL C 224 -16.20 36.67 -26.13
N ALA C 225 -17.01 37.44 -25.41
CA ALA C 225 -16.61 38.08 -24.17
C ALA C 225 -16.45 37.07 -23.04
N LEU C 226 -15.51 37.36 -22.14
CA LEU C 226 -15.20 36.52 -20.99
C LEU C 226 -16.41 36.40 -20.07
N LYS C 227 -17.18 37.47 -20.00
CA LYS C 227 -18.34 37.52 -19.14
C LYS C 227 -19.33 36.46 -19.58
N ASN C 228 -19.40 36.24 -20.87
CA ASN C 228 -20.37 35.30 -21.41
C ASN C 228 -20.34 33.98 -20.68
N PHE C 229 -19.16 33.50 -20.32
CA PHE C 229 -19.10 32.24 -19.63
C PHE C 229 -19.15 32.47 -18.13
N PRO C 230 -20.32 32.48 -17.51
CA PRO C 230 -20.32 32.77 -16.06
C PRO C 230 -19.87 31.58 -15.22
N ARG C 231 -20.32 30.39 -15.60
CA ARG C 231 -19.98 29.16 -14.87
C ARG C 231 -19.18 28.19 -15.73
N VAL C 232 -18.33 27.40 -15.09
CA VAL C 232 -17.51 26.38 -15.76
C VAL C 232 -18.39 25.47 -16.59
N ASN C 233 -17.90 25.08 -17.76
CA ASN C 233 -18.65 24.22 -18.67
C ASN C 233 -19.64 24.98 -19.56
N ASP C 234 -19.58 26.31 -19.54
CA ASP C 234 -20.49 27.10 -20.36
C ASP C 234 -19.89 27.21 -21.75
N THR C 235 -20.73 27.36 -22.75
CA THR C 235 -20.29 27.32 -24.14
C THR C 235 -20.79 28.49 -24.96
N SER C 236 -19.97 28.90 -25.92
CA SER C 236 -20.34 29.93 -26.87
C SER C 236 -21.40 29.41 -27.84
N THR C 237 -21.86 30.24 -28.74
CA THR C 237 -22.88 29.74 -29.64
C THR C 237 -22.18 28.90 -30.73
N GLU C 238 -22.86 27.80 -31.05
CA GLU C 238 -22.41 26.77 -31.97
C GLU C 238 -22.25 27.23 -33.41
N ARG C 239 -21.20 26.78 -34.07
CA ARG C 239 -20.99 27.03 -35.49
C ARG C 239 -21.09 25.67 -36.14
N SER C 240 -21.89 25.56 -37.19
CA SER C 240 -22.09 24.30 -37.88
C SER C 240 -21.33 24.13 -39.19
N PHE C 241 -20.68 22.99 -39.31
CA PHE C 241 -19.95 22.59 -40.51
C PHE C 241 -20.22 21.13 -40.79
N ASP C 242 -20.03 20.70 -42.03
CA ASP C 242 -20.22 19.33 -42.44
C ASP C 242 -18.97 18.78 -43.10
N ILE C 243 -18.54 17.59 -42.71
CA ILE C 243 -17.38 16.96 -43.37
C ILE C 243 -17.95 15.88 -44.27
N SER C 244 -17.66 15.97 -45.56
CA SER C 244 -18.24 15.04 -46.54
C SER C 244 -17.32 14.54 -47.64
N LEU C 245 -17.72 13.41 -48.21
CA LEU C 245 -17.03 12.78 -49.32
C LEU C 245 -18.07 12.69 -50.43
N SER C 246 -17.63 12.75 -51.68
CA SER C 246 -18.57 12.66 -52.83
C SER C 246 -18.16 11.60 -53.77
N GLU C 247 -19.02 11.34 -54.75
CA GLU C 247 -18.71 10.32 -55.73
C GLU C 247 -18.40 8.98 -55.04
N CYS C 248 -19.21 8.68 -54.06
CA CYS C 248 -19.09 7.48 -53.27
C CYS C 248 -19.65 6.29 -54.03
N ALA C 249 -18.94 5.18 -53.99
CA ALA C 249 -19.53 3.90 -54.42
C ALA C 249 -20.80 3.60 -53.65
N ALA C 250 -21.74 2.92 -54.28
CA ALA C 250 -23.04 2.69 -53.64
C ALA C 250 -22.93 1.95 -52.32
N LEU C 251 -22.03 0.98 -52.24
CA LEU C 251 -21.87 0.20 -51.02
C LEU C 251 -20.84 0.78 -50.05
N ALA C 252 -20.23 1.90 -50.41
CA ALA C 252 -19.22 2.52 -49.57
C ALA C 252 -19.78 2.98 -48.22
N LYS C 253 -19.02 2.68 -47.17
CA LYS C 253 -19.37 3.05 -45.80
C LYS C 253 -18.17 3.64 -45.08
N PRO C 254 -17.78 4.87 -45.38
CA PRO C 254 -16.59 5.38 -44.68
C PRO C 254 -16.77 5.76 -43.20
N GLU C 255 -15.66 5.75 -42.48
CA GLU C 255 -15.60 6.11 -41.09
C GLU C 255 -14.56 7.19 -40.99
N ILE C 256 -14.71 8.03 -39.97
CA ILE C 256 -13.84 9.20 -39.77
C ILE C 256 -13.36 9.26 -38.32
N ALA C 257 -12.06 9.51 -38.15
CA ALA C 257 -11.44 9.64 -36.83
C ALA C 257 -10.65 10.95 -36.72
N PHE C 258 -10.62 11.52 -35.51
CA PHE C 258 -9.93 12.79 -35.29
C PHE C 258 -8.86 12.78 -34.22
N ARG C 259 -7.90 13.68 -34.37
CA ARG C 259 -6.90 13.92 -33.33
C ARG C 259 -6.65 15.39 -33.16
N ASP C 260 -6.23 15.78 -31.97
CA ASP C 260 -5.88 17.19 -31.72
C ASP C 260 -4.46 17.44 -32.27
N LYS C 261 -4.29 18.48 -33.05
CA LYS C 261 -2.98 18.78 -33.63
C LYS C 261 -1.93 19.09 -32.57
N TYR C 262 -2.35 19.76 -31.50
CA TYR C 262 -1.42 20.21 -30.46
C TYR C 262 -1.14 19.22 -29.33
N VAL C 263 -1.86 18.11 -29.31
CA VAL C 263 -1.70 17.09 -28.27
C VAL C 263 -1.24 15.76 -28.83
N SER C 264 -0.39 15.06 -28.08
CA SER C 264 0.13 13.77 -28.50
C SER C 264 -0.36 12.63 -27.59
N ALA C 265 -0.21 12.82 -26.30
CA ALA C 265 -0.67 11.79 -25.34
C ALA C 265 -2.20 11.77 -25.15
N GLN C 266 -2.71 10.67 -24.60
CA GLN C 266 -4.13 10.56 -24.31
C GLN C 266 -4.54 11.71 -23.36
N GLN C 267 -5.62 12.40 -23.69
CA GLN C 267 -6.06 13.58 -22.93
C GLN C 267 -6.88 13.07 -21.78
N ALA C 268 -6.88 13.79 -20.67
CA ALA C 268 -7.68 13.30 -19.56
C ALA C 268 -9.13 13.40 -19.99
N ASP C 269 -9.50 14.48 -20.68
CA ASP C 269 -10.83 14.49 -21.30
C ASP C 269 -10.70 14.78 -22.82
N PRO C 270 -10.85 13.75 -23.71
CA PRO C 270 -10.62 14.09 -25.12
C PRO C 270 -11.78 14.79 -25.82
N THR C 271 -12.88 15.07 -25.15
CA THR C 271 -13.94 15.81 -25.80
C THR C 271 -13.54 17.23 -25.92
N ILE C 272 -12.57 17.66 -25.11
CA ILE C 272 -12.12 19.05 -25.17
C ILE C 272 -10.97 19.17 -26.14
N LEU C 273 -11.15 19.90 -27.23
CA LEU C 273 -10.00 20.18 -28.09
C LEU C 273 -9.22 21.34 -27.53
N SER C 274 -7.90 21.21 -27.48
CA SER C 274 -7.09 22.28 -26.85
C SER C 274 -6.94 23.46 -27.81
N LEU C 275 -6.79 24.67 -27.24
CA LEU C 275 -6.35 25.87 -27.98
C LEU C 275 -4.83 25.95 -28.09
N LYS C 276 -4.38 26.65 -29.12
CA LYS C 276 -2.97 26.88 -29.35
C LYS C 276 -2.48 27.81 -28.24
N SER C 277 -1.26 27.55 -27.79
CA SER C 277 -0.62 28.35 -26.71
C SER C 277 -0.27 29.80 -27.12
N GLY C 278 -0.18 30.68 -26.13
CA GLY C 278 0.17 32.07 -26.35
C GLY C 278 -1.06 32.90 -26.63
N GLY C 279 -2.24 32.37 -26.36
CA GLY C 279 -3.48 33.05 -26.70
C GLY C 279 -4.34 33.17 -25.47
N ALA C 280 -5.62 32.84 -25.58
CA ALA C 280 -6.52 32.75 -24.43
C ALA C 280 -6.21 31.57 -23.49
N ALA C 281 -6.78 31.58 -22.30
CA ALA C 281 -6.54 30.49 -21.31
C ALA C 281 -7.79 30.16 -20.49
N GLY C 282 -7.81 28.91 -20.00
CA GLY C 282 -9.00 28.33 -19.37
C GLY C 282 -10.14 28.04 -20.34
N PHE C 283 -9.83 27.87 -21.62
CA PHE C 283 -10.85 27.51 -22.63
C PHE C 283 -10.49 26.40 -23.59
N GLY C 284 -11.52 25.70 -24.04
CA GLY C 284 -11.35 24.64 -25.04
C GLY C 284 -12.41 24.76 -26.12
N ILE C 285 -12.38 23.81 -27.03
CA ILE C 285 -13.39 23.72 -28.09
C ILE C 285 -14.10 22.35 -27.98
N VAL C 286 -15.42 22.32 -28.15
CA VAL C 286 -16.12 21.05 -28.17
C VAL C 286 -16.92 20.92 -29.46
N VAL C 287 -16.83 19.78 -30.12
CA VAL C 287 -17.56 19.53 -31.36
C VAL C 287 -18.60 18.45 -31.15
N LYS C 288 -19.84 18.75 -31.49
CA LYS C 288 -20.91 17.77 -31.35
C LYS C 288 -21.27 17.06 -32.66
N ASN C 289 -21.36 15.73 -32.63
CA ASN C 289 -21.80 14.92 -33.73
C ASN C 289 -23.30 14.98 -33.88
N GLY C 290 -23.75 15.34 -35.06
CA GLY C 290 -25.17 15.48 -35.35
C GLY C 290 -25.99 14.22 -35.26
N LEU C 291 -25.48 13.13 -35.83
CA LEU C 291 -26.19 11.84 -35.77
C LEU C 291 -26.25 11.17 -34.38
N ASP C 292 -25.06 11.07 -33.78
CA ASP C 292 -24.87 10.51 -32.44
C ASP C 292 -25.47 11.41 -31.36
N GLN C 293 -25.33 12.72 -31.55
CA GLN C 293 -25.82 13.70 -30.59
C GLN C 293 -24.82 13.87 -29.44
N GLN C 294 -23.62 13.34 -29.65
CA GLN C 294 -22.55 13.37 -28.68
C GLN C 294 -21.36 14.16 -29.17
N ARG C 295 -20.55 14.61 -28.22
CA ARG C 295 -19.34 15.31 -28.54
C ARG C 295 -18.24 14.36 -29.05
N ILE C 296 -17.54 14.78 -30.10
CA ILE C 296 -16.44 14.03 -30.70
C ILE C 296 -15.32 13.87 -29.70
N ARG C 297 -14.66 12.72 -29.72
CA ARG C 297 -13.44 12.54 -28.96
C ARG C 297 -12.25 12.69 -29.90
N PHE C 298 -11.21 13.35 -29.46
CA PHE C 298 -10.07 13.59 -30.30
C PHE C 298 -8.92 12.66 -29.94
N ASP C 299 -9.33 11.45 -29.59
CA ASP C 299 -8.50 10.35 -29.19
C ASP C 299 -8.33 9.31 -30.29
N GLY C 300 -8.81 9.62 -31.47
CA GLY C 300 -8.71 8.68 -32.60
C GLY C 300 -9.81 7.66 -32.75
N THR C 301 -10.89 7.79 -31.96
CA THR C 301 -12.04 6.92 -32.09
C THR C 301 -12.69 7.09 -33.48
N PRO C 302 -13.02 5.98 -34.13
CA PRO C 302 -13.65 6.04 -35.45
C PRO C 302 -15.14 6.32 -35.39
N TYR C 303 -15.64 7.14 -36.30
CA TYR C 303 -17.08 7.47 -36.33
C TYR C 303 -17.74 7.08 -37.65
N PRO C 304 -18.89 6.33 -37.59
CA PRO C 304 -19.52 6.05 -38.89
C PRO C 304 -20.15 7.29 -39.51
N MET C 305 -20.13 7.36 -40.84
CA MET C 305 -20.63 8.52 -41.58
C MET C 305 -21.97 8.21 -42.24
N ARG C 306 -22.85 9.18 -42.32
CA ARG C 306 -24.11 8.95 -42.97
C ARG C 306 -23.91 8.87 -44.48
N ARG C 307 -24.83 8.17 -45.12
CA ARG C 307 -24.85 8.09 -46.58
C ARG C 307 -26.13 8.74 -47.10
N VAL C 308 -26.00 9.88 -47.75
CA VAL C 308 -27.12 10.52 -48.42
C VAL C 308 -26.76 10.53 -49.89
N GLY C 309 -27.56 9.88 -50.71
CA GLY C 309 -27.25 9.80 -52.12
C GLY C 309 -25.87 9.24 -52.37
N ASP C 310 -25.11 9.94 -53.19
CA ASP C 310 -23.77 9.51 -53.61
C ASP C 310 -22.66 10.06 -52.73
N SER C 311 -23.03 10.74 -51.66
CA SER C 311 -22.02 11.28 -50.73
C SER C 311 -22.15 10.70 -49.33
N ALA C 312 -21.12 10.98 -48.54
CA ALA C 312 -21.02 10.53 -47.19
C ALA C 312 -20.68 11.75 -46.36
N ASP C 313 -21.28 11.91 -45.19
CA ASP C 313 -20.95 13.05 -44.35
C ASP C 313 -21.06 12.81 -42.85
N LEU C 314 -20.42 13.65 -42.06
CA LEU C 314 -20.64 13.74 -40.64
C LEU C 314 -20.97 15.18 -40.28
N PRO C 315 -22.25 15.52 -39.97
CA PRO C 315 -22.51 16.92 -39.63
C PRO C 315 -22.04 17.28 -38.20
N LEU C 316 -21.33 18.39 -38.05
CA LEU C 316 -20.73 18.79 -36.77
C LEU C 316 -21.02 20.25 -36.42
N SER C 317 -21.08 20.53 -35.12
CA SER C 317 -21.23 21.94 -34.67
C SER C 317 -20.22 22.18 -33.57
N ALA C 318 -19.54 23.31 -33.63
CA ALA C 318 -18.44 23.55 -32.76
C ALA C 318 -18.63 24.82 -31.90
N ALA C 319 -18.05 24.84 -30.71
CA ALA C 319 -18.21 25.94 -29.78
C ALA C 319 -17.04 26.00 -28.81
N TYR C 320 -16.83 27.18 -28.26
CA TYR C 320 -15.86 27.36 -27.21
C TYR C 320 -16.49 26.87 -25.93
N ILE C 321 -15.69 26.34 -25.03
CA ILE C 321 -16.12 25.86 -23.75
C ILE C 321 -15.19 26.37 -22.66
N ARG C 322 -15.67 26.58 -21.45
CA ARG C 322 -14.78 27.00 -20.39
C ARG C 322 -14.30 25.88 -19.47
N ILE C 323 -13.01 25.76 -19.40
CA ILE C 323 -12.38 24.75 -18.60
C ILE C 323 -11.99 25.30 -17.23
N GLY C 324 -12.13 26.60 -17.04
CA GLY C 324 -11.39 27.32 -16.06
C GLY C 324 -11.94 27.73 -14.72
N ALA C 325 -11.08 27.58 -13.75
CA ALA C 325 -11.32 28.13 -12.45
C ALA C 325 -11.39 29.62 -12.58
N GLU C 326 -12.14 30.24 -11.68
CA GLU C 326 -12.57 31.61 -11.79
C GLU C 326 -11.37 32.54 -11.96
N GLY C 327 -10.26 32.22 -11.31
CA GLY C 327 -9.02 32.88 -11.62
C GLY C 327 -8.47 32.66 -13.00
N GLU C 328 -8.44 31.42 -13.48
CA GLU C 328 -7.51 30.96 -14.53
C GLU C 328 -7.65 31.68 -15.87
N LEU C 329 -8.85 32.09 -16.15
CA LEU C 329 -9.22 32.68 -17.43
C LEU C 329 -8.35 33.86 -17.86
N LYS C 330 -7.87 33.80 -19.10
CA LYS C 330 -7.11 34.86 -19.74
C LYS C 330 -7.72 35.13 -21.11
N ALA C 331 -7.94 36.39 -21.44
CA ALA C 331 -8.47 36.74 -22.75
C ALA C 331 -7.42 36.53 -23.82
N GLY C 332 -7.82 36.21 -25.05
CA GLY C 332 -6.85 36.05 -26.11
C GLY C 332 -7.30 35.41 -27.41
N VAL C 333 -6.32 35.14 -28.27
CA VAL C 333 -6.49 34.35 -29.50
C VAL C 333 -6.94 32.95 -29.12
N ALA C 334 -8.00 32.45 -29.76
CA ALA C 334 -8.51 31.13 -29.44
C ALA C 334 -8.60 30.26 -30.69
N ASP C 335 -7.49 29.61 -30.98
CA ASP C 335 -7.34 28.86 -32.20
C ASP C 335 -7.04 27.43 -31.89
N GLY C 336 -7.62 26.54 -32.67
CA GLY C 336 -7.32 25.11 -32.53
C GLY C 336 -7.42 24.36 -33.82
N ALA C 337 -6.94 23.14 -33.83
CA ALA C 337 -6.89 22.39 -35.07
C ALA C 337 -7.10 20.90 -34.84
N ALA C 338 -7.94 20.29 -35.67
CA ALA C 338 -8.15 18.83 -35.63
C ALA C 338 -7.81 18.20 -36.94
N GLU C 339 -7.01 17.13 -36.86
CA GLU C 339 -6.67 16.31 -37.98
C GLU C 339 -7.70 15.20 -38.03
N PHE C 340 -8.25 14.97 -39.20
CA PHE C 340 -9.09 13.79 -39.39
C PHE C 340 -8.58 12.83 -40.48
N THR C 341 -8.91 11.57 -40.32
CA THR C 341 -8.56 10.51 -41.25
C THR C 341 -9.79 9.69 -41.63
N PHE C 342 -9.90 9.40 -42.91
CA PHE C 342 -10.96 8.57 -43.42
C PHE C 342 -10.49 7.13 -43.51
N THR C 343 -11.31 6.20 -43.04
CA THR C 343 -11.11 4.81 -43.36
C THR C 343 -12.29 4.07 -43.94
N PHE C 344 -12.03 3.55 -45.14
CA PHE C 344 -12.91 2.72 -45.97
C PHE C 344 -13.26 1.30 -45.48
N PRO C 345 -12.32 0.66 -44.81
CA PRO C 345 -11.04 1.28 -44.49
C PRO C 345 -9.88 0.93 -45.40
N SER C 346 -9.24 1.98 -45.90
CA SER C 346 -8.08 1.90 -46.78
C SER C 346 -6.94 2.88 -46.45
N ASP C 347 -7.15 3.79 -45.50
CA ASP C 347 -6.08 4.74 -45.15
C ASP C 347 -5.72 4.89 -43.66
N ASN C 348 -4.43 4.81 -43.38
CA ASN C 348 -3.91 5.00 -42.02
C ASN C 348 -3.13 6.31 -41.87
N LYS C 349 -3.16 7.13 -42.92
CA LYS C 349 -2.46 8.42 -42.92
C LYS C 349 -3.44 9.59 -42.82
N VAL C 350 -3.01 10.71 -42.25
CA VAL C 350 -3.91 11.86 -42.14
C VAL C 350 -4.46 12.31 -43.50
N ASP C 351 -5.75 12.55 -43.57
CA ASP C 351 -6.48 12.95 -44.74
C ASP C 351 -7.02 14.38 -44.72
N GLY C 352 -6.76 15.16 -43.70
CA GLY C 352 -7.51 16.44 -43.63
C GLY C 352 -7.33 17.17 -42.33
N ILE C 353 -7.60 18.48 -42.33
CA ILE C 353 -7.49 19.25 -41.09
C ILE C 353 -8.68 20.19 -40.98
N VAL C 354 -9.14 20.42 -39.75
CA VAL C 354 -10.21 21.43 -39.48
C VAL C 354 -9.56 22.49 -38.64
N ASN C 355 -9.60 23.74 -39.09
CA ASN C 355 -8.95 24.83 -38.38
C ASN C 355 -10.01 25.70 -37.76
N PHE C 356 -9.90 25.87 -36.44
CA PHE C 356 -10.84 26.67 -35.71
C PHE C 356 -10.12 27.95 -35.35
N SER C 357 -10.73 29.07 -35.70
CA SER C 357 -10.16 30.38 -35.32
C SER C 357 -11.21 31.27 -34.65
N GLY C 358 -10.77 32.06 -33.67
CA GLY C 358 -11.64 32.99 -32.95
C GLY C 358 -10.96 33.71 -31.81
N ASN C 359 -11.74 34.52 -31.10
CA ASN C 359 -11.21 35.40 -30.03
C ASN C 359 -12.04 35.41 -28.79
N ILE C 360 -11.35 35.26 -27.68
CA ILE C 360 -12.00 35.37 -26.39
C ILE C 360 -11.60 36.71 -25.85
N THR C 361 -12.58 37.60 -25.72
CA THR C 361 -12.34 38.95 -25.23
C THR C 361 -13.43 39.37 -24.25
N ALA D 2 -32.69 31.40 3.27
CA ALA D 2 -34.09 31.41 3.70
C ALA D 2 -34.24 30.25 4.71
N LEU D 3 -35.45 29.71 4.73
CA LEU D 3 -35.84 28.64 5.61
C LEU D 3 -35.21 27.32 5.26
N ASN D 4 -34.42 26.79 6.19
CA ASN D 4 -33.87 25.47 6.01
C ASN D 4 -34.99 24.47 6.09
N GLU D 5 -34.99 23.47 5.18
CA GLU D 5 -36.03 22.47 5.15
C GLU D 5 -35.51 21.08 4.89
N VAL D 6 -36.23 20.08 5.40
CA VAL D 6 -35.91 18.70 5.16
C VAL D 6 -37.08 18.13 4.33
N ALA D 7 -36.77 17.54 3.18
CA ALA D 7 -37.81 17.00 2.33
C ALA D 7 -38.45 15.73 2.91
N LEU D 8 -39.76 15.63 2.76
CA LEU D 8 -40.53 14.48 3.21
C LEU D 8 -41.58 14.14 2.15
N ASN D 9 -42.00 12.89 2.10
CA ASN D 9 -43.02 12.46 1.14
C ASN D 9 -42.67 12.74 -0.33
N CYS D 10 -41.42 12.47 -0.71
CA CYS D 10 -40.98 12.68 -2.09
C CYS D 10 -41.73 11.81 -3.10
N SER D 11 -42.04 12.38 -4.25
CA SER D 11 -42.75 11.68 -5.32
C SER D 11 -42.32 12.20 -6.69
N PHE D 12 -43.18 12.04 -7.70
CA PHE D 12 -42.84 12.53 -9.04
C PHE D 12 -44.13 12.60 -9.85
N ASP D 13 -44.44 13.77 -10.37
CA ASP D 13 -45.71 13.99 -11.07
C ASP D 13 -45.52 14.54 -12.47
N ASN D 14 -46.29 13.99 -13.40
CA ASN D 14 -46.26 14.39 -14.79
C ASN D 14 -46.73 15.81 -15.02
N GLY D 15 -46.03 16.55 -15.88
CA GLY D 15 -46.40 17.93 -16.24
C GLY D 15 -47.06 17.91 -17.60
N LYS D 16 -46.84 18.94 -18.41
CA LYS D 16 -47.38 19.02 -19.80
C LYS D 16 -46.50 18.12 -20.64
N GLY D 17 -47.08 17.14 -21.34
CA GLY D 17 -46.28 16.15 -22.08
C GLY D 17 -46.00 16.61 -23.51
N LEU D 18 -44.78 16.49 -23.98
CA LEU D 18 -44.44 16.94 -25.33
C LEU D 18 -44.46 15.85 -26.38
N PRO D 19 -44.61 16.23 -27.69
CA PRO D 19 -44.59 15.10 -28.64
C PRO D 19 -43.14 14.74 -28.99
N TRP D 20 -42.93 13.52 -29.47
CA TRP D 20 -41.59 13.10 -29.88
C TRP D 20 -41.25 13.87 -31.17
N ARG D 21 -40.01 14.26 -31.32
CA ARG D 21 -39.58 14.93 -32.50
C ARG D 21 -38.55 14.05 -33.25
N VAL D 22 -38.46 14.27 -34.54
CA VAL D 22 -37.49 13.54 -35.36
C VAL D 22 -36.10 14.24 -35.36
N VAL D 23 -35.16 13.73 -34.58
CA VAL D 23 -33.81 14.29 -34.59
C VAL D 23 -33.09 14.01 -35.94
N ASN D 24 -33.18 12.80 -36.40
CA ASN D 24 -32.54 12.35 -37.66
C ASN D 24 -33.48 11.41 -38.42
N GLU D 25 -33.71 11.67 -39.68
CA GLU D 25 -34.66 10.88 -40.47
C GLU D 25 -34.04 9.53 -40.77
N LEU D 26 -34.81 8.46 -40.57
CA LEU D 26 -34.28 7.11 -40.76
C LEU D 26 -34.30 6.75 -42.23
N THR D 27 -33.16 6.31 -42.75
CA THR D 27 -33.06 5.92 -44.17
C THR D 27 -32.04 4.84 -44.33
N SER D 28 -31.90 4.30 -45.54
CA SER D 28 -31.00 3.15 -45.70
C SER D 28 -29.59 3.55 -45.45
N GLY D 29 -29.33 4.86 -45.57
CA GLY D 29 -28.01 5.42 -45.31
C GLY D 29 -27.73 5.85 -43.88
N THR D 30 -28.72 5.72 -43.00
CA THR D 30 -28.57 6.11 -41.60
C THR D 30 -27.53 5.21 -40.94
N ALA D 31 -26.61 5.85 -40.25
CA ALA D 31 -25.53 5.14 -39.60
C ALA D 31 -25.93 4.63 -38.24
N LYS D 32 -25.23 3.59 -37.78
CA LYS D 32 -25.42 3.02 -36.41
C LYS D 32 -25.06 4.01 -35.33
N GLY D 33 -25.86 4.09 -34.27
CA GLY D 33 -25.60 5.05 -33.20
C GLY D 33 -26.37 6.35 -33.41
N THR D 34 -27.07 6.46 -34.52
CA THR D 34 -27.78 7.69 -34.82
C THR D 34 -29.03 7.84 -33.98
N VAL D 35 -29.25 9.03 -33.47
CA VAL D 35 -30.47 9.31 -32.71
C VAL D 35 -31.61 9.53 -33.70
N LEU D 36 -32.68 8.78 -33.57
CA LEU D 36 -33.81 8.88 -34.48
C LEU D 36 -34.93 9.80 -33.97
N PHE D 37 -35.27 9.62 -32.70
CA PHE D 37 -36.32 10.38 -32.06
C PHE D 37 -35.85 10.83 -30.69
N ALA D 38 -36.17 12.08 -30.36
CA ALA D 38 -35.78 12.63 -29.06
C ALA D 38 -36.95 13.40 -28.48
N ARG D 39 -37.16 13.24 -27.21
CA ARG D 39 -38.18 13.96 -26.50
C ARG D 39 -37.74 14.56 -25.19
N PRO D 40 -38.18 15.76 -24.88
CA PRO D 40 -37.88 16.36 -23.59
C PRO D 40 -39.01 16.19 -22.58
N VAL D 41 -38.63 15.82 -21.37
CA VAL D 41 -39.60 15.55 -20.35
C VAL D 41 -39.45 16.40 -19.14
N SER D 42 -40.54 17.04 -18.72
CA SER D 42 -40.45 17.81 -17.47
C SER D 42 -41.38 17.19 -16.43
N LEU D 43 -40.83 16.88 -15.27
CA LEU D 43 -41.62 16.33 -14.17
C LEU D 43 -41.64 17.28 -12.99
N PHE D 44 -42.71 17.20 -12.20
CA PHE D 44 -42.81 17.98 -10.97
C PHE D 44 -42.37 17.13 -9.80
N LEU D 45 -41.41 17.62 -9.05
CA LEU D 45 -40.98 16.92 -7.85
C LEU D 45 -41.69 17.61 -6.69
N ASN D 46 -42.55 16.86 -6.01
CA ASN D 46 -43.34 17.39 -4.90
C ASN D 46 -43.06 16.75 -3.53
N TYR D 47 -42.70 17.58 -2.55
CA TYR D 47 -42.42 17.10 -1.22
C TYR D 47 -43.11 17.93 -0.16
N LYS D 48 -43.07 17.43 1.07
CA LYS D 48 -43.62 18.19 2.19
C LYS D 48 -42.44 18.79 2.87
N PRO D 49 -42.32 20.14 2.94
CA PRO D 49 -41.13 20.60 3.65
C PRO D 49 -41.33 20.67 5.17
N GLN D 50 -40.31 20.30 5.92
CA GLN D 50 -40.36 20.31 7.38
C GLN D 50 -39.19 21.17 7.90
N ALA D 51 -39.41 21.85 9.01
CA ALA D 51 -38.40 22.70 9.56
C ALA D 51 -37.15 21.90 9.87
N SER D 52 -36.00 22.51 9.59
CA SER D 52 -34.72 21.86 9.83
C SER D 52 -33.67 22.80 10.40
N GLN D 53 -32.82 22.33 11.28
CA GLN D 53 -31.75 23.15 11.82
C GLN D 53 -30.64 23.40 10.85
N GLU D 54 -30.35 22.46 9.99
CA GLU D 54 -29.31 22.65 8.95
C GLU D 54 -29.92 22.69 7.54
N ALA D 55 -29.21 23.19 6.53
CA ALA D 55 -29.73 23.17 5.15
C ALA D 55 -29.71 21.77 4.51
N HIS D 56 -30.69 21.49 3.66
CA HIS D 56 -30.76 20.19 3.00
C HIS D 56 -30.89 20.35 1.51
N GLU D 57 -30.43 19.35 0.79
CA GLU D 57 -30.62 19.29 -0.66
C GLU D 57 -31.47 18.10 -0.98
N LEU D 58 -32.20 18.20 -2.10
CA LEU D 58 -32.98 17.08 -2.60
C LEU D 58 -32.16 16.56 -3.78
N VAL D 59 -31.48 15.42 -3.62
CA VAL D 59 -30.62 14.91 -4.66
C VAL D 59 -31.41 13.98 -5.59
N ILE D 60 -31.26 14.18 -6.90
CA ILE D 60 -32.00 13.46 -7.89
C ILE D 60 -31.03 12.54 -8.55
N GLY D 61 -31.35 11.27 -8.46
CA GLY D 61 -30.48 10.20 -8.97
C GLY D 61 -31.27 9.27 -9.88
N GLY D 62 -30.55 8.51 -10.70
CA GLY D 62 -31.19 7.54 -11.56
C GLY D 62 -30.26 6.37 -11.84
N ASN D 63 -30.87 5.25 -12.20
CA ASN D 63 -30.17 4.07 -12.66
C ASN D 63 -31.16 3.14 -13.24
N TRP D 64 -30.66 2.27 -14.10
CA TRP D 64 -31.48 1.24 -14.74
C TRP D 64 -31.21 -0.07 -14.01
N SER D 65 -32.26 -0.82 -13.68
CA SER D 65 -32.11 -2.11 -13.06
C SER D 65 -32.85 -3.20 -13.86
N GLY D 66 -32.54 -4.45 -13.55
CA GLY D 66 -33.22 -5.58 -14.20
C GLY D 66 -32.45 -6.04 -15.41
N VAL D 67 -31.41 -5.30 -15.72
CA VAL D 67 -30.49 -5.58 -16.79
C VAL D 67 -29.13 -5.39 -16.14
N GLY D 68 -28.25 -6.36 -16.30
CA GLY D 68 -26.91 -6.25 -15.75
C GLY D 68 -26.00 -5.21 -16.39
N TYR D 69 -26.10 -5.03 -17.71
CA TYR D 69 -25.19 -4.12 -18.43
C TYR D 69 -25.86 -3.31 -19.52
N PRO D 70 -25.26 -2.12 -19.86
CA PRO D 70 -25.93 -1.38 -20.92
C PRO D 70 -25.73 -1.94 -22.32
N GLY D 71 -26.68 -1.61 -23.20
CA GLY D 71 -26.70 -2.06 -24.60
C GLY D 71 -25.84 -1.16 -25.49
N PRO D 72 -25.85 -1.42 -26.84
CA PRO D 72 -25.03 -0.51 -27.67
C PRO D 72 -25.37 0.96 -27.52
N TYR D 73 -24.35 1.81 -27.48
CA TYR D 73 -24.54 3.28 -27.33
C TYR D 73 -25.23 3.66 -26.01
N GLY D 74 -24.92 2.93 -24.97
CA GLY D 74 -25.46 3.25 -23.67
C GLY D 74 -26.97 3.14 -23.63
N THR D 75 -27.50 2.15 -24.33
CA THR D 75 -28.96 2.00 -24.40
C THR D 75 -29.48 0.70 -23.79
N VAL D 76 -30.76 0.74 -23.46
CA VAL D 76 -31.49 -0.40 -22.99
C VAL D 76 -32.31 -0.83 -24.22
N ALA D 77 -32.34 -2.11 -24.55
CA ALA D 77 -33.12 -2.55 -25.70
C ALA D 77 -34.62 -2.23 -25.56
N SER D 78 -35.20 -1.70 -26.62
CA SER D 78 -36.66 -1.45 -26.73
C SER D 78 -37.40 -2.68 -27.25
N ASP D 79 -38.71 -2.58 -27.29
CA ASP D 79 -39.56 -3.67 -27.83
C ASP D 79 -39.32 -3.88 -29.33
N VAL D 80 -38.90 -2.88 -30.05
CA VAL D 80 -38.51 -3.06 -31.45
C VAL D 80 -37.04 -3.44 -31.53
N LYS D 81 -36.69 -4.62 -32.07
CA LYS D 81 -35.27 -5.00 -32.25
C LYS D 81 -34.53 -3.99 -33.08
N GLY D 82 -33.33 -3.64 -32.64
CA GLY D 82 -32.50 -2.59 -33.26
C GLY D 82 -32.82 -1.12 -32.95
N ILE D 83 -33.85 -0.82 -32.17
CA ILE D 83 -34.01 0.53 -31.68
C ILE D 83 -33.83 0.52 -30.16
N GLY D 84 -32.98 1.39 -29.66
CA GLY D 84 -32.61 1.37 -28.29
C GLY D 84 -32.97 2.63 -27.57
N TYR D 85 -33.06 2.50 -26.25
CA TYR D 85 -33.67 3.56 -25.44
C TYR D 85 -32.66 4.07 -24.44
N ARG D 86 -32.48 5.41 -24.44
CA ARG D 86 -31.69 6.07 -23.41
C ARG D 86 -32.29 7.40 -22.93
N ILE D 87 -32.30 7.58 -21.62
CA ILE D 87 -32.88 8.76 -20.99
C ILE D 87 -31.82 9.44 -20.14
N SER D 88 -31.73 10.73 -20.29
CA SER D 88 -30.70 11.46 -19.55
C SER D 88 -31.30 12.68 -18.83
N VAL D 89 -30.67 13.05 -17.73
CA VAL D 89 -31.12 14.16 -16.87
C VAL D 89 -30.62 15.51 -17.41
N ASP D 90 -31.53 16.48 -17.54
CA ASP D 90 -31.19 17.83 -17.93
C ASP D 90 -31.01 18.58 -16.65
N ALA D 91 -29.77 18.69 -16.20
CA ALA D 91 -29.46 19.22 -14.90
C ALA D 91 -29.56 20.73 -14.88
N GLN D 92 -29.90 21.28 -13.73
CA GLN D 92 -29.98 22.74 -13.57
C GLN D 92 -28.64 23.43 -13.79
N ASP D 93 -27.55 22.72 -13.53
CA ASP D 93 -26.22 23.26 -13.77
C ASP D 93 -25.95 23.41 -15.28
N GLY D 94 -26.86 22.88 -16.07
CA GLY D 94 -26.79 22.97 -17.52
C GLY D 94 -26.10 21.81 -18.24
N VAL D 95 -25.79 20.76 -17.50
CA VAL D 95 -25.15 19.58 -18.05
C VAL D 95 -26.16 18.47 -18.22
N LYS D 96 -26.19 17.84 -19.39
CA LYS D 96 -27.02 16.66 -19.61
C LYS D 96 -26.26 15.41 -19.20
N ARG D 97 -26.79 14.67 -18.23
CA ARG D 97 -26.16 13.44 -17.76
C ARG D 97 -27.04 12.24 -18.09
N VAL D 98 -26.47 11.24 -18.73
CA VAL D 98 -27.23 10.05 -19.11
C VAL D 98 -27.48 9.17 -17.86
N ILE D 99 -28.69 8.61 -17.72
CA ILE D 99 -29.01 7.70 -16.58
C ILE D 99 -28.30 6.39 -16.88
N PRO D 100 -27.39 5.93 -16.00
CA PRO D 100 -26.67 4.73 -16.39
C PRO D 100 -27.40 3.41 -16.10
N VAL D 101 -26.89 2.31 -16.66
CA VAL D 101 -27.36 0.99 -16.29
C VAL D 101 -26.36 0.52 -15.23
N ASP D 102 -26.70 0.65 -13.95
CA ASP D 102 -25.78 0.32 -12.84
C ASP D 102 -26.62 -0.22 -11.68
N ASN D 103 -26.03 -0.89 -10.69
CA ASN D 103 -26.90 -1.45 -9.62
C ASN D 103 -27.23 -0.41 -8.60
N GLN D 104 -26.37 0.59 -8.47
CA GLN D 104 -26.66 1.72 -7.59
C GLN D 104 -27.10 2.98 -8.31
N PRO D 105 -28.02 3.80 -7.72
CA PRO D 105 -28.27 5.06 -8.43
C PRO D 105 -27.07 6.00 -8.39
N HIS D 106 -27.09 6.96 -9.29
CA HIS D 106 -26.07 7.97 -9.37
C HIS D 106 -26.71 9.34 -9.21
N ALA D 107 -25.98 10.23 -8.56
CA ALA D 107 -26.40 11.61 -8.33
C ALA D 107 -26.19 12.41 -9.62
N LEU D 108 -27.28 12.78 -10.24
CA LEU D 108 -27.23 13.49 -11.52
C LEU D 108 -27.65 14.97 -11.43
N ASP D 109 -28.35 15.33 -10.35
CA ASP D 109 -28.78 16.68 -10.11
C ASP D 109 -29.08 16.93 -8.64
N LYS D 110 -29.09 18.19 -8.23
CA LYS D 110 -29.39 18.60 -6.83
C LYS D 110 -30.24 19.86 -6.81
N ARG D 111 -31.14 19.98 -5.85
CA ARG D 111 -31.86 21.26 -5.57
C ARG D 111 -31.97 21.51 -4.06
N VAL D 112 -31.79 22.76 -3.63
CA VAL D 112 -31.98 23.06 -2.21
C VAL D 112 -33.46 22.93 -1.84
N THR D 113 -33.70 22.38 -0.62
CA THR D 113 -35.05 22.24 -0.16
C THR D 113 -35.64 23.66 0.03
N SER D 114 -36.92 23.78 -0.30
CA SER D 114 -37.64 25.04 -0.21
C SER D 114 -38.97 24.90 0.53
N PHE D 115 -39.46 26.01 1.06
CA PHE D 115 -40.72 26.03 1.79
C PHE D 115 -41.87 25.66 0.87
N SER D 116 -41.69 25.93 -0.41
CA SER D 116 -42.70 25.64 -1.43
C SER D 116 -43.03 24.15 -1.55
N GLY D 117 -42.02 23.28 -1.42
CA GLY D 117 -42.24 21.85 -1.54
C GLY D 117 -42.48 21.41 -2.97
N SER D 118 -41.99 22.21 -3.91
CA SER D 118 -42.14 21.94 -5.30
C SER D 118 -40.87 22.28 -6.04
N THR D 119 -40.54 21.50 -7.06
CA THR D 119 -39.44 21.73 -7.97
C THR D 119 -39.64 20.94 -9.26
N THR D 120 -38.84 21.16 -10.26
CA THR D 120 -38.99 20.31 -11.46
C THR D 120 -37.80 19.39 -11.69
N SER D 121 -38.03 18.25 -12.33
CA SER D 121 -36.96 17.41 -12.77
C SER D 121 -37.06 17.31 -14.29
N ASP D 122 -35.98 17.60 -15.00
CA ASP D 122 -36.01 17.60 -16.48
C ASP D 122 -35.19 16.52 -17.12
N TYR D 123 -35.73 15.90 -18.16
CA TYR D 123 -35.06 14.76 -18.80
C TYR D 123 -35.10 14.88 -20.30
N LEU D 124 -34.17 14.22 -20.96
CA LEU D 124 -34.23 14.08 -22.38
C LEU D 124 -34.31 12.61 -22.76
N GLN D 125 -35.32 12.25 -23.51
CA GLN D 125 -35.49 10.89 -23.97
C GLN D 125 -35.00 10.78 -25.40
N GLU D 126 -34.26 9.71 -25.68
CA GLU D 126 -33.73 9.43 -27.00
C GLU D 126 -34.00 7.98 -27.45
N LEU D 127 -34.48 7.81 -28.68
CA LEU D 127 -34.52 6.51 -29.39
C LEU D 127 -33.38 6.42 -30.42
N VAL D 128 -32.56 5.38 -30.31
CA VAL D 128 -31.29 5.28 -31.08
C VAL D 128 -31.24 4.04 -31.93
N LEU D 129 -30.60 4.14 -33.09
CA LEU D 129 -30.50 3.00 -34.00
C LEU D 129 -29.25 2.18 -33.66
N THR D 130 -29.48 0.96 -33.16
CA THR D 130 -28.37 0.11 -32.73
C THR D 130 -27.94 -0.90 -33.79
N VAL D 131 -28.64 -0.92 -34.90
CA VAL D 131 -28.37 -1.87 -36.00
C VAL D 131 -28.51 -1.19 -37.36
N ASP D 132 -27.98 -1.82 -38.38
CA ASP D 132 -28.09 -1.29 -39.74
C ASP D 132 -29.54 -1.24 -40.21
N PRO D 133 -29.91 -0.18 -41.04
CA PRO D 133 -31.36 -0.14 -41.31
C PRO D 133 -31.96 -1.37 -42.00
N GLY D 134 -31.24 -1.95 -42.94
CA GLY D 134 -31.72 -3.17 -43.60
C GLY D 134 -32.03 -4.25 -42.56
N GLU D 135 -31.21 -4.28 -41.52
CA GLU D 135 -31.33 -5.24 -40.43
C GLU D 135 -32.62 -5.10 -39.62
N LEU D 136 -33.23 -3.94 -39.68
CA LEU D 136 -34.41 -3.63 -38.88
C LEU D 136 -35.62 -4.52 -39.16
N PRO D 137 -36.48 -4.77 -38.10
CA PRO D 137 -37.55 -5.71 -38.44
C PRO D 137 -38.65 -5.17 -39.34
N ALA D 138 -39.35 -6.08 -39.97
CA ALA D 138 -40.50 -5.72 -40.80
C ALA D 138 -41.64 -5.21 -39.96
N GLY D 139 -42.50 -4.41 -40.54
CA GLY D 139 -43.53 -3.80 -39.77
C GLY D 139 -43.23 -2.36 -39.53
N ASP D 140 -44.08 -1.73 -38.72
CA ASP D 140 -44.08 -0.30 -38.38
C ASP D 140 -43.05 0.21 -37.43
N LEU D 141 -42.47 -0.67 -36.65
CA LEU D 141 -41.47 -0.27 -35.72
C LEU D 141 -41.92 0.76 -34.72
N LYS D 142 -43.14 0.64 -34.22
CA LYS D 142 -43.60 1.49 -33.14
C LYS D 142 -43.10 1.03 -31.78
N VAL D 143 -42.33 1.86 -31.13
CA VAL D 143 -41.74 1.55 -29.83
C VAL D 143 -42.75 1.88 -28.75
N THR D 144 -43.12 0.87 -27.96
CA THR D 144 -44.08 1.05 -26.88
C THR D 144 -43.45 0.81 -25.51
N SER D 145 -42.34 0.08 -25.50
CA SER D 145 -41.80 -0.45 -24.26
C SER D 145 -40.33 -0.80 -24.37
N VAL D 146 -39.74 -1.11 -23.23
CA VAL D 146 -38.39 -1.65 -23.17
C VAL D 146 -38.49 -3.17 -23.00
N SER D 147 -37.71 -3.89 -23.74
CA SER D 147 -37.65 -5.30 -23.66
C SER D 147 -37.06 -5.81 -22.36
N GLY D 148 -37.48 -7.00 -21.98
CA GLY D 148 -36.96 -7.65 -20.81
C GLY D 148 -37.51 -7.19 -19.52
N SER D 149 -36.75 -7.33 -18.49
CA SER D 149 -37.15 -6.88 -17.18
C SER D 149 -36.57 -5.54 -16.76
N ALA D 150 -35.99 -4.79 -17.67
CA ALA D 150 -35.30 -3.55 -17.35
C ALA D 150 -36.23 -2.55 -16.69
N THR D 151 -35.76 -1.97 -15.59
CA THR D 151 -36.53 -1.01 -14.82
C THR D 151 -35.81 0.30 -14.65
N LEU D 152 -36.55 1.40 -14.76
CA LEU D 152 -35.98 2.73 -14.60
C LEU D 152 -36.31 3.25 -13.25
N ASN D 153 -35.28 3.61 -12.48
CA ASN D 153 -35.50 4.14 -11.14
C ASN D 153 -35.08 5.59 -11.03
N LEU D 154 -36.01 6.43 -10.60
CA LEU D 154 -35.74 7.84 -10.38
C LEU D 154 -35.73 8.04 -8.90
N TRP D 155 -34.69 8.65 -8.38
CA TRP D 155 -34.57 8.79 -6.91
C TRP D 155 -34.56 10.25 -6.48
N ALA D 156 -35.38 10.57 -5.47
CA ALA D 156 -35.45 11.88 -4.86
C ALA D 156 -35.01 11.64 -3.41
N VAL D 157 -33.74 11.88 -3.11
CA VAL D 157 -33.18 11.61 -1.78
C VAL D 157 -32.74 12.90 -1.06
N ASP D 158 -33.16 13.04 0.19
CA ASP D 158 -32.86 14.20 1.03
C ASP D 158 -31.50 13.98 1.68
N ARG D 159 -30.65 15.00 1.62
CA ARG D 159 -29.31 14.93 2.17
C ARG D 159 -28.89 16.29 2.70
N LEU D 160 -27.93 16.30 3.62
CA LEU D 160 -27.37 17.56 4.14
C LEU D 160 -26.71 18.25 2.98
N LYS D 161 -26.87 19.55 2.89
CA LYS D 161 -26.37 20.34 1.75
C LYS D 161 -24.86 20.21 1.62
N GLY D 162 -24.41 19.95 0.41
CA GLY D 162 -23.00 19.74 0.14
C GLY D 162 -22.49 18.33 0.31
N GLU D 163 -23.14 17.52 1.12
CA GLU D 163 -22.65 16.18 1.39
C GLU D 163 -22.56 15.21 0.16
N ALA D 164 -23.51 15.25 -0.77
CA ALA D 164 -23.54 14.36 -1.93
C ALA D 164 -23.05 15.09 -3.18
N SER D 165 -22.02 14.58 -3.84
CA SER D 165 -21.55 15.22 -5.11
C SER D 165 -22.18 14.62 -6.36
N ILE D 166 -22.36 15.50 -7.34
CA ILE D 166 -22.88 15.10 -8.61
C ILE D 166 -21.83 14.28 -9.33
N GLY D 167 -22.32 13.32 -10.08
CA GLY D 167 -21.47 12.40 -10.81
C GLY D 167 -20.88 11.31 -9.94
N SER D 168 -21.54 10.93 -8.88
CA SER D 168 -21.10 9.83 -8.07
C SER D 168 -22.24 8.92 -7.71
N VAL D 169 -21.92 7.81 -7.11
CA VAL D 169 -22.96 6.93 -6.61
C VAL D 169 -23.74 7.76 -5.63
N LEU D 170 -25.07 7.70 -5.68
CA LEU D 170 -25.85 8.41 -4.68
C LEU D 170 -26.04 7.47 -3.47
N ALA D 171 -25.52 7.85 -2.32
CA ALA D 171 -25.70 7.09 -1.08
C ALA D 171 -27.08 7.35 -0.58
N VAL D 172 -27.80 6.30 -0.24
CA VAL D 172 -29.13 6.50 0.33
C VAL D 172 -28.94 6.16 1.78
N PRO D 173 -28.93 7.18 2.69
CA PRO D 173 -28.70 6.82 4.07
C PRO D 173 -29.73 5.84 4.64
N ALA D 174 -29.27 5.06 5.60
CA ALA D 174 -29.98 3.96 6.22
C ALA D 174 -31.24 4.29 6.99
N ASP D 175 -31.27 5.49 7.57
CA ASP D 175 -32.35 5.97 8.45
C ASP D 175 -33.63 6.53 7.82
N ASN D 176 -34.70 6.59 8.61
CA ASN D 176 -35.95 7.22 8.27
C ASN D 176 -36.26 8.36 9.19
N TYR D 177 -35.28 9.20 9.48
CA TYR D 177 -35.50 10.32 10.36
C TYR D 177 -35.27 11.67 9.68
N PRO D 178 -36.27 12.56 9.68
CA PRO D 178 -37.59 12.31 10.27
C PRO D 178 -38.47 11.36 9.52
N THR D 179 -39.48 10.86 10.18
CA THR D 179 -40.36 9.90 9.52
C THR D 179 -40.86 10.46 8.21
N GLY D 180 -40.62 9.77 7.10
CA GLY D 180 -40.98 10.22 5.77
C GLY D 180 -39.93 10.94 4.94
N VAL D 181 -38.74 11.05 5.45
CA VAL D 181 -37.67 11.71 4.77
C VAL D 181 -37.44 10.94 3.50
N CYS D 182 -36.99 11.68 2.49
CA CYS D 182 -36.84 11.17 1.14
C CYS D 182 -35.81 10.09 0.96
N ARG D 183 -36.29 8.86 0.86
CA ARG D 183 -35.37 7.74 0.66
C ARG D 183 -35.69 6.79 -0.48
N LYS D 184 -36.97 6.60 -0.76
CA LYS D 184 -37.50 5.61 -1.70
C LYS D 184 -37.40 5.96 -3.17
N PRO D 185 -37.31 4.97 -4.06
CA PRO D 185 -37.28 5.22 -5.51
C PRO D 185 -38.62 5.26 -6.24
N TYR D 186 -38.63 5.93 -7.36
CA TYR D 186 -39.77 5.87 -8.23
C TYR D 186 -39.38 4.92 -9.33
N SER D 187 -40.09 3.80 -9.45
CA SER D 187 -39.70 2.75 -10.42
C SER D 187 -40.65 2.57 -11.58
N LEU D 188 -40.12 2.64 -12.79
CA LEU D 188 -40.91 2.53 -14.01
C LEU D 188 -40.56 1.23 -14.74
N ILE D 189 -41.59 0.46 -15.03
CA ILE D 189 -41.44 -0.87 -15.63
C ILE D 189 -42.10 -0.97 -16.99
N GLY D 190 -41.41 -1.52 -17.95
CA GLY D 190 -41.95 -1.73 -19.27
C GLY D 190 -42.37 -0.50 -20.04
N PRO D 191 -43.65 -0.43 -20.34
CA PRO D 191 -44.17 0.67 -21.14
C PRO D 191 -43.91 1.97 -20.38
N ALA D 192 -44.06 1.89 -19.07
CA ALA D 192 -44.01 3.06 -18.20
C ALA D 192 -42.75 3.90 -18.33
N SER D 193 -41.61 3.27 -18.51
CA SER D 193 -40.33 3.94 -18.69
C SER D 193 -40.32 4.77 -20.00
N ILE D 194 -40.88 4.20 -21.05
CA ILE D 194 -41.05 4.87 -22.34
C ILE D 194 -42.06 6.03 -22.27
N ALA D 195 -43.12 5.83 -21.51
CA ALA D 195 -44.27 6.75 -21.47
C ALA D 195 -44.12 7.86 -20.44
N ILE D 196 -42.94 7.94 -19.83
CA ILE D 196 -42.74 8.85 -18.72
C ILE D 196 -43.02 10.29 -19.11
N GLY D 197 -43.72 10.98 -18.21
CA GLY D 197 -44.06 12.39 -18.39
C GLY D 197 -45.30 12.66 -19.22
N GLY D 198 -45.97 11.61 -19.67
CA GLY D 198 -47.18 11.75 -20.48
C GLY D 198 -46.88 12.07 -21.94
N GLY D 199 -47.92 12.43 -22.67
CA GLY D 199 -47.80 12.78 -24.08
C GLY D 199 -47.95 11.57 -24.97
N PRO D 200 -47.91 11.78 -26.31
CA PRO D 200 -48.13 10.61 -27.19
C PRO D 200 -46.94 9.65 -27.29
N PRO D 201 -47.21 8.43 -27.71
CA PRO D 201 -46.17 7.41 -27.86
C PRO D 201 -45.27 7.73 -29.06
N PRO D 202 -44.10 7.07 -29.16
CA PRO D 202 -43.22 7.33 -30.27
C PRO D 202 -43.90 7.07 -31.60
N PRO D 203 -43.59 7.89 -32.62
CA PRO D 203 -44.25 7.73 -33.92
C PRO D 203 -43.85 6.45 -34.65
N PRO D 204 -44.76 5.86 -35.47
CA PRO D 204 -44.31 4.67 -36.21
C PRO D 204 -43.47 5.01 -37.44
N ILE D 205 -42.77 4.02 -38.00
CA ILE D 205 -41.96 4.23 -39.19
C ILE D 205 -42.74 3.78 -40.42
N PRO D 206 -42.93 4.67 -41.45
CA PRO D 206 -43.70 4.15 -42.59
C PRO D 206 -42.95 3.10 -43.44
N LYS D 207 -43.69 2.08 -43.85
CA LYS D 207 -43.12 1.00 -44.69
C LYS D 207 -43.81 0.83 -46.06
N LYS D 208 -44.51 1.87 -46.51
CA LYS D 208 -45.26 1.75 -47.77
C LYS D 208 -44.80 2.57 -48.97
N CYS D 209 -45.40 2.24 -50.11
CA CYS D 209 -45.14 2.88 -51.38
C CYS D 209 -46.46 3.46 -51.87
N LYS D 210 -46.42 4.70 -52.35
CA LYS D 210 -47.66 5.31 -52.84
C LYS D 210 -48.12 4.46 -54.02
N VAL D 211 -49.42 4.20 -54.08
CA VAL D 211 -49.98 3.38 -55.15
C VAL D 211 -51.31 3.92 -55.65
N GLU D 212 -51.80 3.35 -56.74
CA GLU D 212 -53.05 3.75 -57.33
C GLU D 212 -53.74 2.46 -57.71
N VAL D 213 -54.87 2.18 -57.09
CA VAL D 213 -55.61 0.96 -57.40
C VAL D 213 -56.32 1.04 -58.75
N GLY D 214 -56.33 -0.08 -59.48
CA GLY D 214 -56.99 -0.14 -60.77
C GLY D 214 -56.21 0.37 -61.97
N ARG D 215 -54.94 0.72 -61.77
CA ARG D 215 -54.12 1.22 -62.87
C ARG D 215 -53.93 0.15 -63.93
N GLU D 216 -53.94 0.57 -65.20
CA GLU D 216 -53.76 -0.34 -66.32
C GLU D 216 -52.55 0.04 -67.15
N ILE D 217 -51.72 -0.94 -67.49
CA ILE D 217 -50.51 -0.64 -68.30
C ILE D 217 -50.67 -1.42 -69.59
N ASN D 218 -50.48 -0.74 -70.72
CA ASN D 218 -50.62 -1.40 -72.03
C ASN D 218 -49.33 -1.59 -72.77
N VAL D 219 -49.07 -2.84 -73.12
CA VAL D 219 -47.89 -3.25 -73.84
C VAL D 219 -48.31 -3.71 -75.22
N LYS D 220 -47.69 -3.12 -76.22
CA LYS D 220 -47.92 -3.53 -77.61
C LYS D 220 -46.77 -4.43 -78.02
N LEU D 221 -47.08 -5.68 -78.32
CA LEU D 221 -46.06 -6.60 -78.76
C LEU D 221 -45.84 -6.44 -80.26
N GLY D 222 -46.75 -5.74 -80.92
CA GLY D 222 -46.67 -5.52 -82.36
C GLY D 222 -47.23 -6.74 -83.06
N SER D 223 -46.99 -6.80 -84.36
CA SER D 223 -47.53 -7.87 -85.18
C SER D 223 -46.39 -8.70 -85.76
N VAL D 224 -46.45 -10.00 -85.52
CA VAL D 224 -45.38 -10.89 -85.97
C VAL D 224 -45.90 -11.98 -86.92
N ALA D 225 -45.19 -12.22 -88.00
CA ALA D 225 -45.65 -13.24 -88.90
C ALA D 225 -45.49 -14.61 -88.34
N LEU D 226 -46.48 -15.43 -88.62
CA LEU D 226 -46.49 -16.80 -88.18
C LEU D 226 -45.24 -17.47 -88.70
N LYS D 227 -44.67 -16.91 -89.75
CA LYS D 227 -43.52 -17.47 -90.40
C LYS D 227 -42.36 -17.53 -89.48
N ASN D 228 -42.31 -16.60 -88.55
CA ASN D 228 -41.16 -16.44 -87.67
C ASN D 228 -40.87 -17.61 -86.78
N PHE D 229 -41.91 -18.25 -86.28
CA PHE D 229 -41.68 -19.36 -85.39
C PHE D 229 -41.71 -20.62 -86.21
N PRO D 230 -40.53 -21.05 -86.64
CA PRO D 230 -40.27 -22.41 -87.18
C PRO D 230 -40.32 -23.59 -86.19
N ARG D 231 -39.75 -23.42 -85.00
CA ARG D 231 -39.55 -24.47 -84.05
C ARG D 231 -40.28 -24.01 -82.83
N VAL D 232 -40.86 -24.96 -82.14
CA VAL D 232 -41.58 -24.72 -80.91
C VAL D 232 -40.65 -24.20 -79.83
N ASN D 233 -41.16 -23.28 -79.02
CA ASN D 233 -40.39 -22.58 -78.00
C ASN D 233 -39.67 -21.36 -78.54
N ASP D 234 -39.89 -21.03 -79.81
CA ASP D 234 -39.41 -19.78 -80.41
C ASP D 234 -40.27 -18.60 -79.98
N THR D 235 -39.71 -17.39 -80.04
CA THR D 235 -40.38 -16.18 -79.50
C THR D 235 -40.07 -14.94 -80.28
N SER D 236 -41.01 -13.99 -80.25
CA SER D 236 -40.87 -12.70 -80.98
C SER D 236 -39.80 -11.85 -80.35
N THR D 237 -39.45 -10.74 -80.98
CA THR D 237 -38.43 -9.86 -80.40
C THR D 237 -38.99 -9.14 -79.12
N GLU D 238 -38.19 -9.10 -78.04
CA GLU D 238 -38.68 -8.71 -76.69
C GLU D 238 -39.03 -7.24 -76.57
N ARG D 239 -40.19 -6.91 -75.99
CA ARG D 239 -40.62 -5.51 -75.79
C ARG D 239 -40.49 -5.11 -74.30
N SER D 240 -39.85 -3.98 -74.03
CA SER D 240 -39.55 -3.55 -72.64
C SER D 240 -40.52 -2.62 -71.95
N PHE D 241 -40.99 -3.01 -70.77
CA PHE D 241 -41.77 -2.12 -69.92
C PHE D 241 -41.29 -2.15 -68.47
N ASP D 242 -41.84 -1.27 -67.67
CA ASP D 242 -41.48 -1.19 -66.27
C ASP D 242 -42.72 -0.98 -65.40
N ILE D 243 -42.76 -1.63 -64.25
CA ILE D 243 -43.88 -1.44 -63.32
C ILE D 243 -43.26 -0.75 -62.13
N SER D 244 -43.79 0.41 -61.76
CA SER D 244 -43.22 1.16 -60.66
C SER D 244 -44.19 1.79 -59.69
N LEU D 245 -43.67 2.06 -58.50
CA LEU D 245 -44.39 2.70 -57.42
C LEU D 245 -43.66 4.02 -57.17
N SER D 246 -44.34 4.97 -56.53
CA SER D 246 -43.74 6.27 -56.26
C SER D 246 -44.01 6.72 -54.83
N GLU D 247 -43.19 7.66 -54.36
CA GLU D 247 -43.33 8.18 -53.00
C GLU D 247 -43.19 7.07 -51.97
N CYS D 248 -42.23 6.18 -52.23
CA CYS D 248 -41.97 5.04 -51.36
C CYS D 248 -41.19 5.36 -50.09
N ALA D 249 -41.67 4.84 -48.96
CA ALA D 249 -40.98 5.03 -47.68
C ALA D 249 -39.56 4.47 -47.77
N ALA D 250 -38.64 5.10 -47.09
CA ALA D 250 -37.23 4.71 -47.16
C ALA D 250 -37.00 3.21 -46.94
N LEU D 251 -37.58 2.67 -45.88
CA LEU D 251 -37.35 1.26 -45.53
C LEU D 251 -38.36 0.29 -46.11
N ALA D 252 -39.37 0.81 -46.77
CA ALA D 252 -40.39 -0.06 -47.34
C ALA D 252 -39.83 -0.90 -48.46
N LYS D 253 -40.19 -2.18 -48.45
CA LYS D 253 -39.80 -3.07 -49.51
C LYS D 253 -41.06 -3.66 -50.09
N PRO D 254 -41.37 -3.32 -51.34
CA PRO D 254 -42.57 -3.82 -52.04
C PRO D 254 -42.33 -5.06 -52.91
N GLU D 255 -43.24 -6.03 -52.80
CA GLU D 255 -43.18 -7.27 -53.53
C GLU D 255 -44.40 -7.31 -54.46
N ILE D 256 -44.26 -7.74 -55.71
CA ILE D 256 -45.34 -7.81 -56.70
C ILE D 256 -45.61 -9.23 -57.16
N ALA D 257 -46.88 -9.62 -57.20
CA ALA D 257 -47.29 -10.96 -57.68
C ALA D 257 -48.21 -10.84 -58.90
N PHE D 258 -48.17 -11.84 -59.80
CA PHE D 258 -49.02 -11.85 -61.01
C PHE D 258 -49.93 -13.06 -61.20
N ARG D 259 -51.13 -12.85 -61.69
CA ARG D 259 -52.06 -13.96 -62.01
C ARG D 259 -52.60 -13.78 -63.39
N ASP D 260 -52.89 -14.88 -64.09
CA ASP D 260 -53.52 -14.81 -65.41
C ASP D 260 -54.97 -14.40 -65.20
N LYS D 261 -55.38 -13.40 -65.96
CA LYS D 261 -56.75 -12.87 -65.82
C LYS D 261 -57.76 -13.95 -66.22
N TYR D 262 -57.35 -14.78 -67.17
CA TYR D 262 -58.21 -15.80 -67.74
C TYR D 262 -58.19 -17.18 -67.10
N VAL D 263 -57.05 -17.56 -66.52
CA VAL D 263 -56.91 -18.86 -65.89
C VAL D 263 -57.02 -18.74 -64.39
N SER D 264 -57.67 -19.71 -63.76
CA SER D 264 -57.81 -19.72 -62.31
C SER D 264 -56.93 -20.77 -61.64
N ALA D 265 -56.96 -21.99 -62.19
CA ALA D 265 -56.19 -23.11 -61.67
C ALA D 265 -54.69 -22.98 -61.98
N GLN D 266 -53.86 -23.60 -61.14
CA GLN D 266 -52.43 -23.52 -61.35
C GLN D 266 -52.13 -24.18 -62.69
N GLN D 267 -51.38 -23.48 -63.53
CA GLN D 267 -51.03 -23.96 -64.85
C GLN D 267 -49.95 -25.03 -64.87
N ALA D 268 -50.00 -25.90 -65.87
CA ALA D 268 -48.99 -26.93 -66.03
C ALA D 268 -47.68 -26.17 -66.11
N ASP D 269 -47.69 -25.07 -66.83
CA ASP D 269 -46.53 -24.20 -66.92
C ASP D 269 -47.00 -22.76 -66.71
N PRO D 270 -46.78 -22.18 -65.50
CA PRO D 270 -47.25 -20.79 -65.32
C PRO D 270 -46.40 -19.73 -65.99
N THR D 271 -45.25 -20.09 -66.54
CA THR D 271 -44.46 -19.06 -67.19
C THR D 271 -45.12 -18.66 -68.49
N ILE D 272 -46.08 -19.46 -68.96
CA ILE D 272 -46.77 -19.14 -70.20
C ILE D 272 -48.11 -18.46 -69.94
N LEU D 273 -48.21 -17.19 -70.33
CA LEU D 273 -49.45 -16.43 -70.18
C LEU D 273 -50.39 -16.73 -71.34
N SER D 274 -51.64 -17.09 -71.05
CA SER D 274 -52.58 -17.45 -72.12
C SER D 274 -53.08 -16.17 -72.82
N LEU D 275 -53.45 -16.28 -74.09
CA LEU D 275 -54.10 -15.16 -74.80
C LEU D 275 -55.61 -15.32 -74.66
N LYS D 276 -56.35 -14.23 -74.76
CA LYS D 276 -57.81 -14.30 -74.72
C LYS D 276 -58.33 -15.10 -75.91
N SER D 277 -59.32 -15.95 -75.64
CA SER D 277 -59.86 -16.87 -76.63
C SER D 277 -60.65 -16.16 -77.69
N GLY D 278 -60.73 -16.77 -78.86
CA GLY D 278 -61.41 -16.16 -79.99
C GLY D 278 -60.48 -15.34 -80.84
N GLY D 279 -59.19 -15.41 -80.55
CA GLY D 279 -58.22 -14.75 -81.38
C GLY D 279 -57.33 -15.75 -82.09
N ALA D 280 -56.08 -15.80 -81.65
CA ALA D 280 -55.05 -16.61 -82.28
C ALA D 280 -54.97 -17.94 -81.54
N ALA D 281 -54.28 -18.92 -82.08
CA ALA D 281 -54.09 -20.18 -81.33
C ALA D 281 -52.66 -20.72 -81.41
N GLY D 282 -52.30 -21.58 -80.45
CA GLY D 282 -50.99 -22.22 -80.42
C GLY D 282 -49.86 -21.30 -79.96
N PHE D 283 -50.22 -20.21 -79.30
CA PHE D 283 -49.22 -19.26 -78.81
C PHE D 283 -49.41 -18.88 -77.37
N GLY D 284 -48.37 -18.28 -76.80
CA GLY D 284 -48.48 -17.64 -75.49
C GLY D 284 -47.54 -16.46 -75.39
N ILE D 285 -47.64 -15.79 -74.24
CA ILE D 285 -46.75 -14.67 -73.87
C ILE D 285 -45.84 -15.06 -72.70
N VAL D 286 -44.57 -14.70 -72.81
CA VAL D 286 -43.62 -14.85 -71.72
C VAL D 286 -43.01 -13.48 -71.31
N VAL D 287 -43.00 -13.24 -70.00
CA VAL D 287 -42.42 -12.02 -69.41
C VAL D 287 -41.17 -12.34 -68.61
N LYS D 288 -40.10 -11.63 -68.92
CA LYS D 288 -38.83 -11.82 -68.23
C LYS D 288 -38.53 -10.73 -67.22
N ASN D 289 -38.36 -11.16 -65.98
CA ASN D 289 -37.98 -10.28 -64.89
C ASN D 289 -36.58 -9.78 -65.18
N GLY D 290 -36.41 -8.48 -65.18
CA GLY D 290 -35.11 -7.89 -65.44
C GLY D 290 -34.07 -8.19 -64.38
N LEU D 291 -34.48 -8.12 -63.13
CA LEU D 291 -33.56 -8.30 -62.00
C LEU D 291 -33.00 -9.72 -61.86
N ASP D 292 -33.88 -10.71 -61.93
CA ASP D 292 -33.42 -12.08 -61.73
C ASP D 292 -33.23 -12.90 -63.02
N GLN D 293 -33.67 -12.33 -64.14
CA GLN D 293 -33.41 -12.91 -65.46
C GLN D 293 -34.21 -14.18 -65.74
N GLN D 294 -35.25 -14.41 -64.96
CA GLN D 294 -36.09 -15.59 -65.07
C GLN D 294 -37.47 -15.14 -65.45
N ARG D 295 -38.22 -16.01 -66.11
CA ARG D 295 -39.54 -15.64 -66.54
C ARG D 295 -40.46 -15.67 -65.36
N ILE D 296 -41.34 -14.67 -65.36
CA ILE D 296 -42.44 -14.58 -64.40
C ILE D 296 -43.34 -15.84 -64.41
N ARG D 297 -43.80 -16.23 -63.24
CA ARG D 297 -44.75 -17.31 -63.10
C ARG D 297 -46.05 -16.65 -62.69
N PHE D 298 -47.14 -17.06 -63.32
CA PHE D 298 -48.42 -16.41 -63.13
C PHE D 298 -49.30 -17.18 -62.16
N ASP D 299 -48.66 -17.98 -61.32
CA ASP D 299 -49.28 -18.62 -60.16
C ASP D 299 -49.78 -17.68 -59.07
N GLY D 300 -49.06 -16.61 -58.84
CA GLY D 300 -49.21 -15.81 -57.64
C GLY D 300 -47.94 -15.71 -56.83
N THR D 301 -46.81 -16.18 -57.38
CA THR D 301 -45.50 -16.02 -56.73
C THR D 301 -45.19 -14.52 -56.53
N PRO D 302 -44.81 -14.05 -55.29
CA PRO D 302 -44.42 -12.66 -55.12
C PRO D 302 -42.95 -12.43 -55.45
N TYR D 303 -42.66 -11.27 -56.00
CA TYR D 303 -41.30 -10.94 -56.41
C TYR D 303 -40.84 -9.67 -55.72
N PRO D 304 -39.58 -9.66 -55.24
CA PRO D 304 -39.08 -8.39 -54.77
C PRO D 304 -38.85 -7.39 -55.90
N MET D 305 -39.12 -6.12 -55.59
CA MET D 305 -38.97 -5.03 -56.54
C MET D 305 -37.81 -4.14 -56.10
N ARG D 306 -37.02 -3.74 -57.08
CA ARG D 306 -35.85 -2.91 -56.86
C ARG D 306 -36.23 -1.57 -56.22
N ARG D 307 -35.30 -1.01 -55.46
CA ARG D 307 -35.48 0.29 -54.82
C ARG D 307 -34.46 1.32 -55.31
N VAL D 308 -34.92 2.26 -56.09
CA VAL D 308 -34.10 3.34 -56.60
C VAL D 308 -34.66 4.65 -56.15
N GLY D 309 -33.86 5.44 -55.49
CA GLY D 309 -34.36 6.72 -54.96
C GLY D 309 -35.65 6.55 -54.17
N ASP D 310 -36.68 7.30 -54.51
CA ASP D 310 -37.91 7.29 -53.74
C ASP D 310 -38.97 6.39 -54.34
N SER D 311 -38.55 5.51 -55.25
CA SER D 311 -39.46 4.65 -55.98
C SER D 311 -39.01 3.19 -56.03
N ALA D 312 -39.95 2.30 -56.29
CA ALA D 312 -39.69 0.86 -56.41
C ALA D 312 -40.28 0.40 -57.76
N ASP D 313 -39.51 -0.38 -58.52
CA ASP D 313 -39.99 -0.84 -59.81
C ASP D 313 -39.57 -2.27 -60.08
N LEU D 314 -40.29 -2.95 -60.96
CA LEU D 314 -39.85 -4.22 -61.51
C LEU D 314 -39.67 -4.07 -63.00
N PRO D 315 -38.41 -4.04 -63.53
CA PRO D 315 -38.34 -3.92 -64.98
C PRO D 315 -38.65 -5.24 -65.70
N LEU D 316 -39.42 -5.15 -66.78
CA LEU D 316 -39.83 -6.35 -67.51
C LEU D 316 -39.67 -6.23 -69.05
N SER D 317 -39.50 -7.38 -69.70
CA SER D 317 -39.57 -7.46 -71.16
C SER D 317 -40.54 -8.61 -71.55
N ALA D 318 -41.28 -8.41 -72.63
CA ALA D 318 -42.31 -9.36 -73.02
C ALA D 318 -42.22 -9.74 -74.49
N ALA D 319 -42.70 -10.94 -74.77
CA ALA D 319 -42.70 -11.46 -76.14
C ALA D 319 -43.71 -12.59 -76.30
N TYR D 320 -43.97 -12.91 -77.55
CA TYR D 320 -44.88 -14.01 -77.92
C TYR D 320 -44.15 -15.32 -77.94
N ILE D 321 -44.80 -16.37 -77.47
CA ILE D 321 -44.19 -17.70 -77.42
C ILE D 321 -45.13 -18.65 -78.12
N ARG D 322 -44.59 -19.44 -79.04
CA ARG D 322 -45.41 -20.42 -79.72
C ARG D 322 -45.33 -21.75 -78.98
N ILE D 323 -46.45 -22.09 -78.37
CA ILE D 323 -46.66 -23.39 -77.72
C ILE D 323 -46.74 -24.58 -78.69
N GLU D 326 -47.39 -27.73 -85.22
CA GLU D 326 -47.53 -28.03 -86.64
C GLU D 326 -48.89 -27.58 -87.17
N GLY D 327 -49.91 -28.35 -86.83
CA GLY D 327 -51.26 -28.04 -87.26
C GLY D 327 -52.00 -27.21 -86.24
N GLU D 328 -51.47 -27.21 -85.04
CA GLU D 328 -52.02 -26.50 -83.91
C GLU D 328 -52.06 -25.02 -84.13
N LEU D 329 -51.18 -24.52 -85.01
CA LEU D 329 -51.06 -23.08 -85.32
C LEU D 329 -52.28 -22.43 -85.99
N LYS D 330 -52.49 -21.14 -85.68
CA LYS D 330 -53.59 -20.37 -86.21
C LYS D 330 -52.92 -19.06 -86.45
N ALA D 331 -53.66 -17.97 -86.63
CA ALA D 331 -52.99 -16.69 -86.87
C ALA D 331 -53.65 -15.39 -86.41
N GLY D 332 -54.69 -15.44 -85.59
CA GLY D 332 -55.44 -14.23 -85.32
C GLY D 332 -55.73 -13.74 -83.90
N VAL D 333 -55.82 -12.42 -83.78
CA VAL D 333 -56.43 -11.75 -82.64
C VAL D 333 -55.86 -12.10 -81.27
N ALA D 334 -54.54 -12.19 -81.18
CA ALA D 334 -53.91 -12.70 -79.96
C ALA D 334 -53.62 -11.60 -78.92
N ASP D 335 -54.21 -11.72 -77.74
CA ASP D 335 -54.03 -10.74 -76.67
C ASP D 335 -53.96 -11.42 -75.31
N GLY D 336 -53.41 -10.69 -74.34
CA GLY D 336 -53.26 -11.22 -72.98
C GLY D 336 -53.38 -10.17 -71.90
N ALA D 337 -53.82 -10.63 -70.73
CA ALA D 337 -53.97 -9.76 -69.56
C ALA D 337 -53.48 -10.45 -68.31
N ALA D 338 -52.63 -9.74 -67.60
CA ALA D 338 -52.03 -10.21 -66.35
C ALA D 338 -52.38 -9.25 -65.23
N GLU D 339 -53.00 -9.81 -64.21
CA GLU D 339 -53.37 -9.03 -63.02
C GLU D 339 -52.24 -9.04 -61.99
N PHE D 340 -51.82 -7.87 -61.49
CA PHE D 340 -50.79 -7.87 -60.44
C PHE D 340 -51.25 -7.30 -59.14
N THR D 341 -50.64 -7.79 -58.08
CA THR D 341 -50.91 -7.31 -56.73
C THR D 341 -49.61 -6.86 -56.10
N PHE D 342 -49.71 -5.90 -55.19
CA PHE D 342 -48.56 -5.46 -54.41
C PHE D 342 -48.68 -5.94 -52.97
N THR D 343 -47.63 -6.61 -52.49
CA THR D 343 -47.60 -7.12 -51.12
C THR D 343 -46.63 -6.31 -50.26
N PHE D 344 -47.17 -5.29 -49.59
CA PHE D 344 -46.38 -4.42 -48.72
C PHE D 344 -45.69 -5.08 -47.50
N PRO D 345 -46.38 -5.97 -46.78
CA PRO D 345 -47.75 -6.40 -47.10
C PRO D 345 -48.88 -5.73 -46.31
N SER D 346 -49.72 -5.03 -47.02
CA SER D 346 -50.85 -4.34 -46.40
C SER D 346 -52.02 -4.46 -47.34
N ASP D 347 -51.77 -5.05 -48.50
CA ASP D 347 -52.77 -5.27 -49.54
C ASP D 347 -52.87 -6.71 -50.04
N ASN D 348 -54.01 -7.32 -49.77
CA ASN D 348 -54.57 -8.50 -50.43
C ASN D 348 -55.21 -8.37 -51.84
N LYS D 349 -55.96 -7.30 -52.09
CA LYS D 349 -56.73 -7.09 -53.32
C LYS D 349 -55.89 -6.72 -54.55
N VAL D 350 -56.41 -6.97 -55.75
CA VAL D 350 -55.72 -6.65 -57.01
C VAL D 350 -55.56 -5.15 -57.15
N ASP D 351 -54.35 -4.72 -57.51
CA ASP D 351 -54.06 -3.29 -57.62
C ASP D 351 -53.86 -2.83 -59.06
N GLY D 352 -53.61 -3.77 -59.97
CA GLY D 352 -53.31 -3.41 -61.34
C GLY D 352 -53.52 -4.50 -62.38
N ILE D 353 -53.59 -4.08 -63.63
CA ILE D 353 -53.60 -4.99 -64.76
C ILE D 353 -52.63 -4.52 -65.84
N VAL D 354 -51.98 -5.48 -66.50
CA VAL D 354 -51.15 -5.16 -67.65
C VAL D 354 -51.76 -5.90 -68.83
N ASN D 355 -51.97 -5.15 -69.89
CA ASN D 355 -52.65 -5.61 -71.09
C ASN D 355 -51.67 -5.70 -72.22
N PHE D 356 -51.65 -6.86 -72.86
CA PHE D 356 -50.78 -7.06 -74.01
C PHE D 356 -51.61 -7.03 -75.28
N SER D 357 -51.11 -6.33 -76.30
CA SER D 357 -51.75 -6.28 -77.59
C SER D 357 -50.78 -6.66 -78.70
N GLY D 358 -51.24 -7.48 -79.62
CA GLY D 358 -50.39 -7.92 -80.71
C GLY D 358 -51.10 -8.69 -81.79
N ASN D 359 -50.38 -8.96 -82.87
CA ASN D 359 -50.94 -9.70 -84.00
C ASN D 359 -49.92 -10.56 -84.74
N ILE D 360 -50.29 -11.82 -84.97
CA ILE D 360 -49.45 -12.76 -85.70
C ILE D 360 -49.48 -12.42 -87.19
N THR D 361 -48.40 -12.77 -87.90
CA THR D 361 -48.33 -12.49 -89.33
C THR D 361 -48.58 -13.76 -90.13
N GLU D 362 -49.16 -13.60 -91.32
CA GLU D 362 -49.44 -14.73 -92.19
C GLU D 362 -50.51 -15.66 -91.62
N GLU E 5 60.00 48.97 70.45
CA GLU E 5 58.85 48.75 69.51
C GLU E 5 58.37 47.28 69.52
N VAL E 6 57.76 46.88 70.62
CA VAL E 6 57.22 45.51 70.77
C VAL E 6 55.68 45.52 70.84
N ALA E 7 55.04 44.84 69.91
CA ALA E 7 53.58 44.81 69.85
C ALA E 7 52.98 44.02 71.03
N LEU E 8 51.90 44.58 71.61
CA LEU E 8 51.21 43.96 72.72
C LEU E 8 49.72 44.22 72.60
N ASN E 9 48.91 43.27 73.05
CA ASN E 9 47.46 43.42 72.99
C ASN E 9 46.98 43.66 71.55
N CYS E 10 47.58 42.95 70.62
CA CYS E 10 47.24 43.09 69.20
C CYS E 10 45.79 42.68 68.95
N SER E 11 45.10 43.44 68.10
CA SER E 11 43.69 43.16 67.78
C SER E 11 43.37 43.52 66.32
N PHE E 12 42.22 43.06 65.85
CA PHE E 12 41.79 43.33 64.46
C PHE E 12 40.44 43.99 64.51
N ASP E 13 40.29 45.06 63.75
CA ASP E 13 39.02 45.80 63.71
C ASP E 13 38.68 46.17 62.30
N ASN E 14 37.39 46.20 62.02
CA ASN E 14 36.88 46.46 60.66
C ASN E 14 37.13 47.87 60.19
N GLY E 15 37.40 48.01 58.90
CA GLY E 15 37.55 49.34 58.30
C GLY E 15 36.26 49.87 57.72
N LYS E 16 36.40 50.71 56.70
CA LYS E 16 35.30 50.98 55.75
C LYS E 16 35.14 49.66 54.99
N GLY E 17 33.92 49.12 54.90
CA GLY E 17 33.69 47.85 54.17
C GLY E 17 33.23 48.05 52.73
N LEU E 18 34.00 47.53 51.79
CA LEU E 18 33.73 47.74 50.36
C LEU E 18 32.65 46.81 49.79
N PRO E 19 31.95 47.25 48.71
CA PRO E 19 30.93 46.33 48.18
C PRO E 19 31.54 45.29 47.23
N TRP E 20 30.89 44.13 47.09
CA TRP E 20 31.41 43.10 46.18
C TRP E 20 31.33 43.57 44.72
N ARG E 21 32.32 43.25 43.91
CA ARG E 21 32.29 43.65 42.51
C ARG E 21 32.31 42.42 41.59
N VAL E 22 31.77 42.58 40.40
CA VAL E 22 31.67 41.46 39.47
C VAL E 22 32.94 41.49 38.63
N VAL E 23 33.75 40.46 38.76
CA VAL E 23 34.97 40.39 37.98
C VAL E 23 34.62 39.82 36.60
N ASN E 24 33.77 38.80 36.56
CA ASN E 24 33.38 38.11 35.31
C ASN E 24 31.92 37.72 35.43
N GLU E 25 31.17 38.01 34.37
CA GLU E 25 29.77 37.68 34.35
C GLU E 25 29.66 36.18 34.18
N LEU E 26 28.82 35.57 35.00
CA LEU E 26 28.62 34.13 34.93
C LEU E 26 27.62 33.79 33.79
N THR E 27 28.00 32.86 32.91
CA THR E 27 27.22 32.43 31.74
C THR E 27 27.51 30.96 31.42
N SER E 28 26.81 30.33 30.49
CA SER E 28 27.17 28.92 30.15
C SER E 28 28.50 28.86 29.45
N GLY E 29 28.91 29.96 28.83
CA GLY E 29 30.30 30.13 28.33
C GLY E 29 31.46 30.26 29.33
N THR E 30 31.13 30.63 30.59
CA THR E 30 32.11 30.79 31.67
C THR E 30 32.92 29.52 31.93
N ALA E 31 34.25 29.68 31.90
CA ALA E 31 35.16 28.57 32.23
C ALA E 31 35.29 28.21 33.74
N LYS E 32 35.62 26.96 33.99
CA LYS E 32 35.97 26.50 35.33
C LYS E 32 37.22 27.24 35.88
N GLY E 33 37.15 27.58 37.16
CA GLY E 33 38.20 28.39 37.78
C GLY E 33 38.06 29.90 37.59
N THR E 34 37.01 30.35 36.92
CA THR E 34 36.80 31.80 36.72
C THR E 34 36.37 32.50 38.02
N VAL E 35 36.81 33.74 38.18
CA VAL E 35 36.43 34.53 39.36
C VAL E 35 35.17 35.33 39.07
N LEU E 36 34.11 35.03 39.81
CA LEU E 36 32.83 35.68 39.61
C LEU E 36 32.77 37.02 40.32
N PHE E 37 33.11 37.01 41.60
CA PHE E 37 33.05 38.23 42.44
C PHE E 37 34.30 38.39 43.28
N ALA E 38 34.78 39.63 43.35
CA ALA E 38 35.90 39.95 44.20
C ALA E 38 35.67 41.16 45.05
N ARG E 39 36.38 41.17 46.17
CA ARG E 39 36.37 42.31 47.06
C ARG E 39 37.72 42.55 47.78
N PRO E 40 38.21 43.81 47.79
CA PRO E 40 39.31 44.06 48.71
C PRO E 40 38.79 44.43 50.10
N VAL E 41 39.46 43.90 51.13
CA VAL E 41 39.16 44.33 52.51
C VAL E 41 40.38 44.79 53.32
N SER E 42 40.19 45.85 54.09
CA SER E 42 41.26 46.32 54.96
C SER E 42 40.83 46.23 56.41
N LEU E 43 41.68 45.59 57.20
CA LEU E 43 41.51 45.52 58.65
C LEU E 43 42.49 46.47 59.36
N PHE E 44 42.05 47.07 60.45
CA PHE E 44 42.97 47.83 61.33
C PHE E 44 43.58 46.89 62.32
N LEU E 45 44.89 46.95 62.43
CA LEU E 45 45.60 46.12 63.39
C LEU E 45 46.13 46.99 64.50
N ASN E 46 45.59 46.82 65.70
CA ASN E 46 45.98 47.64 66.82
C ASN E 46 46.69 46.89 67.92
N TYR E 47 47.56 47.61 68.61
CA TYR E 47 48.34 47.03 69.72
C TYR E 47 48.89 48.12 70.60
N LYS E 48 49.49 47.73 71.71
CA LYS E 48 50.12 48.71 72.62
C LYS E 48 51.63 48.63 72.44
N PRO E 49 52.28 49.74 72.00
CA PRO E 49 53.73 49.59 71.86
C PRO E 49 54.48 49.61 73.21
N GLN E 50 55.62 48.97 73.23
CA GLN E 50 56.51 48.96 74.38
C GLN E 50 57.93 49.04 73.85
N ALA E 51 58.74 49.93 74.41
CA ALA E 51 60.11 50.08 73.90
C ALA E 51 60.89 48.80 74.15
N SER E 52 61.83 48.51 73.27
CA SER E 52 62.76 47.41 73.48
C SER E 52 64.20 47.80 73.06
N GLN E 53 65.17 47.21 73.73
CA GLN E 53 66.58 47.38 73.34
C GLN E 53 66.80 46.71 71.97
N GLU E 54 66.09 45.60 71.75
CA GLU E 54 66.17 44.82 70.51
C GLU E 54 64.96 45.07 69.59
N ALA E 55 65.22 45.13 68.28
CA ALA E 55 64.17 45.35 67.26
C ALA E 55 63.10 44.24 67.20
N HIS E 56 61.85 44.63 66.99
CA HIS E 56 60.73 43.69 66.88
C HIS E 56 59.88 43.93 65.63
N GLU E 57 59.16 42.90 65.20
CA GLU E 57 58.29 42.99 64.01
C GLU E 57 56.92 42.37 64.23
N LEU E 58 55.91 42.94 63.60
CA LEU E 58 54.60 42.30 63.60
C LEU E 58 54.53 41.37 62.38
N VAL E 59 54.31 40.08 62.60
CA VAL E 59 54.18 39.14 61.50
C VAL E 59 52.72 38.78 61.35
N ILE E 60 52.19 38.93 60.14
CA ILE E 60 50.79 38.61 59.88
C ILE E 60 50.67 37.29 59.15
N GLY E 61 50.04 36.34 59.82
CA GLY E 61 49.90 34.98 59.31
C GLY E 61 48.46 34.55 59.18
N GLY E 62 48.25 33.56 58.32
CA GLY E 62 46.91 33.03 58.09
C GLY E 62 46.90 31.57 57.75
N ASN E 63 45.88 30.87 58.21
CA ASN E 63 45.58 29.52 57.70
C ASN E 63 44.08 29.16 57.83
N TRP E 64 43.65 28.17 57.07
CA TRP E 64 42.30 27.62 57.18
C TRP E 64 42.41 26.35 57.98
N SER E 65 41.58 26.21 59.01
CA SER E 65 41.53 24.98 59.80
C SER E 65 40.12 24.43 59.76
N GLY E 66 39.96 23.18 60.19
CA GLY E 66 38.66 22.53 60.17
C GLY E 66 38.44 21.81 58.85
N VAL E 67 39.43 21.90 57.99
CA VAL E 67 39.44 21.18 56.73
C VAL E 67 40.86 20.71 56.58
N GLY E 68 41.01 19.54 55.98
CA GLY E 68 42.33 18.93 55.76
C GLY E 68 43.05 19.51 54.57
N TYR E 69 42.31 19.73 53.48
CA TYR E 69 42.93 20.13 52.22
C TYR E 69 42.12 21.14 51.46
N PRO E 70 42.77 21.92 50.55
CA PRO E 70 41.94 22.88 49.82
C PRO E 70 41.08 22.22 48.73
N GLY E 71 40.02 22.93 48.34
CA GLY E 71 39.13 22.54 47.25
C GLY E 71 39.71 22.95 45.90
N PRO E 72 38.92 22.81 44.83
CA PRO E 72 39.42 23.18 43.49
C PRO E 72 39.77 24.68 43.41
N TYR E 73 40.83 24.98 42.67
CA TYR E 73 41.28 26.36 42.50
C TYR E 73 41.65 27.06 43.82
N GLY E 74 42.31 26.32 44.71
CA GLY E 74 42.72 26.86 46.01
C GLY E 74 41.57 27.40 46.85
N THR E 75 40.44 26.75 46.78
CA THR E 75 39.29 27.31 47.47
C THR E 75 38.81 26.42 48.65
N VAL E 76 37.95 27.03 49.45
CA VAL E 76 37.20 26.38 50.50
C VAL E 76 35.74 26.50 50.08
N ALA E 77 35.01 25.40 50.21
CA ALA E 77 33.63 25.34 49.73
C ALA E 77 32.74 26.40 50.38
N SER E 78 31.82 26.94 49.60
CA SER E 78 30.84 27.88 50.11
C SER E 78 29.56 27.16 50.46
N ASP E 79 28.58 27.92 50.92
CA ASP E 79 27.26 27.36 51.26
C ASP E 79 26.53 26.98 49.96
N VAL E 80 26.99 27.54 48.86
CA VAL E 80 26.48 27.24 47.53
C VAL E 80 27.42 26.28 46.78
N LYS E 81 26.87 25.19 46.26
CA LYS E 81 27.67 24.21 45.53
C LYS E 81 28.24 24.79 44.25
N GLY E 82 29.50 24.46 43.97
CA GLY E 82 30.15 24.89 42.74
C GLY E 82 30.72 26.29 42.78
N ILE E 83 30.58 26.96 43.92
CA ILE E 83 31.24 28.25 44.14
C ILE E 83 32.18 28.14 45.33
N GLY E 84 33.42 28.55 45.13
CA GLY E 84 34.45 28.41 46.15
C GLY E 84 35.01 29.72 46.67
N TYR E 85 35.30 29.74 47.96
CA TYR E 85 35.88 30.92 48.61
C TYR E 85 37.42 30.85 48.58
N ARG E 86 38.04 31.97 48.24
CA ARG E 86 39.50 32.08 48.23
C ARG E 86 39.87 33.46 48.77
N ILE E 87 40.72 33.55 49.79
CA ILE E 87 41.10 34.86 50.35
C ILE E 87 42.61 34.98 50.42
N SER E 88 43.08 36.09 49.90
CA SER E 88 44.52 36.34 49.80
C SER E 88 44.90 37.63 50.52
N VAL E 89 46.17 37.70 50.86
CA VAL E 89 46.74 38.90 51.47
C VAL E 89 47.46 39.71 50.41
N ASP E 90 47.22 41.02 50.38
CA ASP E 90 48.08 41.96 49.65
C ASP E 90 49.28 42.35 50.51
N ALA E 91 50.38 41.64 50.29
CA ALA E 91 51.58 41.87 51.10
C ALA E 91 52.29 43.15 50.67
N GLN E 92 53.04 43.74 51.61
CA GLN E 92 53.80 44.96 51.33
C GLN E 92 54.87 44.78 50.26
N ASP E 93 55.46 43.61 50.16
CA ASP E 93 56.42 43.36 49.06
C ASP E 93 55.77 43.29 47.67
N GLY E 94 54.44 43.37 47.66
CA GLY E 94 53.66 43.33 46.41
C GLY E 94 53.51 41.93 45.84
N VAL E 95 53.58 40.96 46.74
CA VAL E 95 53.17 39.61 46.39
C VAL E 95 51.75 39.39 46.94
N LYS E 96 50.88 38.84 46.09
CA LYS E 96 49.55 38.42 46.50
C LYS E 96 49.72 36.99 46.97
N ARG E 97 49.38 36.73 48.21
CA ARG E 97 49.61 35.41 48.78
C ARG E 97 48.31 34.92 49.31
N VAL E 98 47.91 33.75 48.82
CA VAL E 98 46.65 33.18 49.21
C VAL E 98 46.80 32.63 50.63
N ILE E 99 45.76 32.79 51.44
CA ILE E 99 45.76 32.19 52.77
C ILE E 99 45.59 30.67 52.56
N PRO E 100 46.56 29.85 53.00
CA PRO E 100 46.37 28.43 52.68
C PRO E 100 45.54 27.63 53.66
N VAL E 101 45.17 26.43 53.22
CA VAL E 101 44.58 25.46 54.10
C VAL E 101 45.75 24.62 54.58
N ASP E 102 46.05 24.71 55.87
CA ASP E 102 47.14 23.96 56.52
C ASP E 102 46.91 23.94 58.02
N ASN E 103 47.53 23.00 58.71
CA ASN E 103 47.34 22.86 60.18
C ASN E 103 48.03 24.00 60.95
N GLN E 104 49.14 24.52 60.38
CA GLN E 104 49.93 25.61 60.96
C GLN E 104 49.81 26.91 60.19
N PRO E 105 49.72 28.06 60.91
CA PRO E 105 49.66 29.29 60.12
C PRO E 105 50.94 29.59 59.33
N HIS E 106 50.78 30.41 58.32
CA HIS E 106 51.87 30.76 57.44
C HIS E 106 52.09 32.26 57.49
N ALA E 107 53.33 32.64 57.35
CA ALA E 107 53.70 34.03 57.41
C ALA E 107 53.50 34.63 56.04
N LEU E 108 52.53 35.52 55.93
CA LEU E 108 52.21 36.07 54.63
C LEU E 108 52.59 37.54 54.49
N ASP E 109 52.80 38.21 55.63
CA ASP E 109 53.22 39.62 55.66
C ASP E 109 53.85 40.03 57.00
N LYS E 110 54.66 41.09 56.96
CA LYS E 110 55.22 41.68 58.17
C LYS E 110 54.95 43.16 58.19
N ARG E 111 54.85 43.69 59.39
CA ARG E 111 54.77 45.12 59.58
C ARG E 111 55.95 45.58 60.39
N VAL E 112 56.56 46.63 59.89
CA VAL E 112 57.55 47.38 60.64
C VAL E 112 56.83 48.01 61.85
N THR E 113 57.25 47.68 63.07
CA THR E 113 56.48 48.07 64.28
C THR E 113 56.66 49.57 64.67
N SER E 114 55.76 50.14 65.49
CA SER E 114 55.87 51.57 65.90
C SER E 114 55.12 51.95 67.20
N PHE E 115 55.46 53.09 67.80
CA PHE E 115 54.74 53.59 69.00
C PHE E 115 53.30 54.03 68.65
N SER E 116 53.03 54.30 67.36
CA SER E 116 51.67 54.57 66.83
C SER E 116 50.64 53.57 67.33
N GLY E 117 51.00 52.29 67.34
CA GLY E 117 50.14 51.24 67.86
C GLY E 117 49.04 50.86 66.87
N SER E 118 49.20 51.33 65.65
CA SER E 118 48.24 51.05 64.61
C SER E 118 48.89 50.83 63.26
N THR E 119 48.33 49.90 62.51
CA THR E 119 48.67 49.61 61.12
C THR E 119 47.48 48.96 60.45
N THR E 120 47.58 48.72 59.15
CA THR E 120 46.49 48.05 58.42
C THR E 120 46.90 46.68 57.84
N SER E 121 45.97 45.74 57.77
CA SER E 121 46.19 44.46 57.10
C SER E 121 45.20 44.39 55.94
N ASP E 122 45.73 44.12 54.76
CA ASP E 122 44.94 44.22 53.52
C ASP E 122 44.75 42.87 52.83
N TYR E 123 43.49 42.56 52.53
CA TYR E 123 43.13 41.25 51.94
C TYR E 123 42.36 41.39 50.65
N LEU E 124 42.51 40.42 49.76
CA LEU E 124 41.57 40.24 48.64
C LEU E 124 40.62 39.03 48.76
N GLN E 125 39.32 39.28 48.70
CA GLN E 125 38.33 38.21 48.70
C GLN E 125 37.84 37.85 47.30
N GLU E 126 37.75 36.56 47.01
CA GLU E 126 37.26 36.08 45.72
C GLU E 126 36.25 34.94 45.85
N LEU E 127 35.21 34.98 45.02
CA LEU E 127 34.30 33.86 44.82
C LEU E 127 34.52 33.25 43.43
N VAL E 128 34.89 31.97 43.40
CA VAL E 128 35.29 31.31 42.16
C VAL E 128 34.32 30.20 41.75
N LEU E 129 34.14 30.01 40.45
CA LEU E 129 33.34 28.91 39.95
C LEU E 129 34.17 27.64 39.88
N THR E 130 33.82 26.66 40.70
CA THR E 130 34.57 25.40 40.78
C THR E 130 33.92 24.29 40.00
N VAL E 131 32.80 24.61 39.35
CA VAL E 131 32.04 23.62 38.58
C VAL E 131 31.52 24.25 37.30
N ASP E 132 31.14 23.41 36.35
CA ASP E 132 30.57 23.88 35.09
C ASP E 132 29.24 24.60 35.34
N PRO E 133 28.92 25.64 34.46
CA PRO E 133 27.69 26.36 34.87
C PRO E 133 26.43 25.49 34.89
N GLY E 134 26.33 24.54 33.97
CA GLY E 134 25.17 23.65 33.92
C GLY E 134 25.00 22.89 35.23
N GLU E 135 26.13 22.50 35.80
CA GLU E 135 26.19 21.77 37.07
C GLU E 135 25.68 22.60 38.26
N LEU E 136 25.69 23.90 38.11
CA LEU E 136 25.34 24.81 39.21
C LEU E 136 23.94 24.60 39.78
N PRO E 137 23.79 24.74 41.15
CA PRO E 137 22.42 24.47 41.62
C PRO E 137 21.40 25.56 41.31
N ALA E 138 20.13 25.17 41.36
CA ALA E 138 19.02 26.11 41.18
C ALA E 138 18.91 27.07 42.36
N GLY E 139 18.41 28.27 42.10
CA GLY E 139 18.25 29.29 43.13
C GLY E 139 19.10 30.51 42.87
N ASP E 140 19.04 31.46 43.78
CA ASP E 140 19.78 32.72 43.62
C ASP E 140 21.29 32.51 43.58
N LEU E 141 21.76 31.50 44.30
CA LEU E 141 23.18 31.24 44.38
C LEU E 141 23.93 32.22 45.27
N LYS E 142 23.22 32.88 46.17
CA LYS E 142 23.84 33.80 47.12
C LYS E 142 24.71 33.04 48.11
N VAL E 143 25.91 33.56 48.34
CA VAL E 143 26.85 32.95 49.27
C VAL E 143 26.81 33.68 50.61
N THR E 144 26.53 32.95 51.68
CA THR E 144 26.53 33.51 53.03
C THR E 144 27.63 32.98 53.93
N SER E 145 28.15 31.79 53.64
CA SER E 145 29.07 31.14 54.56
C SER E 145 29.91 30.06 53.91
N VAL E 146 30.92 29.65 54.65
CA VAL E 146 31.75 28.54 54.21
C VAL E 146 31.10 27.25 54.67
N SER E 147 31.01 26.29 53.77
CA SER E 147 30.44 24.98 54.11
C SER E 147 31.42 24.20 54.99
N GLY E 148 30.87 23.35 55.85
CA GLY E 148 31.68 22.56 56.75
C GLY E 148 32.07 23.27 58.03
N SER E 149 33.09 22.74 58.69
CA SER E 149 33.54 23.26 59.96
C SER E 149 34.73 24.18 59.82
N ALA E 150 35.10 24.48 58.58
CA ALA E 150 36.30 25.27 58.31
C ALA E 150 36.24 26.67 58.94
N THR E 151 37.34 27.09 59.53
CA THR E 151 37.45 28.41 60.10
C THR E 151 38.66 29.14 59.55
N LEU E 152 38.49 30.42 59.28
CA LEU E 152 39.59 31.28 58.86
C LEU E 152 40.33 31.83 60.07
N ASN E 153 41.63 31.63 60.07
CA ASN E 153 42.45 32.10 61.19
C ASN E 153 43.45 33.16 60.78
N LEU E 154 43.37 34.32 61.44
CA LEU E 154 44.34 35.41 61.23
C LEU E 154 45.20 35.58 62.46
N TRP E 155 46.50 35.53 62.24
CA TRP E 155 47.47 35.69 63.33
C TRP E 155 48.31 36.98 63.27
N ALA E 156 48.28 37.73 64.37
CA ALA E 156 49.10 38.92 64.57
C ALA E 156 50.08 38.47 65.65
N VAL E 157 51.30 38.12 65.26
CA VAL E 157 52.32 37.60 66.19
C VAL E 157 53.59 38.47 66.25
N ASP E 158 53.98 38.87 67.48
CA ASP E 158 55.21 39.67 67.68
C ASP E 158 56.46 38.81 67.58
N ARG E 159 57.47 39.23 66.81
CA ARG E 159 58.72 38.46 66.70
C ARG E 159 59.92 39.37 66.54
N LEU E 160 61.12 38.90 66.91
CA LEU E 160 62.36 39.67 66.64
C LEU E 160 62.52 39.91 65.14
N LYS E 161 62.93 41.11 64.78
CA LYS E 161 62.91 41.58 63.39
C LYS E 161 63.78 40.70 62.48
N GLY E 162 63.19 40.15 61.41
CA GLY E 162 63.87 39.33 60.43
C GLY E 162 63.97 37.87 60.84
N GLU E 163 63.55 37.51 62.05
CA GLU E 163 63.59 36.12 62.51
C GLU E 163 62.70 35.14 61.72
N ALA E 164 61.48 35.59 61.41
CA ALA E 164 60.48 34.79 60.65
C ALA E 164 60.50 35.08 59.16
N SER E 165 60.72 34.09 58.29
CA SER E 165 60.69 34.34 56.82
C SER E 165 59.30 34.19 56.29
N ILE E 166 59.01 35.05 55.33
CA ILE E 166 57.77 35.02 54.59
C ILE E 166 57.69 33.75 53.74
N GLY E 167 56.50 33.15 53.70
CA GLY E 167 56.27 31.96 52.93
C GLY E 167 56.28 30.76 53.81
N SER E 168 56.87 30.91 54.98
CA SER E 168 57.15 29.76 55.87
C SER E 168 56.06 29.54 56.88
N VAL E 169 56.13 28.41 57.56
CA VAL E 169 55.27 28.22 58.68
C VAL E 169 55.64 29.32 59.67
N LEU E 170 54.64 29.94 60.27
CA LEU E 170 54.86 30.99 61.24
C LEU E 170 54.91 30.33 62.60
N ALA E 171 56.10 30.36 63.20
CA ALA E 171 56.33 29.87 64.56
C ALA E 171 55.66 30.84 65.54
N VAL E 172 54.88 30.30 66.46
CA VAL E 172 54.36 31.10 67.54
C VAL E 172 55.05 30.76 68.87
N PRO E 173 55.90 31.61 69.41
CA PRO E 173 56.59 31.25 70.65
C PRO E 173 55.70 31.06 71.87
N ALA E 174 55.96 29.98 72.59
CA ALA E 174 55.29 29.64 73.87
C ALA E 174 55.29 30.80 74.86
N ASP E 175 56.35 31.64 74.82
CA ASP E 175 56.57 32.72 75.79
C ASP E 175 55.52 33.83 75.82
N ASN E 176 55.22 34.30 77.03
CA ASN E 176 54.31 35.42 77.27
C ASN E 176 55.04 36.70 77.65
N TYR E 177 56.34 36.76 77.41
CA TYR E 177 57.09 37.96 77.74
C TYR E 177 57.56 38.71 76.50
N PRO E 178 57.33 40.01 76.49
CA PRO E 178 56.68 40.74 77.61
C PRO E 178 55.23 40.30 77.77
N THR E 179 54.69 40.41 78.98
CA THR E 179 53.32 39.96 79.21
C THR E 179 52.34 40.64 78.27
N GLY E 180 51.48 39.82 77.65
CA GLY E 180 50.47 40.24 76.70
C GLY E 180 50.99 40.37 75.28
N VAL E 181 52.25 39.96 75.09
CA VAL E 181 52.89 40.03 73.78
C VAL E 181 51.90 39.28 72.93
N CYS E 182 51.63 39.78 71.73
CA CYS E 182 50.57 39.15 70.94
C CYS E 182 50.89 37.84 70.22
N ARG E 183 50.41 36.76 70.82
CA ARG E 183 50.53 35.42 70.28
C ARG E 183 49.20 34.80 69.87
N LYS E 184 48.10 35.42 70.30
CA LYS E 184 46.77 34.82 70.14
C LYS E 184 46.09 35.13 68.77
N PRO E 185 45.29 34.18 68.27
CA PRO E 185 44.69 34.27 66.94
C PRO E 185 43.33 34.93 66.83
N TYR E 186 43.00 35.40 65.63
CA TYR E 186 41.68 35.85 65.29
C TYR E 186 41.00 34.79 64.40
N SER E 187 39.96 34.16 64.94
CA SER E 187 39.36 33.00 64.29
C SER E 187 37.95 33.32 63.83
N LEU E 188 37.69 33.16 62.53
CA LEU E 188 36.38 33.41 61.95
C LEU E 188 35.72 32.12 61.47
N ILE E 189 34.49 31.90 61.91
CA ILE E 189 33.74 30.68 61.56
C ILE E 189 32.47 30.95 60.75
N GLY E 190 32.30 30.18 59.68
CA GLY E 190 31.11 30.30 58.81
C GLY E 190 30.90 31.65 58.15
N PRO E 191 29.81 32.31 58.47
CA PRO E 191 29.49 33.56 57.81
C PRO E 191 30.58 34.56 58.05
N ALA E 192 31.14 34.57 59.25
CA ALA E 192 32.14 35.56 59.67
C ALA E 192 33.32 35.59 58.69
N SER E 193 33.74 34.42 58.23
CA SER E 193 34.85 34.35 57.28
C SER E 193 34.49 35.05 55.98
N ILE E 194 33.24 34.88 55.57
CA ILE E 194 32.71 35.53 54.35
C ILE E 194 32.50 37.02 54.54
N ALA E 195 32.06 37.37 55.73
CA ALA E 195 31.72 38.76 56.07
C ALA E 195 32.88 39.57 56.66
N ILE E 196 34.07 39.00 56.67
CA ILE E 196 35.24 39.68 57.20
C ILE E 196 35.45 41.03 56.53
N GLY E 197 35.76 42.01 57.35
CA GLY E 197 36.00 43.37 56.89
C GLY E 197 34.74 44.19 56.80
N GLY E 198 33.62 43.59 57.14
CA GLY E 198 32.31 44.27 57.07
C GLY E 198 31.81 44.46 55.64
N GLY E 199 30.84 45.33 55.49
CA GLY E 199 30.25 45.59 54.17
C GLY E 199 29.08 44.67 53.81
N PRO E 200 28.49 44.86 52.59
CA PRO E 200 27.35 44.00 52.31
C PRO E 200 27.77 42.57 51.99
N PRO E 201 26.84 41.60 52.15
CA PRO E 201 27.17 40.22 51.79
C PRO E 201 27.27 40.01 50.25
N PRO E 202 27.61 38.76 49.78
CA PRO E 202 27.71 38.64 48.31
C PRO E 202 26.39 38.85 47.54
N PRO E 203 26.47 39.41 46.29
CA PRO E 203 25.18 39.54 45.58
C PRO E 203 24.60 38.22 44.99
N PRO E 204 23.25 38.16 44.76
CA PRO E 204 22.77 36.90 44.17
C PRO E 204 22.86 36.84 42.63
N ILE E 205 22.83 35.64 42.07
CA ILE E 205 22.94 35.48 40.61
C ILE E 205 21.53 35.50 40.05
N PRO E 206 21.28 36.23 38.94
CA PRO E 206 19.86 36.34 38.58
C PRO E 206 19.41 35.17 37.66
N LYS E 207 18.17 34.71 37.80
CA LYS E 207 17.70 33.52 37.10
C LYS E 207 16.37 33.67 36.33
N LYS E 208 15.98 34.91 36.03
CA LYS E 208 14.70 35.12 35.38
C LYS E 208 14.68 35.55 33.92
N CYS E 209 13.50 35.42 33.33
CA CYS E 209 13.23 35.77 31.96
C CYS E 209 12.20 36.89 31.99
N LYS E 210 12.47 37.99 31.30
CA LYS E 210 11.50 39.08 31.30
C LYS E 210 10.23 38.52 30.65
N VAL E 211 9.09 38.83 31.25
CA VAL E 211 7.82 38.35 30.73
C VAL E 211 6.82 39.50 30.69
N GLU E 212 5.57 39.18 30.38
CA GLU E 212 4.56 40.20 30.31
C GLU E 212 3.21 39.51 30.32
N VAL E 213 2.50 39.64 31.41
CA VAL E 213 1.30 38.83 31.62
C VAL E 213 0.13 39.32 30.77
N GLY E 214 -0.74 38.37 30.47
CA GLY E 214 -1.95 38.61 29.71
C GLY E 214 -1.72 38.71 28.22
N ARG E 215 -0.52 38.44 27.74
CA ARG E 215 -0.28 38.51 26.29
C ARG E 215 -0.99 37.36 25.59
N GLU E 216 -1.50 37.67 24.39
CA GLU E 216 -2.24 36.71 23.58
C GLU E 216 -1.55 36.49 22.25
N ILE E 217 -1.39 35.23 21.87
CA ILE E 217 -0.85 34.90 20.58
C ILE E 217 -1.96 34.34 19.73
N ASN E 218 -2.15 34.90 18.55
CA ASN E 218 -3.19 34.32 17.65
C ASN E 218 -2.66 33.47 16.53
N VAL E 219 -3.17 32.27 16.44
CA VAL E 219 -2.79 31.35 15.40
C VAL E 219 -3.97 31.03 14.51
N LYS E 220 -3.80 31.29 13.22
CA LYS E 220 -4.89 31.03 12.28
C LYS E 220 -4.66 29.68 11.59
N LEU E 221 -5.55 28.75 11.83
CA LEU E 221 -5.39 27.42 11.25
C LEU E 221 -5.97 27.31 9.84
N GLY E 222 -6.87 28.21 9.47
CA GLY E 222 -7.37 28.25 8.11
C GLY E 222 -8.69 27.50 7.96
N SER E 223 -9.21 27.43 6.74
CA SER E 223 -10.48 26.72 6.53
C SER E 223 -10.21 25.46 5.76
N VAL E 224 -10.67 24.34 6.27
CA VAL E 224 -10.40 23.07 5.67
C VAL E 224 -11.69 22.27 5.51
N ALA E 225 -11.77 21.48 4.46
CA ALA E 225 -12.94 20.70 4.16
C ALA E 225 -12.98 19.39 4.86
N LEU E 226 -14.19 18.89 5.09
CA LEU E 226 -14.42 17.62 5.75
C LEU E 226 -13.78 16.53 4.95
N LYS E 227 -13.85 16.71 3.65
CA LYS E 227 -13.34 15.76 2.65
C LYS E 227 -11.85 15.57 2.83
N ASN E 228 -11.19 16.61 3.34
CA ASN E 228 -9.77 16.55 3.63
C ASN E 228 -9.40 15.66 4.79
N PHE E 229 -10.36 15.09 5.50
CA PHE E 229 -10.04 14.16 6.58
C PHE E 229 -10.66 12.78 6.29
N PRO E 230 -10.12 12.03 5.28
CA PRO E 230 -10.81 10.76 5.01
C PRO E 230 -10.79 9.77 6.14
N ARG E 231 -9.74 9.66 6.93
CA ARG E 231 -9.79 8.77 8.06
C ARG E 231 -9.57 9.47 9.39
N VAL E 232 -9.95 8.82 10.48
CA VAL E 232 -9.70 9.36 11.81
C VAL E 232 -8.21 9.54 11.97
N ASN E 233 -7.82 10.59 12.68
CA ASN E 233 -6.42 10.92 12.93
C ASN E 233 -5.74 11.68 11.83
N ASP E 234 -6.47 12.01 10.79
CA ASP E 234 -5.95 12.85 9.75
C ASP E 234 -5.87 14.27 10.23
N THR E 235 -4.92 15.02 9.70
CA THR E 235 -4.68 16.40 10.16
C THR E 235 -4.61 17.43 9.04
N SER E 236 -4.96 18.67 9.37
CA SER E 236 -4.83 19.73 8.41
C SER E 236 -3.35 20.14 8.24
N THR E 237 -3.07 21.09 7.39
CA THR E 237 -1.71 21.55 7.21
C THR E 237 -1.29 22.36 8.42
N GLU E 238 -0.06 22.11 8.88
CA GLU E 238 0.49 22.70 10.09
C GLU E 238 0.69 24.17 9.95
N ARG E 239 0.47 24.86 11.04
CA ARG E 239 0.84 26.27 11.13
C ARG E 239 1.92 26.45 12.18
N SER E 240 3.02 27.10 11.80
CA SER E 240 4.13 27.37 12.72
C SER E 240 3.98 28.63 13.50
N PHE E 241 4.36 28.59 14.76
CA PHE E 241 4.47 29.77 15.60
C PHE E 241 5.47 29.46 16.69
N ASP E 242 5.89 30.50 17.39
CA ASP E 242 6.85 30.33 18.49
C ASP E 242 6.43 31.14 19.72
N ILE E 243 6.69 30.60 20.90
CA ILE E 243 6.44 31.32 22.15
C ILE E 243 7.81 31.66 22.71
N SER E 244 8.05 32.94 22.93
CA SER E 244 9.37 33.38 23.37
C SER E 244 9.39 34.36 24.54
N LEU E 245 10.53 34.40 25.21
CA LEU E 245 10.80 35.31 26.32
C LEU E 245 12.06 36.08 26.01
N SER E 246 12.15 37.31 26.48
CA SER E 246 13.39 38.10 26.31
C SER E 246 13.86 38.68 27.64
N GLU E 247 15.10 39.17 27.63
CA GLU E 247 15.77 39.67 28.80
C GLU E 247 15.94 38.60 29.84
N CYS E 248 16.24 37.39 29.36
CA CYS E 248 16.49 36.24 30.22
C CYS E 248 17.92 36.21 30.76
N ALA E 249 18.06 35.91 32.04
CA ALA E 249 19.36 35.80 32.70
C ALA E 249 20.17 34.68 32.04
N ALA E 250 21.48 34.85 31.97
CA ALA E 250 22.32 33.85 31.32
C ALA E 250 22.05 32.43 31.79
N LEU E 251 21.84 32.24 33.09
CA LEU E 251 21.58 30.89 33.63
C LEU E 251 20.10 30.56 33.78
N ALA E 252 19.22 31.43 33.30
CA ALA E 252 17.79 31.15 33.33
C ALA E 252 17.42 29.92 32.48
N LYS E 253 16.57 29.07 33.05
CA LYS E 253 16.08 27.87 32.38
C LYS E 253 14.58 27.80 32.56
N PRO E 254 13.80 28.69 31.84
CA PRO E 254 12.35 28.58 32.11
C PRO E 254 11.69 27.34 31.52
N GLU E 255 10.59 26.96 32.14
CA GLU E 255 9.74 25.86 31.69
C GLU E 255 8.33 26.38 31.40
N ILE E 256 7.68 25.85 30.37
CA ILE E 256 6.33 26.27 30.03
C ILE E 256 5.35 25.09 30.16
N ALA E 257 4.16 25.38 30.68
CA ALA E 257 3.09 24.40 30.82
C ALA E 257 1.79 24.94 30.21
N PHE E 258 0.96 24.04 29.68
CA PHE E 258 -0.28 24.42 28.98
C PHE E 258 -1.55 23.76 29.57
N ARG E 259 -2.65 24.51 29.59
CA ARG E 259 -3.96 23.93 29.89
C ARG E 259 -4.94 24.29 28.81
N ASP E 260 -5.88 23.39 28.56
CA ASP E 260 -6.96 23.64 27.61
C ASP E 260 -7.89 24.55 28.34
N LYS E 261 -8.19 25.68 27.75
CA LYS E 261 -9.06 26.67 28.42
C LYS E 261 -10.44 26.15 28.81
N TYR E 262 -11.02 25.27 28.01
CA TYR E 262 -12.39 24.79 28.21
C TYR E 262 -12.55 23.43 28.89
N VAL E 263 -11.46 22.80 29.28
CA VAL E 263 -11.52 21.49 29.99
C VAL E 263 -10.61 21.48 31.22
N SER E 264 -11.17 21.13 32.39
CA SER E 264 -10.42 21.14 33.66
C SER E 264 -9.90 19.75 34.06
N ALA E 265 -10.75 18.72 33.92
CA ALA E 265 -10.46 17.34 34.34
C ALA E 265 -9.38 16.73 33.45
N GLN E 266 -8.60 15.80 33.99
CA GLN E 266 -7.62 15.08 33.19
C GLN E 266 -8.31 14.42 31.99
N GLN E 267 -7.77 14.70 30.80
CA GLN E 267 -8.37 14.29 29.52
C GLN E 267 -7.95 12.89 29.24
N ALA E 268 -8.79 12.15 28.53
CA ALA E 268 -8.49 10.77 28.18
C ALA E 268 -7.23 10.83 27.36
N ASP E 269 -7.21 11.78 26.44
CA ASP E 269 -6.05 12.07 25.64
C ASP E 269 -5.72 13.57 25.70
N PRO E 270 -4.68 13.94 26.45
CA PRO E 270 -4.49 15.39 26.58
C PRO E 270 -3.72 16.01 25.41
N THR E 271 -3.31 15.20 24.46
CA THR E 271 -2.71 15.80 23.27
C THR E 271 -3.73 16.52 22.41
N ILE E 272 -5.00 16.21 22.58
CA ILE E 272 -6.04 16.84 21.76
C ILE E 272 -6.60 18.06 22.50
N LEU E 273 -6.43 19.23 21.91
CA LEU E 273 -7.05 20.46 22.39
C LEU E 273 -8.48 20.46 21.93
N SER E 274 -9.41 20.77 22.83
CA SER E 274 -10.84 20.75 22.41
C SER E 274 -11.18 22.05 21.69
N LEU E 275 -12.23 22.02 20.90
CA LEU E 275 -12.67 23.20 20.20
C LEU E 275 -13.78 23.77 21.01
N LYS E 276 -13.93 25.08 20.95
CA LYS E 276 -15.04 25.73 21.62
C LYS E 276 -16.35 25.25 20.98
N SER E 277 -17.32 24.93 21.81
CA SER E 277 -18.54 24.34 21.32
C SER E 277 -19.47 25.31 20.63
N GLY E 278 -20.41 24.76 19.89
CA GLY E 278 -21.29 25.54 19.04
C GLY E 278 -20.84 25.72 17.61
N GLY E 279 -19.78 25.02 17.23
CA GLY E 279 -19.28 25.06 15.88
C GLY E 279 -19.14 23.68 15.30
N ALA E 280 -17.93 23.34 14.89
CA ALA E 280 -17.62 22.05 14.33
C ALA E 280 -17.65 20.89 15.30
N ALA E 281 -17.91 19.69 14.82
CA ALA E 281 -17.87 18.52 15.70
C ALA E 281 -16.94 17.44 15.20
N GLY E 282 -16.34 16.70 16.11
CA GLY E 282 -15.50 15.57 15.75
C GLY E 282 -14.09 15.95 15.36
N PHE E 283 -13.72 17.17 15.68
CA PHE E 283 -12.38 17.63 15.44
C PHE E 283 -11.75 18.16 16.72
N GLY E 284 -10.43 18.06 16.79
CA GLY E 284 -9.64 18.81 17.76
C GLY E 284 -8.46 19.52 17.13
N ILE E 285 -7.65 20.10 18.01
CA ILE E 285 -6.41 20.72 17.61
C ILE E 285 -5.20 19.99 18.21
N VAL E 286 -4.16 19.76 17.42
CA VAL E 286 -2.89 19.18 17.92
C VAL E 286 -1.70 20.12 17.76
N VAL E 287 -0.86 20.20 18.78
CA VAL E 287 0.35 21.04 18.69
C VAL E 287 1.63 20.22 18.87
N LYS E 288 2.61 20.43 17.99
CA LYS E 288 3.85 19.65 18.05
C LYS E 288 5.03 20.49 18.50
N ASN E 289 5.76 19.97 19.47
CA ASN E 289 6.91 20.65 20.03
C ASN E 289 8.09 20.39 19.10
N GLY E 290 8.67 21.45 18.54
CA GLY E 290 9.80 21.35 17.62
C GLY E 290 11.02 20.69 18.25
N LEU E 291 11.31 21.00 19.51
CA LEU E 291 12.40 20.35 20.23
C LEU E 291 12.26 18.86 20.57
N ASP E 292 11.15 18.54 21.23
CA ASP E 292 10.71 17.20 21.59
C ASP E 292 10.41 16.33 20.38
N GLN E 293 9.77 16.95 19.40
CA GLN E 293 9.25 16.26 18.24
C GLN E 293 8.00 15.48 18.63
N GLN E 294 7.39 15.89 19.71
CA GLN E 294 6.19 15.25 20.25
C GLN E 294 5.10 16.26 20.49
N ARG E 295 3.86 15.80 20.49
CA ARG E 295 2.72 16.68 20.72
C ARG E 295 2.60 17.08 22.17
N ILE E 296 2.29 18.35 22.39
CA ILE E 296 2.09 18.90 23.70
C ILE E 296 0.89 18.28 24.38
N ARG E 297 0.97 18.08 25.68
CA ARG E 297 -0.19 17.64 26.47
C ARG E 297 -0.73 18.84 27.18
N PHE E 298 -2.03 18.94 27.23
CA PHE E 298 -2.71 20.07 27.74
C PHE E 298 -3.28 19.74 29.10
N ASP E 299 -2.56 18.86 29.78
CA ASP E 299 -2.70 18.49 31.17
C ASP E 299 -1.88 19.33 32.17
N GLY E 300 -1.09 20.27 31.67
CA GLY E 300 -0.23 21.07 32.54
C GLY E 300 1.16 20.54 32.83
N THR E 301 1.54 19.44 32.20
CA THR E 301 2.97 19.00 32.07
C THR E 301 3.88 20.16 31.62
N PRO E 302 5.04 20.34 32.29
CA PRO E 302 5.90 21.47 31.92
C PRO E 302 6.95 21.04 30.91
N TYR E 303 7.33 21.96 30.04
CA TYR E 303 8.28 21.62 28.99
C TYR E 303 9.49 22.54 29.06
N PRO E 304 10.71 21.97 28.97
CA PRO E 304 11.86 22.87 28.99
C PRO E 304 11.99 23.64 27.69
N MET E 305 12.45 24.88 27.78
CA MET E 305 12.53 25.77 26.63
C MET E 305 13.95 25.85 26.12
N ARG E 306 14.08 26.12 24.84
CA ARG E 306 15.35 26.30 24.21
C ARG E 306 15.94 27.65 24.61
N ARG E 307 17.25 27.76 24.68
CA ARG E 307 17.85 29.03 25.00
C ARG E 307 18.74 29.50 23.90
N VAL E 308 18.42 30.62 23.30
CA VAL E 308 19.26 31.21 22.28
C VAL E 308 19.51 32.64 22.64
N GLY E 309 20.77 33.01 22.70
CA GLY E 309 21.11 34.38 23.10
C GLY E 309 20.43 34.77 24.40
N ASP E 310 19.77 35.92 24.39
CA ASP E 310 19.10 36.43 25.59
C ASP E 310 17.65 36.03 25.70
N SER E 311 17.20 35.07 24.90
CA SER E 311 15.80 34.62 24.98
C SER E 311 15.66 33.11 25.12
N ALA E 312 14.49 32.75 25.59
CA ALA E 312 14.04 31.41 25.74
C ALA E 312 12.80 31.28 24.87
N ASP E 313 12.71 30.22 24.10
CA ASP E 313 11.51 29.99 23.29
C ASP E 313 11.11 28.52 23.18
N LEU E 314 9.86 28.25 22.86
CA LEU E 314 9.42 26.91 22.47
C LEU E 314 8.82 26.97 21.06
N PRO E 315 9.50 26.42 20.03
CA PRO E 315 8.82 26.46 18.72
C PRO E 315 7.73 25.41 18.62
N LEU E 316 6.63 25.81 18.00
CA LEU E 316 5.44 24.95 17.91
C LEU E 316 4.83 24.96 16.50
N SER E 317 4.10 23.90 16.16
CA SER E 317 3.18 23.96 14.98
C SER E 317 1.85 23.31 15.29
N ALA E 318 0.77 23.92 14.84
CA ALA E 318 -0.58 23.45 15.14
C ALA E 318 -1.32 23.02 13.92
N ALA E 319 -2.22 22.04 14.08
CA ALA E 319 -3.18 21.64 13.03
C ALA E 319 -4.46 21.04 13.58
N TYR E 320 -5.48 20.96 12.73
CA TYR E 320 -6.71 20.32 13.15
C TYR E 320 -6.50 18.82 13.06
N ILE E 321 -7.13 18.07 13.96
CA ILE E 321 -7.09 16.61 13.87
C ILE E 321 -8.49 16.07 13.90
N ARG E 322 -8.79 15.07 13.07
CA ARG E 322 -10.11 14.43 13.13
C ARG E 322 -10.19 13.32 14.17
N ILE E 323 -11.10 13.50 15.13
CA ILE E 323 -11.29 12.47 16.19
C ILE E 323 -12.58 11.62 16.06
N GLY E 324 -13.60 12.15 15.40
CA GLY E 324 -14.92 11.51 15.33
C GLY E 324 -15.13 10.43 14.29
N ALA E 325 -16.10 9.56 14.57
CA ALA E 325 -16.51 8.52 13.63
C ALA E 325 -17.33 9.20 12.54
N GLU E 326 -17.51 8.51 11.41
CA GLU E 326 -18.19 9.08 10.23
C GLU E 326 -19.49 9.80 10.59
N GLY E 327 -20.29 9.16 11.43
CA GLY E 327 -21.52 9.77 11.89
C GLY E 327 -21.32 11.10 12.61
N GLU E 328 -20.31 11.15 13.46
CA GLU E 328 -20.13 12.28 14.36
C GLU E 328 -19.70 13.58 13.69
N LEU E 329 -19.10 13.56 12.51
CA LEU E 329 -18.52 14.81 11.97
C LEU E 329 -19.58 15.85 11.63
N LYS E 330 -19.31 17.09 12.00
CA LYS E 330 -20.10 18.21 11.60
C LYS E 330 -19.18 19.35 11.28
N ALA E 331 -19.63 20.23 10.44
CA ALA E 331 -18.86 21.37 10.04
C ALA E 331 -19.22 22.55 10.88
N GLY E 332 -18.37 23.53 10.82
CA GLY E 332 -18.56 24.74 11.64
C GLY E 332 -17.28 25.47 12.06
N VAL E 333 -17.46 26.46 12.94
CA VAL E 333 -16.35 27.29 13.44
C VAL E 333 -15.52 26.41 14.33
N ALA E 334 -14.20 26.47 14.16
CA ALA E 334 -13.28 25.59 14.89
C ALA E 334 -12.22 26.43 15.61
N ASP E 335 -12.57 26.84 16.83
CA ASP E 335 -11.71 27.73 17.63
C ASP E 335 -11.30 27.06 18.91
N GLY E 336 -10.05 27.27 19.29
CA GLY E 336 -9.55 26.68 20.53
C GLY E 336 -8.64 27.64 21.23
N ALA E 337 -8.47 27.39 22.52
CA ALA E 337 -7.61 28.25 23.29
C ALA E 337 -6.77 27.48 24.32
N ALA E 338 -5.48 27.77 24.32
CA ALA E 338 -4.59 27.17 25.33
C ALA E 338 -3.98 28.25 26.21
N GLU E 339 -4.14 28.07 27.51
CA GLU E 339 -3.48 28.94 28.45
C GLU E 339 -2.10 28.40 28.81
N PHE E 340 -1.08 29.24 28.81
CA PHE E 340 0.25 28.80 29.21
C PHE E 340 0.84 29.54 30.43
N THR E 341 1.58 28.80 31.25
CA THR E 341 2.25 29.33 32.43
C THR E 341 3.74 29.07 32.40
N PHE E 342 4.52 30.11 32.67
CA PHE E 342 5.97 29.98 32.80
C PHE E 342 6.33 29.70 34.25
N THR E 343 7.34 28.86 34.44
CA THR E 343 7.88 28.63 35.77
C THR E 343 9.40 28.56 35.77
N LYS E 349 -0.87 33.51 37.73
CA LYS E 349 0.19 32.69 37.11
C LYS E 349 -0.16 32.13 35.74
N VAL E 350 -1.29 32.54 35.17
CA VAL E 350 -1.53 32.32 33.79
C VAL E 350 -0.90 33.55 33.19
N ASP E 351 0.20 33.35 32.50
CA ASP E 351 0.96 34.40 31.94
C ASP E 351 0.55 34.63 30.54
N GLY E 352 -0.21 33.72 29.98
CA GLY E 352 -0.74 34.03 28.64
C GLY E 352 -1.64 32.97 28.03
N ILE E 353 -2.16 33.31 26.87
CA ILE E 353 -3.03 32.39 26.13
C ILE E 353 -2.76 32.44 24.63
N VAL E 354 -2.88 31.29 23.99
CA VAL E 354 -2.76 31.21 22.54
C VAL E 354 -4.12 30.80 21.97
N ASN E 355 -4.59 31.59 21.02
CA ASN E 355 -5.90 31.37 20.40
C ASN E 355 -5.78 30.86 18.99
N PHE E 356 -6.44 29.74 18.72
CA PHE E 356 -6.44 29.23 17.37
C PHE E 356 -7.81 29.48 16.80
N SER E 357 -7.85 29.98 15.58
CA SER E 357 -9.12 30.19 14.85
C SER E 357 -9.07 29.60 13.45
N GLY E 358 -10.22 29.08 13.01
CA GLY E 358 -10.36 28.49 11.71
C GLY E 358 -11.75 27.92 11.52
N ASN E 359 -11.97 27.29 10.37
CA ASN E 359 -13.25 26.65 10.08
C ASN E 359 -13.10 25.30 9.46
N ILE E 360 -13.99 24.40 9.84
CA ILE E 360 -14.22 23.19 9.07
C ILE E 360 -15.43 23.40 8.16
N THR E 361 -15.27 23.19 6.87
CA THR E 361 -16.33 23.48 5.89
C THR E 361 -16.84 22.21 5.17
N GLU E 362 -18.04 22.31 4.58
CA GLU E 362 -18.56 21.23 3.75
C GLU E 362 -17.78 21.13 2.46
N LEU E 363 -17.47 22.25 1.85
CA LEU E 363 -16.77 22.21 0.56
C LEU E 363 -15.40 22.86 0.62
N GLU E 364 -14.56 22.64 -0.38
CA GLU E 364 -13.26 23.30 -0.43
C GLU E 364 -13.31 24.75 -0.90
N ASN F 4 -23.05 -8.22 31.33
CA ASN F 4 -24.35 -7.78 31.91
C ASN F 4 -24.61 -6.27 31.72
N GLU F 5 -25.27 -5.63 32.69
CA GLU F 5 -25.87 -4.25 32.56
C GLU F 5 -24.90 -3.04 32.63
N VAL F 6 -25.40 -1.87 32.23
CA VAL F 6 -24.63 -0.60 32.17
C VAL F 6 -24.15 -0.19 33.55
N ALA F 7 -23.05 0.57 33.62
CA ALA F 7 -22.48 1.06 34.88
C ALA F 7 -22.41 2.58 34.92
N LEU F 8 -22.84 3.16 36.03
CA LEU F 8 -22.83 4.61 36.19
C LEU F 8 -22.42 5.00 37.61
N ASN F 9 -22.09 6.28 37.80
CA ASN F 9 -21.68 6.75 39.11
C ASN F 9 -20.49 5.97 39.62
N CYS F 10 -19.55 5.67 38.72
CA CYS F 10 -18.36 4.90 39.08
C CYS F 10 -17.53 5.68 40.09
N SER F 11 -16.99 4.96 41.07
CA SER F 11 -16.17 5.57 42.11
C SER F 11 -15.16 4.57 42.64
N PHE F 12 -14.22 5.05 43.44
CA PHE F 12 -13.19 4.20 44.01
C PHE F 12 -13.15 4.52 45.49
N ASP F 13 -13.23 3.49 46.32
CA ASP F 13 -13.26 3.66 47.80
C ASP F 13 -12.22 2.80 48.47
N ASN F 14 -11.60 3.34 49.51
CA ASN F 14 -10.53 2.64 50.25
C ASN F 14 -10.98 1.36 50.99
N GLY F 15 -10.11 0.35 51.01
CA GLY F 15 -10.35 -0.92 51.75
C GLY F 15 -9.74 -0.87 53.14
N LYS F 16 -9.46 -2.01 53.77
CA LYS F 16 -8.60 -2.04 54.97
C LYS F 16 -7.20 -1.80 54.42
N GLY F 17 -6.47 -0.83 54.96
CA GLY F 17 -5.13 -0.48 54.45
C GLY F 17 -3.99 -1.31 55.04
N LEU F 18 -3.21 -1.94 54.19
CA LEU F 18 -2.13 -2.80 54.66
C LEU F 18 -0.81 -2.06 54.94
N PRO F 19 0.14 -2.68 55.72
CA PRO F 19 1.40 -1.95 55.90
C PRO F 19 2.38 -2.20 54.76
N TRP F 20 3.33 -1.30 54.58
CA TRP F 20 4.40 -1.50 53.58
C TRP F 20 5.30 -2.65 54.03
N ARG F 21 5.84 -3.40 53.08
CA ARG F 21 6.64 -4.59 53.41
C ARG F 21 8.02 -4.59 52.77
N VAL F 22 9.02 -5.09 53.50
CA VAL F 22 10.37 -5.19 52.92
C VAL F 22 10.43 -6.35 51.94
N VAL F 23 10.98 -6.07 50.77
CA VAL F 23 11.16 -7.11 49.76
C VAL F 23 12.64 -7.45 49.78
N ASN F 24 13.45 -6.40 49.87
CA ASN F 24 14.90 -6.57 49.97
C ASN F 24 15.50 -5.53 50.86
N GLU F 25 16.43 -5.97 51.69
CA GLU F 25 17.08 -5.11 52.62
C GLU F 25 18.10 -4.24 51.85
N LEU F 26 18.09 -2.95 52.12
CA LEU F 26 18.94 -2.04 51.38
C LEU F 26 20.34 -2.07 51.96
N THR F 27 21.34 -2.27 51.09
CA THR F 27 22.73 -2.33 51.53
C THR F 27 23.65 -1.84 50.42
N SER F 28 24.94 -1.70 50.73
CA SER F 28 25.93 -1.29 49.72
C SER F 28 25.97 -2.35 48.65
N GLY F 29 25.56 -3.55 49.03
CA GLY F 29 25.56 -4.65 48.10
C GLY F 29 24.42 -4.65 47.10
N THR F 30 23.36 -3.90 47.40
CA THR F 30 22.17 -3.88 46.58
C THR F 30 22.38 -3.34 45.16
N ALA F 31 21.84 -4.06 44.19
CA ALA F 31 22.00 -3.70 42.76
C ALA F 31 20.88 -2.78 42.27
N LYS F 32 21.21 -2.03 41.21
CA LYS F 32 20.25 -1.11 40.60
C LYS F 32 19.06 -1.91 40.12
N GLY F 33 17.87 -1.43 40.42
CA GLY F 33 16.70 -2.10 39.97
C GLY F 33 16.08 -2.98 41.01
N THR F 34 16.67 -3.05 42.18
CA THR F 34 16.14 -3.94 43.20
C THR F 34 14.89 -3.35 43.85
N VAL F 35 13.93 -4.20 44.19
CA VAL F 35 12.73 -3.74 44.89
C VAL F 35 12.97 -3.70 46.39
N LEU F 36 12.83 -2.52 46.96
CA LEU F 36 13.03 -2.31 48.38
C LEU F 36 11.78 -2.58 49.22
N PHE F 37 10.68 -1.93 48.88
CA PHE F 37 9.41 -2.06 49.60
C PHE F 37 8.28 -2.30 48.61
N ALA F 38 7.30 -3.05 49.05
CA ALA F 38 6.17 -3.36 48.21
C ALA F 38 4.91 -3.51 49.02
N ARG F 39 3.80 -3.08 48.48
CA ARG F 39 2.55 -3.24 49.17
C ARG F 39 1.46 -3.68 48.21
N PRO F 40 0.61 -4.61 48.65
CA PRO F 40 -0.61 -4.81 47.83
C PRO F 40 -1.76 -3.88 48.32
N VAL F 41 -2.55 -3.37 47.38
CA VAL F 41 -3.64 -2.47 47.67
C VAL F 41 -4.90 -2.93 47.00
N SER F 42 -5.96 -2.97 47.77
CA SER F 42 -7.25 -3.30 47.20
C SER F 42 -8.23 -2.18 47.39
N LEU F 43 -8.86 -1.76 46.31
CA LEU F 43 -9.83 -0.71 46.36
C LEU F 43 -11.22 -1.26 46.04
N PHE F 44 -12.21 -0.52 46.47
CA PHE F 44 -13.59 -0.84 46.15
C PHE F 44 -14.02 -0.03 44.96
N LEU F 45 -14.55 -0.73 43.95
CA LEU F 45 -15.12 -0.08 42.81
C LEU F 45 -16.67 -0.19 42.85
N ASN F 46 -17.29 0.94 43.16
CA ASN F 46 -18.75 0.97 43.28
C ASN F 46 -19.44 1.76 42.18
N TYR F 47 -20.56 1.23 41.73
CA TYR F 47 -21.36 1.89 40.69
C TYR F 47 -22.86 1.68 40.87
N LYS F 48 -23.68 2.45 40.15
CA LYS F 48 -25.10 2.23 40.25
C LYS F 48 -25.48 1.57 38.92
N PRO F 49 -26.01 0.36 38.98
CA PRO F 49 -26.38 -0.31 37.72
C PRO F 49 -27.67 0.18 37.07
N GLN F 50 -27.73 0.01 35.76
CA GLN F 50 -28.90 0.36 34.96
C GLN F 50 -29.05 -0.72 33.91
N ALA F 51 -30.28 -1.13 33.67
CA ALA F 51 -30.55 -2.22 32.75
C ALA F 51 -30.35 -1.71 31.36
N SER F 52 -29.93 -2.60 30.46
CA SER F 52 -29.83 -2.21 29.06
C SER F 52 -29.93 -3.41 28.15
N GLN F 53 -30.18 -3.08 26.90
CA GLN F 53 -30.41 -4.06 25.87
C GLN F 53 -29.19 -4.95 25.61
N GLU F 54 -28.00 -4.34 25.62
CA GLU F 54 -26.74 -5.02 25.21
C GLU F 54 -25.80 -5.20 26.40
N ALA F 55 -24.89 -6.14 26.24
CA ALA F 55 -23.91 -6.46 27.29
C ALA F 55 -22.92 -5.32 27.49
N HIS F 56 -22.56 -5.09 28.74
CA HIS F 56 -21.61 -4.02 29.08
C HIS F 56 -20.51 -4.56 29.99
N GLU F 57 -19.39 -3.88 29.95
CA GLU F 57 -18.24 -4.25 30.77
C GLU F 57 -17.72 -3.02 31.47
N LEU F 58 -17.11 -3.26 32.61
CA LEU F 58 -16.42 -2.19 33.31
C LEU F 58 -14.94 -2.40 33.03
N VAL F 59 -14.29 -1.40 32.47
CA VAL F 59 -12.86 -1.50 32.13
C VAL F 59 -12.04 -0.55 32.98
N ILE F 60 -10.99 -1.08 33.59
CA ILE F 60 -10.12 -0.31 34.46
C ILE F 60 -8.84 -0.02 33.69
N GLY F 61 -8.53 1.26 33.54
CA GLY F 61 -7.35 1.67 32.83
C GLY F 61 -6.55 2.64 33.64
N GLY F 62 -5.24 2.49 33.61
CA GLY F 62 -4.39 3.36 34.38
C GLY F 62 -3.26 3.92 33.57
N ASN F 63 -3.04 5.20 33.76
CA ASN F 63 -1.91 5.89 33.13
C ASN F 63 -1.31 6.95 34.06
N TRP F 64 -0.03 7.20 33.88
CA TRP F 64 0.67 8.25 34.61
C TRP F 64 0.70 9.44 33.68
N SER F 65 0.34 10.61 34.20
CA SER F 65 0.40 11.86 33.45
C SER F 65 1.29 12.88 34.16
N GLY F 66 1.68 13.91 33.42
CA GLY F 66 2.51 14.98 33.95
C GLY F 66 3.98 14.69 33.76
N VAL F 67 4.25 13.51 33.22
CA VAL F 67 5.59 13.08 32.88
C VAL F 67 5.49 12.49 31.47
N GLY F 68 6.35 12.92 30.56
CA GLY F 68 6.32 12.41 29.20
C GLY F 68 6.76 10.95 29.05
N TYR F 69 7.79 10.57 29.78
CA TYR F 69 8.35 9.24 29.66
C TYR F 69 8.64 8.64 31.03
N PRO F 70 8.66 7.31 31.14
CA PRO F 70 8.97 6.75 32.41
C PRO F 70 10.46 6.89 32.78
N GLY F 71 10.72 6.82 34.08
CA GLY F 71 12.07 6.81 34.64
C GLY F 71 12.69 5.42 34.63
N PRO F 72 13.89 5.27 35.23
CA PRO F 72 14.52 3.94 35.18
C PRO F 72 13.66 2.81 35.80
N TYR F 73 13.72 1.63 35.20
CA TYR F 73 12.99 0.43 35.68
C TYR F 73 11.46 0.64 35.72
N GLY F 74 10.98 1.38 34.73
CA GLY F 74 9.57 1.65 34.61
C GLY F 74 9.03 2.53 35.71
N THR F 75 9.86 3.38 36.27
CA THR F 75 9.46 4.09 37.51
C THR F 75 9.08 5.52 37.28
N VAL F 76 8.35 6.07 38.24
CA VAL F 76 8.20 7.50 38.35
C VAL F 76 9.05 7.96 39.54
N ALA F 77 9.80 9.04 39.39
CA ALA F 77 10.66 9.51 40.48
C ALA F 77 9.88 9.86 41.76
N SER F 78 10.42 9.45 42.91
CA SER F 78 9.80 9.81 44.19
C SER F 78 10.40 11.09 44.71
N ASP F 79 9.92 11.55 45.85
CA ASP F 79 10.55 12.69 46.52
C ASP F 79 11.90 12.34 47.14
N VAL F 80 12.32 11.09 47.06
CA VAL F 80 13.67 10.71 47.45
C VAL F 80 14.48 10.41 46.20
N LYS F 81 15.51 11.20 45.93
CA LYS F 81 16.39 10.94 44.78
C LYS F 81 16.99 9.53 44.87
N GLY F 82 16.87 8.79 43.77
CA GLY F 82 17.32 7.40 43.70
C GLY F 82 16.29 6.33 44.10
N ILE F 83 15.10 6.73 44.53
CA ILE F 83 14.06 5.75 44.83
C ILE F 83 12.83 6.03 43.96
N GLY F 84 12.42 5.03 43.20
CA GLY F 84 11.37 5.24 42.21
C GLY F 84 10.12 4.47 42.53
N TYR F 85 9.01 4.98 42.03
CA TYR F 85 7.71 4.41 42.30
C TYR F 85 7.13 3.76 41.04
N ARG F 86 6.64 2.54 41.19
CA ARG F 86 5.90 1.90 40.12
C ARG F 86 4.69 1.16 40.71
N ILE F 87 3.52 1.37 40.12
CA ILE F 87 2.32 0.67 40.58
C ILE F 87 1.80 -0.21 39.45
N SER F 88 1.39 -1.42 39.80
CA SER F 88 0.82 -2.40 38.85
C SER F 88 -0.58 -2.86 39.26
N VAL F 89 -1.37 -3.23 38.27
CA VAL F 89 -2.75 -3.70 38.51
C VAL F 89 -2.71 -5.21 38.50
N ASP F 90 -3.29 -5.81 39.53
CA ASP F 90 -3.38 -7.26 39.62
C ASP F 90 -4.70 -7.71 38.99
N ALA F 91 -4.59 -8.21 37.78
CA ALA F 91 -5.74 -8.40 36.93
C ALA F 91 -6.48 -9.68 37.26
N GLN F 92 -7.72 -9.75 36.82
CA GLN F 92 -8.57 -10.93 37.03
C GLN F 92 -8.07 -12.20 36.32
N ASP F 93 -7.37 -12.10 35.19
CA ASP F 93 -6.64 -13.26 34.67
C ASP F 93 -5.41 -13.61 35.53
N GLY F 94 -5.15 -12.77 36.51
CA GLY F 94 -4.15 -13.01 37.56
C GLY F 94 -2.82 -12.43 37.17
N VAL F 95 -2.76 -11.96 35.93
CA VAL F 95 -1.61 -11.24 35.40
C VAL F 95 -1.38 -9.90 36.12
N LYS F 96 -0.12 -9.58 36.39
CA LYS F 96 0.23 -8.26 36.91
C LYS F 96 0.66 -7.38 35.73
N ARG F 97 -0.02 -6.25 35.57
CA ARG F 97 0.32 -5.29 34.49
C ARG F 97 0.70 -3.95 35.11
N VAL F 98 1.87 -3.45 34.74
CA VAL F 98 2.34 -2.18 35.29
C VAL F 98 1.53 -1.03 34.68
N ILE F 99 1.17 -0.03 35.47
CA ILE F 99 0.46 1.14 34.93
C ILE F 99 1.48 2.00 34.22
N PRO F 100 1.23 2.32 32.95
CA PRO F 100 2.34 2.93 32.21
C PRO F 100 2.38 4.44 32.28
N VAL F 101 3.50 5.03 31.89
CA VAL F 101 3.55 6.48 31.75
C VAL F 101 3.19 6.73 30.30
N ASP F 102 1.99 7.26 30.04
CA ASP F 102 1.53 7.46 28.66
C ASP F 102 0.47 8.54 28.61
N ASN F 103 0.24 9.07 27.42
CA ASN F 103 -0.64 10.20 27.29
C ASN F 103 -2.08 9.73 27.41
N GLN F 104 -2.30 8.43 27.22
CA GLN F 104 -3.67 7.86 27.27
C GLN F 104 -3.75 6.67 28.19
N PRO F 105 -4.91 6.42 28.82
CA PRO F 105 -4.90 5.25 29.65
C PRO F 105 -4.87 3.95 28.86
N HIS F 106 -4.40 2.91 29.52
CA HIS F 106 -4.38 1.59 28.97
C HIS F 106 -5.37 0.70 29.70
N ALA F 107 -5.93 -0.26 28.99
CA ALA F 107 -6.87 -1.19 29.56
C ALA F 107 -6.07 -2.31 30.23
N LEU F 108 -6.19 -2.41 31.54
CA LEU F 108 -5.39 -3.38 32.32
C LEU F 108 -6.20 -4.49 32.98
N ASP F 109 -7.50 -4.25 33.12
CA ASP F 109 -8.47 -5.23 33.62
C ASP F 109 -9.94 -4.95 33.24
N LYS F 110 -10.78 -5.96 33.41
CA LYS F 110 -12.20 -5.89 33.07
C LYS F 110 -13.03 -6.46 34.19
N ARG F 111 -14.25 -5.96 34.36
CA ARG F 111 -15.24 -6.56 35.27
C ARG F 111 -16.55 -6.82 34.57
N VAL F 112 -17.17 -7.95 34.90
CA VAL F 112 -18.52 -8.25 34.44
C VAL F 112 -19.48 -7.41 35.25
N THR F 113 -20.25 -6.52 34.61
CA THR F 113 -21.17 -5.67 35.37
C THR F 113 -22.31 -6.50 35.97
N SER F 114 -22.79 -6.06 37.12
CA SER F 114 -23.83 -6.81 37.84
C SER F 114 -24.83 -5.90 38.56
N PHE F 115 -25.90 -6.52 39.01
CA PHE F 115 -26.92 -5.86 39.76
C PHE F 115 -26.51 -5.40 41.17
N SER F 116 -25.46 -6.02 41.70
CA SER F 116 -24.91 -5.58 42.99
C SER F 116 -24.34 -4.17 43.00
N GLY F 117 -23.67 -3.79 41.93
CA GLY F 117 -23.04 -2.47 41.91
C GLY F 117 -21.72 -2.43 42.62
N SER F 118 -21.14 -3.57 42.89
CA SER F 118 -19.93 -3.64 43.68
C SER F 118 -18.90 -4.60 43.15
N THR F 119 -17.64 -4.20 43.24
CA THR F 119 -16.49 -5.04 42.90
C THR F 119 -15.18 -4.49 43.47
N THR F 120 -14.09 -5.24 43.35
CA THR F 120 -12.77 -4.75 43.83
C THR F 120 -11.78 -4.51 42.70
N SER F 121 -10.89 -3.54 42.90
CA SER F 121 -9.76 -3.27 42.02
C SER F 121 -8.48 -3.45 42.83
N ASP F 122 -7.60 -4.29 42.31
CA ASP F 122 -6.37 -4.70 43.02
C ASP F 122 -5.09 -4.22 42.36
N TYR F 123 -4.18 -3.70 43.18
CA TYR F 123 -2.91 -3.14 42.72
C TYR F 123 -1.73 -3.62 43.53
N LEU F 124 -0.56 -3.61 42.91
CA LEU F 124 0.71 -3.77 43.64
C LEU F 124 1.58 -2.52 43.58
N GLN F 125 1.97 -2.01 44.73
CA GLN F 125 2.86 -0.85 44.82
C GLN F 125 4.30 -1.31 45.12
N GLU F 126 5.26 -0.76 44.36
CA GLU F 126 6.66 -1.13 44.49
C GLU F 126 7.60 0.08 44.51
N LEU F 127 8.50 0.12 45.50
CA LEU F 127 9.52 1.18 45.59
C LEU F 127 10.85 0.59 45.22
N VAL F 128 11.50 1.22 44.25
CA VAL F 128 12.60 0.58 43.52
C VAL F 128 13.86 1.42 43.54
N LEU F 129 15.01 0.78 43.70
CA LEU F 129 16.28 1.50 43.71
C LEU F 129 16.76 1.69 42.27
N THR F 130 16.76 2.94 41.82
CA THR F 130 17.18 3.28 40.46
C THR F 130 18.63 3.76 40.39
N VAL F 131 19.26 3.85 41.55
CA VAL F 131 20.63 4.35 41.65
C VAL F 131 21.43 3.51 42.63
N ASP F 132 22.75 3.61 42.53
CA ASP F 132 23.65 2.87 43.41
C ASP F 132 23.49 3.32 44.85
N PRO F 133 23.70 2.36 45.85
CA PRO F 133 23.39 2.85 47.20
C PRO F 133 24.25 4.04 47.65
N GLY F 134 25.51 4.05 47.26
CA GLY F 134 26.42 5.13 47.63
C GLY F 134 25.90 6.45 47.09
N GLU F 135 25.34 6.40 45.90
CA GLU F 135 24.76 7.57 45.24
C GLU F 135 23.56 8.14 45.99
N LEU F 136 22.91 7.33 46.77
CA LEU F 136 21.69 7.72 47.50
C LEU F 136 21.89 8.90 48.44
N PRO F 137 20.85 9.81 48.54
CA PRO F 137 21.17 10.95 49.42
C PRO F 137 21.16 10.63 50.91
N ALA F 138 21.83 11.47 51.69
CA ALA F 138 21.88 11.32 53.15
C ALA F 138 20.52 11.65 53.79
N GLY F 139 20.29 11.12 54.97
CA GLY F 139 19.02 11.34 55.66
C GLY F 139 18.18 10.09 55.78
N ASP F 140 16.94 10.27 56.25
CA ASP F 140 16.02 9.17 56.50
C ASP F 140 15.62 8.37 55.26
N LEU F 141 15.58 9.03 54.11
CA LEU F 141 15.20 8.36 52.88
C LEU F 141 13.78 7.80 52.91
N LYS F 142 12.84 8.53 53.47
CA LYS F 142 11.49 8.03 53.52
C LYS F 142 10.57 8.71 52.52
N VAL F 143 9.86 7.88 51.76
CA VAL F 143 9.05 8.29 50.65
C VAL F 143 7.68 8.80 51.09
N THR F 144 7.35 9.98 50.62
CA THR F 144 6.15 10.66 50.99
C THR F 144 5.32 10.84 49.76
N SER F 145 5.97 10.83 48.62
CA SER F 145 5.41 11.46 47.47
C SER F 145 6.14 11.15 46.20
N VAL F 146 5.59 11.68 45.12
CA VAL F 146 6.15 11.52 43.80
C VAL F 146 6.60 12.89 43.32
N SER F 147 7.82 12.99 42.84
CA SER F 147 8.37 14.29 42.44
C SER F 147 7.67 14.83 41.20
N GLY F 148 7.62 16.13 41.09
CA GLY F 148 7.07 16.77 39.91
C GLY F 148 5.57 16.84 39.82
N SER F 149 5.07 16.97 38.61
CA SER F 149 3.68 17.16 38.34
C SER F 149 3.04 15.87 37.95
N ALA F 150 3.78 14.79 38.09
CA ALA F 150 3.30 13.47 37.70
C ALA F 150 2.08 13.07 38.50
N THR F 151 1.08 12.57 37.80
CA THR F 151 -0.17 12.18 38.44
C THR F 151 -0.64 10.81 37.94
N LEU F 152 -1.26 10.08 38.84
CA LEU F 152 -1.75 8.74 38.56
C LEU F 152 -3.25 8.78 38.35
N ASN F 153 -3.67 8.28 37.21
CA ASN F 153 -5.07 8.26 36.87
C ASN F 153 -5.59 6.84 36.79
N LEU F 154 -6.64 6.56 37.54
CA LEU F 154 -7.30 5.26 37.48
C LEU F 154 -8.63 5.49 36.84
N TRP F 155 -8.93 4.63 35.88
CA TRP F 155 -10.12 4.78 35.05
C TRP F 155 -11.05 3.59 35.17
N ALA F 156 -12.27 3.90 35.50
CA ALA F 156 -13.34 2.92 35.37
C ALA F 156 -14.29 3.39 34.29
N VAL F 157 -14.24 2.72 33.15
CA VAL F 157 -14.99 3.17 31.97
C VAL F 157 -15.95 2.10 31.52
N ASP F 158 -17.21 2.47 31.35
CA ASP F 158 -18.21 1.54 30.89
C ASP F 158 -18.08 1.44 29.36
N ARG F 159 -18.08 0.20 28.84
CA ARG F 159 -17.90 -0.06 27.40
C ARG F 159 -18.77 -1.24 27.04
N LEU F 160 -19.11 -1.35 25.76
CA LEU F 160 -19.83 -2.52 25.26
C LEU F 160 -18.95 -3.71 25.48
N LYS F 161 -19.54 -4.81 25.91
CA LYS F 161 -18.75 -5.95 26.39
C LYS F 161 -17.89 -6.53 25.28
N GLY F 162 -16.59 -6.68 25.53
CA GLY F 162 -15.68 -7.31 24.60
C GLY F 162 -15.09 -6.36 23.56
N GLU F 163 -15.60 -5.13 23.50
CA GLU F 163 -15.13 -4.14 22.53
C GLU F 163 -13.70 -3.72 22.82
N ALA F 164 -13.32 -3.56 24.09
CA ALA F 164 -12.01 -3.03 24.47
C ALA F 164 -11.06 -4.16 24.82
N SER F 165 -9.91 -4.26 24.15
CA SER F 165 -8.95 -5.35 24.52
C SER F 165 -7.96 -4.88 25.55
N ILE F 166 -7.63 -5.83 26.41
CA ILE F 166 -6.70 -5.62 27.48
C ILE F 166 -5.35 -5.51 26.81
N GLY F 167 -4.54 -4.62 27.33
CA GLY F 167 -3.18 -4.43 26.86
C GLY F 167 -3.10 -3.32 25.83
N SER F 168 -4.24 -2.72 25.54
CA SER F 168 -4.31 -1.69 24.53
C SER F 168 -4.64 -0.37 25.10
N VAL F 169 -4.65 0.64 24.28
CA VAL F 169 -5.14 1.94 24.71
C VAL F 169 -6.60 1.76 25.04
N LEU F 170 -7.04 2.39 26.13
CA LEU F 170 -8.44 2.35 26.50
C LEU F 170 -9.15 3.55 25.91
N ALA F 171 -10.00 3.31 24.93
CA ALA F 171 -10.75 4.41 24.35
C ALA F 171 -11.88 4.84 25.33
N VAL F 172 -11.99 6.14 25.57
CA VAL F 172 -13.04 6.62 26.43
C VAL F 172 -14.03 7.36 25.57
N PRO F 173 -15.29 6.87 25.45
CA PRO F 173 -16.23 7.50 24.53
C PRO F 173 -16.62 8.94 24.84
N ALA F 174 -16.87 9.69 23.76
CA ALA F 174 -17.33 11.11 23.76
C ALA F 174 -18.64 11.33 24.49
N ASP F 175 -19.54 10.37 24.34
CA ASP F 175 -20.91 10.43 24.83
C ASP F 175 -21.09 10.43 26.35
N ASN F 176 -22.15 11.07 26.80
CA ASN F 176 -22.54 11.08 28.20
C ASN F 176 -23.80 10.26 28.53
N TYR F 177 -24.23 9.40 27.60
CA TYR F 177 -25.47 8.64 27.75
C TYR F 177 -25.26 7.14 27.92
N PRO F 178 -25.98 6.51 28.84
CA PRO F 178 -26.91 7.20 29.74
C PRO F 178 -26.21 8.15 30.70
N THR F 179 -26.93 9.12 31.25
CA THR F 179 -26.32 10.15 32.07
C THR F 179 -25.69 9.52 33.26
N GLY F 180 -24.46 9.92 33.55
CA GLY F 180 -23.69 9.37 34.69
C GLY F 180 -22.91 8.11 34.32
N VAL F 181 -22.90 7.77 33.04
CA VAL F 181 -22.16 6.60 32.58
C VAL F 181 -20.68 6.85 32.85
N CYS F 182 -19.98 5.78 33.19
CA CYS F 182 -18.58 5.84 33.60
C CYS F 182 -17.53 6.32 32.60
N ARG F 183 -17.24 7.61 32.62
CA ARG F 183 -16.19 8.12 31.74
C ARG F 183 -15.07 8.89 32.44
N LYS F 184 -15.29 9.31 33.66
CA LYS F 184 -14.37 10.17 34.42
C LYS F 184 -13.15 9.51 35.08
N PRO F 185 -12.00 10.18 35.12
CA PRO F 185 -10.88 9.53 35.80
C PRO F 185 -10.86 9.85 37.30
N TYR F 186 -10.18 9.00 38.06
CA TYR F 186 -9.80 9.27 39.43
C TYR F 186 -8.33 9.62 39.45
N SER F 187 -8.03 10.84 39.81
CA SER F 187 -6.66 11.36 39.67
C SER F 187 -5.99 11.60 41.00
N LEU F 188 -4.79 11.06 41.19
CA LEU F 188 -4.06 11.20 42.46
C LEU F 188 -2.78 11.92 42.22
N ILE F 189 -2.61 12.99 42.97
CA ILE F 189 -1.56 13.98 42.82
C ILE F 189 -0.60 13.84 43.98
N GLY F 190 0.68 13.85 43.69
CA GLY F 190 1.71 13.94 44.70
C GLY F 190 1.75 12.81 45.68
N PRO F 191 1.54 13.18 46.95
CA PRO F 191 1.52 12.20 48.04
C PRO F 191 0.38 11.22 47.84
N ALA F 192 -0.76 11.73 47.39
CA ALA F 192 -1.95 10.87 47.23
C ALA F 192 -1.68 9.56 46.50
N SER F 193 -0.86 9.65 45.47
CA SER F 193 -0.49 8.49 44.66
C SER F 193 0.28 7.46 45.49
N ILE F 194 1.15 7.94 46.38
CA ILE F 194 1.92 7.05 47.27
C ILE F 194 1.01 6.40 48.32
N ALA F 195 0.05 7.16 48.81
CA ALA F 195 -0.86 6.67 49.84
C ALA F 195 -2.21 6.19 49.31
N ILE F 196 -2.16 5.24 48.39
CA ILE F 196 -3.39 4.71 47.81
C ILE F 196 -3.72 3.34 48.38
N GLY F 198 -5.30 3.12 51.67
CA GLY F 198 -4.71 3.95 52.72
C GLY F 198 -3.56 3.24 53.41
N GLY F 199 -3.63 3.16 54.73
CA GLY F 199 -2.59 2.51 55.51
C GLY F 199 -1.45 3.44 55.86
N PRO F 200 -0.41 2.90 56.46
CA PRO F 200 0.77 3.67 56.85
C PRO F 200 1.61 4.04 55.67
N PRO F 201 2.52 4.98 55.78
CA PRO F 201 3.39 5.29 54.64
C PRO F 201 4.63 4.40 54.52
N PRO F 202 5.42 4.55 53.40
CA PRO F 202 6.59 3.68 53.36
C PRO F 202 7.50 3.96 54.55
N PRO F 203 8.16 2.92 55.06
CA PRO F 203 9.03 3.09 56.23
C PRO F 203 10.32 3.88 55.98
N PRO F 204 10.88 4.50 57.04
CA PRO F 204 12.20 5.12 56.82
C PRO F 204 13.34 4.13 56.83
N ILE F 205 14.45 4.56 56.29
CA ILE F 205 15.66 3.76 56.20
C ILE F 205 16.65 4.24 57.29
N PRO F 206 17.15 3.31 58.16
CA PRO F 206 18.03 3.83 59.21
C PRO F 206 19.46 4.17 58.75
N LYS F 207 20.04 5.17 59.40
CA LYS F 207 21.38 5.61 59.08
C LYS F 207 22.27 5.83 60.31
N LYS F 208 21.92 5.30 61.48
CA LYS F 208 22.73 5.55 62.70
C LYS F 208 23.42 4.27 63.23
N CYS F 209 24.32 4.46 64.18
CA CYS F 209 25.12 3.37 64.80
C CYS F 209 24.81 3.26 66.33
N LYS F 210 25.41 2.27 67.02
CA LYS F 210 25.35 2.16 68.52
C LYS F 210 25.44 3.51 69.30
N VAL F 213 28.28 5.22 74.88
CA VAL F 213 28.06 6.63 75.20
C VAL F 213 28.85 7.03 76.44
N GLY F 214 29.85 7.88 76.24
CA GLY F 214 30.69 8.35 77.33
C GLY F 214 31.82 7.41 77.66
N ARG F 215 31.95 6.33 76.89
CA ARG F 215 33.00 5.35 77.12
C ARG F 215 34.36 6.05 77.04
N GLU F 216 35.37 5.48 77.70
CA GLU F 216 36.70 6.08 77.68
C GLU F 216 37.72 5.02 77.24
N ILE F 217 38.62 5.42 76.35
CA ILE F 217 39.61 4.48 75.81
C ILE F 217 40.96 4.90 76.36
N ASN F 218 41.76 3.89 76.75
CA ASN F 218 43.02 4.13 77.44
C ASN F 218 44.16 3.55 76.66
N VAL F 219 45.07 4.44 76.28
CA VAL F 219 46.22 4.08 75.49
C VAL F 219 47.44 4.27 76.37
N LYS F 220 48.25 3.21 76.46
CA LYS F 220 49.48 3.21 77.23
C LYS F 220 50.67 3.41 76.26
N LEU F 221 51.28 4.58 76.37
CA LEU F 221 52.44 4.91 75.53
C LEU F 221 53.74 4.47 76.19
N SER F 223 56.78 5.24 78.59
CA SER F 223 57.99 5.49 79.35
C SER F 223 59.23 5.43 78.47
N VAL F 224 59.70 6.62 78.13
CA VAL F 224 60.84 6.78 77.27
C VAL F 224 61.87 7.74 77.83
N ALA F 225 63.12 7.48 77.48
CA ALA F 225 64.21 8.30 77.93
C ALA F 225 64.44 9.43 76.99
N LEU F 226 64.95 10.54 77.50
CA LEU F 226 65.10 11.73 76.69
C LEU F 226 65.88 11.34 75.45
N LYS F 227 66.71 10.31 75.57
CA LYS F 227 67.52 9.85 74.46
C LYS F 227 66.78 8.79 73.65
N PHE F 229 65.30 10.54 71.68
CA PHE F 229 64.72 11.85 71.42
C PHE F 229 65.77 12.94 71.28
N PRO F 230 66.85 12.69 70.56
CA PRO F 230 67.89 13.71 70.46
C PRO F 230 67.43 15.00 69.83
N ARG F 231 66.62 14.91 68.79
CA ARG F 231 66.18 16.05 68.02
C ARG F 231 64.88 16.73 68.44
N VAL F 232 64.28 17.45 67.50
CA VAL F 232 62.99 18.06 67.69
C VAL F 232 62.09 17.50 66.60
N ASN F 233 60.92 16.99 66.99
CA ASN F 233 60.10 16.33 66.03
C ASN F 233 60.42 14.87 66.03
N ASP F 234 61.31 14.43 66.92
CA ASP F 234 61.56 13.01 67.06
C ASP F 234 60.43 12.42 67.88
N THR F 235 60.11 11.17 67.60
CA THR F 235 58.95 10.55 68.21
C THR F 235 59.28 9.19 68.78
N SER F 236 58.54 8.81 69.80
CA SER F 236 58.68 7.53 70.45
C SER F 236 58.12 6.45 69.61
N THR F 237 58.27 5.22 70.03
CA THR F 237 57.62 4.12 69.33
C THR F 237 56.10 4.33 69.43
N GLU F 238 55.42 4.16 68.31
CA GLU F 238 53.97 4.35 68.23
C GLU F 238 53.17 3.19 68.77
N ARG F 239 51.97 3.51 69.18
CA ARG F 239 51.13 2.60 69.95
C ARG F 239 49.74 2.52 69.27
N SER F 240 49.35 1.31 68.88
CA SER F 240 48.16 1.09 68.08
C SER F 240 46.85 0.98 68.84
N PHE F 241 45.80 1.61 68.32
CA PHE F 241 44.41 1.46 68.85
C PHE F 241 43.38 1.66 67.74
N ASP F 242 42.12 1.56 68.12
CA ASP F 242 41.00 1.69 67.21
C ASP F 242 39.79 2.27 67.92
N ILE F 243 39.13 3.24 67.31
CA ILE F 243 37.84 3.69 67.83
C ILE F 243 36.76 3.06 66.94
N SER F 244 35.75 2.44 67.53
CA SER F 244 34.76 1.66 66.75
C SER F 244 33.34 1.84 67.18
N LEU F 245 32.46 1.73 66.20
CA LEU F 245 31.02 1.77 66.42
C LEU F 245 30.41 0.45 66.01
N SER F 246 29.38 0.00 66.73
CA SER F 246 28.78 -1.32 66.47
C SER F 246 27.31 -1.21 66.14
N GLU F 247 26.76 -2.31 65.65
CA GLU F 247 25.39 -2.34 65.08
C GLU F 247 25.08 -1.12 64.21
N CYS F 248 25.97 -0.84 63.29
CA CYS F 248 25.79 0.23 62.30
C CYS F 248 24.78 -0.16 61.22
N ALA F 249 23.85 0.74 60.95
CA ALA F 249 22.91 0.58 59.83
C ALA F 249 23.73 0.50 58.56
N ALA F 250 23.39 -0.41 57.66
CA ALA F 250 24.07 -0.46 56.35
C ALA F 250 23.78 0.91 55.76
N LEU F 251 24.81 1.55 55.21
CA LEU F 251 24.64 2.88 54.63
C LEU F 251 24.82 4.03 55.63
N ALA F 252 25.04 3.69 56.89
CA ALA F 252 25.45 4.67 57.93
C ALA F 252 26.84 5.10 57.55
N LYS F 253 27.12 6.38 57.65
CA LYS F 253 28.44 6.85 57.32
C LYS F 253 28.95 7.84 58.34
N PRO F 254 29.39 7.38 59.52
CA PRO F 254 29.69 8.41 60.50
C PRO F 254 31.05 9.08 60.39
N GLU F 255 31.07 10.27 60.96
CA GLU F 255 32.25 11.13 61.03
C GLU F 255 32.58 11.38 62.51
N ILE F 256 33.88 11.36 62.80
CA ILE F 256 34.39 11.56 64.16
C ILE F 256 35.30 12.79 64.23
N ALA F 257 35.10 13.60 65.25
CA ALA F 257 35.89 14.84 65.47
C ALA F 257 36.54 14.82 66.86
N PHE F 258 37.72 15.42 66.95
CA PHE F 258 38.49 15.41 68.21
C PHE F 258 38.85 16.79 68.75
N ARG F 259 38.95 16.91 70.06
CA ARG F 259 39.35 18.17 70.70
C ARG F 259 40.32 17.89 71.83
N ASP F 260 41.26 18.80 72.03
CA ASP F 260 42.20 18.70 73.16
C ASP F 260 41.44 19.11 74.41
N LYS F 261 41.40 18.26 75.44
CA LYS F 261 40.62 18.53 76.64
C LYS F 261 41.15 19.61 77.54
N TYR F 262 42.39 19.98 77.32
CA TYR F 262 43.08 21.05 78.04
C TYR F 262 43.18 22.39 77.32
N VAL F 263 43.13 22.41 75.99
CA VAL F 263 43.21 23.67 75.25
C VAL F 263 41.91 23.91 74.49
N SER F 264 41.13 24.94 74.84
CA SER F 264 39.92 25.28 74.08
C SER F 264 40.19 26.19 72.87
N ALA F 265 41.27 26.96 72.98
CA ALA F 265 41.67 27.89 71.94
C ALA F 265 42.26 27.22 70.70
N GLN F 266 42.19 27.91 69.57
CA GLN F 266 42.74 27.38 68.33
C GLN F 266 44.23 27.24 68.61
N GLN F 267 44.86 26.18 68.10
CA GLN F 267 46.28 26.00 68.40
C GLN F 267 47.12 26.42 67.20
N ALA F 268 48.37 26.84 67.44
CA ALA F 268 49.28 27.14 66.33
C ALA F 268 49.39 25.88 65.50
N ASP F 269 49.51 24.74 66.15
CA ASP F 269 49.47 23.47 65.50
C ASP F 269 48.46 22.55 66.22
N PRO F 270 47.31 22.20 65.60
CA PRO F 270 46.43 21.29 66.36
C PRO F 270 46.83 19.83 66.25
N THR F 271 47.85 19.51 65.46
CA THR F 271 48.33 18.11 65.40
C THR F 271 49.05 17.69 66.69
N ILE F 272 49.47 18.68 67.47
CA ILE F 272 50.16 18.41 68.74
C ILE F 272 49.17 18.48 69.90
N LEU F 273 48.94 17.34 70.50
CA LEU F 273 48.07 17.21 71.66
C LEU F 273 48.85 17.50 72.94
N SER F 274 48.29 18.39 73.74
CA SER F 274 48.97 18.85 74.96
C SER F 274 48.88 17.76 76.01
N LEU F 275 49.86 17.73 76.91
CA LEU F 275 49.89 16.81 78.05
C LEU F 275 49.34 17.55 79.24
N LYS F 276 48.86 16.85 80.27
CA LYS F 276 48.43 17.52 81.52
C LYS F 276 49.68 18.16 82.17
N GLY F 279 53.76 17.22 84.63
CA GLY F 279 54.37 15.88 84.58
C GLY F 279 55.73 15.98 83.91
N ALA F 280 55.69 16.54 82.70
CA ALA F 280 56.89 16.79 81.89
C ALA F 280 56.73 18.10 81.12
N ALA F 281 57.74 18.47 80.33
CA ALA F 281 57.69 19.68 79.49
C ALA F 281 58.44 19.51 78.18
N GLY F 282 57.96 20.25 77.17
CA GLY F 282 58.54 20.28 75.82
C GLY F 282 58.23 19.03 75.00
N PHE F 283 57.19 18.33 75.43
CA PHE F 283 56.75 17.15 74.74
C PHE F 283 55.28 17.23 74.37
N GLY F 284 54.92 16.53 73.31
CA GLY F 284 53.54 16.37 72.90
C GLY F 284 53.27 15.00 72.38
N ILE F 285 51.97 14.70 72.22
CA ILE F 285 51.52 13.43 71.59
C ILE F 285 50.88 13.66 70.22
N VAL F 286 51.17 12.74 69.31
CA VAL F 286 50.65 12.78 67.95
C VAL F 286 49.95 11.49 67.59
N VAL F 287 48.72 11.59 67.12
CA VAL F 287 47.91 10.44 66.71
C VAL F 287 47.88 10.44 65.17
N LYS F 288 48.25 9.31 64.58
CA LYS F 288 48.18 9.17 63.13
C LYS F 288 46.94 8.38 62.64
N ASN F 289 46.22 8.94 61.66
CA ASN F 289 45.04 8.29 61.08
C ASN F 289 45.47 7.27 60.07
N GLY F 290 44.95 6.06 60.25
CA GLY F 290 45.39 4.91 59.50
C GLY F 290 44.99 4.99 58.05
N LEU F 291 43.77 5.47 57.81
CA LEU F 291 43.21 5.54 56.48
C LEU F 291 43.87 6.66 55.70
N ASP F 292 43.84 7.84 56.34
CA ASP F 292 44.41 9.11 55.91
C ASP F 292 45.93 9.11 55.68
N GLN F 293 46.61 8.41 56.59
CA GLN F 293 48.06 8.50 56.73
C GLN F 293 48.52 9.91 57.19
N GLN F 294 47.63 10.61 57.88
CA GLN F 294 47.91 11.98 58.33
C GLN F 294 47.59 12.13 59.79
N ARG F 295 48.32 13.00 60.47
CA ARG F 295 48.10 13.19 61.91
C ARG F 295 46.81 13.96 62.15
N ILE F 296 46.10 13.51 63.17
CA ILE F 296 44.82 14.08 63.58
C ILE F 296 45.00 15.50 64.09
N ARG F 297 43.97 16.31 63.88
CA ARG F 297 43.92 17.67 64.33
C ARG F 297 42.81 17.69 65.35
N PHE F 298 43.10 18.30 66.49
CA PHE F 298 42.18 18.28 67.62
C PHE F 298 41.39 19.56 67.59
N ASP F 299 41.37 20.17 66.41
CA ASP F 299 40.69 21.44 66.20
C ASP F 299 39.22 21.17 65.99
N GLY F 300 38.83 19.90 66.08
CA GLY F 300 37.43 19.49 65.85
C GLY F 300 37.04 19.24 64.39
N THR F 301 38.03 19.15 63.51
CA THR F 301 37.84 18.71 62.13
C THR F 301 37.17 17.33 62.20
N PRO F 302 36.10 17.11 61.41
CA PRO F 302 35.53 15.77 61.42
C PRO F 302 36.21 14.86 60.40
N TYR F 303 36.34 13.60 60.77
CA TYR F 303 37.01 12.62 59.93
C TYR F 303 36.05 11.51 59.50
N PRO F 304 36.05 11.19 58.19
CA PRO F 304 35.26 10.03 57.82
C PRO F 304 35.83 8.72 58.40
N MET F 305 34.93 7.85 58.82
CA MET F 305 35.28 6.53 59.35
C MET F 305 35.08 5.41 58.32
N ARG F 306 35.92 4.39 58.42
CA ARG F 306 35.87 3.24 57.55
C ARG F 306 34.68 2.34 57.88
N ARG F 307 34.17 1.63 56.88
CA ARG F 307 33.07 0.68 57.11
C ARG F 307 33.50 -0.76 56.87
N VAL F 308 33.41 -1.58 57.89
CA VAL F 308 33.61 -3.01 57.78
C VAL F 308 32.40 -3.69 58.38
N GLY F 309 31.86 -4.68 57.69
CA GLY F 309 30.73 -5.44 58.24
C GLY F 309 29.72 -4.51 58.88
N ASP F 310 29.42 -4.76 60.15
CA ASP F 310 28.38 -3.99 60.86
C ASP F 310 28.91 -2.80 61.63
N SER F 311 30.20 -2.55 61.45
CA SER F 311 30.89 -1.51 62.17
C SER F 311 31.58 -0.46 61.33
N ALA F 312 31.66 0.72 61.91
CA ALA F 312 32.42 1.85 61.42
C ALA F 312 33.56 2.07 62.40
N ASP F 313 34.78 2.22 61.89
CA ASP F 313 35.92 2.40 62.77
C ASP F 313 37.03 3.26 62.19
N LEU F 314 37.81 3.86 63.06
CA LEU F 314 38.97 4.63 62.65
C LEU F 314 40.26 4.05 63.24
N PRO F 315 41.20 3.56 62.37
CA PRO F 315 42.42 3.09 63.02
C PRO F 315 43.37 4.24 63.37
N LEU F 316 43.90 4.22 64.58
CA LEU F 316 44.77 5.29 65.08
C LEU F 316 46.00 4.76 65.81
N SER F 317 47.09 5.50 65.70
CA SER F 317 48.34 5.18 66.39
C SER F 317 48.76 6.43 67.17
N ALA F 318 49.19 6.25 68.42
CA ALA F 318 49.62 7.37 69.25
C ALA F 318 51.10 7.27 69.65
N ALA F 319 51.79 8.40 69.57
CA ALA F 319 53.19 8.48 69.96
C ALA F 319 53.57 9.82 70.61
N TYR F 320 54.66 9.81 71.36
CA TYR F 320 55.24 11.02 71.98
C TYR F 320 56.06 11.82 70.95
N ILE F 321 56.03 13.14 71.04
CA ILE F 321 56.82 13.93 70.11
C ILE F 321 57.61 15.06 70.78
N ARG F 322 58.80 15.33 70.24
CA ARG F 322 59.64 16.37 70.80
C ARG F 322 59.55 17.74 70.16
N ILE F 323 59.22 18.69 71.04
CA ILE F 323 59.03 20.09 70.76
C ILE F 323 57.55 20.41 70.73
N GLY F 327 67.01 22.74 76.47
CA GLY F 327 66.63 23.45 77.68
C GLY F 327 65.17 23.30 78.09
N GLU F 328 64.24 23.33 77.17
CA GLU F 328 62.83 23.22 77.55
C GLU F 328 62.36 21.91 78.17
N LEU F 329 63.03 20.81 77.82
CA LEU F 329 62.57 19.48 78.17
C LEU F 329 62.77 19.10 79.60
N LYS F 330 61.72 18.58 80.21
CA LYS F 330 61.76 18.01 81.54
C LYS F 330 61.14 16.61 81.50
N ALA F 331 61.83 15.60 82.03
CA ALA F 331 61.26 14.27 82.05
C ALA F 331 60.14 14.10 83.05
N GLY F 332 59.52 12.93 83.03
CA GLY F 332 58.43 12.68 83.96
C GLY F 332 57.17 11.90 83.64
N VAL F 333 56.04 12.54 83.91
CA VAL F 333 54.75 11.91 83.71
C VAL F 333 53.73 12.67 82.89
N ALA F 334 53.71 12.40 81.59
CA ALA F 334 52.75 13.00 80.68
C ALA F 334 51.62 12.05 80.27
N GLY F 336 47.62 12.08 78.65
CA GLY F 336 47.07 12.80 77.50
C GLY F 336 45.58 12.63 77.43
N ALA F 337 44.90 13.63 76.91
CA ALA F 337 43.47 13.54 76.80
C ALA F 337 42.91 14.22 75.58
N ALA F 338 42.15 13.43 74.80
CA ALA F 338 41.48 13.88 73.59
C ALA F 338 40.04 13.46 73.63
N GLU F 339 39.17 14.44 73.57
CA GLU F 339 37.72 14.24 73.58
C GLU F 339 37.16 14.16 72.14
N PHE F 340 36.28 13.19 71.87
CA PHE F 340 35.73 13.02 70.51
C PHE F 340 34.20 13.02 70.44
N THR F 341 33.69 13.47 69.30
CA THR F 341 32.24 13.45 68.98
C THR F 341 31.94 12.66 67.69
N PHE F 342 30.70 12.18 67.59
CA PHE F 342 30.20 11.50 66.42
C PHE F 342 29.06 12.29 65.76
N THR F 343 29.08 12.38 64.43
CA THR F 343 27.95 12.96 63.64
C THR F 343 27.53 12.10 62.43
N PHE F 344 26.30 12.27 61.93
CA PHE F 344 25.78 11.46 60.79
C PHE F 344 25.14 12.24 59.66
N ASP F 351 30.97 13.44 73.62
CA ASP F 351 30.35 12.13 73.71
C ASP F 351 31.40 11.02 73.91
N GLY F 352 32.66 11.31 73.63
CA GLY F 352 33.75 10.33 73.71
C GLY F 352 35.02 10.87 74.32
N ILE F 353 35.82 10.00 74.92
CA ILE F 353 37.14 10.39 75.40
C ILE F 353 38.16 9.26 75.31
N VAL F 354 39.42 9.63 75.06
CA VAL F 354 40.54 8.67 75.06
C VAL F 354 41.74 9.22 75.90
N ASN F 355 42.24 8.40 76.81
CA ASN F 355 43.31 8.79 77.75
C ASN F 355 44.64 8.22 77.38
N PHE F 356 45.64 9.08 77.32
CA PHE F 356 47.01 8.67 76.99
C PHE F 356 47.88 8.71 78.24
N SER F 357 48.54 7.58 78.50
CA SER F 357 49.39 7.41 79.69
C SER F 357 50.79 6.95 79.31
N GLY F 358 51.79 7.63 79.84
CA GLY F 358 53.18 7.35 79.49
C GLY F 358 54.21 7.95 80.43
N ASN F 359 55.45 7.53 80.24
CA ASN F 359 56.56 7.95 81.10
C ASN F 359 57.79 8.45 80.33
N ILE F 360 58.38 9.52 80.85
CA ILE F 360 59.62 10.06 80.34
C ILE F 360 60.80 9.66 81.23
N THR F 361 61.44 8.59 80.83
CA THR F 361 62.57 8.02 81.53
C THR F 361 63.73 9.02 81.40
N GLU F 362 64.67 9.03 82.34
CA GLU F 362 65.77 9.98 82.29
C GLU F 362 67.09 9.26 82.26
N ALA G 2 84.00 20.17 59.08
CA ALA G 2 83.56 21.17 58.08
C ALA G 2 84.70 21.49 57.12
N LEU G 3 84.90 20.66 56.10
CA LEU G 3 85.68 21.10 54.95
C LEU G 3 84.67 21.75 53.98
N ASN G 4 84.69 23.09 53.87
CA ASN G 4 83.74 23.79 53.03
C ASN G 4 83.91 23.41 51.58
N GLU G 5 82.79 23.16 50.91
CA GLU G 5 82.80 22.72 49.52
C GLU G 5 81.63 23.32 48.75
N VAL G 6 81.78 23.39 47.44
CA VAL G 6 80.74 23.88 46.55
C VAL G 6 80.23 22.72 45.71
N ALA G 7 78.93 22.52 45.69
CA ALA G 7 78.36 21.46 44.85
C ALA G 7 78.33 21.86 43.38
N LEU G 8 78.69 20.91 42.52
CA LEU G 8 78.69 21.10 41.08
C LEU G 8 78.28 19.80 40.40
N ASN G 9 77.74 19.88 39.19
CA ASN G 9 77.32 18.69 38.46
C ASN G 9 76.32 17.80 39.22
N CYS G 10 75.33 18.41 39.85
CA CYS G 10 74.33 17.67 40.61
C CYS G 10 73.52 16.72 39.73
N SER G 11 73.24 15.53 40.25
CA SER G 11 72.47 14.52 39.54
C SER G 11 71.58 13.73 40.52
N PHE G 12 70.56 13.07 40.00
CA PHE G 12 69.65 12.33 40.84
C PHE G 12 69.67 10.90 40.39
N ASP G 13 70.01 9.97 41.29
CA ASP G 13 70.20 8.57 40.89
C ASP G 13 69.36 7.56 41.64
N ASN G 14 68.89 6.55 40.91
CA ASN G 14 68.06 5.49 41.49
C ASN G 14 68.81 4.54 42.40
N GLY G 15 68.26 4.30 43.57
CA GLY G 15 68.80 3.28 44.51
C GLY G 15 68.30 1.88 44.14
N LYS G 16 67.98 1.06 45.14
CA LYS G 16 67.20 -0.15 44.86
C LYS G 16 65.70 0.20 44.95
N GLY G 17 65.01 0.13 43.82
CA GLY G 17 63.57 0.44 43.80
C GLY G 17 62.80 -0.62 44.56
N LEU G 18 61.69 -0.24 45.18
CA LEU G 18 60.92 -1.19 45.96
C LEU G 18 59.51 -1.43 45.46
N PRO G 19 58.86 -2.54 45.95
CA PRO G 19 57.48 -2.70 45.46
C PRO G 19 56.51 -1.80 46.26
N TRP G 20 55.39 -1.47 45.63
CA TRP G 20 54.37 -0.68 46.28
C TRP G 20 53.78 -1.54 47.40
N ARG G 21 53.32 -0.91 48.45
CA ARG G 21 52.86 -1.63 49.62
C ARG G 21 51.42 -1.22 49.69
N VAL G 22 50.59 -2.14 50.10
CA VAL G 22 49.18 -1.87 50.25
C VAL G 22 48.96 -1.30 51.65
N VAL G 23 48.75 0.00 51.70
CA VAL G 23 48.49 0.69 52.95
C VAL G 23 47.07 0.34 53.43
N ASN G 24 46.14 0.30 52.50
CA ASN G 24 44.73 0.00 52.78
C ASN G 24 44.10 -0.82 51.69
N GLU G 25 43.17 -1.69 52.06
CA GLU G 25 42.47 -2.49 51.08
C GLU G 25 41.19 -1.80 50.62
N LEU G 26 41.06 -1.69 49.31
CA LEU G 26 39.93 -0.99 48.67
C LEU G 26 38.67 -1.83 48.74
N THR G 27 37.60 -1.24 49.27
CA THR G 27 36.33 -1.94 49.48
C THR G 27 35.19 -0.95 49.44
N SER G 28 33.96 -1.42 49.53
CA SER G 28 32.82 -0.50 49.45
C SER G 28 32.77 0.47 50.64
N GLY G 29 33.39 0.08 51.74
CA GLY G 29 33.47 0.87 52.99
C GLY G 29 34.63 1.85 53.10
N THR G 30 35.55 1.83 52.13
CA THR G 30 36.68 2.74 52.08
C THR G 30 36.24 4.21 51.95
N ALA G 31 36.74 5.06 52.83
CA ALA G 31 36.40 6.47 52.84
C ALA G 31 37.26 7.27 51.85
N LYS G 32 36.71 8.39 51.40
CA LYS G 32 37.44 9.29 50.53
C LYS G 32 38.70 9.79 51.23
N GLY G 33 39.78 9.86 50.48
CA GLY G 33 41.04 10.28 51.09
C GLY G 33 41.83 9.16 51.74
N THR G 34 41.38 7.92 51.61
CA THR G 34 42.16 6.81 52.15
C THR G 34 43.31 6.53 51.21
N VAL G 35 44.42 6.10 51.79
CA VAL G 35 45.62 5.85 51.04
C VAL G 35 45.62 4.39 50.70
N LEU G 36 45.59 4.11 49.42
CA LEU G 36 45.58 2.72 48.94
C LEU G 36 46.99 2.11 48.91
N PHE G 37 47.92 2.81 48.28
CA PHE G 37 49.24 2.26 48.04
C PHE G 37 50.28 3.32 48.29
N ALA G 38 51.39 2.93 48.89
CA ALA G 38 52.47 3.84 49.18
C ALA G 38 53.82 3.14 49.16
N ARG G 39 54.80 3.71 48.47
CA ARG G 39 56.13 3.13 48.37
C ARG G 39 57.23 4.09 48.84
N PRO G 40 58.07 3.67 49.84
CA PRO G 40 59.17 4.60 50.14
C PRO G 40 60.16 4.58 48.98
N VAL G 41 60.77 5.73 48.71
CA VAL G 41 61.73 5.83 47.62
C VAL G 41 63.01 6.52 48.07
N SER G 42 64.14 5.89 47.84
CA SER G 42 65.40 6.52 48.16
C SER G 42 66.19 6.74 46.91
N LEU G 43 66.59 7.97 46.71
CA LEU G 43 67.39 8.34 45.56
C LEU G 43 68.78 8.73 46.05
N PHE G 44 69.71 8.79 45.10
CA PHE G 44 71.07 9.17 45.40
C PHE G 44 71.34 10.47 44.75
N LEU G 45 71.74 11.43 45.57
CA LEU G 45 72.05 12.72 45.08
C LEU G 45 73.55 12.84 44.99
N ASN G 46 74.08 12.82 43.77
CA ASN G 46 75.52 12.90 43.55
C ASN G 46 75.97 14.21 42.95
N TYR G 47 77.15 14.64 43.36
CA TYR G 47 77.73 15.89 42.89
C TYR G 47 79.25 15.87 42.99
N LYS G 48 79.90 16.77 42.26
CA LYS G 48 81.34 16.93 42.36
C LYS G 48 81.64 18.06 43.34
N PRO G 49 82.25 17.75 44.51
CA PRO G 49 82.59 18.91 45.36
C PRO G 49 83.81 19.68 44.84
N GLN G 50 83.79 20.98 45.03
CA GLN G 50 84.96 21.80 44.75
C GLN G 50 85.15 22.68 46.00
N ALA G 51 86.41 22.83 46.43
CA ALA G 51 86.73 23.52 47.70
C ALA G 51 86.38 24.99 47.60
N SER G 52 85.92 25.54 48.71
CA SER G 52 85.51 26.95 48.76
C SER G 52 85.74 27.68 50.10
N GLN G 53 85.84 29.00 50.00
CA GLN G 53 86.16 29.87 51.14
C GLN G 53 85.02 29.91 52.17
N GLU G 54 83.75 29.88 51.73
CA GLU G 54 82.61 29.87 52.68
C GLU G 54 81.82 28.55 52.62
N ALA G 55 81.15 28.18 53.72
CA ALA G 55 80.26 26.98 53.75
C ALA G 55 79.04 27.04 52.78
N HIS G 56 78.73 25.92 52.14
CA HIS G 56 77.62 25.81 51.19
C HIS G 56 76.65 24.69 51.58
N GLU G 57 75.38 24.91 51.33
CA GLU G 57 74.33 23.95 51.65
C GLU G 57 73.66 23.50 50.36
N LEU G 58 73.52 22.20 50.18
CA LEU G 58 72.77 21.67 49.07
C LEU G 58 71.32 21.72 49.48
N VAL G 59 70.48 22.37 48.67
CA VAL G 59 69.08 22.53 49.01
C VAL G 59 68.19 21.74 48.07
N ILE G 60 67.30 20.94 48.64
CA ILE G 60 66.43 20.11 47.84
C ILE G 60 65.02 20.69 47.84
N GLY G 61 64.56 21.01 46.64
CA GLY G 61 63.27 21.62 46.46
C GLY G 61 62.49 20.84 45.43
N GLY G 62 61.18 20.96 45.53
CA GLY G 62 60.28 20.39 44.54
C GLY G 62 58.98 21.17 44.40
N ASN G 63 58.45 21.12 43.20
CA ASN G 63 57.11 21.64 42.92
C ASN G 63 56.51 20.89 41.71
N TRP G 64 55.19 20.93 41.62
CA TRP G 64 54.50 20.39 40.47
C TRP G 64 54.22 21.59 39.60
N SER G 65 54.66 21.52 38.35
CA SER G 65 54.31 22.51 37.33
C SER G 65 53.30 21.86 36.33
N GLY G 66 52.69 22.70 35.50
CA GLY G 66 51.72 22.22 34.50
C GLY G 66 50.29 22.01 34.98
N VAL G 67 50.04 22.14 36.27
CA VAL G 67 48.67 22.24 36.81
C VAL G 67 48.66 23.51 37.62
N GLY G 68 47.56 24.25 37.59
CA GLY G 68 47.41 25.43 38.46
C GLY G 68 47.33 25.17 39.97
N TYR G 69 46.55 24.16 40.36
CA TYR G 69 46.20 23.95 41.75
C TYR G 69 46.17 22.46 42.02
N PRO G 70 46.25 22.03 43.31
CA PRO G 70 46.20 20.59 43.45
C PRO G 70 44.77 20.02 43.35
N GLY G 71 44.72 18.72 43.25
CA GLY G 71 43.47 18.00 43.28
C GLY G 71 43.05 17.75 44.71
N PRO G 72 41.96 16.98 44.91
CA PRO G 72 41.58 16.71 46.32
C PRO G 72 42.65 15.95 47.11
N TYR G 73 42.76 16.23 48.40
CA TYR G 73 43.76 15.60 49.29
C TYR G 73 45.23 15.78 48.85
N GLY G 74 45.55 16.95 48.35
CA GLY G 74 46.93 17.29 48.02
C GLY G 74 47.45 16.46 46.88
N THR G 75 46.54 16.06 45.99
CA THR G 75 46.91 15.17 44.90
C THR G 75 46.92 15.77 43.49
N VAL G 76 47.66 15.10 42.62
CA VAL G 76 47.69 15.39 41.21
C VAL G 76 46.97 14.18 40.63
N ALA G 77 46.00 14.40 39.75
CA ALA G 77 45.23 13.28 39.18
C ALA G 77 46.06 12.26 38.40
N SER G 78 45.77 10.99 38.66
CA SER G 78 46.39 9.85 37.94
C SER G 78 45.68 9.56 36.63
N ASP G 79 46.27 8.71 35.80
CA ASP G 79 45.63 8.35 34.53
C ASP G 79 44.29 7.67 34.85
N VAL G 80 44.27 6.91 35.93
CA VAL G 80 43.06 6.28 36.41
C VAL G 80 42.22 7.30 37.18
N LYS G 81 40.96 7.46 36.81
CA LYS G 81 40.05 8.44 37.46
C LYS G 81 39.73 8.05 38.89
N GLY G 82 39.63 9.04 39.77
CA GLY G 82 39.32 8.78 41.19
C GLY G 82 40.48 8.27 42.03
N ILE G 83 41.63 8.10 41.40
CA ILE G 83 42.88 7.84 42.12
C ILE G 83 43.87 8.98 41.94
N GLY G 84 44.39 9.51 43.04
CA GLY G 84 45.29 10.66 42.97
C GLY G 84 46.68 10.36 43.48
N TYR G 85 47.62 11.12 42.97
CA TYR G 85 49.01 10.92 43.32
C TYR G 85 49.60 12.09 44.15
N ARG G 86 50.07 11.81 45.36
CA ARG G 86 50.90 12.78 46.11
C ARG G 86 52.25 12.16 46.54
N ILE G 87 53.31 12.92 46.33
CA ILE G 87 54.62 12.49 46.81
C ILE G 87 55.16 13.51 47.81
N SER G 88 55.69 13.00 48.91
CA SER G 88 56.32 13.82 49.96
C SER G 88 57.82 13.58 50.01
N VAL G 89 58.55 14.51 50.62
CA VAL G 89 60.00 14.32 50.88
C VAL G 89 60.20 14.05 52.36
N ASP G 90 61.02 13.06 52.64
CA ASP G 90 61.33 12.66 53.99
C ASP G 90 62.62 13.35 54.45
N ALA G 91 62.49 14.49 55.13
CA ALA G 91 63.65 15.36 55.51
C ALA G 91 64.45 14.88 56.73
N GLN G 92 65.65 15.42 56.91
CA GLN G 92 66.53 15.06 58.03
C GLN G 92 65.87 15.40 59.34
N ASP G 93 65.11 16.49 59.33
CA ASP G 93 64.37 16.92 60.52
C ASP G 93 63.38 15.86 60.97
N GLY G 94 63.14 14.90 60.10
CA GLY G 94 62.16 13.82 60.35
C GLY G 94 60.74 14.31 60.13
N VAL G 95 60.62 15.40 59.38
CA VAL G 95 59.36 15.98 58.96
C VAL G 95 59.06 15.54 57.53
N LYS G 96 57.81 15.13 57.28
CA LYS G 96 57.32 14.75 55.96
C LYS G 96 56.70 16.00 55.32
N ARG G 97 57.24 16.43 54.19
CA ARG G 97 56.70 17.59 53.50
C ARG G 97 56.28 17.18 52.11
N VAL G 98 54.99 17.38 51.81
CA VAL G 98 54.42 17.07 50.49
C VAL G 98 55.01 18.04 49.46
N ILE G 99 55.43 17.53 48.32
CA ILE G 99 55.90 18.40 47.27
C ILE G 99 54.62 19.14 46.87
N PRO G 100 54.62 20.47 46.74
CA PRO G 100 53.41 21.19 46.39
C PRO G 100 53.18 21.37 44.93
N VAL G 101 51.95 21.68 44.56
CA VAL G 101 51.68 22.11 43.21
C VAL G 101 51.77 23.61 43.29
N ASP G 102 52.84 24.18 42.78
CA ASP G 102 53.01 25.63 42.80
C ASP G 102 53.91 26.07 41.65
N ASN G 103 53.88 27.35 41.31
CA ASN G 103 54.69 27.86 40.20
C ASN G 103 56.20 27.84 40.44
N GLN G 104 56.62 27.92 41.70
CA GLN G 104 58.03 27.94 42.01
C GLN G 104 58.39 26.80 42.95
N PRO G 105 59.63 26.29 42.89
CA PRO G 105 59.96 25.26 43.87
C PRO G 105 60.03 25.75 45.31
N HIS G 106 59.67 24.87 46.22
CA HIS G 106 59.80 25.13 47.64
C HIS G 106 60.98 24.36 48.17
N ALA G 107 61.62 24.90 49.20
CA ALA G 107 62.76 24.30 49.89
C ALA G 107 62.22 23.28 50.85
N LEU G 108 62.40 22.02 50.51
CA LEU G 108 61.89 20.94 51.37
C LEU G 108 62.94 20.23 52.28
N ASP G 109 64.19 20.19 51.86
CA ASP G 109 65.27 19.62 52.68
C ASP G 109 66.59 20.26 52.31
N LYS G 110 67.56 20.20 53.19
CA LYS G 110 68.90 20.71 52.86
C LYS G 110 69.99 19.81 53.48
N ARG G 111 71.17 19.83 52.86
CA ARG G 111 72.35 19.10 53.36
C ARG G 111 73.57 19.98 53.27
N VAL G 112 74.39 19.94 54.31
CA VAL G 112 75.71 20.60 54.27
C VAL G 112 76.58 19.86 53.27
N THR G 113 77.19 20.58 52.32
CA THR G 113 78.01 19.91 51.32
C THR G 113 79.23 19.22 51.97
N SER G 114 79.70 18.17 51.31
CA SER G 114 80.77 17.35 51.85
C SER G 114 81.66 16.88 50.71
N PHE G 115 82.93 16.59 51.02
CA PHE G 115 83.90 16.08 50.04
C PHE G 115 83.41 14.79 49.40
N SER G 116 82.50 14.09 50.11
CA SER G 116 81.91 12.83 49.65
C SER G 116 81.23 12.93 48.29
N GLY G 117 80.50 14.01 48.06
CA GLY G 117 79.84 14.22 46.76
C GLY G 117 78.62 13.35 46.60
N SER G 118 78.18 12.77 47.72
CA SER G 118 77.09 11.83 47.72
C SER G 118 76.20 12.06 48.93
N THR G 119 74.90 12.03 48.69
CA THR G 119 73.90 12.07 49.75
C THR G 119 72.61 11.41 49.29
N THR G 120 71.70 11.21 50.21
CA THR G 120 70.42 10.58 49.87
C THR G 120 69.25 11.55 49.97
N SER G 121 68.36 11.46 49.00
CA SER G 121 67.08 12.14 49.03
C SER G 121 65.98 11.06 49.13
N ASP G 122 65.22 11.09 50.20
CA ASP G 122 64.15 10.10 50.40
C ASP G 122 62.77 10.70 50.20
N TYR G 123 61.95 10.00 49.45
CA TYR G 123 60.60 10.45 49.17
C TYR G 123 59.58 9.38 49.53
N LEU G 124 58.37 9.81 49.84
CA LEU G 124 57.26 8.89 50.08
C LEU G 124 56.23 9.02 48.97
N GLN G 125 55.91 7.91 48.32
CA GLN G 125 54.93 7.90 47.24
C GLN G 125 53.59 7.39 47.76
N GLU G 126 52.52 8.10 47.42
CA GLU G 126 51.17 7.70 47.86
C GLU G 126 50.14 7.78 46.75
N LEU G 127 49.30 6.76 46.66
CA LEU G 127 48.13 6.78 45.76
C LEU G 127 46.87 6.81 46.64
N VAL G 128 45.99 7.74 46.33
CA VAL G 128 44.91 8.07 47.25
C VAL G 128 43.60 8.01 46.54
N LEU G 129 42.58 7.64 47.30
CA LEU G 129 41.22 7.57 46.76
C LEU G 129 40.50 8.92 46.90
N THR G 130 40.30 9.59 45.78
CA THR G 130 39.69 10.92 45.78
C THR G 130 38.18 10.86 45.59
N VAL G 131 37.69 9.65 45.32
CA VAL G 131 36.27 9.44 45.03
C VAL G 131 35.77 8.20 45.73
N ASP G 132 34.45 8.07 45.83
CA ASP G 132 33.83 6.93 46.48
C ASP G 132 34.11 5.63 45.73
N PRO G 133 34.15 4.46 46.47
CA PRO G 133 34.56 3.29 45.68
C PRO G 133 33.65 2.96 44.50
N GLY G 134 32.35 3.13 44.70
CA GLY G 134 31.37 2.85 43.64
C GLY G 134 31.63 3.69 42.40
N GLU G 135 32.02 4.92 42.63
CA GLU G 135 32.29 5.89 41.56
C GLU G 135 33.46 5.49 40.66
N LEU G 136 34.35 4.64 41.18
CA LEU G 136 35.57 4.27 40.47
C LEU G 136 35.31 3.58 39.14
N PRO G 137 36.18 3.88 38.09
CA PRO G 137 35.81 3.23 36.83
C PRO G 137 36.01 1.71 36.80
N ALA G 138 35.26 1.05 35.94
CA ALA G 138 35.42 -0.37 35.73
C ALA G 138 36.77 -0.66 35.10
N GLY G 139 37.42 -1.72 35.55
CA GLY G 139 38.72 -2.08 35.02
C GLY G 139 39.66 -2.52 36.12
N ASP G 140 40.91 -2.82 35.76
CA ASP G 140 41.91 -3.21 36.75
C ASP G 140 42.19 -2.06 37.72
N LEU G 141 42.19 -0.86 37.15
CA LEU G 141 42.52 0.34 37.89
C LEU G 141 44.02 0.52 38.11
N LYS G 142 44.85 -0.10 37.27
CA LYS G 142 46.31 0.02 37.49
C LYS G 142 46.76 1.40 37.08
N VAL G 143 47.56 2.01 37.94
CA VAL G 143 48.03 3.36 37.75
C VAL G 143 49.41 3.33 37.12
N THR G 144 49.57 4.08 36.05
CA THR G 144 50.87 4.12 35.37
C THR G 144 51.41 5.51 35.13
N SER G 145 50.55 6.51 35.33
CA SER G 145 50.94 7.87 34.99
C SER G 145 50.06 8.94 35.63
N VAL G 146 50.44 10.18 35.38
CA VAL G 146 49.73 11.36 35.80
C VAL G 146 48.97 11.88 34.60
N SER G 147 47.69 12.15 34.78
CA SER G 147 46.87 12.76 33.74
C SER G 147 47.23 14.24 33.56
N GLY G 148 47.07 14.73 32.35
CA GLY G 148 47.31 16.12 32.05
C GLY G 148 48.76 16.47 31.80
N SER G 149 49.07 17.76 31.85
CA SER G 149 50.41 18.27 31.56
C SER G 149 51.28 18.35 32.81
N ALA G 150 50.73 17.94 33.94
CA ALA G 150 51.41 18.11 35.22
C ALA G 150 52.77 17.43 35.20
N THR G 151 53.77 18.11 35.74
CA THR G 151 55.13 17.59 35.76
C THR G 151 55.74 17.74 37.17
N LEU G 152 56.68 16.87 37.49
CA LEU G 152 57.32 16.91 38.80
C LEU G 152 58.75 17.38 38.63
N ASN G 153 59.10 18.43 39.37
CA ASN G 153 60.45 18.97 39.32
C ASN G 153 61.09 18.88 40.68
N LEU G 154 62.24 18.23 40.69
CA LEU G 154 63.10 18.13 41.85
C LEU G 154 64.30 19.01 41.60
N TRP G 155 64.59 19.84 42.57
CA TRP G 155 65.71 20.76 42.45
C TRP G 155 66.84 20.48 43.44
N ALA G 156 68.05 20.32 42.92
CA ALA G 156 69.19 20.31 43.79
C ALA G 156 69.92 21.60 43.49
N VAL G 157 69.78 22.56 44.39
CA VAL G 157 70.33 23.89 44.24
C VAL G 157 71.36 24.19 45.32
N ASP G 158 72.53 24.68 44.89
CA ASP G 158 73.62 25.03 45.77
C ASP G 158 73.40 26.45 46.29
N ARG G 159 73.56 26.67 47.58
CA ARG G 159 73.32 27.96 48.19
C ARG G 159 74.28 28.11 49.37
N LEU G 160 74.70 29.33 49.69
CA LEU G 160 75.45 29.53 50.94
C LEU G 160 74.64 29.06 52.15
N LYS G 161 75.34 28.40 53.06
CA LYS G 161 74.70 27.71 54.18
C LYS G 161 73.90 28.66 55.12
N GLY G 162 72.69 28.23 55.47
CA GLY G 162 71.79 29.01 56.33
C GLY G 162 71.01 30.08 55.60
N GLU G 163 71.33 30.31 54.33
CA GLU G 163 70.65 31.31 53.55
C GLU G 163 69.18 30.95 53.18
N ALA G 164 68.87 29.73 52.77
CA ALA G 164 67.50 29.41 52.40
C ALA G 164 66.76 28.68 53.51
N SER G 165 65.57 29.10 53.89
CA SER G 165 64.85 28.37 54.95
C SER G 165 63.90 27.35 54.37
N ILE G 166 63.74 26.28 55.14
CA ILE G 166 62.82 25.22 54.82
C ILE G 166 61.40 25.74 54.91
N GLY G 167 60.59 25.33 53.96
CA GLY G 167 59.18 25.71 53.88
C GLY G 167 58.96 26.95 53.02
N SER G 168 60.04 27.52 52.49
CA SER G 168 59.93 28.74 51.71
C SER G 168 60.12 28.49 50.24
N VAL G 169 59.67 29.42 49.41
CA VAL G 169 60.11 29.42 48.03
C VAL G 169 61.64 29.25 47.91
N LEU G 170 62.10 28.40 47.04
CA LEU G 170 63.53 28.24 46.94
C LEU G 170 63.98 29.17 45.86
N ALA G 171 64.78 30.14 46.22
CA ALA G 171 65.35 31.03 45.25
C ALA G 171 66.47 30.31 44.49
N VAL G 172 66.46 30.45 43.19
CA VAL G 172 67.52 29.88 42.39
C VAL G 172 68.36 31.01 41.84
N PRO G 173 69.65 31.13 42.22
CA PRO G 173 70.41 32.24 41.62
C PRO G 173 70.56 32.20 40.09
N ALA G 174 70.56 33.38 39.49
CA ALA G 174 70.82 33.58 38.04
C ALA G 174 72.22 33.11 37.59
N ASP G 175 73.21 33.23 38.48
CA ASP G 175 74.62 32.94 38.18
C ASP G 175 74.98 31.46 37.94
N ASN G 176 76.02 31.26 37.15
CA ASN G 176 76.62 29.95 36.89
C ASN G 176 78.00 29.71 37.54
N TYR G 177 78.40 30.54 38.50
CA TYR G 177 79.74 30.41 39.10
C TYR G 177 79.76 29.63 40.43
N PRO G 178 80.70 28.69 40.55
CA PRO G 178 81.61 28.30 39.45
C PRO G 178 80.84 27.51 38.40
N THR G 179 81.39 27.43 37.19
CA THR G 179 80.70 26.73 36.10
C THR G 179 80.25 25.33 36.53
N GLY G 180 78.97 25.01 36.29
CA GLY G 180 78.38 23.72 36.66
C GLY G 180 77.96 23.64 38.12
N VAL G 181 77.95 24.76 38.83
CA VAL G 181 77.36 24.81 40.18
C VAL G 181 75.90 24.37 40.03
N CYS G 182 75.33 23.77 41.07
CA CYS G 182 73.96 23.27 41.03
C CYS G 182 72.85 24.31 40.95
N ARG G 183 72.25 24.42 39.77
CA ARG G 183 71.15 25.35 39.52
C ARG G 183 69.97 24.66 38.86
N LYS G 184 70.22 23.51 38.26
CA LYS G 184 69.28 22.91 37.28
C LYS G 184 68.19 22.04 37.88
N PRO G 185 67.04 21.97 37.22
CA PRO G 185 65.91 21.16 37.72
C PRO G 185 65.81 19.79 37.06
N TYR G 186 65.43 18.77 37.84
CA TYR G 186 65.21 17.47 37.28
C TYR G 186 63.71 17.37 37.04
N SER G 187 63.29 17.27 35.79
CA SER G 187 61.85 17.27 35.45
C SER G 187 61.35 15.93 35.06
N LEU G 188 60.24 15.51 35.64
CA LEU G 188 59.66 14.19 35.37
C LEU G 188 58.27 14.31 34.79
N ILE G 189 58.07 13.70 33.63
CA ILE G 189 56.83 13.91 32.85
C ILE G 189 56.03 12.62 32.70
N GLY G 190 54.72 12.69 32.98
CA GLY G 190 53.80 11.56 32.78
C GLY G 190 54.17 10.33 33.60
N PRO G 191 54.42 9.21 32.96
CA PRO G 191 54.71 7.99 33.71
C PRO G 191 55.93 8.20 34.59
N ALA G 192 56.84 9.03 34.11
CA ALA G 192 58.15 9.26 34.72
C ALA G 192 58.03 9.65 36.18
N SER G 193 57.02 10.45 36.47
CA SER G 193 56.83 10.90 37.83
C SER G 193 56.37 9.77 38.73
N ILE G 194 55.51 8.90 38.19
CA ILE G 194 55.02 7.71 38.91
C ILE G 194 56.13 6.67 39.09
N ALA G 195 56.97 6.55 38.07
CA ALA G 195 58.03 5.54 38.01
C ALA G 195 59.35 5.96 38.64
N ILE G 196 59.39 7.13 39.25
CA ILE G 196 60.60 7.60 39.89
C ILE G 196 61.10 6.62 40.95
N GLY G 197 62.42 6.42 40.97
CA GLY G 197 63.05 5.52 41.93
C GLY G 197 63.08 4.06 41.53
N GLY G 198 62.57 3.77 40.34
CA GLY G 198 62.55 2.38 39.84
C GLY G 198 61.51 1.50 40.54
N GLY G 199 61.70 0.20 40.38
CA GLY G 199 60.83 -0.80 40.99
C GLY G 199 59.58 -1.20 40.18
N PRO G 200 58.75 -2.14 40.74
CA PRO G 200 57.59 -2.48 39.93
C PRO G 200 56.56 -1.36 39.92
N PRO G 201 55.69 -1.31 38.89
CA PRO G 201 54.68 -0.24 38.88
C PRO G 201 53.54 -0.50 39.87
N PRO G 202 52.61 0.45 40.06
CA PRO G 202 51.54 0.21 41.04
C PRO G 202 50.71 -1.02 40.70
N PRO G 203 50.31 -1.85 41.69
CA PRO G 203 49.54 -3.03 41.29
C PRO G 203 48.06 -2.83 40.92
N PRO G 204 47.50 -3.82 40.24
CA PRO G 204 46.11 -3.86 39.87
C PRO G 204 45.18 -4.05 41.04
N ILE G 205 43.93 -3.67 40.82
CA ILE G 205 42.85 -3.93 41.79
C ILE G 205 41.96 -5.06 41.28
N PRO G 206 41.73 -6.12 42.12
CA PRO G 206 40.94 -7.22 41.58
C PRO G 206 39.45 -6.91 41.36
N LYS G 207 38.95 -7.36 40.22
CA LYS G 207 37.54 -7.17 39.83
C LYS G 207 36.81 -8.49 39.44
N LYS G 208 37.23 -9.63 39.96
CA LYS G 208 36.63 -10.93 39.59
C LYS G 208 36.19 -11.78 40.77
N CYS G 209 35.31 -12.75 40.52
CA CYS G 209 34.98 -13.79 41.51
C CYS G 209 35.57 -15.15 41.10
N LYS G 210 35.34 -16.15 41.94
CA LYS G 210 35.72 -17.49 41.59
C LYS G 210 34.59 -18.20 40.86
N VAL G 211 34.84 -18.47 39.59
CA VAL G 211 33.84 -19.13 38.78
C VAL G 211 34.28 -20.52 38.34
N GLU G 212 33.48 -21.50 38.73
CA GLU G 212 33.73 -22.88 38.38
C GLU G 212 33.00 -23.17 37.10
N VAL G 213 33.72 -23.44 36.02
CA VAL G 213 33.07 -23.64 34.75
C VAL G 213 32.33 -24.98 34.73
N GLY G 214 31.41 -25.10 33.80
CA GLY G 214 30.62 -26.34 33.60
C GLY G 214 29.78 -26.83 34.78
N ARG G 215 29.63 -25.98 35.79
CA ARG G 215 28.85 -26.32 36.97
C ARG G 215 27.38 -26.48 36.62
N GLU G 216 26.72 -27.42 37.30
CA GLU G 216 25.30 -27.66 37.05
C GLU G 216 24.44 -27.52 38.30
N ILE G 217 23.35 -26.78 38.17
CA ILE G 217 22.42 -26.57 39.27
C ILE G 217 21.12 -27.27 38.88
N ASN G 218 20.62 -28.14 39.76
CA ASN G 218 19.40 -28.87 39.47
C ASN G 218 18.24 -28.46 40.36
N VAL G 219 17.13 -28.10 39.74
CA VAL G 219 15.93 -27.68 40.45
C VAL G 219 14.78 -28.63 40.14
N LYS G 220 14.11 -29.10 41.17
CA LYS G 220 12.99 -30.02 40.97
C LYS G 220 11.65 -29.32 41.11
N LEU G 221 11.01 -29.11 39.98
CA LEU G 221 9.67 -28.57 39.93
C LEU G 221 8.67 -29.54 40.55
N GLY G 222 8.89 -30.84 40.32
CA GLY G 222 8.01 -31.88 40.82
C GLY G 222 6.95 -32.34 39.85
N SER G 223 5.92 -33.00 40.37
CA SER G 223 4.80 -33.45 39.53
C SER G 223 3.59 -32.58 39.82
N VAL G 224 2.99 -32.04 38.77
CA VAL G 224 1.84 -31.15 38.93
C VAL G 224 0.59 -31.63 38.22
N ALA G 225 -0.53 -31.44 38.90
CA ALA G 225 -1.88 -31.79 38.39
C ALA G 225 -2.31 -30.91 37.20
N LEU G 226 -2.83 -31.54 36.16
CA LEU G 226 -3.40 -30.84 35.00
C LEU G 226 -4.59 -30.02 35.49
N LYS G 227 -5.26 -30.52 36.51
CA LYS G 227 -6.38 -29.80 37.08
C LYS G 227 -5.90 -28.45 37.60
N ASN G 228 -4.70 -28.43 38.16
CA ASN G 228 -4.19 -27.23 38.83
C ASN G 228 -4.29 -25.99 37.96
N PHE G 229 -3.98 -26.08 36.69
CA PHE G 229 -4.05 -24.87 35.90
C PHE G 229 -5.47 -24.73 35.43
N PRO G 230 -6.28 -23.93 36.13
CA PRO G 230 -7.66 -23.67 35.72
C PRO G 230 -7.78 -22.92 34.38
N ARG G 231 -6.91 -21.93 34.18
CA ARG G 231 -6.92 -21.07 33.00
C ARG G 231 -5.52 -20.75 32.53
N VAL G 232 -5.38 -20.44 31.24
CA VAL G 232 -4.07 -20.14 30.67
C VAL G 232 -3.37 -19.06 31.51
N ASN G 233 -2.05 -19.17 31.61
CA ASN G 233 -1.27 -18.26 32.43
C ASN G 233 -1.30 -18.66 33.90
N ASP G 234 -1.85 -19.82 34.18
CA ASP G 234 -1.84 -20.32 35.55
C ASP G 234 -0.50 -20.99 35.81
N THR G 235 -0.01 -20.83 37.04
CA THR G 235 1.29 -21.35 37.43
C THR G 235 1.21 -22.22 38.70
N SER G 236 2.13 -23.19 38.78
CA SER G 236 2.29 -24.01 39.99
C SER G 236 2.92 -23.20 41.13
N THR G 237 3.08 -23.81 42.30
CA THR G 237 3.71 -23.07 43.41
C THR G 237 5.20 -23.02 43.16
N GLU G 238 5.78 -21.87 43.50
CA GLU G 238 7.17 -21.53 43.16
C GLU G 238 8.20 -22.30 43.99
N ARG G 239 9.30 -22.68 43.36
CA ARG G 239 10.39 -23.39 44.06
C ARG G 239 11.61 -22.44 44.09
N SER G 240 12.15 -22.12 45.28
CA SER G 240 13.31 -21.17 45.45
C SER G 240 14.68 -21.76 45.29
N PHE G 241 15.51 -21.11 44.51
CA PHE G 241 16.91 -21.53 44.38
C PHE G 241 17.81 -20.33 44.20
N ASP G 242 19.11 -20.55 44.26
CA ASP G 242 20.06 -19.47 44.13
C ASP G 242 21.25 -19.80 43.20
N ILE G 243 21.66 -18.85 42.36
CA ILE G 243 22.88 -19.02 41.58
C ILE G 243 23.89 -18.11 42.21
N SER G 244 25.01 -18.67 42.63
CA SER G 244 25.94 -17.91 43.43
C SER G 244 27.43 -17.99 42.97
N LEU G 245 28.13 -16.88 43.15
CA LEU G 245 29.55 -16.80 42.98
C LEU G 245 30.21 -16.54 44.34
N SER G 246 31.49 -16.87 44.42
CA SER G 246 32.18 -16.93 45.69
C SER G 246 33.63 -16.50 45.61
N GLU G 247 34.22 -16.12 46.73
CA GLU G 247 35.58 -15.59 46.71
C GLU G 247 35.63 -14.38 45.80
N CYS G 248 34.62 -13.54 45.91
CA CYS G 248 34.50 -12.33 45.11
C CYS G 248 35.40 -11.21 45.65
N ALA G 249 36.10 -10.55 44.75
CA ALA G 249 36.84 -9.31 45.08
C ALA G 249 35.84 -8.28 45.59
N ALA G 250 36.29 -7.43 46.52
CA ALA G 250 35.42 -6.39 47.09
C ALA G 250 34.78 -5.45 46.07
N LEU G 251 35.49 -4.96 45.08
CA LEU G 251 34.88 -4.07 44.09
C LEU G 251 34.26 -4.67 42.85
N ALA G 252 34.16 -5.94 42.80
CA ALA G 252 33.86 -6.46 41.53
C ALA G 252 32.43 -6.89 41.39
N LYS G 253 31.87 -6.76 40.19
CA LYS G 253 30.45 -7.04 39.99
C LYS G 253 30.12 -7.89 38.75
N PRO G 254 29.62 -9.12 38.91
CA PRO G 254 29.32 -9.96 37.77
C PRO G 254 27.89 -9.67 37.36
N GLU G 255 27.62 -9.84 36.09
CA GLU G 255 26.30 -9.75 35.63
C GLU G 255 26.13 -11.10 35.05
N ILE G 256 24.95 -11.65 35.23
CA ILE G 256 24.69 -13.00 34.75
C ILE G 256 23.58 -13.06 33.70
N ALA G 257 23.85 -13.73 32.58
CA ALA G 257 22.93 -13.83 31.45
C ALA G 257 22.42 -15.27 31.24
N PHE G 258 21.20 -15.42 30.74
CA PHE G 258 20.63 -16.75 30.51
C PHE G 258 20.19 -16.97 29.07
N ARG G 259 20.30 -18.19 28.59
CA ARG G 259 19.80 -18.57 27.26
C ARG G 259 19.04 -19.88 27.39
N ASP G 260 18.02 -20.07 26.55
CA ASP G 260 17.29 -21.35 26.47
C ASP G 260 18.18 -22.37 25.81
N LYS G 261 18.30 -23.52 26.46
CA LYS G 261 19.12 -24.60 25.97
C LYS G 261 18.65 -25.09 24.61
N TYR G 262 17.34 -25.19 24.44
CA TYR G 262 16.75 -25.79 23.24
C TYR G 262 16.31 -24.84 22.14
N VAL G 263 16.47 -23.54 22.38
CA VAL G 263 16.07 -22.51 21.41
C VAL G 263 17.22 -21.60 21.01
N SER G 264 17.39 -21.39 19.71
CA SER G 264 18.45 -20.50 19.22
C SER G 264 18.00 -19.09 18.87
N ALA G 265 16.91 -18.97 18.11
CA ALA G 265 16.40 -17.67 17.67
C ALA G 265 15.58 -16.96 18.73
N GLN G 266 15.44 -15.64 18.60
CA GLN G 266 14.64 -14.85 19.54
C GLN G 266 13.22 -15.43 19.67
N GLN G 267 12.80 -15.68 20.90
CA GLN G 267 11.47 -16.22 21.18
C GLN G 267 10.50 -15.05 21.15
N ALA G 268 9.24 -15.31 20.79
CA ALA G 268 8.25 -14.22 20.80
C ALA G 268 8.16 -13.72 22.22
N ASP G 269 8.20 -14.63 23.17
CA ASP G 269 8.25 -14.28 24.56
C ASP G 269 9.49 -14.97 25.15
N PRO G 270 10.54 -14.21 25.53
CA PRO G 270 11.68 -14.92 26.13
C PRO G 270 11.53 -15.25 27.61
N THR G 271 10.45 -14.82 28.26
CA THR G 271 10.26 -15.18 29.67
C THR G 271 9.90 -16.65 29.88
N ILE G 272 9.23 -17.27 28.91
CA ILE G 272 8.87 -18.67 28.96
C ILE G 272 10.03 -19.53 28.47
N LEU G 273 10.52 -20.42 29.35
CA LEU G 273 11.59 -21.39 29.05
C LEU G 273 10.96 -22.65 28.48
N SER G 274 11.40 -23.06 27.31
CA SER G 274 10.82 -24.23 26.64
C SER G 274 11.16 -25.54 27.37
N LEU G 275 10.17 -26.45 27.37
CA LEU G 275 10.35 -27.85 27.81
C LEU G 275 11.01 -28.68 26.72
N LYS G 276 11.78 -29.68 27.15
CA LYS G 276 12.34 -30.65 26.19
C LYS G 276 11.27 -31.52 25.52
N SER G 277 11.47 -31.77 24.23
CA SER G 277 10.41 -32.36 23.39
C SER G 277 10.22 -33.86 23.71
N GLY G 278 9.03 -34.38 23.41
CA GLY G 278 8.70 -35.76 23.75
C GLY G 278 8.20 -35.84 25.18
N GLY G 279 7.94 -34.68 25.78
CA GLY G 279 7.30 -34.61 27.10
C GLY G 279 5.91 -34.02 27.01
N ALA G 280 5.46 -33.38 28.09
CA ALA G 280 4.17 -32.64 28.09
C ALA G 280 4.21 -31.51 27.04
N ALA G 281 3.07 -31.16 26.46
CA ALA G 281 3.02 -30.06 25.47
C ALA G 281 2.10 -28.94 25.98
N GLY G 282 2.33 -27.69 25.55
CA GLY G 282 1.49 -26.52 25.96
C GLY G 282 1.76 -26.03 27.37
N PHE G 283 2.99 -26.28 27.80
CA PHE G 283 3.45 -25.87 29.13
C PHE G 283 4.86 -25.29 29.05
N GLY G 284 5.13 -24.41 30.00
CA GLY G 284 6.45 -23.82 30.09
C GLY G 284 6.89 -23.55 31.51
N ILE G 285 8.10 -23.01 31.60
CA ILE G 285 8.72 -22.66 32.90
C ILE G 285 9.08 -21.16 32.93
N VAL G 286 8.65 -20.52 34.02
CA VAL G 286 9.01 -19.14 34.30
C VAL G 286 9.86 -19.01 35.60
N VAL G 287 10.94 -18.22 35.50
CA VAL G 287 11.84 -17.96 36.63
C VAL G 287 11.75 -16.50 37.04
N LYS G 288 11.65 -16.27 38.34
CA LYS G 288 11.47 -14.91 38.84
C LYS G 288 12.69 -14.44 39.58
N ASN G 289 13.20 -13.29 39.19
CA ASN G 289 14.33 -12.65 39.83
C ASN G 289 13.86 -12.01 41.12
N GLY G 290 14.42 -12.44 42.24
CA GLY G 290 14.04 -11.92 43.55
C GLY G 290 14.32 -10.45 43.77
N LEU G 291 15.48 -9.99 43.31
CA LEU G 291 15.85 -8.58 43.46
C LEU G 291 14.90 -7.64 42.68
N ASP G 292 14.74 -8.01 41.42
CA ASP G 292 13.96 -7.32 40.36
C ASP G 292 12.47 -7.46 40.56
N GLN G 293 12.06 -8.65 40.98
CA GLN G 293 10.65 -9.01 41.10
C GLN G 293 10.05 -9.16 39.73
N GLN G 294 10.92 -9.39 38.74
CA GLN G 294 10.52 -9.57 37.33
C GLN G 294 11.02 -10.88 36.76
N ARG G 295 10.29 -11.46 35.85
CA ARG G 295 10.68 -12.72 35.24
C ARG G 295 11.89 -12.60 34.36
N ILE G 296 12.79 -13.56 34.48
CA ILE G 296 14.01 -13.61 33.65
C ILE G 296 13.75 -13.74 32.15
N ARG G 297 14.57 -13.15 31.34
CA ARG G 297 14.45 -13.30 29.92
C ARG G 297 15.56 -14.21 29.49
N PHE G 298 15.26 -15.10 28.58
CA PHE G 298 16.20 -16.11 28.17
C PHE G 298 16.81 -15.74 26.87
N ASP G 299 16.81 -14.45 26.60
CA ASP G 299 17.35 -13.86 25.38
C ASP G 299 18.79 -13.38 25.51
N GLY G 300 19.42 -13.71 26.62
CA GLY G 300 20.78 -13.30 26.91
C GLY G 300 20.91 -11.93 27.58
N THR G 301 19.80 -11.38 28.03
CA THR G 301 19.79 -10.13 28.83
C THR G 301 20.65 -10.33 30.11
N PRO G 302 21.63 -9.40 30.38
CA PRO G 302 22.38 -9.54 31.62
C PRO G 302 21.64 -8.99 32.81
N TYR G 303 21.92 -9.57 33.95
CA TYR G 303 21.27 -9.17 35.18
C TYR G 303 22.32 -8.88 36.21
N PRO G 304 22.17 -7.75 36.91
CA PRO G 304 23.02 -7.36 38.01
C PRO G 304 22.86 -8.37 39.16
N MET G 305 23.96 -8.75 39.81
CA MET G 305 23.91 -9.69 40.92
C MET G 305 24.12 -8.98 42.22
N ARG G 306 23.42 -9.42 43.25
CA ARG G 306 23.56 -8.82 44.58
C ARG G 306 24.92 -9.17 45.22
N ARG G 307 25.50 -8.21 45.95
CA ARG G 307 26.76 -8.44 46.69
C ARG G 307 26.51 -8.59 48.19
N VAL G 308 26.82 -9.74 48.75
CA VAL G 308 26.79 -9.88 50.21
C VAL G 308 28.11 -10.48 50.64
N GLY G 309 28.82 -9.73 51.47
CA GLY G 309 30.16 -10.14 51.91
C GLY G 309 31.04 -10.45 50.72
N ASP G 310 31.64 -11.63 50.74
CA ASP G 310 32.60 -12.01 49.72
C ASP G 310 32.00 -12.77 48.52
N SER G 311 30.67 -12.80 48.47
CA SER G 311 29.94 -13.47 47.37
C SER G 311 28.87 -12.60 46.70
N ALA G 312 28.56 -12.99 45.47
CA ALA G 312 27.58 -12.34 44.63
C ALA G 312 26.57 -13.39 44.24
N ASP G 313 25.29 -13.10 44.36
CA ASP G 313 24.27 -14.09 44.00
C ASP G 313 22.97 -13.49 43.45
N LEU G 314 22.28 -14.28 42.66
CA LEU G 314 20.94 -13.91 42.24
C LEU G 314 19.93 -14.88 42.82
N PRO G 315 19.07 -14.44 43.80
CA PRO G 315 18.02 -15.41 44.17
C PRO G 315 16.95 -15.61 43.09
N LEU G 316 16.56 -16.86 42.85
CA LEU G 316 15.62 -17.19 41.79
C LEU G 316 14.53 -18.15 42.25
N SER G 317 13.33 -17.96 41.76
CA SER G 317 12.20 -18.83 42.05
C SER G 317 11.67 -19.40 40.73
N ALA G 318 11.28 -20.67 40.70
CA ALA G 318 10.78 -21.29 39.46
C ALA G 318 9.44 -22.00 39.64
N ALA G 319 8.70 -22.08 38.54
CA ALA G 319 7.36 -22.69 38.50
C ALA G 319 6.98 -23.10 37.07
N TYR G 320 5.80 -23.67 36.98
CA TYR G 320 5.29 -24.18 35.73
C TYR G 320 4.21 -23.23 35.21
N ILE G 321 4.15 -23.02 33.91
CA ILE G 321 3.22 -22.06 33.30
C ILE G 321 2.45 -22.73 32.19
N ARG G 322 1.17 -22.41 32.10
CA ARG G 322 0.33 -22.96 31.04
C ARG G 322 0.35 -22.07 29.79
N ILE G 323 1.06 -22.54 28.75
CA ILE G 323 1.17 -21.85 27.45
C ILE G 323 -0.11 -21.84 26.57
N GLY G 324 -0.81 -22.96 26.54
CA GLY G 324 -1.94 -23.18 25.63
C GLY G 324 -3.29 -23.59 26.17
N ALA G 325 -4.26 -23.65 25.27
CA ALA G 325 -5.62 -24.05 25.62
C ALA G 325 -5.56 -25.47 26.14
N GLU G 326 -6.55 -25.84 26.96
CA GLU G 326 -6.59 -27.16 27.57
C GLU G 326 -6.59 -28.27 26.53
N GLY G 327 -7.30 -28.08 25.43
CA GLY G 327 -7.31 -29.09 24.39
C GLY G 327 -5.89 -29.25 23.88
N GLU G 328 -5.21 -28.12 23.71
CA GLU G 328 -3.82 -28.13 23.24
C GLU G 328 -2.90 -28.81 24.25
N LEU G 329 -3.13 -28.52 25.53
CA LEU G 329 -2.32 -29.09 26.63
C LEU G 329 -2.27 -30.62 26.66
N LYS G 330 -1.02 -31.09 26.77
CA LYS G 330 -0.57 -32.48 26.72
C LYS G 330 0.44 -32.85 27.81
N ALA G 331 0.74 -34.14 27.91
CA ALA G 331 1.61 -34.70 28.95
C ALA G 331 0.93 -35.05 30.26
N VAL G 333 5.75 -34.97 31.32
CA VAL G 333 7.20 -35.04 31.47
C VAL G 333 7.81 -33.71 31.12
N ALA G 334 8.18 -32.95 32.14
CA ALA G 334 8.45 -31.53 31.96
C ALA G 334 9.87 -31.11 32.29
N ASP G 335 10.80 -31.24 31.37
CA ASP G 335 12.15 -30.89 31.73
C ASP G 335 12.62 -29.52 31.22
N ALA G 338 18.33 -23.94 30.26
CA ALA G 338 18.77 -22.67 30.87
C ALA G 338 20.25 -22.61 31.17
N GLU G 339 21.06 -22.34 30.16
CA GLU G 339 22.47 -22.12 30.38
C GLU G 339 22.75 -20.67 30.75
N PHE G 340 23.62 -20.45 31.73
CA PHE G 340 24.01 -19.10 32.11
C PHE G 340 25.48 -18.78 31.87
N THR G 341 25.74 -17.52 31.57
CA THR G 341 27.09 -16.96 31.42
C THR G 341 27.34 -15.83 32.42
N PHE G 342 28.58 -15.74 32.89
CA PHE G 342 29.00 -14.69 33.83
C PHE G 342 29.89 -13.67 33.11
N THR G 343 29.50 -12.41 33.09
CA THR G 343 30.40 -11.40 32.55
C THR G 343 30.82 -10.46 33.65
N PHE G 344 32.11 -10.43 33.91
CA PHE G 344 32.67 -9.48 34.91
C PHE G 344 32.71 -7.97 34.52
N PRO G 345 33.06 -7.62 33.26
CA PRO G 345 33.37 -8.66 32.22
C PRO G 345 34.59 -9.53 32.55
N VAL G 350 30.23 -20.39 28.28
CA VAL G 350 29.10 -20.72 29.14
C VAL G 350 29.58 -21.27 30.43
N ASP G 351 29.43 -20.47 31.45
CA ASP G 351 29.83 -20.79 32.78
C ASP G 351 28.90 -21.81 33.44
N GLY G 352 27.85 -22.27 32.80
CA GLY G 352 27.04 -23.31 33.49
C GLY G 352 25.64 -23.57 32.98
N ILE G 353 24.97 -24.55 33.58
CA ILE G 353 23.61 -24.96 33.20
C ILE G 353 22.70 -25.23 34.41
N VAL G 354 21.48 -24.76 34.30
CA VAL G 354 20.47 -25.04 35.31
C VAL G 354 19.40 -25.86 34.62
N ASN G 355 19.08 -27.01 35.20
CA ASN G 355 18.00 -27.88 34.69
C ASN G 355 16.90 -28.16 35.71
N PHE G 356 15.69 -28.06 35.20
CA PHE G 356 14.50 -28.30 36.02
C PHE G 356 13.95 -29.71 35.76
N SER G 357 13.49 -30.33 36.83
CA SER G 357 12.97 -31.69 36.75
C SER G 357 11.57 -31.68 37.34
N GLY G 358 10.59 -31.91 36.49
CA GLY G 358 9.19 -31.96 36.92
C GLY G 358 8.29 -32.87 36.08
N ASN G 359 7.17 -33.24 36.66
CA ASN G 359 6.12 -33.95 35.91
C ASN G 359 4.76 -33.23 35.92
N ILE G 360 4.22 -33.06 34.73
CA ILE G 360 2.87 -32.58 34.57
C ILE G 360 2.01 -33.77 34.26
N THR G 361 0.95 -33.87 35.04
CA THR G 361 0.14 -35.05 35.06
C THR G 361 -1.33 -34.68 35.19
N ALA H 2 -10.20 -10.93 -3.91
CA ALA H 2 -8.99 -11.73 -4.22
C ALA H 2 -7.80 -10.91 -3.72
N LEU H 3 -7.92 -10.61 -2.43
CA LEU H 3 -6.93 -9.90 -1.62
C LEU H 3 -6.92 -10.57 -0.23
N ASN H 4 -5.85 -10.37 0.55
CA ASN H 4 -5.71 -10.94 1.91
C ASN H 4 -5.10 -12.36 2.04
N GLU H 5 -4.59 -12.87 0.92
CA GLU H 5 -4.03 -14.22 0.80
C GLU H 5 -2.89 -14.54 1.77
N VAL H 6 -2.79 -15.80 2.18
CA VAL H 6 -1.80 -16.23 3.17
C VAL H 6 -0.40 -15.83 2.75
N ALA H 7 0.38 -15.34 3.72
CA ALA H 7 1.72 -14.87 3.42
C ALA H 7 2.78 -15.86 3.88
N LEU H 8 3.76 -16.12 3.02
CA LEU H 8 4.80 -17.08 3.32
C LEU H 8 6.17 -16.51 2.98
N ASN H 9 7.19 -17.00 3.66
CA ASN H 9 8.58 -16.64 3.36
C ASN H 9 8.84 -15.13 3.35
N CYS H 10 8.35 -14.47 4.38
CA CYS H 10 8.53 -13.02 4.54
C CYS H 10 10.01 -12.66 4.69
N SER H 11 10.39 -11.54 4.11
CA SER H 11 11.75 -11.03 4.24
C SER H 11 11.76 -9.50 4.11
N PHE H 12 12.61 -8.84 4.87
CA PHE H 12 12.71 -7.40 4.82
C PHE H 12 13.91 -7.06 3.97
N ASP H 13 13.78 -6.17 3.02
CA ASP H 13 14.91 -5.78 2.19
C ASP H 13 15.05 -4.27 2.16
N ASN H 14 16.27 -3.79 2.05
CA ASN H 14 16.52 -2.34 2.11
C ASN H 14 16.00 -1.59 0.89
N GLY H 15 15.44 -0.40 1.14
CA GLY H 15 15.08 0.54 0.05
C GLY H 15 16.27 1.44 -0.23
N LYS H 16 16.07 2.55 -0.92
CA LYS H 16 17.14 3.56 -1.03
C LYS H 16 17.23 4.25 0.33
N GLY H 17 18.41 4.21 0.92
CA GLY H 17 18.59 4.82 2.24
C GLY H 17 18.62 6.33 2.15
N LEU H 18 18.11 6.99 3.17
CA LEU H 18 18.09 8.43 3.18
C LEU H 18 19.16 9.04 4.07
N PRO H 19 19.70 10.23 3.68
CA PRO H 19 20.65 10.91 4.59
C PRO H 19 20.01 11.38 5.90
N TRP H 20 20.72 11.25 7.02
CA TRP H 20 20.23 11.82 8.29
C TRP H 20 20.04 13.35 8.22
N ARG H 21 18.99 13.88 8.84
CA ARG H 21 18.69 15.30 8.79
C ARG H 21 18.89 15.92 10.16
N VAL H 22 19.38 17.15 10.18
CA VAL H 22 19.51 17.86 11.46
C VAL H 22 18.15 18.42 11.86
N VAL H 23 17.52 17.83 12.86
CA VAL H 23 16.23 18.34 13.31
C VAL H 23 16.45 19.59 14.16
N ASN H 24 17.42 19.57 15.05
CA ASN H 24 17.75 20.73 15.92
C ASN H 24 19.23 20.82 16.12
N GLU H 25 19.74 22.04 16.03
CA GLU H 25 21.16 22.34 16.16
C GLU H 25 21.56 22.14 17.59
N LEU H 26 22.62 21.39 17.84
CA LEU H 26 23.06 21.17 19.22
C LEU H 26 23.84 22.41 19.71
N THR H 27 23.43 22.97 20.86
CA THR H 27 24.13 24.13 21.45
C THR H 27 24.00 24.06 22.95
N SER H 28 24.57 25.02 23.66
CA SER H 28 24.54 25.01 25.14
C SER H 28 23.14 25.20 25.63
N GLY H 29 22.35 25.92 24.83
CA GLY H 29 20.95 26.20 25.12
C GLY H 29 20.00 25.05 24.87
N THR H 30 20.44 24.00 24.17
CA THR H 30 19.64 22.79 23.85
C THR H 30 19.14 22.10 25.09
N ALA H 31 17.83 21.89 25.16
CA ALA H 31 17.18 21.25 26.29
C ALA H 31 17.22 19.72 26.16
N LYS H 32 17.13 19.07 27.31
CA LYS H 32 17.07 17.63 27.36
C LYS H 32 15.82 17.09 26.65
N GLY H 33 15.99 15.98 25.96
CA GLY H 33 14.88 15.41 25.21
C GLY H 33 14.77 15.94 23.80
N THR H 34 15.65 16.84 23.42
CA THR H 34 15.60 17.44 22.10
C THR H 34 16.10 16.46 21.07
N VAL H 35 15.47 16.44 19.91
CA VAL H 35 15.87 15.56 18.83
C VAL H 35 16.93 16.25 18.00
N LEU H 36 18.12 15.67 18.02
CA LEU H 36 19.25 16.18 17.23
C LEU H 36 19.20 15.78 15.75
N PHE H 37 18.95 14.51 15.50
CA PHE H 37 18.94 13.98 14.14
C PHE H 37 17.79 13.00 13.94
N ALA H 38 17.24 13.00 12.75
CA ALA H 38 16.13 12.11 12.46
C ALA H 38 16.18 11.67 11.03
N ARG H 39 15.72 10.47 10.77
CA ARG H 39 15.72 9.89 9.42
C ARG H 39 14.45 9.10 9.20
N PRO H 40 13.82 9.24 8.02
CA PRO H 40 12.77 8.24 7.75
C PRO H 40 13.38 7.02 7.03
N VAL H 41 13.01 5.82 7.44
CA VAL H 41 13.49 4.59 6.79
C VAL H 41 12.32 3.81 6.21
N SER H 42 12.41 3.45 4.94
CA SER H 42 11.42 2.57 4.35
C SER H 42 12.01 1.23 3.96
N LEU H 43 11.39 0.15 4.42
CA LEU H 43 11.85 -1.23 4.16
C LEU H 43 10.85 -1.93 3.26
N PHE H 44 11.35 -2.74 2.35
CA PHE H 44 10.48 -3.52 1.48
C PHE H 44 10.17 -4.82 2.15
N LEU H 45 8.89 -5.16 2.22
CA LEU H 45 8.46 -6.43 2.78
C LEU H 45 8.02 -7.36 1.66
N ASN H 46 8.79 -8.42 1.43
CA ASN H 46 8.51 -9.34 0.34
C ASN H 46 8.12 -10.73 0.84
N TYR H 47 7.04 -11.26 0.30
CA TYR H 47 6.57 -12.59 0.69
C TYR H 47 6.01 -13.34 -0.49
N LYS H 48 5.79 -14.65 -0.31
CA LYS H 48 5.15 -15.48 -1.31
C LYS H 48 3.70 -15.67 -0.91
N PRO H 49 2.78 -15.18 -1.75
CA PRO H 49 1.37 -15.44 -1.48
C PRO H 49 0.92 -16.85 -1.84
N GLN H 50 -0.06 -17.34 -1.09
CA GLN H 50 -0.73 -18.58 -1.39
C GLN H 50 -2.18 -18.30 -1.21
N ALA H 51 -3.00 -18.56 -2.22
CA ALA H 51 -4.41 -18.21 -2.12
C ALA H 51 -5.12 -19.05 -1.01
N SER H 52 -6.04 -18.43 -0.31
CA SER H 52 -6.69 -19.04 0.86
C SER H 52 -8.19 -18.80 0.91
N GLN H 53 -8.97 -19.73 1.45
CA GLN H 53 -10.41 -19.51 1.64
C GLN H 53 -10.63 -18.42 2.75
N GLU H 54 -9.87 -18.44 3.85
CA GLU H 54 -9.96 -17.44 4.93
C GLU H 54 -9.12 -16.20 4.62
N ALA H 55 -9.59 -15.01 4.99
CA ALA H 55 -8.75 -13.80 4.86
C ALA H 55 -7.56 -13.78 5.83
N HIS H 56 -6.44 -13.28 5.36
CA HIS H 56 -5.25 -13.15 6.19
C HIS H 56 -4.70 -11.73 6.15
N GLU H 57 -3.97 -11.36 7.19
CA GLU H 57 -3.29 -10.06 7.22
C GLU H 57 -1.85 -10.27 7.52
N LEU H 58 -1.03 -9.30 7.11
CA LEU H 58 0.34 -9.19 7.57
C LEU H 58 0.40 -8.17 8.70
N VAL H 59 0.74 -8.63 9.91
CA VAL H 59 0.86 -7.75 11.08
C VAL H 59 2.33 -7.48 11.29
N ILE H 60 2.70 -6.21 11.39
CA ILE H 60 4.09 -5.84 11.59
C ILE H 60 4.29 -5.38 13.04
N GLY H 61 5.17 -6.08 13.72
CA GLY H 61 5.42 -5.82 15.11
C GLY H 61 6.87 -5.53 15.35
N GLY H 62 7.12 -5.00 16.53
CA GLY H 62 8.46 -4.66 16.92
C GLY H 62 8.63 -4.66 18.42
N ASN H 63 9.81 -5.01 18.85
CA ASN H 63 10.23 -4.72 20.24
C ASN H 63 11.76 -4.65 20.35
N TRP H 64 12.26 -4.07 21.44
CA TRP H 64 13.68 -4.13 21.76
C TRP H 64 13.81 -5.21 22.81
N SER H 65 14.75 -6.12 22.59
CA SER H 65 15.13 -7.11 23.60
C SER H 65 16.63 -6.90 23.97
N GLY H 66 17.07 -7.59 25.00
CA GLY H 66 18.45 -7.47 25.48
C GLY H 66 18.56 -6.37 26.53
N VAL H 67 17.43 -5.79 26.94
CA VAL H 67 17.38 -4.68 27.87
C VAL H 67 16.04 -4.78 28.54
N GLY H 68 16.01 -4.59 29.84
CA GLY H 68 14.78 -4.71 30.63
C GLY H 68 13.85 -3.54 30.43
N TYR H 69 14.40 -2.33 30.38
CA TYR H 69 13.56 -1.09 30.36
C TYR H 69 14.08 -0.01 29.44
N PRO H 70 13.15 0.86 28.95
CA PRO H 70 13.69 1.92 28.09
C PRO H 70 14.48 3.03 28.82
N GLY H 71 15.34 3.71 28.06
CA GLY H 71 16.17 4.80 28.56
C GLY H 71 15.38 6.10 28.63
N PRO H 72 16.01 7.18 29.15
CA PRO H 72 15.27 8.47 29.10
C PRO H 72 14.69 8.85 27.72
N TYR H 73 13.48 9.39 27.74
CA TYR H 73 12.74 9.81 26.52
C TYR H 73 12.49 8.65 25.57
N GLY H 74 12.27 7.47 26.12
CA GLY H 74 11.88 6.34 25.33
C GLY H 74 12.99 5.85 24.44
N THR H 75 14.22 6.00 24.88
CA THR H 75 15.37 5.62 24.01
C THR H 75 16.11 4.38 24.53
N VAL H 76 16.99 3.83 23.71
CA VAL H 76 17.98 2.85 24.16
C VAL H 76 19.33 3.61 24.05
N ALA H 77 20.23 3.48 25.03
CA ALA H 77 21.55 4.15 24.93
C ALA H 77 22.38 3.80 23.68
N SER H 78 22.99 4.83 23.07
CA SER H 78 23.94 4.63 21.96
C SER H 78 25.33 4.38 22.47
N ASP H 79 26.25 4.23 21.54
CA ASP H 79 27.65 4.15 21.89
C ASP H 79 28.25 5.54 22.19
N VAL H 80 27.46 6.60 22.11
CA VAL H 80 27.86 7.90 22.61
C VAL H 80 27.02 8.25 23.84
N LYS H 81 27.65 8.50 24.97
CA LYS H 81 27.01 8.72 26.25
C LYS H 81 26.16 9.96 26.15
N GLY H 82 24.91 9.92 26.61
CA GLY H 82 24.03 11.12 26.54
C GLY H 82 23.30 11.34 25.24
N ILE H 83 23.51 10.45 24.28
CA ILE H 83 22.69 10.48 23.07
C ILE H 83 21.92 9.16 22.99
N GLY H 84 20.62 9.24 22.88
CA GLY H 84 19.77 8.04 22.85
C GLY H 84 19.16 7.75 21.49
N TYR H 85 18.88 6.48 21.27
CA TYR H 85 18.24 6.08 20.03
C TYR H 85 16.82 5.65 20.26
N ARG H 86 15.94 6.14 19.41
CA ARG H 86 14.59 5.65 19.42
C ARG H 86 14.03 5.56 18.00
N ILE H 87 13.41 4.44 17.66
CA ILE H 87 12.83 4.22 16.31
C ILE H 87 11.32 3.98 16.38
N SER H 88 10.57 4.66 15.52
CA SER H 88 9.11 4.53 15.51
C SER H 88 8.62 4.09 14.19
N VAL H 89 7.40 3.57 14.20
CA VAL H 89 6.75 3.16 12.99
C VAL H 89 5.63 4.16 12.64
N ASP H 90 5.59 4.51 11.36
CA ASP H 90 4.55 5.39 10.81
C ASP H 90 3.42 4.54 10.30
N ALA H 91 2.46 4.31 11.16
CA ALA H 91 1.35 3.37 10.89
C ALA H 91 0.41 3.95 9.85
N GLN H 92 -0.17 3.06 9.04
CA GLN H 92 -1.08 3.50 8.00
C GLN H 92 -2.29 4.16 8.61
N ASP H 93 -2.55 3.92 9.88
CA ASP H 93 -3.75 4.46 10.52
C ASP H 93 -3.49 5.86 11.09
N GLY H 94 -2.38 6.44 10.63
CA GLY H 94 -1.99 7.82 10.96
C GLY H 94 -1.50 8.05 12.38
N VAL H 95 -0.99 7.01 13.00
CA VAL H 95 -0.44 7.11 14.31
C VAL H 95 1.07 6.82 14.28
N LYS H 96 1.85 7.56 15.05
CA LYS H 96 3.28 7.27 15.15
C LYS H 96 3.45 6.42 16.41
N ARG H 97 3.92 5.18 16.26
CA ARG H 97 4.13 4.32 17.43
C ARG H 97 5.60 3.98 17.55
N VAL H 98 6.15 4.32 18.69
CA VAL H 98 7.53 4.00 18.97
C VAL H 98 7.66 2.49 19.23
N ILE H 99 8.72 1.89 18.73
CA ILE H 99 8.96 0.45 18.95
C ILE H 99 9.31 0.35 20.40
N PRO H 100 8.61 -0.51 21.19
CA PRO H 100 8.90 -0.41 22.63
C PRO H 100 9.98 -1.36 23.09
N VAL H 101 10.48 -1.14 24.30
CA VAL H 101 11.40 -2.07 24.92
C VAL H 101 10.47 -2.95 25.76
N ASP H 102 10.08 -4.11 25.25
CA ASP H 102 9.24 -5.04 26.01
C ASP H 102 9.75 -6.42 25.73
N ASN H 103 9.39 -7.40 26.56
CA ASN H 103 9.84 -8.77 26.31
C ASN H 103 9.13 -9.41 25.11
N GLN H 104 7.95 -8.90 24.80
CA GLN H 104 7.13 -9.38 23.68
C GLN H 104 6.91 -8.36 22.59
N PRO H 105 6.87 -8.79 21.29
CA PRO H 105 6.61 -7.75 20.29
C PRO H 105 5.20 -7.19 20.37
N HIS H 106 5.08 -5.94 19.92
CA HIS H 106 3.79 -5.27 19.88
C HIS H 106 3.40 -5.12 18.43
N ALA H 107 2.11 -5.10 18.23
CA ALA H 107 1.57 -4.93 16.89
C ALA H 107 1.43 -3.44 16.59
N LEU H 108 2.24 -2.96 15.67
CA LEU H 108 2.29 -1.52 15.43
C LEU H 108 1.66 -1.10 14.10
N ASP H 109 1.53 -2.04 13.18
CA ASP H 109 0.95 -1.75 11.89
C ASP H 109 0.44 -3.05 11.25
N LYS H 110 -0.44 -2.89 10.26
CA LYS H 110 -1.05 -4.00 9.52
C LYS H 110 -0.90 -3.72 8.04
N ARG H 111 -0.94 -4.79 7.26
CA ARG H 111 -0.98 -4.72 5.80
C ARG H 111 -1.91 -5.73 5.18
N VAL H 112 -2.72 -5.24 4.25
CA VAL H 112 -3.53 -6.09 3.39
C VAL H 112 -2.64 -7.02 2.55
N THR H 113 -2.83 -8.33 2.64
CA THR H 113 -2.06 -9.26 1.80
C THR H 113 -2.53 -9.20 0.34
N SER H 114 -1.67 -9.58 -0.60
CA SER H 114 -2.02 -9.55 -2.02
C SER H 114 -1.24 -10.57 -2.80
N PHE H 115 -1.69 -10.93 -3.99
CA PHE H 115 -0.89 -11.79 -4.87
C PHE H 115 0.33 -11.00 -5.36
N SER H 116 0.41 -9.71 -5.06
CA SER H 116 1.56 -8.91 -5.44
C SER H 116 2.83 -9.42 -4.78
N GLY H 117 2.71 -9.81 -3.52
CA GLY H 117 3.85 -10.32 -2.78
C GLY H 117 4.77 -9.22 -2.28
N SER H 118 4.31 -7.97 -2.36
CA SER H 118 5.12 -6.85 -1.93
C SER H 118 4.37 -5.81 -1.11
N THR H 119 5.05 -5.27 -0.11
CA THR H 119 4.52 -4.24 0.76
C THR H 119 5.69 -3.48 1.37
N THR H 120 5.43 -2.37 2.03
CA THR H 120 6.50 -1.63 2.69
C THR H 120 6.25 -1.43 4.18
N SER H 121 7.30 -1.24 4.94
CA SER H 121 7.16 -0.88 6.35
C SER H 121 7.91 0.44 6.52
N ASP H 122 7.30 1.37 7.24
CA ASP H 122 7.87 2.73 7.36
C ASP H 122 8.26 3.06 8.76
N TYR H 123 9.45 3.60 8.93
CA TYR H 123 9.98 3.87 10.27
C TYR H 123 10.53 5.26 10.34
N LEU H 124 10.51 5.82 11.53
CA LEU H 124 11.23 7.06 11.79
C LEU H 124 12.35 6.84 12.81
N GLN H 125 13.56 7.17 12.42
CA GLN H 125 14.69 7.07 13.27
C GLN H 125 15.01 8.41 13.90
N GLU H 126 15.27 8.40 15.20
CA GLU H 126 15.66 9.64 15.91
C GLU H 126 16.79 9.49 16.89
N LEU H 127 17.71 10.46 16.87
CA LEU H 127 18.78 10.58 17.88
C LEU H 127 18.43 11.74 18.82
N VAL H 128 18.33 11.40 20.09
CA VAL H 128 17.86 12.33 21.13
C VAL H 128 18.91 12.65 22.19
N LEU H 129 18.92 13.89 22.65
CA LEU H 129 19.83 14.27 23.73
C LEU H 129 19.22 13.94 25.08
N THR H 130 19.83 12.98 25.77
CA THR H 130 19.32 12.50 27.06
C THR H 130 19.99 13.17 28.25
N VAL H 131 20.94 14.04 27.97
CA VAL H 131 21.70 14.73 29.01
C VAL H 131 21.91 16.19 28.65
N ASP H 132 22.33 16.97 29.62
CA ASP H 132 22.68 18.37 29.38
C ASP H 132 23.86 18.48 28.44
N PRO H 133 23.90 19.58 27.58
CA PRO H 133 25.04 19.55 26.65
C PRO H 133 26.43 19.54 27.29
N GLY H 134 26.58 20.22 28.40
CA GLY H 134 27.85 20.25 29.11
C GLY H 134 28.28 18.84 29.53
N GLU H 135 27.29 18.05 29.89
CA GLU H 135 27.49 16.66 30.30
C GLU H 135 28.05 15.77 29.18
N LEU H 136 27.82 16.15 27.94
CA LEU H 136 28.18 15.33 26.79
C LEU H 136 29.67 15.03 26.68
N PRO H 137 30.03 13.79 26.16
CA PRO H 137 31.48 13.54 26.19
C PRO H 137 32.29 14.31 25.14
N ALA H 138 33.59 14.38 25.39
CA ALA H 138 34.52 15.01 24.45
C ALA H 138 34.70 14.16 23.20
N GLY H 139 35.00 14.83 22.09
CA GLY H 139 35.15 14.14 20.80
C GLY H 139 34.04 14.46 19.83
N ASP H 140 34.08 13.80 18.67
CA ASP H 140 33.11 14.05 17.60
C ASP H 140 31.67 13.72 17.99
N LEU H 141 31.49 12.64 18.73
CA LEU H 141 30.16 12.19 19.08
C LEU H 141 29.43 11.40 17.99
N LYS H 142 30.15 10.89 16.99
CA LYS H 142 29.54 10.07 15.95
C LYS H 142 28.78 8.87 16.55
N VAL H 143 27.53 8.66 16.17
CA VAL H 143 26.81 7.49 16.63
C VAL H 143 26.91 6.37 15.60
N THR H 144 27.38 5.21 16.05
CA THR H 144 27.49 4.05 15.16
C THR H 144 26.65 2.86 15.61
N SER H 145 26.28 2.83 16.88
CA SER H 145 25.68 1.64 17.46
C SER H 145 24.91 1.89 18.75
N VAL H 146 24.23 0.87 19.25
CA VAL H 146 23.58 0.95 20.55
C VAL H 146 24.42 0.21 21.57
N SER H 147 24.58 0.79 22.74
CA SER H 147 25.41 0.19 23.79
C SER H 147 24.74 -1.04 24.37
N GLY H 148 25.55 -1.98 24.83
CA GLY H 148 25.02 -3.16 25.47
C GLY H 148 24.50 -4.24 24.56
N SER H 149 23.65 -5.08 25.14
CA SER H 149 23.13 -6.27 24.48
C SER H 149 21.80 -6.04 23.77
N ALA H 150 21.33 -4.80 23.75
CA ALA H 150 20.02 -4.51 23.18
C ALA H 150 19.94 -4.83 21.69
N THR H 151 18.84 -5.48 21.32
CA THR H 151 18.61 -5.88 19.93
C THR H 151 17.22 -5.47 19.44
N LEU H 152 17.16 -4.95 18.24
CA LEU H 152 15.90 -4.52 17.64
C LEU H 152 15.26 -5.64 16.82
N ASN H 153 14.02 -6.02 17.13
CA ASN H 153 13.36 -7.09 16.41
C ASN H 153 12.18 -6.57 15.67
N LEU H 154 12.15 -6.86 14.38
CA LEU H 154 11.02 -6.53 13.54
C LEU H 154 10.31 -7.83 13.13
N TRP H 155 9.00 -7.87 13.32
CA TRP H 155 8.24 -9.10 13.09
C TRP H 155 7.21 -8.93 12.02
N ALA H 156 7.31 -9.76 11.00
CA ALA H 156 6.28 -9.88 9.97
C ALA H 156 5.55 -11.17 10.22
N VAL H 157 4.32 -11.08 10.71
CA VAL H 157 3.54 -12.27 11.11
C VAL H 157 2.17 -12.34 10.44
N ASP H 158 1.92 -13.45 9.74
CA ASP H 158 0.66 -13.68 9.07
C ASP H 158 -0.33 -14.07 10.12
N ARG H 159 -1.48 -13.41 10.10
CA ARG H 159 -2.56 -13.71 11.04
C ARG H 159 -3.88 -13.73 10.30
N LEU H 160 -4.88 -14.38 10.88
CA LEU H 160 -6.25 -14.32 10.32
C LEU H 160 -6.69 -12.88 10.39
N LYS H 161 -7.32 -12.39 9.35
CA LYS H 161 -7.60 -10.96 9.25
C LYS H 161 -8.48 -10.44 10.38
N GLY H 162 -8.02 -9.36 11.02
CA GLY H 162 -8.76 -8.70 12.10
C GLY H 162 -8.55 -9.27 13.49
N GLU H 163 -7.95 -10.44 13.59
CA GLU H 163 -7.71 -11.07 14.88
C GLU H 163 -6.74 -10.32 15.80
N ALA H 164 -5.67 -9.74 15.27
CA ALA H 164 -4.65 -9.06 16.10
C ALA H 164 -4.93 -7.58 16.19
N SER H 165 -5.10 -7.06 17.40
CA SER H 165 -5.40 -5.63 17.57
C SER H 165 -4.12 -4.82 17.68
N ILE H 166 -4.15 -3.64 17.10
CA ILE H 166 -3.00 -2.76 17.07
C ILE H 166 -2.75 -2.13 18.45
N GLY H 167 -1.48 -1.89 18.73
CA GLY H 167 -1.08 -1.33 20.00
C GLY H 167 -1.08 -2.33 21.13
N SER H 168 -1.18 -3.61 20.83
CA SER H 168 -1.21 -4.67 21.80
C SER H 168 -0.04 -5.56 21.54
N VAL H 169 0.21 -6.44 22.50
CA VAL H 169 1.11 -7.55 22.28
C VAL H 169 0.70 -8.33 21.03
N LEU H 170 1.66 -8.65 20.17
CA LEU H 170 1.41 -9.45 18.98
C LEU H 170 1.62 -10.90 19.32
N ALA H 171 0.59 -11.72 19.23
CA ALA H 171 0.74 -13.12 19.47
C ALA H 171 1.32 -13.72 18.21
N VAL H 172 2.31 -14.58 18.36
CA VAL H 172 2.83 -15.34 17.22
C VAL H 172 2.31 -16.78 17.37
N PRO H 173 1.56 -17.33 16.38
CA PRO H 173 1.08 -18.71 16.63
C PRO H 173 2.20 -19.74 16.64
N ALA H 174 1.98 -20.82 17.40
CA ALA H 174 2.97 -21.90 17.54
C ALA H 174 3.19 -22.66 16.24
N ASP H 175 2.12 -22.79 15.48
CA ASP H 175 2.08 -23.61 14.28
C ASP H 175 2.89 -23.05 13.08
N ASN H 176 3.31 -23.96 12.21
CA ASN H 176 3.94 -23.61 10.94
C ASN H 176 3.02 -23.81 9.69
N TYR H 177 1.72 -23.71 9.87
CA TYR H 177 0.81 -24.07 8.80
C TYR H 177 0.06 -22.85 8.25
N PRO H 178 0.04 -22.61 6.93
CA PRO H 178 0.75 -23.46 5.94
C PRO H 178 2.24 -23.34 6.08
N THR H 179 2.97 -24.33 5.62
CA THR H 179 4.42 -24.37 5.77
C THR H 179 5.05 -23.12 5.16
N GLY H 180 5.92 -22.46 5.93
CA GLY H 180 6.54 -21.18 5.53
C GLY H 180 5.70 -19.93 5.84
N VAL H 181 4.59 -20.12 6.54
CA VAL H 181 3.72 -19.03 6.95
C VAL H 181 4.61 -18.15 7.79
N CYS H 182 4.39 -16.85 7.76
CA CYS H 182 5.31 -15.91 8.41
C CYS H 182 5.19 -15.88 9.94
N ARG H 183 6.24 -16.38 10.60
CA ARG H 183 6.31 -16.36 12.05
C ARG H 183 7.63 -15.78 12.56
N LYS H 184 8.64 -15.78 11.71
CA LYS H 184 10.02 -15.45 12.15
C LYS H 184 10.35 -13.97 12.38
N PRO H 185 11.28 -13.67 13.35
CA PRO H 185 11.54 -12.27 13.56
C PRO H 185 12.90 -11.84 12.97
N TYR H 186 12.98 -10.59 12.58
CA TYR H 186 14.17 -10.04 11.99
C TYR H 186 14.84 -9.27 13.13
N SER H 187 16.03 -9.71 13.52
CA SER H 187 16.73 -9.11 14.67
C SER H 187 18.03 -8.38 14.30
N LEU H 188 18.15 -7.13 14.72
CA LEU H 188 19.29 -6.30 14.39
C LEU H 188 20.09 -6.05 15.66
N ILE H 189 21.37 -6.36 15.60
CA ILE H 189 22.24 -6.30 16.78
C ILE H 189 23.31 -5.21 16.63
N GLY H 190 23.46 -4.43 17.70
CA GLY H 190 24.43 -3.33 17.73
C GLY H 190 24.34 -2.35 16.56
N PRO H 191 25.41 -2.28 15.76
CA PRO H 191 25.45 -1.36 14.62
C PRO H 191 24.33 -1.58 13.61
N ALA H 192 23.84 -2.81 13.53
CA ALA H 192 22.78 -3.15 12.56
C ALA H 192 21.49 -2.37 12.79
N SER H 193 21.10 -2.18 14.04
CA SER H 193 19.87 -1.45 14.38
C SER H 193 19.96 0.00 13.91
N ILE H 194 21.12 0.60 14.14
CA ILE H 194 21.39 1.99 13.72
C ILE H 194 21.46 2.12 12.20
N ALA H 195 22.02 1.11 11.56
CA ALA H 195 22.23 1.10 10.11
C ALA H 195 21.06 0.55 9.30
N ILE H 196 19.96 0.24 10.00
CA ILE H 196 18.78 -0.32 9.34
C ILE H 196 18.28 0.58 8.22
N GLY H 197 17.94 -0.05 7.10
CA GLY H 197 17.43 0.67 5.93
C GLY H 197 18.48 1.21 5.00
N GLY H 198 19.75 0.99 5.35
CA GLY H 198 20.86 1.48 4.54
C GLY H 198 21.07 2.97 4.67
N GLY H 199 21.84 3.51 3.73
CA GLY H 199 22.15 4.94 3.72
C GLY H 199 23.36 5.36 4.56
N PRO H 200 23.66 6.70 4.61
CA PRO H 200 24.87 7.03 5.35
C PRO H 200 24.66 6.93 6.86
N PRO H 201 25.75 6.78 7.65
CA PRO H 201 25.58 6.71 9.11
C PRO H 201 25.35 8.09 9.75
N PRO H 202 25.04 8.18 11.05
CA PRO H 202 24.77 9.50 11.65
C PRO H 202 25.99 10.42 11.53
N PRO H 203 25.81 11.71 11.25
CA PRO H 203 27.02 12.54 11.11
C PRO H 203 27.67 12.90 12.43
N PRO H 204 28.94 13.35 12.40
CA PRO H 204 29.59 13.76 13.64
C PRO H 204 29.18 15.16 14.12
N ILE H 205 29.37 15.43 15.40
CA ILE H 205 29.11 16.78 15.93
C ILE H 205 30.43 17.57 15.95
N PRO H 206 30.47 18.77 15.34
CA PRO H 206 31.72 19.53 15.23
C PRO H 206 32.20 20.16 16.57
N LYS H 207 33.50 20.13 16.82
CA LYS H 207 34.06 20.59 18.13
C LYS H 207 35.20 21.60 18.03
N LYS H 208 35.37 22.17 16.85
CA LYS H 208 36.53 23.00 16.55
C LYS H 208 36.20 24.42 16.10
N CYS H 209 37.06 25.35 16.47
CA CYS H 209 37.01 26.73 16.02
C CYS H 209 37.93 26.85 14.83
N LYS H 210 37.89 28.01 14.18
CA LYS H 210 38.81 28.35 13.12
C LYS H 210 40.06 29.02 13.69
N VAL H 211 41.20 28.41 13.42
CA VAL H 211 42.47 28.95 13.85
C VAL H 211 43.34 29.28 12.63
N GLU H 212 43.76 30.54 12.53
CA GLU H 212 44.69 31.08 11.52
C GLU H 212 46.10 30.94 12.02
N VAL H 213 46.81 29.96 11.52
CA VAL H 213 48.20 29.79 11.89
C VAL H 213 49.04 30.97 11.39
N GLY H 214 50.03 31.34 12.21
CA GLY H 214 50.95 32.43 11.90
C GLY H 214 50.48 33.80 12.33
N ARG H 215 49.33 33.87 13.01
CA ARG H 215 48.83 35.15 13.52
C ARG H 215 49.79 35.76 14.57
N GLU H 216 49.97 37.08 14.49
CA GLU H 216 50.79 37.82 15.43
C GLU H 216 50.03 38.95 16.10
N ILE H 217 50.24 39.09 17.39
CA ILE H 217 49.63 40.18 18.16
C ILE H 217 50.73 41.04 18.80
N ASN H 218 50.68 42.35 18.59
CA ASN H 218 51.65 43.23 19.24
C ASN H 218 51.02 43.98 20.37
N VAL H 219 51.60 43.84 21.55
CA VAL H 219 51.21 44.65 22.68
C VAL H 219 52.30 45.69 22.97
N LYS H 220 51.90 46.93 23.19
CA LYS H 220 52.85 47.96 23.52
C LYS H 220 52.80 48.24 24.99
N LEU H 221 53.90 48.03 25.64
CA LEU H 221 53.94 48.28 27.06
C LEU H 221 54.29 49.73 27.41
N GLY H 222 54.83 50.49 26.45
CA GLY H 222 55.13 51.93 26.61
C GLY H 222 56.50 52.19 27.22
N SER H 223 56.78 53.43 27.60
CA SER H 223 58.04 53.73 28.29
C SER H 223 57.83 54.02 29.77
N VAL H 224 58.61 53.35 30.61
CA VAL H 224 58.57 53.53 32.07
C VAL H 224 59.99 53.83 32.59
N ALA H 225 60.06 54.80 33.49
CA ALA H 225 61.32 55.19 34.09
C ALA H 225 61.63 54.22 35.21
N LEU H 226 62.93 54.03 35.48
CA LEU H 226 63.41 53.23 36.62
C LEU H 226 62.88 53.70 37.98
N LYS H 227 62.76 55.03 38.17
CA LYS H 227 62.25 55.65 39.43
C LYS H 227 60.88 55.05 39.78
N ASN H 228 60.15 54.68 38.72
CA ASN H 228 58.82 54.06 38.83
C ASN H 228 58.83 52.66 39.44
N PHE H 229 59.99 52.06 39.61
CA PHE H 229 60.13 50.80 40.30
C PHE H 229 60.92 50.87 41.63
N PRO H 230 60.32 51.46 42.69
CA PRO H 230 61.08 51.54 43.94
C PRO H 230 61.48 50.19 44.55
N ARG H 231 60.60 49.21 44.54
CA ARG H 231 60.88 47.91 45.11
C ARG H 231 60.85 46.80 44.06
N VAL H 232 61.41 45.64 44.39
CA VAL H 232 61.56 44.52 43.45
C VAL H 232 60.30 43.97 42.73
N ASN H 233 59.17 43.86 43.41
CA ASN H 233 58.04 43.20 42.73
C ASN H 233 57.03 44.14 42.09
N ASP H 234 57.47 45.38 41.93
CA ASP H 234 56.68 46.45 41.39
C ASP H 234 56.42 46.28 39.92
N THR H 235 55.24 46.69 39.50
CA THR H 235 54.84 46.54 38.13
C THR H 235 54.42 47.84 37.46
N SER H 236 54.63 47.89 36.16
CA SER H 236 54.21 49.03 35.32
C SER H 236 52.67 49.11 35.17
N THR H 237 52.14 50.13 34.50
CA THR H 237 50.68 50.18 34.33
C THR H 237 50.26 49.12 33.33
N GLU H 238 49.17 48.40 33.61
CA GLU H 238 48.71 47.27 32.76
C GLU H 238 48.19 47.63 31.40
N ARG H 239 48.52 46.82 30.39
CA ARG H 239 47.96 46.97 29.03
C ARG H 239 47.09 45.80 28.67
N SER H 240 45.83 46.09 28.34
CA SER H 240 44.84 45.06 27.95
C SER H 240 44.97 44.57 26.52
N PHE H 241 44.78 43.29 26.38
CA PHE H 241 44.65 42.67 25.08
C PHE H 241 43.78 41.44 25.21
N ASP H 242 43.50 40.82 24.06
CA ASP H 242 42.63 39.67 24.02
C ASP H 242 43.10 38.70 22.97
N ILE H 243 43.05 37.42 23.27
CA ILE H 243 43.37 36.41 22.28
C ILE H 243 42.06 35.71 22.00
N SER H 244 41.66 35.70 20.73
CA SER H 244 40.37 35.10 20.39
C SER H 244 40.36 34.26 19.12
N LEU H 245 39.35 33.41 19.09
CA LEU H 245 39.05 32.51 17.99
C LEU H 245 37.64 32.79 17.54
N SER H 246 37.38 32.70 16.24
CA SER H 246 35.99 32.86 15.78
C SER H 246 35.50 31.69 14.93
N GLU H 247 34.22 31.74 14.64
CA GLU H 247 33.56 30.67 13.89
C GLU H 247 33.79 29.29 14.60
N CYS H 248 33.54 29.33 15.88
CA CYS H 248 33.59 28.14 16.70
C CYS H 248 32.32 27.31 16.58
N ALA H 249 32.46 25.99 16.58
CA ALA H 249 31.35 25.09 16.82
C ALA H 249 30.79 25.41 18.18
N ALA H 250 29.48 25.22 18.36
CA ALA H 250 28.85 25.55 19.66
C ALA H 250 29.41 24.82 20.89
N LEU H 251 29.71 23.54 20.80
CA LEU H 251 30.25 22.84 21.96
C LEU H 251 31.76 22.78 21.94
N ALA H 252 32.40 23.54 21.04
CA ALA H 252 33.88 23.69 21.03
C ALA H 252 34.35 24.29 22.37
N LYS H 253 35.42 23.71 22.92
CA LYS H 253 35.96 24.18 24.19
C LYS H 253 37.47 24.22 24.09
N PRO H 254 38.03 25.29 23.44
CA PRO H 254 39.45 25.22 23.21
C PRO H 254 40.26 25.52 24.45
N GLU H 255 41.48 25.02 24.45
CA GLU H 255 42.43 25.43 25.45
C GLU H 255 43.61 26.15 24.80
N ILE H 256 44.26 27.02 25.58
CA ILE H 256 45.43 27.79 25.11
C ILE H 256 46.65 27.67 26.06
N ALA H 257 47.78 27.31 25.50
CA ALA H 257 48.99 27.11 26.31
C ALA H 257 50.08 28.03 25.75
N PHE H 258 50.82 28.66 26.64
CA PHE H 258 51.86 29.62 26.23
C PHE H 258 53.26 29.13 26.52
N ARG H 259 54.22 29.62 25.72
CA ARG H 259 55.65 29.38 25.95
C ARG H 259 56.51 30.60 25.68
N ASP H 260 57.63 30.72 26.41
CA ASP H 260 58.57 31.83 26.21
C ASP H 260 59.36 31.56 24.96
N LYS H 261 59.38 32.53 24.06
CA LYS H 261 60.11 32.39 22.82
C LYS H 261 61.61 32.19 23.05
N TYR H 262 62.14 32.78 24.11
CA TYR H 262 63.57 32.74 24.40
C TYR H 262 63.99 31.92 25.62
N VAL H 263 63.15 31.04 26.14
CA VAL H 263 63.58 30.22 27.29
C VAL H 263 63.07 28.81 27.15
N SER H 264 63.89 27.92 26.62
CA SER H 264 63.46 26.57 26.31
C SER H 264 62.96 25.72 27.45
N ALA H 265 63.58 25.80 28.60
CA ALA H 265 63.42 24.78 29.62
C ALA H 265 62.88 25.36 30.86
N GLN H 266 62.69 24.55 31.87
CA GLN H 266 61.90 24.96 33.00
C GLN H 266 62.51 26.16 33.59
N GLN H 267 61.66 27.03 34.10
CA GLN H 267 62.11 28.21 34.87
C GLN H 267 61.82 28.04 36.35
N ALA H 268 62.58 28.76 37.17
CA ALA H 268 62.35 28.73 38.60
C ALA H 268 60.96 29.31 38.81
N ASP H 269 60.69 30.43 38.13
CA ASP H 269 59.36 31.07 38.14
C ASP H 269 58.79 31.21 36.71
N PRO H 270 57.90 30.29 36.26
CA PRO H 270 57.39 30.44 34.89
C PRO H 270 56.55 31.68 34.56
N THR H 271 55.95 32.28 35.58
CA THR H 271 55.08 33.46 35.40
C THR H 271 55.85 34.67 34.84
N ILE H 272 57.11 34.78 35.22
CA ILE H 272 57.95 35.85 34.67
C ILE H 272 58.31 35.51 33.23
N LEU H 273 58.00 36.39 32.30
CA LEU H 273 58.41 36.21 30.91
C LEU H 273 59.69 37.00 30.67
N SER H 274 60.63 36.43 29.96
CA SER H 274 61.94 37.10 29.85
C SER H 274 61.93 38.19 28.78
N LEU H 275 62.84 39.16 28.89
CA LEU H 275 63.03 40.18 27.88
C LEU H 275 64.10 39.67 26.91
N LYS H 276 63.97 40.05 25.65
CA LYS H 276 64.99 39.82 24.62
C LYS H 276 66.24 40.48 25.15
N SER H 277 67.35 39.76 25.10
CA SER H 277 68.61 40.23 25.72
C SER H 277 69.23 41.38 24.92
N GLY H 278 70.04 42.19 25.61
CA GLY H 278 70.72 43.35 25.00
C GLY H 278 69.97 44.67 25.08
N GLY H 279 68.92 44.73 25.89
CA GLY H 279 68.23 45.97 26.16
C GLY H 279 68.29 46.22 27.65
N ALA H 280 67.11 46.37 28.26
CA ALA H 280 66.99 46.53 29.70
C ALA H 280 67.40 45.26 30.47
N ALA H 281 67.73 45.44 31.75
CA ALA H 281 68.09 44.32 32.65
C ALA H 281 67.42 44.51 34.02
N GLY H 282 67.16 43.40 34.69
CA GLY H 282 66.50 43.36 36.01
C GLY H 282 64.99 43.43 35.89
N PHE H 283 64.48 43.31 34.68
CA PHE H 283 63.04 43.34 34.43
C PHE H 283 62.49 42.14 33.70
N GLY H 284 61.22 41.84 33.97
CA GLY H 284 60.43 40.88 33.21
C GLY H 284 59.04 41.37 32.84
N ILE H 285 58.30 40.51 32.16
CA ILE H 285 56.92 40.79 31.74
C ILE H 285 55.97 39.82 32.40
N VAL H 286 54.91 40.34 32.98
CA VAL H 286 53.89 39.49 33.57
C VAL H 286 52.54 39.63 32.86
N VAL H 287 51.88 38.52 32.57
CA VAL H 287 50.53 38.58 31.99
C VAL H 287 49.50 38.00 32.92
N LYS H 288 48.45 38.77 33.21
CA LYS H 288 47.36 38.31 34.07
C LYS H 288 46.12 37.79 33.30
N ASN H 289 45.61 36.63 33.67
CA ASN H 289 44.47 36.04 33.03
C ASN H 289 43.26 36.67 33.66
N GLY H 290 42.40 37.22 32.82
CA GLY H 290 41.18 37.90 33.24
C GLY H 290 40.21 37.01 33.98
N LEU H 291 39.90 35.83 33.44
CA LEU H 291 38.97 34.89 34.10
C LEU H 291 39.46 34.25 35.40
N ASP H 292 40.69 33.73 35.34
CA ASP H 292 41.37 33.18 36.51
C ASP H 292 41.74 34.23 37.57
N GLN H 293 42.20 35.38 37.10
CA GLN H 293 42.75 36.43 37.95
C GLN H 293 44.18 36.08 38.38
N GLN H 294 44.86 35.23 37.62
CA GLN H 294 46.20 34.76 37.97
C GLN H 294 47.14 34.96 36.83
N ARG H 295 48.42 35.08 37.14
CA ARG H 295 49.43 35.20 36.08
C ARG H 295 49.62 33.90 35.30
N ILE H 296 49.73 34.02 33.98
CA ILE H 296 50.03 32.91 33.08
C ILE H 296 51.39 32.29 33.39
N ARG H 297 51.51 30.97 33.22
CA ARG H 297 52.79 30.32 33.37
C ARG H 297 53.27 29.96 31.97
N PHE H 298 54.44 30.44 31.61
CA PHE H 298 54.97 30.23 30.24
C PHE H 298 55.72 28.88 30.12
N ASP H 299 55.33 27.96 30.98
CA ASP H 299 55.84 26.61 31.01
C ASP H 299 55.05 25.73 30.01
N GLY H 300 53.87 26.13 29.56
CA GLY H 300 53.06 25.32 28.66
C GLY H 300 51.74 24.80 29.21
N THR H 301 51.49 25.04 30.49
CA THR H 301 50.17 24.76 31.12
C THR H 301 49.04 25.21 30.17
N PRO H 302 47.97 24.41 30.01
CA PRO H 302 46.91 24.91 29.12
C PRO H 302 45.81 25.64 29.91
N TYR H 303 45.21 26.65 29.31
CA TYR H 303 44.21 27.44 29.97
C TYR H 303 42.91 27.36 29.23
N PRO H 304 41.78 27.12 29.95
CA PRO H 304 40.49 27.22 29.25
C PRO H 304 40.13 28.64 28.84
N MET H 305 39.39 28.75 27.74
CA MET H 305 38.92 30.04 27.22
C MET H 305 37.42 30.27 27.43
N ARG H 306 37.06 31.53 27.51
CA ARG H 306 35.67 31.90 27.68
C ARG H 306 34.93 31.67 26.36
N ARG H 307 33.64 31.32 26.46
CA ARG H 307 32.80 31.15 25.26
C ARG H 307 31.71 32.19 25.21
N VAL H 308 31.73 33.01 24.18
CA VAL H 308 30.71 34.05 23.96
C VAL H 308 30.32 34.07 22.51
N GLY H 309 29.02 33.95 22.26
CA GLY H 309 28.50 33.87 20.90
C GLY H 309 29.23 32.79 20.14
N ASP H 310 29.76 33.16 18.99
CA ASP H 310 30.39 32.20 18.11
C ASP H 310 31.88 32.14 18.28
N SER H 311 32.37 32.71 19.37
CA SER H 311 33.81 32.76 19.60
C SER H 311 34.26 32.40 21.00
N ALA H 312 35.57 32.18 21.07
CA ALA H 312 36.26 31.84 22.27
C ALA H 312 37.37 32.86 22.44
N ASP H 313 37.68 33.21 23.67
CA ASP H 313 38.75 34.19 23.90
C ASP H 313 39.36 34.04 25.28
N LEU H 314 40.56 34.58 25.42
CA LEU H 314 41.21 34.72 26.71
C LEU H 314 41.59 36.18 26.92
N PRO H 315 40.83 36.89 27.79
CA PRO H 315 41.29 38.28 28.07
C PRO H 315 42.58 38.37 28.92
N LEU H 316 43.50 39.21 28.50
CA LEU H 316 44.76 39.32 29.18
C LEU H 316 45.18 40.78 29.37
N SER H 317 45.93 41.04 30.43
CA SER H 317 46.57 42.35 30.68
C SER H 317 48.05 42.14 31.01
N ALA H 318 48.91 42.89 30.35
CA ALA H 318 50.36 42.73 30.54
C ALA H 318 51.01 43.99 31.13
N ALA H 319 52.09 43.76 31.89
CA ALA H 319 52.88 44.82 32.53
C ALA H 319 54.33 44.39 32.77
N TYR H 320 55.24 45.37 32.82
CA TYR H 320 56.64 45.10 33.18
C TYR H 320 56.69 44.84 34.70
N ILE H 321 57.50 43.89 35.10
CA ILE H 321 57.74 43.67 36.52
C ILE H 321 59.23 43.80 36.83
N ARG H 322 59.54 44.30 38.02
CA ARG H 322 60.95 44.44 38.43
C ARG H 322 61.51 43.17 39.08
N ILE H 323 62.55 42.64 38.45
CA ILE H 323 63.17 41.35 38.80
C ILE H 323 64.52 41.50 39.50
N GLY H 324 65.06 42.73 39.63
CA GLY H 324 66.46 42.95 40.05
C GLY H 324 66.73 43.67 41.37
N ALA H 325 67.91 43.36 41.92
CA ALA H 325 68.48 44.13 43.03
C ALA H 325 68.86 45.55 42.54
N GLU H 326 69.08 46.47 43.50
CA GLU H 326 69.48 47.87 43.20
C GLU H 326 70.66 47.97 42.21
N GLY H 327 71.70 47.16 42.42
CA GLY H 327 72.82 47.11 41.48
C GLY H 327 72.43 46.71 40.08
N GLU H 328 71.53 45.75 39.98
CA GLU H 328 71.26 45.03 38.73
C GLU H 328 70.47 45.77 37.64
N LEU H 329 69.52 46.64 38.02
CA LEU H 329 68.65 47.32 37.02
C LEU H 329 69.45 48.17 36.05
N LYS H 330 69.20 48.01 34.77
CA LYS H 330 69.75 48.87 33.74
C LYS H 330 68.62 49.26 32.77
N ALA H 331 68.60 50.50 32.31
CA ALA H 331 67.60 50.92 31.33
C ALA H 331 67.94 50.41 29.90
N GLY H 332 66.98 50.47 29.00
CA GLY H 332 67.12 49.95 27.60
C GLY H 332 65.82 49.42 27.01
N VAL H 333 65.93 48.88 25.79
CA VAL H 333 64.82 48.29 25.05
C VAL H 333 64.33 47.09 25.83
N ALA H 334 63.02 47.01 26.01
CA ALA H 334 62.39 45.89 26.72
C ALA H 334 61.32 45.20 25.85
N ASP H 335 61.75 44.18 25.10
CA ASP H 335 60.87 43.45 24.20
C ASP H 335 60.79 42.00 24.60
N GLY H 336 59.58 41.47 24.51
CA GLY H 336 59.30 40.09 24.88
C GLY H 336 58.42 39.42 23.85
N ALA H 337 58.52 38.11 23.78
CA ALA H 337 57.67 37.35 22.84
C ALA H 337 57.17 36.06 23.48
N ALA H 338 55.88 35.81 23.34
CA ALA H 338 55.25 34.58 23.82
C ALA H 338 54.48 33.89 22.72
N GLU H 339 54.72 32.59 22.59
CA GLU H 339 54.05 31.79 21.57
C GLU H 339 52.99 30.91 22.18
N PHE H 340 51.84 30.90 21.53
CA PHE H 340 50.72 30.12 22.05
C PHE H 340 50.24 29.04 21.10
N THR H 341 49.85 27.92 21.67
CA THR H 341 49.21 26.84 20.93
C THR H 341 47.78 26.58 21.38
N PHE H 342 46.90 26.43 20.41
CA PHE H 342 45.54 25.99 20.68
C PHE H 342 45.41 24.47 20.62
N THR H 343 44.61 23.92 21.53
CA THR H 343 44.32 22.48 21.52
C THR H 343 42.84 22.19 21.83
N PHE H 344 42.29 21.20 21.13
CA PHE H 344 40.95 20.69 21.39
C PHE H 344 41.01 19.17 21.65
N LYS H 349 51.84 21.54 17.01
CA LYS H 349 52.74 22.66 16.77
C LYS H 349 52.05 23.99 16.92
N VAL H 350 52.83 25.05 17.11
CA VAL H 350 52.33 26.37 17.52
C VAL H 350 51.59 27.21 16.52
N ASP H 351 50.50 27.74 17.00
CA ASP H 351 49.53 28.50 16.21
C ASP H 351 49.80 30.02 16.09
N GLY H 352 50.37 30.64 17.11
CA GLY H 352 50.60 32.10 17.06
C GLY H 352 51.53 32.66 18.11
N ILE H 353 51.81 33.96 17.99
CA ILE H 353 52.71 34.63 18.94
C ILE H 353 52.24 36.04 19.28
N VAL H 354 52.50 36.43 20.53
CA VAL H 354 52.24 37.79 20.99
C VAL H 354 53.58 38.50 21.27
N ASN H 355 53.75 39.67 20.68
CA ASN H 355 54.99 40.44 20.87
C ASN H 355 54.78 41.61 21.80
N PHE H 356 55.62 41.74 22.79
CA PHE H 356 55.58 42.90 23.68
C PHE H 356 56.72 43.85 23.36
N SER H 357 56.40 45.12 23.18
CA SER H 357 57.42 46.12 22.93
C SER H 357 57.28 47.30 23.89
N GLY H 358 58.41 47.79 24.42
CA GLY H 358 58.45 49.00 25.21
C GLY H 358 59.86 49.36 25.64
N ASN H 359 59.96 50.29 26.58
CA ASN H 359 61.26 50.79 27.04
C ASN H 359 61.35 50.99 28.54
N ILE H 360 62.53 50.78 29.06
CA ILE H 360 62.85 51.19 30.41
C ILE H 360 63.66 52.46 30.24
N THR H 361 63.30 53.53 30.94
CA THR H 361 63.99 54.82 30.77
C THR H 361 64.43 55.44 32.11
N GLU H 362 65.52 56.21 32.03
CA GLU H 362 66.02 57.00 33.18
C GLU H 362 65.01 58.03 33.63
N LEU H 363 64.40 58.70 32.64
CA LEU H 363 63.46 59.79 32.88
C LEU H 363 62.09 59.57 32.25
N GLU H 364 61.09 60.34 32.68
CA GLU H 364 59.75 60.29 32.06
C GLU H 364 59.56 61.33 30.97
#